data_6UM7
#
_entry.id   6UM7
#
_cell.length_a   1.00
_cell.length_b   1.00
_cell.length_c   1.00
_cell.angle_alpha   90.00
_cell.angle_beta   90.00
_cell.angle_gamma   90.00
#
_symmetry.space_group_name_H-M   'P 1'
#
loop_
_entity.id
_entity.type
_entity.pdbx_description
1 polymer 'Envelope glycoprotein gp120'
2 polymer 'Envelope glycoprotein gp41'
3 polymer 'DH270.mu1 Fab Heavy Chain'
4 polymer 'DH270.mu1 Fab Light chain'
5 branched beta-D-mannopyranose-(1-4)-2-acetamido-2-deoxy-beta-D-glucopyranose-(1-4)-2-acetamido-2-deoxy-beta-D-glucopyranose
6 branched alpha-D-mannopyranose-(1-2)-alpha-D-mannopyranose-(1-3)-[alpha-D-mannopyranose-(1-6)]beta-D-mannopyranose-(1-4)-2-acetamido-2-deoxy-beta-D-glucopyranose-(1-4)-2-acetamido-2-deoxy-beta-D-glucopyranose
7 non-polymer 2-acetamido-2-deoxy-beta-D-glucopyranose
#
loop_
_entity_poly.entity_id
_entity_poly.type
_entity_poly.pdbx_seq_one_letter_code
_entity_poly.pdbx_strand_id
1 'polypeptide(L)'
;AENLWVTVYYGVPVWKEAKTTLFCASDARAYEKEVHNVWATHACVPTDPSPQELVLGNVTENFNMWKNDMVDQMHEDIIS
LWDQSLKPCVKLTPLCVTLICSDATVKTGTVEEMKNCSFNTTTEIRDKEKKEYALFYKPDIVPLSETNNTSEYRLINCNT
SACTQACPKVTFEPIPIHYCAPAGYAILKCNDETFNGTGPCSNVSTVQCTHGIRPVVSTQLLLNGSLAEKEIVIRSENLT
NNAKIIIVHLHTPVEIVCTRPNNNTRKSVRIGPGQTFYATGDIIGDIKQAHCNISEEKWNDTLQKVGIELQKHFPNKTIK
YNQSAGGDMEITTHSFNCGGEFFYCNTSNLFNGTYNGTYISTNSSANSTSTITLQCRIKQIINMWQGVGRCMYAPPIAGN
ITCRSNITGLLLTRDGGTNSNETETFRPAGGDMRDNWRSELYKYKVVKIEPLGVAPTRCKRRV
;
A,E,I
2 'polypeptide(L)'
;VGRRRRRRAVGIGAVFLGFLGAAGSTMGAASMTLTVQARNLLSGIVQQQSNLLRAPEAQQHLLKLTVWGIKQLQARVLAV
ERYLRDQQLLGIWGCSGKLICCTNVPWNSSWSNRNLSEIWDNMTWLQWDKEISNYTQIIYGLLEESQNQQEKNEQDLLAL
D
;
H,D,1
3 'polypeptide(L)'
;MGWSCIILFLVATATGVHSQVQLVQSGAEVKKPGASVKVSCKASGYTFTDYYIHWVRQAPGQGLEWMGWINPNSGRTNSA
QKFQDRVTMTRDTSITTASMELSRLTSDDTAVYYCARGGWISLYYDSSGYPNFNYWGQGSRVTVSSASTKGPSVFPLAPS
SKSTSGGTAALGCLVKDYFPEPVTVSWNSGALTSGVHTFPAVLQSSGLYSLSSVVTVPSSSLGTQTYICNVNHKPSNTKV
DKKVEPKSCDK
;
J,F,B
4 'polypeptide(L)'
;MGWSCIILFLVATATGSWAQSALTQPASVSGSPGQSITISCTGTSYDVGTYNLVSWYQQHPGKAPKLMIYEVSKRPSGVS
FRFSGSKSGNTASLTISGLQAEDAADYYCCSYAGSATVIFGGGSKMTVLGQPKANPTVTLFPPSSEELQANKATLVCLIS
DFYPGAVTVAWKADSSPVKAGVETTTPSKQSNNKYAASSYLSLTPEQWKSHRSYSCQVTHEGSTVEKTVAPTECS
;
K,G,C
#
loop_
_chem_comp.id
_chem_comp.type
_chem_comp.name
_chem_comp.formula
BMA D-saccharide, beta linking beta-D-mannopyranose 'C6 H12 O6'
MAN D-saccharide, alpha linking alpha-D-mannopyranose 'C6 H12 O6'
NAG D-saccharide, beta linking 2-acetamido-2-deoxy-beta-D-glucopyranose 'C8 H15 N O6'
#
# COMPACT_ATOMS: atom_id res chain seq x y z
N GLU A 2 39.10 -36.35 -45.70
CA GLU A 2 39.70 -35.54 -44.64
C GLU A 2 38.92 -34.26 -44.46
N ASN A 3 37.77 -34.23 -45.12
CA ASN A 3 36.86 -33.11 -45.06
C ASN A 3 36.29 -32.93 -43.66
N LEU A 4 36.24 -31.70 -43.18
CA LEU A 4 35.71 -31.47 -41.86
C LEU A 4 34.26 -31.09 -41.91
N TRP A 5 33.55 -31.69 -40.97
CA TRP A 5 32.13 -31.60 -40.76
C TRP A 5 31.88 -30.99 -39.38
N VAL A 6 30.80 -30.20 -39.27
CA VAL A 6 30.49 -29.49 -38.01
C VAL A 6 29.51 -30.20 -37.12
N THR A 7 29.83 -30.16 -35.84
CA THR A 7 29.02 -30.72 -34.82
C THR A 7 28.69 -29.63 -33.81
N VAL A 8 27.60 -29.83 -33.10
CA VAL A 8 27.22 -28.90 -32.05
C VAL A 8 27.38 -29.53 -30.71
N TYR A 9 27.94 -28.77 -29.78
CA TYR A 9 28.11 -29.22 -28.41
C TYR A 9 27.29 -28.50 -27.37
N TYR A 10 26.28 -29.19 -26.86
CA TYR A 10 25.43 -28.58 -25.87
C TYR A 10 25.98 -28.72 -24.47
N GLY A 11 25.98 -27.64 -23.71
CA GLY A 11 26.49 -27.72 -22.35
C GLY A 11 27.98 -27.46 -22.20
N VAL A 12 28.59 -26.72 -23.10
CA VAL A 12 30.03 -26.40 -22.96
C VAL A 12 30.26 -25.40 -21.81
N PRO A 13 31.35 -25.54 -21.04
CA PRO A 13 31.72 -24.73 -19.89
C PRO A 13 32.32 -23.37 -20.19
N VAL A 14 31.53 -22.49 -20.75
CA VAL A 14 32.04 -21.16 -21.06
C VAL A 14 31.11 -20.10 -20.52
N TRP A 15 31.58 -18.86 -20.44
CA TRP A 15 30.74 -17.83 -19.88
C TRP A 15 30.99 -16.45 -20.41
N LYS A 16 30.07 -15.58 -20.03
CA LYS A 16 30.09 -14.17 -20.32
C LYS A 16 29.72 -13.38 -19.07
N GLU A 17 30.14 -12.14 -19.01
CA GLU A 17 29.79 -11.28 -17.88
C GLU A 17 28.29 -11.13 -17.73
N ALA A 18 27.80 -11.22 -16.49
CA ALA A 18 26.36 -11.16 -16.27
C ALA A 18 25.91 -9.80 -15.79
N LYS A 19 24.66 -9.50 -16.05
CA LYS A 19 24.05 -8.33 -15.48
C LYS A 19 22.69 -8.71 -14.94
N THR A 20 22.71 -9.36 -13.78
CA THR A 20 21.51 -9.90 -13.14
C THR A 20 21.57 -9.60 -11.66
N THR A 21 20.68 -10.22 -10.88
CA THR A 21 20.62 -9.97 -9.45
C THR A 21 20.82 -11.23 -8.63
N LEU A 22 21.30 -11.07 -7.41
CA LEU A 22 21.45 -12.17 -6.47
C LEU A 22 20.41 -12.08 -5.38
N PHE A 23 20.32 -13.12 -4.56
CA PHE A 23 19.32 -13.12 -3.49
C PHE A 23 19.68 -13.86 -2.19
N CYS A 24 18.91 -13.56 -1.11
CA CYS A 24 19.00 -14.25 0.16
C CYS A 24 18.59 -15.70 0.00
N ALA A 25 19.32 -16.71 0.49
CA ALA A 25 20.61 -16.82 1.19
C ALA A 25 20.84 -16.13 2.52
N SER A 26 19.83 -16.07 3.36
CA SER A 26 20.11 -15.55 4.68
C SER A 26 20.76 -16.70 5.43
N ASP A 27 21.26 -16.51 6.66
CA ASP A 27 22.09 -17.55 7.26
C ASP A 27 21.43 -18.78 7.88
N ALA A 28 20.11 -18.85 7.87
CA ALA A 28 19.38 -19.98 8.45
C ALA A 28 19.70 -20.27 9.93
N ARG A 29 20.18 -19.26 10.67
CA ARG A 29 20.46 -19.42 12.09
C ARG A 29 19.77 -18.31 12.84
N ALA A 30 19.52 -17.23 12.13
CA ALA A 30 18.80 -16.08 12.66
C ALA A 30 17.29 -16.34 12.66
N TYR A 31 16.91 -17.52 12.20
CA TYR A 31 15.54 -17.97 12.11
C TYR A 31 15.06 -18.72 13.34
N GLU A 32 14.02 -18.17 13.90
CA GLU A 32 13.32 -18.58 15.11
C GLU A 32 11.95 -17.93 15.03
N LYS A 33 11.03 -18.21 15.94
CA LYS A 33 9.73 -17.53 15.85
C LYS A 33 9.85 -16.00 15.75
N GLU A 34 10.77 -15.44 16.51
CA GLU A 34 11.01 -14.00 16.58
C GLU A 34 11.65 -13.41 15.34
N VAL A 35 11.87 -14.22 14.32
CA VAL A 35 12.48 -13.71 13.11
C VAL A 35 11.65 -12.60 12.50
N HIS A 36 10.33 -12.60 12.75
CA HIS A 36 9.45 -11.58 12.19
C HIS A 36 9.74 -10.21 12.80
N ASN A 37 10.47 -10.20 13.90
CA ASN A 37 10.90 -9.01 14.58
C ASN A 37 12.37 -8.72 14.27
N VAL A 38 12.96 -9.44 13.31
CA VAL A 38 14.36 -9.19 12.97
C VAL A 38 14.52 -8.58 11.60
N TRP A 39 15.11 -7.41 11.60
CA TRP A 39 15.26 -6.70 10.37
C TRP A 39 16.14 -7.43 9.39
N ALA A 40 15.67 -7.46 8.16
CA ALA A 40 16.30 -8.08 7.02
C ALA A 40 16.49 -9.57 7.18
N THR A 41 15.73 -10.19 8.07
CA THR A 41 15.75 -11.64 8.14
C THR A 41 14.36 -12.13 7.83
N HIS A 42 13.36 -11.48 8.40
CA HIS A 42 11.99 -11.92 8.15
C HIS A 42 11.69 -12.11 6.67
N ALA A 43 12.02 -11.09 5.90
CA ALA A 43 11.83 -11.02 4.46
C ALA A 43 12.62 -12.05 3.64
N CYS A 44 13.71 -12.57 4.21
CA CYS A 44 14.60 -13.46 3.50
C CYS A 44 14.38 -14.95 3.65
N VAL A 45 14.85 -15.67 2.64
CA VAL A 45 14.87 -17.11 2.65
C VAL A 45 16.18 -17.65 3.21
N PRO A 46 16.16 -18.52 4.24
CA PRO A 46 17.31 -19.15 4.85
C PRO A 46 17.91 -20.22 3.96
N THR A 47 19.24 -20.27 3.90
CA THR A 47 19.91 -21.35 3.19
C THR A 47 21.15 -21.79 3.97
N ASP A 48 21.67 -22.97 3.64
CA ASP A 48 22.88 -23.51 4.22
C ASP A 48 23.92 -24.19 3.27
N PRO A 49 24.24 -23.64 2.09
CA PRO A 49 25.12 -24.24 1.08
C PRO A 49 26.57 -24.30 1.50
N SER A 50 27.27 -25.31 1.00
CA SER A 50 28.70 -25.45 1.19
C SER A 50 29.50 -24.62 0.16
N PRO A 51 30.79 -24.31 0.44
CA PRO A 51 31.82 -23.78 -0.46
C PRO A 51 32.11 -24.74 -1.61
N GLN A 52 32.52 -24.16 -2.74
CA GLN A 52 32.88 -24.92 -3.93
C GLN A 52 34.37 -25.21 -4.05
N GLU A 53 34.64 -26.39 -4.58
CA GLU A 53 35.98 -26.94 -4.79
C GLU A 53 36.81 -26.26 -5.87
N LEU A 54 36.17 -25.84 -6.95
CA LEU A 54 36.86 -25.23 -8.06
C LEU A 54 37.44 -23.90 -7.65
N VAL A 55 38.64 -23.48 -8.08
CA VAL A 55 39.67 -24.14 -8.87
C VAL A 55 39.21 -24.47 -10.25
N LEU A 56 39.44 -23.53 -11.16
CA LEU A 56 39.17 -23.80 -12.56
C LEU A 56 40.47 -24.14 -13.30
N GLY A 57 41.47 -24.55 -12.52
CA GLY A 57 42.78 -24.96 -13.06
C GLY A 57 43.52 -23.82 -13.75
N ASN A 58 43.86 -24.03 -15.03
CA ASN A 58 44.64 -23.08 -15.86
C ASN A 58 43.94 -21.72 -15.98
N VAL A 59 42.61 -21.71 -15.94
CA VAL A 59 41.75 -20.49 -16.15
C VAL A 59 42.21 -19.31 -15.30
N THR A 60 42.32 -18.12 -15.92
CA THR A 60 42.60 -16.86 -15.27
C THR A 60 41.46 -15.93 -15.66
N GLU A 61 41.25 -14.84 -14.90
CA GLU A 61 40.16 -13.92 -15.20
C GLU A 61 40.40 -12.49 -14.71
N ASN A 62 39.82 -11.53 -15.44
CA ASN A 62 39.88 -10.11 -15.11
C ASN A 62 38.74 -9.59 -14.24
N PHE A 63 39.13 -9.06 -13.10
CA PHE A 63 38.23 -8.52 -12.10
C PHE A 63 38.38 -7.01 -12.01
N ASN A 64 37.32 -6.33 -11.54
CA ASN A 64 37.39 -4.88 -11.31
C ASN A 64 36.39 -4.43 -10.27
N MET A 65 36.88 -4.21 -9.06
CA MET A 65 36.08 -3.84 -7.93
C MET A 65 35.21 -2.62 -8.14
N TRP A 66 35.69 -1.63 -8.85
CA TRP A 66 34.90 -0.42 -8.92
C TRP A 66 33.91 -0.42 -10.04
N LYS A 67 33.83 -1.54 -10.75
CA LYS A 67 32.88 -1.68 -11.82
C LYS A 67 31.89 -2.78 -11.47
N ASN A 68 31.94 -3.31 -10.26
CA ASN A 68 31.02 -4.39 -10.00
C ASN A 68 29.68 -3.84 -9.57
N ASP A 69 28.76 -3.81 -10.51
CA ASP A 69 27.39 -3.30 -10.34
C ASP A 69 26.65 -3.91 -9.18
N MET A 70 27.09 -5.07 -8.73
CA MET A 70 26.41 -5.78 -7.64
C MET A 70 26.29 -4.89 -6.41
N VAL A 71 27.27 -4.02 -6.19
CA VAL A 71 27.26 -3.19 -5.01
C VAL A 71 26.03 -2.29 -5.00
N ASP A 72 25.52 -1.92 -6.18
CA ASP A 72 24.39 -1.03 -6.26
C ASP A 72 23.13 -1.76 -5.94
N GLN A 73 23.26 -3.08 -6.11
CA GLN A 73 22.02 -3.77 -5.93
C GLN A 73 21.92 -3.80 -4.44
N MET A 74 23.10 -3.98 -3.83
CA MET A 74 23.14 -4.11 -2.40
C MET A 74 22.64 -2.82 -1.75
N HIS A 75 23.04 -1.68 -2.32
CA HIS A 75 22.67 -0.39 -1.78
C HIS A 75 21.20 -0.22 -1.92
N GLU A 76 20.69 -0.44 -3.11
CA GLU A 76 19.30 -0.16 -3.36
C GLU A 76 18.37 -1.00 -2.48
N ASP A 77 18.69 -2.28 -2.31
CA ASP A 77 17.85 -3.12 -1.46
C ASP A 77 17.85 -2.67 -0.04
N ILE A 78 19.00 -2.26 0.48
CA ILE A 78 19.09 -1.83 1.87
C ILE A 78 18.24 -0.60 2.11
N ILE A 79 18.26 0.21 1.07
CA ILE A 79 17.47 1.39 1.27
C ILE A 79 16.02 0.93 1.32
N SER A 80 15.62 0.11 0.34
CA SER A 80 14.21 -0.24 0.26
C SER A 80 13.74 -1.22 1.32
N LEU A 81 14.63 -2.09 1.84
CA LEU A 81 14.24 -3.06 2.82
C LEU A 81 14.04 -2.32 4.12
N TRP A 82 14.99 -1.43 4.38
CA TRP A 82 14.98 -0.64 5.57
C TRP A 82 13.74 0.17 5.66
N ASP A 83 13.46 0.87 4.57
CA ASP A 83 12.31 1.74 4.54
C ASP A 83 11.03 0.92 4.70
N GLN A 84 10.91 -0.19 3.98
CA GLN A 84 9.67 -0.94 4.07
C GLN A 84 9.39 -1.48 5.46
N SER A 85 10.43 -1.91 6.17
CA SER A 85 10.27 -2.51 7.48
C SER A 85 9.73 -1.55 8.52
N LEU A 86 9.79 -0.25 8.26
CA LEU A 86 9.34 0.73 9.21
C LEU A 86 8.03 1.38 8.85
N LYS A 87 7.30 0.84 7.89
CA LYS A 87 6.09 1.56 7.54
C LYS A 87 4.94 1.47 8.55
N PRO A 88 4.57 0.31 9.11
CA PRO A 88 3.35 0.16 9.90
C PRO A 88 3.49 0.54 11.36
N CYS A 89 4.02 1.72 11.64
CA CYS A 89 4.23 2.09 13.04
C CYS A 89 4.62 3.55 13.24
N VAL A 90 4.58 3.97 14.51
CA VAL A 90 5.15 5.20 15.07
C VAL A 90 5.29 6.46 14.26
N LYS A 91 4.21 6.98 13.69
CA LYS A 91 4.35 8.27 13.03
C LYS A 91 4.40 9.29 14.15
N LEU A 92 5.38 10.20 14.11
CA LEU A 92 5.55 11.17 15.20
C LEU A 92 5.06 12.57 14.91
N THR A 93 4.27 12.76 13.89
CA THR A 93 3.77 14.09 13.63
C THR A 93 3.20 14.85 14.85
N PRO A 94 2.41 14.22 15.76
CA PRO A 94 1.81 14.87 16.91
C PRO A 94 2.80 15.53 17.85
N LEU A 95 4.07 15.17 17.75
CA LEU A 95 5.12 15.70 18.58
C LEU A 95 5.47 17.13 18.24
N CYS A 96 5.27 17.53 16.98
CA CYS A 96 5.65 18.87 16.55
C CYS A 96 4.72 19.99 17.03
N VAL A 97 4.81 20.26 18.31
CA VAL A 97 4.00 21.23 19.03
C VAL A 97 4.93 22.19 19.74
N THR A 98 4.41 23.29 20.24
CA THR A 98 5.26 24.20 20.97
C THR A 98 5.79 23.45 22.17
N LEU A 99 7.09 23.46 22.31
CA LEU A 99 7.75 22.72 23.36
C LEU A 99 8.36 23.67 24.35
N ILE A 100 8.23 23.36 25.63
CA ILE A 100 8.81 24.21 26.66
C ILE A 100 9.95 23.51 27.39
N CYS A 101 11.10 24.14 27.51
CA CYS A 101 12.14 23.41 28.24
C CYS A 101 13.14 24.22 29.03
N SER A 102 13.87 23.49 29.89
CA SER A 102 14.87 24.07 30.77
C SER A 102 16.11 23.17 30.97
N ASP A 103 17.19 23.83 31.40
CA ASP A 103 18.52 23.29 31.71
C ASP A 103 18.57 22.20 32.76
N ALA A 104 19.54 21.28 32.65
CA ALA A 104 19.71 20.21 33.64
C ALA A 104 19.82 20.71 35.09
N THR A 105 20.95 21.29 35.48
CA THR A 105 21.76 21.97 36.49
C THR A 105 22.69 23.02 35.91
N VAL A 106 23.05 22.76 34.66
CA VAL A 106 24.05 23.41 33.80
C VAL A 106 25.42 22.86 34.20
N LYS A 107 26.27 23.67 34.81
CA LYS A 107 27.58 23.24 35.28
C LYS A 107 28.38 22.46 34.20
N THR A 108 28.69 21.18 34.46
CA THR A 108 29.49 20.39 33.52
C THR A 108 28.79 20.33 32.17
N GLY A 109 29.49 20.59 31.08
CA GLY A 109 28.81 20.56 29.78
C GLY A 109 28.07 19.24 29.47
N THR A 110 28.55 18.13 30.04
CA THR A 110 27.97 16.83 29.78
C THR A 110 26.64 16.61 30.50
N VAL A 111 26.25 17.54 31.37
CA VAL A 111 25.02 17.39 32.16
C VAL A 111 24.02 18.40 31.63
N GLU A 112 24.52 19.57 31.18
CA GLU A 112 23.71 20.74 30.80
C GLU A 112 22.67 20.34 29.81
N GLU A 113 23.11 19.46 28.90
CA GLU A 113 22.44 18.98 27.66
C GLU A 113 21.10 18.29 27.97
N MET A 114 20.92 17.82 29.20
CA MET A 114 19.71 17.02 29.49
C MET A 114 18.57 18.00 29.77
N LYS A 115 17.95 18.48 28.69
CA LYS A 115 16.82 19.45 28.74
C LYS A 115 15.51 18.75 29.08
N ASN A 116 14.92 19.16 30.20
CA ASN A 116 13.57 18.70 30.61
C ASN A 116 12.58 19.39 29.67
N CYS A 117 11.74 18.64 28.95
CA CYS A 117 10.97 19.31 27.87
C CYS A 117 9.47 19.04 28.04
N SER A 118 8.76 20.00 28.62
CA SER A 118 7.34 19.84 28.87
C SER A 118 6.50 20.24 27.68
N PHE A 119 5.40 19.49 27.48
CA PHE A 119 4.49 19.77 26.33
C PHE A 119 3.09 19.22 26.60
N ASN A 120 2.11 19.69 25.81
CA ASN A 120 0.71 19.21 25.88
C ASN A 120 0.49 18.16 24.78
N THR A 121 0.01 16.96 25.15
CA THR A 121 -0.16 15.88 24.14
C THR A 121 -1.61 15.40 24.13
N THR A 122 -2.09 14.95 22.97
CA THR A 122 -3.48 14.41 22.83
C THR A 122 -3.61 13.11 23.62
N THR A 123 -4.69 13.00 24.40
CA THR A 123 -4.95 11.82 25.27
C THR A 123 -5.77 10.78 24.49
N GLU A 124 -6.09 9.65 25.11
CA GLU A 124 -6.88 8.60 24.41
C GLU A 124 -8.17 9.25 23.91
N ILE A 125 -8.78 10.12 24.72
CA ILE A 125 -9.91 10.97 24.23
C ILE A 125 -9.28 12.13 23.47
N ARG A 126 -9.71 12.35 22.22
CA ARG A 126 -9.13 13.45 21.40
C ARG A 126 -9.43 14.82 22.03
N ASP A 127 -10.58 14.97 22.67
CA ASP A 127 -10.95 16.25 23.33
C ASP A 127 -10.04 16.54 24.52
N LYS A 128 -9.71 15.52 25.33
CA LYS A 128 -8.85 15.72 26.53
C LYS A 128 -7.37 15.87 26.15
N GLU A 129 -6.65 16.74 26.87
CA GLU A 129 -5.21 17.01 26.64
C GLU A 129 -4.47 16.89 27.97
N LYS A 130 -3.28 16.29 27.96
CA LYS A 130 -2.48 16.12 29.20
C LYS A 130 -1.14 16.83 29.06
N LYS A 131 -0.66 17.46 30.15
CA LYS A 131 0.68 18.09 30.16
C LYS A 131 1.69 17.07 30.68
N GLU A 132 2.65 16.71 29.81
CA GLU A 132 3.67 15.66 30.03
C GLU A 132 5.06 16.21 29.68
N TYR A 133 6.12 15.62 30.24
CA TYR A 133 7.52 16.02 29.95
C TYR A 133 8.33 14.81 29.47
N ALA A 134 9.28 15.03 28.55
CA ALA A 134 10.15 13.94 28.08
C ALA A 134 11.62 14.39 28.16
N LEU A 135 12.55 13.62 28.71
CA LEU A 135 13.95 14.12 28.64
C LEU A 135 14.52 14.01 27.22
N PHE A 136 15.06 15.11 26.67
CA PHE A 136 15.67 15.17 25.31
C PHE A 136 17.03 15.87 25.45
N TYR A 137 17.95 15.63 24.52
CA TYR A 137 19.23 16.38 24.63
C TYR A 137 19.75 16.93 23.28
N LYS A 138 20.43 18.08 23.39
CA LYS A 138 21.06 18.84 22.28
C LYS A 138 20.23 18.96 20.99
N PRO A 139 20.81 18.57 19.83
CA PRO A 139 20.28 18.92 18.51
C PRO A 139 18.81 18.76 18.10
N ASP A 140 18.10 17.77 18.61
CA ASP A 140 16.68 17.55 18.17
C ASP A 140 15.82 18.73 18.64
N ILE A 141 16.23 19.37 19.74
CA ILE A 141 15.54 20.47 20.38
C ILE A 141 16.17 21.71 19.75
N VAL A 142 15.37 22.43 19.00
CA VAL A 142 15.82 23.62 18.32
C VAL A 142 15.12 24.87 18.84
N PRO A 143 15.82 25.97 19.14
CA PRO A 143 15.20 27.18 19.62
C PRO A 143 14.10 27.48 18.64
N LEU A 144 12.96 27.88 19.16
CA LEU A 144 11.84 28.13 18.30
C LEU A 144 12.14 29.25 17.33
N SER A 145 11.76 29.05 16.08
CA SER A 145 11.99 30.09 15.11
C SER A 145 11.25 31.31 15.54
N GLU A 146 11.89 32.45 15.35
CA GLU A 146 11.37 33.76 15.67
C GLU A 146 11.12 34.02 17.16
N THR A 147 11.73 33.25 18.06
CA THR A 147 11.60 33.65 19.45
C THR A 147 12.85 34.39 19.83
N ASN A 148 12.94 34.83 21.06
CA ASN A 148 14.11 35.59 21.50
C ASN A 148 14.74 35.04 22.76
N ASN A 149 15.51 33.96 22.59
CA ASN A 149 16.18 33.31 23.70
C ASN A 149 15.22 32.95 24.83
N THR A 150 14.08 32.41 24.47
CA THR A 150 13.06 32.06 25.42
C THR A 150 13.05 30.57 25.63
N SER A 151 12.16 30.14 26.50
CA SER A 151 12.01 28.76 26.91
C SER A 151 11.25 27.92 25.89
N GLU A 152 10.77 28.57 24.83
CA GLU A 152 10.07 27.96 23.72
C GLU A 152 10.98 27.40 22.62
N TYR A 153 10.76 26.13 22.32
CA TYR A 153 11.53 25.32 21.37
C TYR A 153 10.64 24.53 20.43
N ARG A 154 11.25 24.01 19.38
CA ARG A 154 10.56 23.18 18.43
C ARG A 154 11.34 21.92 18.16
N LEU A 155 10.66 20.95 17.59
CA LEU A 155 11.35 19.76 17.18
C LEU A 155 12.02 20.03 15.84
N ILE A 156 13.22 19.53 15.67
CA ILE A 156 14.02 19.70 14.49
C ILE A 156 13.37 19.36 13.17
N ASN A 157 12.46 18.40 13.15
CA ASN A 157 11.93 17.94 11.89
C ASN A 157 10.67 18.64 11.43
N CYS A 158 10.14 19.52 12.28
CA CYS A 158 8.84 20.21 12.01
C CYS A 158 8.94 21.10 10.76
N ASN A 159 10.13 21.63 10.46
CA ASN A 159 10.30 22.46 9.24
C ASN A 159 10.72 21.57 8.06
N THR A 160 10.84 20.27 8.30
CA THR A 160 11.23 19.32 7.21
C THR A 160 10.03 18.45 6.82
N SER A 161 10.16 17.13 6.98
CA SER A 161 9.09 16.22 6.70
C SER A 161 8.89 15.50 7.99
N ALA A 162 7.71 14.89 8.15
CA ALA A 162 7.37 14.11 9.32
C ALA A 162 8.24 12.89 9.45
N CYS A 163 8.53 12.54 10.70
CA CYS A 163 9.39 11.42 10.99
C CYS A 163 8.66 10.33 11.73
N THR A 164 9.30 9.18 11.79
CA THR A 164 8.84 8.04 12.57
C THR A 164 9.81 7.71 13.69
N GLN A 165 9.43 6.81 14.61
CA GLN A 165 10.42 6.39 15.61
C GLN A 165 11.04 5.07 15.18
N ALA A 166 10.54 3.95 15.69
CA ALA A 166 10.91 2.66 15.17
C ALA A 166 9.89 1.68 15.61
N CYS A 167 9.66 0.64 14.84
CA CYS A 167 8.77 -0.35 15.38
C CYS A 167 9.62 -0.87 16.56
N PRO A 168 9.16 -0.75 17.82
CA PRO A 168 9.90 -1.07 19.04
C PRO A 168 10.30 -2.51 19.19
N LYS A 169 9.61 -3.37 18.48
CA LYS A 169 9.86 -4.78 18.48
C LYS A 169 11.00 -5.20 17.58
N VAL A 170 11.39 -4.36 16.63
CA VAL A 170 12.38 -4.80 15.66
C VAL A 170 13.83 -4.60 16.05
N THR A 171 14.57 -5.67 15.87
CA THR A 171 15.99 -5.76 16.12
C THR A 171 16.77 -5.36 14.90
N PHE A 172 17.73 -4.48 15.11
CA PHE A 172 18.58 -4.08 14.02
C PHE A 172 20.00 -4.49 14.29
N GLU A 173 20.38 -5.63 13.76
CA GLU A 173 21.70 -6.18 13.98
C GLU A 173 22.13 -6.82 12.69
N PRO A 174 23.30 -6.51 12.15
CA PRO A 174 23.82 -7.11 10.94
C PRO A 174 23.88 -8.62 10.98
N ILE A 175 23.27 -9.24 9.97
CA ILE A 175 23.22 -10.67 9.76
C ILE A 175 23.85 -10.90 8.40
N PRO A 176 24.85 -11.75 8.24
CA PRO A 176 25.48 -11.94 6.96
C PRO A 176 24.56 -12.60 5.98
N ILE A 177 24.58 -12.10 4.76
CA ILE A 177 23.78 -12.73 3.71
C ILE A 177 24.71 -13.33 2.70
N HIS A 178 24.59 -14.63 2.51
CA HIS A 178 25.50 -15.42 1.69
C HIS A 178 24.94 -15.43 0.29
N TYR A 179 24.92 -14.29 -0.35
CA TYR A 179 24.20 -14.16 -1.62
C TYR A 179 24.45 -15.23 -2.64
N CYS A 180 23.35 -15.82 -3.15
CA CYS A 180 23.44 -16.90 -4.12
C CYS A 180 23.03 -16.47 -5.52
N ALA A 181 23.63 -17.16 -6.50
CA ALA A 181 23.32 -16.95 -7.92
C ALA A 181 21.99 -17.62 -8.32
N PRO A 182 21.23 -17.03 -9.25
CA PRO A 182 20.09 -17.62 -9.94
C PRO A 182 20.54 -18.72 -10.86
N ALA A 183 19.64 -19.64 -11.20
CA ALA A 183 20.02 -20.65 -12.16
C ALA A 183 20.47 -19.97 -13.44
N GLY A 184 21.52 -20.52 -14.04
CA GLY A 184 22.06 -19.99 -15.27
C GLY A 184 23.26 -19.09 -15.02
N TYR A 185 23.47 -18.75 -13.76
CA TYR A 185 24.57 -17.90 -13.36
C TYR A 185 25.46 -18.58 -12.35
N ALA A 186 26.67 -18.05 -12.25
CA ALA A 186 27.63 -18.52 -11.27
C ALA A 186 28.48 -17.36 -10.81
N ILE A 187 29.11 -17.52 -9.66
CA ILE A 187 29.91 -16.47 -9.13
C ILE A 187 31.38 -16.89 -9.09
N LEU A 188 32.26 -16.02 -9.53
CA LEU A 188 33.68 -16.34 -9.48
C LEU A 188 34.38 -15.49 -8.43
N LYS A 189 35.41 -16.04 -7.78
CA LYS A 189 36.15 -15.21 -6.83
C LYS A 189 37.65 -15.32 -6.93
N CYS A 190 38.32 -14.21 -6.61
CA CYS A 190 39.77 -14.19 -6.54
C CYS A 190 40.28 -14.69 -5.21
N ASN A 191 41.22 -15.62 -5.24
CA ASN A 191 41.86 -16.08 -4.02
C ASN A 191 43.23 -15.43 -3.91
N ASP A 192 43.48 -14.49 -4.80
CA ASP A 192 44.74 -13.78 -4.84
C ASP A 192 44.93 -12.59 -3.91
N GLU A 193 46.12 -12.58 -3.34
CA GLU A 193 46.65 -11.48 -2.55
C GLU A 193 47.31 -10.56 -3.56
N THR A 194 47.88 -9.43 -3.14
CA THR A 194 48.53 -8.45 -4.05
C THR A 194 47.55 -7.61 -4.88
N PHE A 195 46.51 -8.31 -5.35
CA PHE A 195 45.38 -7.81 -6.17
C PHE A 195 45.04 -6.37 -5.76
N ASN A 196 45.25 -5.45 -6.73
CA ASN A 196 45.19 -3.96 -6.60
C ASN A 196 43.73 -3.45 -6.61
N GLY A 197 42.78 -4.36 -6.85
CA GLY A 197 41.33 -4.19 -6.88
C GLY A 197 40.83 -4.50 -8.28
N THR A 198 41.78 -4.54 -9.22
CA THR A 198 41.53 -4.83 -10.62
C THR A 198 42.55 -5.81 -11.14
N GLY A 199 42.26 -6.42 -12.29
CA GLY A 199 43.27 -7.20 -13.00
C GLY A 199 43.06 -8.72 -13.07
N PRO A 200 44.03 -9.42 -13.69
CA PRO A 200 44.06 -10.82 -14.07
C PRO A 200 44.34 -11.79 -12.94
N CYS A 201 43.33 -12.04 -12.12
CA CYS A 201 43.49 -12.97 -11.01
C CYS A 201 43.84 -14.33 -11.60
N SER A 202 44.78 -15.02 -10.93
CA SER A 202 45.33 -16.34 -11.36
C SER A 202 44.44 -17.49 -10.90
N ASN A 203 44.61 -17.97 -9.66
CA ASN A 203 43.77 -19.10 -9.19
C ASN A 203 42.40 -18.51 -8.79
N VAL A 204 41.37 -18.79 -9.58
CA VAL A 204 40.04 -18.10 -9.42
C VAL A 204 38.97 -19.16 -9.15
N SER A 205 38.56 -19.26 -7.88
CA SER A 205 37.57 -20.22 -7.43
C SER A 205 36.17 -19.93 -7.92
N THR A 206 35.35 -20.98 -8.01
CA THR A 206 33.96 -20.73 -8.27
C THR A 206 33.28 -20.54 -6.97
N VAL A 207 32.15 -19.89 -7.05
CA VAL A 207 31.30 -19.63 -5.94
C VAL A 207 29.83 -19.90 -6.25
N GLN A 208 29.16 -20.62 -5.36
CA GLN A 208 27.74 -20.85 -5.59
C GLN A 208 26.98 -19.70 -4.98
N CYS A 209 27.44 -19.35 -3.78
CA CYS A 209 26.91 -18.34 -2.90
C CYS A 209 28.08 -17.62 -2.28
N THR A 210 28.00 -16.31 -2.14
CA THR A 210 29.15 -15.57 -1.65
C THR A 210 29.27 -15.81 -0.19
N HIS A 211 30.42 -15.50 0.35
CA HIS A 211 30.54 -15.67 1.75
C HIS A 211 29.66 -14.59 2.28
N GLY A 212 28.91 -14.84 3.31
CA GLY A 212 28.02 -13.81 3.74
C GLY A 212 28.70 -12.61 4.27
N ILE A 213 28.09 -11.48 3.96
CA ILE A 213 28.55 -10.18 4.41
C ILE A 213 27.51 -9.46 5.24
N ARG A 214 27.93 -9.03 6.41
CA ARG A 214 27.06 -8.34 7.35
C ARG A 214 27.01 -6.89 6.92
N PRO A 215 25.84 -6.32 6.61
CA PRO A 215 25.74 -4.93 6.28
C PRO A 215 26.00 -4.15 7.53
N VAL A 216 26.67 -3.03 7.41
CA VAL A 216 26.97 -2.20 8.55
C VAL A 216 26.74 -0.78 8.15
N VAL A 217 26.19 0.03 9.03
CA VAL A 217 26.15 1.42 8.74
C VAL A 217 27.22 2.09 9.54
N SER A 218 28.21 2.61 8.87
CA SER A 218 29.31 3.26 9.52
C SER A 218 30.11 4.09 8.55
N THR A 219 30.99 4.89 9.07
CA THR A 219 31.88 5.68 8.26
C THR A 219 33.27 5.58 8.80
N GLN A 220 34.19 6.16 8.09
CA GLN A 220 35.58 6.14 8.52
C GLN A 220 36.02 4.70 8.86
N LEU A 221 36.23 4.40 10.13
CA LEU A 221 36.64 3.06 10.56
C LEU A 221 35.50 2.04 10.34
N LEU A 222 35.78 0.96 9.61
CA LEU A 222 34.76 -0.06 9.40
C LEU A 222 34.90 -1.27 10.32
N LEU A 223 33.91 -1.49 11.19
CA LEU A 223 34.02 -2.60 12.16
C LEU A 223 33.29 -3.86 11.69
N ASN A 224 33.53 -4.97 12.41
CA ASN A 224 32.88 -6.26 12.13
C ASN A 224 33.07 -6.65 10.66
N GLY A 225 34.31 -6.53 10.18
CA GLY A 225 34.65 -6.91 8.79
C GLY A 225 35.76 -7.95 8.74
N SER A 226 36.11 -8.41 7.53
CA SER A 226 37.14 -9.41 7.32
C SER A 226 38.52 -8.80 7.39
N LEU A 227 39.53 -9.66 7.53
CA LEU A 227 40.92 -9.23 7.55
C LEU A 227 41.66 -9.64 6.31
N ALA A 228 42.73 -8.92 5.99
CA ALA A 228 43.56 -9.31 4.87
C ALA A 228 44.16 -10.65 5.27
N GLU A 229 44.38 -11.56 4.33
CA GLU A 229 44.95 -12.85 4.72
C GLU A 229 46.43 -12.81 5.06
N LYS A 230 47.21 -12.05 4.30
CA LYS A 230 48.65 -12.04 4.53
C LYS A 230 49.26 -10.71 4.91
N GLU A 231 48.75 -9.65 4.32
CA GLU A 231 49.33 -8.34 4.54
C GLU A 231 48.32 -7.26 4.26
N ILE A 232 48.59 -6.09 4.78
CA ILE A 232 47.73 -4.95 4.55
C ILE A 232 47.60 -4.65 3.09
N VAL A 233 46.37 -4.47 2.66
CA VAL A 233 46.10 -4.18 1.27
C VAL A 233 45.59 -2.79 1.10
N ILE A 234 46.30 -2.00 0.32
CA ILE A 234 45.86 -0.65 0.07
C ILE A 234 45.30 -0.60 -1.32
N ARG A 235 44.03 -0.24 -1.43
CA ARG A 235 43.35 -0.30 -2.69
C ARG A 235 42.63 1.01 -3.07
N SER A 236 42.76 1.41 -4.33
CA SER A 236 42.17 2.64 -4.83
C SER A 236 41.93 2.59 -6.31
N GLU A 237 40.84 3.21 -6.74
CA GLU A 237 40.49 3.27 -8.14
C GLU A 237 41.57 3.99 -8.94
N ASN A 238 42.15 5.02 -8.33
CA ASN A 238 43.23 5.80 -8.92
C ASN A 238 43.99 6.52 -7.83
N LEU A 239 45.14 6.02 -7.47
CA LEU A 239 45.94 6.59 -6.38
C LEU A 239 46.44 7.99 -6.66
N THR A 240 46.52 8.35 -7.93
CA THR A 240 46.99 9.66 -8.32
C THR A 240 45.85 10.65 -8.49
N ASN A 241 44.63 10.22 -8.23
CA ASN A 241 43.50 11.10 -8.34
C ASN A 241 43.07 11.53 -6.96
N ASN A 242 43.27 12.79 -6.63
CA ASN A 242 42.98 13.30 -5.30
C ASN A 242 41.52 13.16 -4.88
N ALA A 243 40.62 12.93 -5.84
CA ALA A 243 39.19 12.82 -5.56
C ALA A 243 38.77 11.42 -5.11
N LYS A 244 39.69 10.47 -5.10
CA LYS A 244 39.34 9.11 -4.74
C LYS A 244 39.62 8.76 -3.30
N ILE A 245 38.91 7.76 -2.81
CA ILE A 245 39.05 7.29 -1.44
C ILE A 245 39.80 5.98 -1.42
N ILE A 246 40.78 5.92 -0.54
CA ILE A 246 41.64 4.78 -0.38
C ILE A 246 41.02 3.83 0.61
N ILE A 247 40.91 2.59 0.19
CA ILE A 247 40.33 1.57 1.02
C ILE A 247 41.44 0.71 1.58
N VAL A 248 41.46 0.54 2.89
CA VAL A 248 42.54 -0.27 3.44
C VAL A 248 42.07 -1.46 4.23
N HIS A 249 42.56 -2.62 3.84
CA HIS A 249 42.29 -3.86 4.54
C HIS A 249 43.45 -4.21 5.42
N LEU A 250 43.24 -4.23 6.71
CA LEU A 250 44.33 -4.54 7.59
C LEU A 250 44.50 -6.03 7.75
N HIS A 251 45.74 -6.44 7.97
CA HIS A 251 46.11 -7.82 8.25
C HIS A 251 45.71 -8.33 9.62
N THR A 252 46.00 -7.55 10.65
CA THR A 252 45.67 -7.97 12.00
C THR A 252 44.56 -7.08 12.52
N PRO A 253 43.73 -7.55 13.47
CA PRO A 253 42.69 -6.81 14.11
C PRO A 253 43.22 -5.85 15.14
N VAL A 254 42.44 -4.82 15.39
CA VAL A 254 42.62 -3.85 16.45
C VAL A 254 41.36 -3.85 17.27
N GLU A 255 41.44 -3.68 18.59
CA GLU A 255 40.19 -3.76 19.35
C GLU A 255 39.68 -2.42 19.80
N ILE A 256 38.39 -2.19 19.60
CA ILE A 256 37.72 -1.00 20.10
C ILE A 256 36.64 -1.36 21.08
N VAL A 257 36.62 -0.68 22.26
CA VAL A 257 35.65 -0.89 23.37
C VAL A 257 34.89 0.42 23.60
N CYS A 258 33.58 0.50 23.27
CA CYS A 258 32.81 1.71 23.47
C CYS A 258 31.69 1.52 24.47
N THR A 259 31.32 2.61 25.14
CA THR A 259 30.26 2.54 26.14
C THR A 259 29.59 3.84 26.56
N ARG A 260 28.40 3.67 27.11
CA ARG A 260 27.60 4.77 27.62
C ARG A 260 27.31 4.50 29.10
N PRO A 261 27.99 5.19 30.02
CA PRO A 261 28.10 4.88 31.44
C PRO A 261 26.86 5.10 32.33
N ASN A 262 26.09 6.12 31.94
CA ASN A 262 24.92 6.61 32.70
C ASN A 262 23.74 5.64 32.60
N ASN A 263 23.24 5.21 33.76
CA ASN A 263 22.03 4.37 33.82
C ASN A 263 20.89 5.24 33.28
N ASN A 264 20.15 4.77 32.28
CA ASN A 264 19.06 5.62 31.73
C ASN A 264 17.72 4.91 31.89
N THR A 265 16.74 5.58 32.50
CA THR A 265 15.44 4.96 32.65
C THR A 265 14.60 5.26 31.42
N ARG A 266 13.49 4.56 31.27
CA ARG A 266 12.64 4.80 30.10
C ARG A 266 11.19 4.91 30.47
N LYS A 267 10.46 5.76 29.75
CA LYS A 267 9.04 5.90 29.95
C LYS A 267 8.34 5.90 28.62
N SER A 268 7.04 5.75 28.64
CA SER A 268 6.32 5.85 27.39
C SER A 268 5.07 6.65 27.55
N VAL A 269 4.65 7.23 26.45
CA VAL A 269 3.49 8.06 26.39
C VAL A 269 2.50 7.62 25.35
N ARG A 270 1.27 7.42 25.74
CA ARG A 270 0.27 7.03 24.75
C ARG A 270 -0.17 8.28 24.04
N ILE A 271 -0.15 8.27 22.71
CA ILE A 271 -0.61 9.44 22.00
C ILE A 271 -1.84 9.08 21.19
N GLY A 272 -2.96 9.63 21.59
CA GLY A 272 -4.22 9.26 20.97
C GLY A 272 -4.44 7.74 21.19
N PRO A 273 -4.98 6.98 20.23
CA PRO A 273 -5.22 5.53 20.26
C PRO A 273 -3.98 4.70 19.94
N GLY A 274 -3.95 3.45 20.36
CA GLY A 274 -2.90 2.58 19.90
C GLY A 274 -1.49 2.94 20.29
N GLN A 275 -0.87 3.69 19.41
CA GLN A 275 0.55 3.91 19.42
C GLN A 275 1.11 4.66 20.63
N THR A 276 2.17 4.09 21.21
CA THR A 276 2.86 4.76 22.29
C THR A 276 4.16 5.34 21.76
N PHE A 277 4.64 6.33 22.46
CA PHE A 277 5.88 6.98 22.17
C PHE A 277 6.89 6.72 23.24
N TYR A 278 8.14 6.45 22.89
CA TYR A 278 9.11 6.24 23.94
C TYR A 278 10.11 7.36 24.06
N ALA A 279 10.49 7.65 25.29
CA ALA A 279 11.50 8.65 25.58
C ALA A 279 12.16 8.39 26.92
N THR A 280 13.32 8.99 27.13
CA THR A 280 14.02 8.90 28.38
C THR A 280 13.17 9.51 29.51
N GLY A 281 13.04 8.77 30.61
CA GLY A 281 12.37 9.36 31.77
C GLY A 281 13.34 10.40 32.32
N ASP A 282 14.44 9.93 32.88
CA ASP A 282 15.57 10.76 33.37
C ASP A 282 16.82 9.89 33.40
N ILE A 283 17.99 10.42 33.02
CA ILE A 283 19.24 9.59 33.16
C ILE A 283 19.32 9.31 34.66
N ILE A 284 19.24 8.04 35.08
CA ILE A 284 19.11 7.90 36.55
C ILE A 284 20.41 7.92 37.34
N GLY A 285 21.58 7.85 36.77
CA GLY A 285 22.74 7.81 37.66
C GLY A 285 23.37 9.16 37.76
N ASP A 286 24.69 9.20 37.73
CA ASP A 286 25.50 10.41 37.56
C ASP A 286 25.68 10.61 36.06
N ILE A 287 26.07 11.76 35.57
CA ILE A 287 26.21 11.83 34.08
C ILE A 287 27.68 11.84 33.67
N LYS A 288 28.23 10.74 33.17
CA LYS A 288 29.66 10.73 32.75
C LYS A 288 29.73 10.67 31.22
N GLN A 289 30.92 10.94 30.67
CA GLN A 289 31.15 11.04 29.20
C GLN A 289 30.92 9.70 28.51
N ALA A 290 30.66 9.73 27.19
CA ALA A 290 30.56 8.50 26.38
C ALA A 290 31.86 8.36 25.59
N HIS A 291 32.49 7.19 25.61
CA HIS A 291 33.85 7.04 25.04
C HIS A 291 34.04 5.69 24.32
N CYS A 292 35.16 5.59 23.60
CA CYS A 292 35.76 4.40 22.93
C CYS A 292 37.22 4.22 23.32
N ASN A 293 37.52 3.19 24.12
CA ASN A 293 38.92 2.88 24.47
C ASN A 293 39.57 2.20 23.27
N ILE A 294 40.80 2.60 22.94
CA ILE A 294 41.64 1.93 21.90
C ILE A 294 43.07 1.88 22.43
N SER A 295 43.74 0.73 22.34
CA SER A 295 45.11 0.65 22.83
C SER A 295 45.97 1.56 21.99
N GLU A 296 46.86 2.34 22.60
CA GLU A 296 47.80 3.20 21.86
C GLU A 296 48.83 2.43 21.06
N GLU A 297 49.29 1.39 21.73
CA GLU A 297 50.35 0.59 21.16
C GLU A 297 50.03 0.09 19.76
N LYS A 298 48.79 -0.36 19.71
CA LYS A 298 48.42 -1.19 18.59
C LYS A 298 48.10 -0.24 17.49
N TRP A 299 47.52 0.93 17.86
CA TRP A 299 47.15 2.01 16.90
C TRP A 299 48.39 2.68 16.32
N ASN A 300 49.44 2.88 17.12
CA ASN A 300 50.70 3.51 16.64
C ASN A 300 51.47 2.50 15.78
N ASP A 301 51.27 1.20 16.02
CA ASP A 301 51.86 0.10 15.22
C ASP A 301 51.17 0.10 13.84
N THR A 302 49.84 0.29 13.83
CA THR A 302 49.02 0.31 12.67
C THR A 302 49.32 1.51 11.81
N LEU A 303 49.40 2.69 12.38
CA LEU A 303 49.63 3.82 11.51
C LEU A 303 50.95 3.69 10.81
N GLN A 304 51.99 3.19 11.49
CA GLN A 304 53.23 3.04 10.77
C GLN A 304 53.15 1.90 9.76
N LYS A 305 52.52 0.77 10.11
CA LYS A 305 52.47 -0.31 9.14
C LYS A 305 51.75 0.13 7.87
N VAL A 306 50.70 0.93 8.01
CA VAL A 306 50.01 1.42 6.84
C VAL A 306 50.94 2.34 6.10
N GLY A 307 51.65 3.21 6.82
CA GLY A 307 52.57 4.14 6.20
C GLY A 307 53.63 3.42 5.37
N ILE A 308 54.08 2.25 5.85
CA ILE A 308 55.08 1.49 5.12
C ILE A 308 54.51 1.01 3.83
N GLU A 309 53.33 0.45 3.86
CA GLU A 309 52.75 -0.04 2.64
C GLU A 309 52.37 1.13 1.72
N LEU A 310 51.89 2.21 2.31
CA LEU A 310 51.39 3.36 1.56
C LEU A 310 52.56 4.01 0.80
N GLN A 311 53.71 4.06 1.46
CA GLN A 311 55.00 4.56 0.97
C GLN A 311 55.38 3.93 -0.38
N LYS A 312 54.85 2.76 -0.69
CA LYS A 312 55.19 2.12 -1.94
C LYS A 312 54.70 2.93 -3.13
N HIS A 313 53.58 3.63 -2.96
CA HIS A 313 52.98 4.37 -4.05
C HIS A 313 53.32 5.83 -3.95
N PHE A 314 53.76 6.22 -2.76
CA PHE A 314 54.19 7.55 -2.46
C PHE A 314 55.59 7.51 -1.85
N PRO A 315 56.64 7.13 -2.63
CA PRO A 315 58.01 6.94 -2.21
C PRO A 315 58.72 8.22 -1.88
N ASN A 316 59.71 8.08 -1.00
CA ASN A 316 60.59 9.13 -0.50
C ASN A 316 59.83 10.30 0.10
N LYS A 317 58.75 9.98 0.81
CA LYS A 317 57.90 10.96 1.45
C LYS A 317 57.39 10.49 2.81
N THR A 318 57.22 11.45 3.70
CA THR A 318 56.67 11.25 5.04
C THR A 318 55.16 11.16 4.99
N ILE A 319 54.58 10.30 5.80
CA ILE A 319 53.12 10.22 5.81
C ILE A 319 52.49 10.83 7.02
N LYS A 320 51.69 11.83 6.74
CA LYS A 320 51.08 12.66 7.73
C LYS A 320 49.62 12.40 7.81
N TYR A 321 49.07 12.42 9.03
CA TYR A 321 47.61 12.21 9.24
C TYR A 321 46.98 13.44 9.91
N ASN A 322 46.12 14.15 9.16
CA ASN A 322 45.32 15.29 9.67
C ASN A 322 43.93 14.78 10.08
N GLN A 323 43.09 15.72 10.55
CA GLN A 323 41.67 15.57 10.98
C GLN A 323 40.73 15.84 9.79
N SER A 324 39.40 15.74 9.98
CA SER A 324 38.53 15.94 8.84
C SER A 324 38.53 17.40 8.48
N ALA A 325 38.05 17.69 7.28
CA ALA A 325 37.92 19.03 6.75
C ALA A 325 36.97 19.93 7.54
N GLY A 326 36.06 19.33 8.31
CA GLY A 326 35.06 20.09 9.03
C GLY A 326 33.68 19.94 8.39
N GLY A 327 32.64 20.13 9.20
CA GLY A 327 31.26 19.96 8.75
C GLY A 327 30.42 19.36 9.88
N ASP A 328 29.22 18.92 9.53
CA ASP A 328 28.25 18.33 10.44
C ASP A 328 28.84 17.05 11.02
N MET A 329 28.37 16.60 12.18
CA MET A 329 28.97 15.40 12.76
C MET A 329 28.90 14.19 11.82
N GLU A 330 27.84 14.11 11.02
CA GLU A 330 27.66 13.03 10.07
C GLU A 330 28.78 12.97 9.02
N ILE A 331 29.48 14.08 8.86
CA ILE A 331 30.53 14.27 7.91
C ILE A 331 31.90 14.02 8.56
N THR A 332 32.11 14.63 9.73
CA THR A 332 33.39 14.52 10.41
C THR A 332 33.57 13.47 11.50
N THR A 333 32.52 12.95 12.07
CA THR A 333 32.71 11.98 13.14
C THR A 333 32.53 10.55 12.72
N HIS A 334 33.03 9.67 13.55
CA HIS A 334 32.86 8.26 13.37
C HIS A 334 31.47 7.92 13.85
N SER A 335 30.78 7.01 13.18
CA SER A 335 29.45 6.64 13.61
C SER A 335 29.26 5.17 13.96
N PHE A 336 28.65 4.95 15.12
CA PHE A 336 28.40 3.60 15.61
C PHE A 336 26.95 3.45 15.94
N ASN A 337 26.47 2.23 15.88
CA ASN A 337 25.12 1.88 16.28
C ASN A 337 25.17 0.85 17.40
N CYS A 338 26.21 0.91 18.22
CA CYS A 338 26.35 -0.05 19.31
C CYS A 338 25.15 -0.05 20.24
N GLY A 339 24.55 -1.21 20.38
CA GLY A 339 23.43 -1.35 21.29
C GLY A 339 22.16 -0.80 20.70
N GLY A 340 22.23 -0.25 19.50
CA GLY A 340 21.08 0.33 18.87
C GLY A 340 21.05 1.85 19.09
N GLU A 341 21.98 2.37 19.89
CA GLU A 341 22.01 3.81 20.14
C GLU A 341 22.94 4.42 19.11
N PHE A 342 22.73 5.67 18.77
CA PHE A 342 23.59 6.28 17.76
C PHE A 342 24.61 7.25 18.30
N PHE A 343 25.84 6.83 18.12
CA PHE A 343 27.02 7.55 18.56
C PHE A 343 27.75 8.19 17.43
N TYR A 344 28.21 9.38 17.71
CA TYR A 344 29.07 10.12 16.83
C TYR A 344 30.33 10.46 17.59
N CYS A 345 31.45 9.91 17.18
CA CYS A 345 32.65 10.09 17.98
C CYS A 345 33.71 10.91 17.27
N ASN A 346 34.29 11.84 18.03
CA ASN A 346 35.28 12.83 17.50
C ASN A 346 36.63 12.10 17.41
N THR A 347 37.10 11.98 16.15
CA THR A 347 38.29 11.25 15.66
C THR A 347 39.60 11.77 16.26
N SER A 348 39.77 13.09 16.34
CA SER A 348 40.96 13.63 17.02
C SER A 348 40.90 13.23 18.50
N ASN A 349 42.01 12.76 19.07
CA ASN A 349 43.33 12.83 18.39
C ASN A 349 43.67 11.51 17.68
N LEU A 350 42.71 10.63 17.41
CA LEU A 350 43.13 9.37 16.81
C LEU A 350 44.21 9.56 15.74
N PHE A 351 43.85 10.24 14.64
CA PHE A 351 44.77 10.41 13.48
C PHE A 351 45.59 11.70 13.60
N ASN A 352 45.96 12.09 14.82
CA ASN A 352 46.76 13.32 15.04
C ASN A 352 48.20 13.18 14.52
N GLY A 353 48.79 11.99 14.63
CA GLY A 353 50.24 11.82 14.33
C GLY A 353 50.64 11.74 12.86
N THR A 354 51.95 11.72 12.60
CA THR A 354 52.57 11.58 11.26
C THR A 354 54.03 11.15 11.50
N TYR A 355 54.43 9.92 11.19
CA TYR A 355 55.79 9.42 11.47
C TYR A 355 56.72 9.66 10.27
N ASN A 356 58.02 9.92 10.52
CA ASN A 356 59.06 10.16 9.49
C ASN A 356 59.07 8.99 8.50
N GLY A 357 59.20 9.29 7.21
CA GLY A 357 59.22 8.25 6.20
C GLY A 357 60.38 7.29 6.25
N THR A 358 60.49 6.58 7.37
CA THR A 358 61.46 5.58 7.68
C THR A 358 60.59 4.47 8.21
N TYR A 359 59.47 4.91 8.80
CA TYR A 359 58.46 4.05 9.42
C TYR A 359 59.09 2.90 10.16
N ILE A 360 60.00 3.18 11.05
CA ILE A 360 60.66 2.09 11.70
C ILE A 360 59.76 1.44 12.71
N SER A 361 59.61 0.13 12.57
CA SER A 361 58.73 -0.65 13.43
C SER A 361 59.39 -0.91 14.77
N THR A 362 59.56 0.15 15.53
CA THR A 362 60.20 0.06 16.83
C THR A 362 59.23 0.30 17.96
N ASN A 363 59.22 -0.65 18.87
CA ASN A 363 58.36 -0.64 20.04
C ASN A 363 59.03 -1.52 21.08
N SER A 364 58.43 -1.65 22.24
CA SER A 364 59.03 -2.49 23.28
C SER A 364 58.02 -3.08 24.24
N SER A 365 58.44 -4.15 24.93
CA SER A 365 57.65 -4.79 25.96
C SER A 365 57.46 -3.83 27.12
N ALA A 366 56.29 -3.84 27.71
CA ALA A 366 56.00 -2.99 28.84
C ALA A 366 54.81 -3.51 29.61
N ASN A 367 54.64 -3.03 30.83
CA ASN A 367 53.48 -3.37 31.63
C ASN A 367 52.39 -2.31 31.48
N SER A 368 52.60 -1.38 30.54
CA SER A 368 51.67 -0.31 30.23
C SER A 368 50.37 -0.78 29.65
N THR A 369 49.30 -0.15 30.11
CA THR A 369 47.97 -0.38 29.61
C THR A 369 47.42 0.90 29.02
N SER A 370 48.31 1.82 28.69
CA SER A 370 47.93 3.11 28.13
C SER A 370 47.07 3.02 26.88
N THR A 371 46.03 3.85 26.85
CA THR A 371 45.04 3.89 25.78
C THR A 371 44.84 5.29 25.25
N ILE A 372 44.19 5.33 24.11
CA ILE A 372 43.76 6.56 23.48
C ILE A 372 42.25 6.55 23.58
N THR A 373 41.68 7.64 24.07
CA THR A 373 40.25 7.62 24.31
C THR A 373 39.60 8.69 23.48
N LEU A 374 38.57 8.31 22.76
CA LEU A 374 37.78 9.29 22.05
C LEU A 374 36.50 9.47 22.83
N GLN A 375 35.95 10.68 22.73
CA GLN A 375 34.70 11.04 23.45
C GLN A 375 33.57 11.14 22.41
N CYS A 376 32.34 10.83 22.81
CA CYS A 376 31.25 10.58 21.81
C CYS A 376 30.08 11.52 22.09
N ARG A 377 29.33 11.91 21.06
CA ARG A 377 28.06 12.65 21.21
C ARG A 377 26.92 11.85 20.58
N ILE A 378 25.91 11.50 21.37
CA ILE A 378 24.76 10.64 20.94
C ILE A 378 23.62 11.49 20.38
N LYS A 379 22.83 10.94 19.45
CA LYS A 379 21.68 11.66 18.88
C LYS A 379 20.40 10.93 19.03
N GLN A 380 19.28 11.63 18.91
CA GLN A 380 18.02 10.95 18.93
C GLN A 380 17.42 10.89 17.55
N ILE A 381 17.55 11.96 16.78
CA ILE A 381 16.96 11.93 15.45
C ILE A 381 18.01 11.97 14.38
N ILE A 382 17.94 11.00 13.49
CA ILE A 382 18.91 10.95 12.43
C ILE A 382 18.30 10.77 11.04
N ASN A 383 19.06 11.20 10.03
CA ASN A 383 18.71 10.97 8.63
C ASN A 383 19.45 9.74 8.19
N MET A 384 18.75 8.63 8.20
CA MET A 384 19.38 7.36 7.97
C MET A 384 19.84 7.26 6.54
N TRP A 385 21.15 7.20 6.35
CA TRP A 385 21.74 7.21 5.02
C TRP A 385 21.37 8.45 4.24
N GLN A 386 21.31 9.58 4.93
CA GLN A 386 20.99 10.89 4.35
C GLN A 386 19.55 10.94 3.91
N GLY A 387 18.77 9.96 4.32
CA GLY A 387 17.36 9.86 4.08
C GLY A 387 16.58 10.83 4.92
N VAL A 388 16.66 12.09 4.56
CA VAL A 388 15.89 13.11 5.28
C VAL A 388 14.41 12.73 5.18
N GLY A 389 14.01 12.25 4.02
CA GLY A 389 12.61 11.87 3.78
C GLY A 389 12.26 10.54 4.43
N ARG A 390 13.24 9.91 5.07
CA ARG A 390 13.07 8.68 5.78
C ARG A 390 13.55 8.92 7.22
N CYS A 391 13.54 10.18 7.66
CA CYS A 391 14.06 10.54 8.97
C CYS A 391 13.37 9.78 10.07
N MET A 392 14.16 9.46 11.09
CA MET A 392 13.62 8.74 12.22
C MET A 392 14.22 9.06 13.58
N TYR A 393 13.39 8.91 14.58
CA TYR A 393 13.71 9.00 15.98
C TYR A 393 14.05 7.66 16.58
N ALA A 394 15.17 7.60 17.23
CA ALA A 394 15.57 6.38 17.88
C ALA A 394 14.71 6.06 19.09
N PRO A 395 14.47 4.80 19.41
CA PRO A 395 13.89 4.41 20.66
C PRO A 395 15.03 4.57 21.64
N PRO A 396 14.79 4.97 22.88
CA PRO A 396 15.76 5.00 23.95
C PRO A 396 16.01 3.60 24.46
N ILE A 397 17.21 3.35 24.96
CA ILE A 397 17.54 2.09 25.61
C ILE A 397 18.08 2.29 27.00
N ALA A 398 17.49 1.59 27.95
CA ALA A 398 17.82 1.67 29.36
C ALA A 398 19.10 0.94 29.80
N GLY A 399 19.65 1.36 30.94
CA GLY A 399 20.84 0.70 31.49
C GLY A 399 22.11 1.23 30.83
N ASN A 400 23.24 0.53 30.94
CA ASN A 400 24.51 1.05 30.36
C ASN A 400 24.93 0.15 29.19
N ILE A 401 25.37 0.77 28.09
CA ILE A 401 25.81 0.06 26.84
C ILE A 401 27.31 -0.21 26.90
N THR A 402 27.71 -1.44 26.56
CA THR A 402 29.09 -1.82 26.38
C THR A 402 29.22 -2.42 24.99
N CYS A 403 30.34 -2.18 24.31
CA CYS A 403 30.44 -2.65 22.94
C CYS A 403 31.87 -2.86 22.42
N ARG A 404 32.10 -4.06 21.90
CA ARG A 404 33.39 -4.51 21.38
C ARG A 404 33.25 -4.19 19.89
N SER A 405 34.29 -4.31 19.03
CA SER A 405 34.98 -5.55 18.72
C SER A 405 36.27 -5.39 17.91
N ASN A 406 36.52 -6.42 17.08
CA ASN A 406 37.67 -6.55 16.21
C ASN A 406 37.46 -5.71 14.96
N ILE A 407 38.35 -4.75 14.77
CA ILE A 407 38.28 -3.82 13.66
C ILE A 407 39.68 -3.82 13.00
N THR A 408 39.91 -3.17 11.83
CA THR A 408 39.00 -2.28 11.13
C THR A 408 39.37 -2.20 9.66
N GLY A 409 38.42 -1.79 8.85
CA GLY A 409 38.75 -1.35 7.49
C GLY A 409 38.92 0.17 7.54
N LEU A 410 39.81 0.76 6.74
CA LEU A 410 39.88 2.23 6.79
C LEU A 410 39.42 2.89 5.51
N LEU A 411 38.80 4.05 5.67
CA LEU A 411 38.43 4.91 4.55
C LEU A 411 39.20 6.21 4.68
N LEU A 412 40.14 6.42 3.77
CA LEU A 412 40.99 7.58 3.83
C LEU A 412 41.05 8.41 2.56
N THR A 413 41.32 9.70 2.71
CA THR A 413 41.58 10.53 1.54
C THR A 413 42.97 11.14 1.62
N ARG A 414 43.33 11.89 0.59
CA ARG A 414 44.68 12.46 0.46
C ARG A 414 44.69 13.94 0.17
N ASP A 415 45.65 14.63 0.76
CA ASP A 415 45.84 16.06 0.61
C ASP A 415 47.33 16.45 0.53
N GLY A 416 47.58 17.74 0.41
CA GLY A 416 48.91 18.32 0.32
C GLY A 416 49.06 19.04 -1.01
N GLY A 417 49.57 20.27 -0.96
CA GLY A 417 49.72 21.09 -2.16
C GLY A 417 51.12 21.10 -2.74
N THR A 418 51.41 22.14 -3.51
CA THR A 418 52.68 22.29 -4.21
C THR A 418 53.76 22.77 -3.26
N ASN A 419 53.34 23.09 -2.06
CA ASN A 419 54.17 23.57 -1.00
C ASN A 419 54.68 22.46 -0.09
N SER A 420 54.48 21.21 -0.47
CA SER A 420 55.03 20.11 0.31
C SER A 420 55.80 19.18 -0.60
N ASN A 421 55.18 18.08 -1.00
CA ASN A 421 55.81 17.07 -1.85
C ASN A 421 57.09 16.51 -1.23
N GLU A 422 57.06 16.33 0.09
CA GLU A 422 58.15 15.75 0.88
C GLU A 422 57.48 14.80 1.84
N THR A 423 56.20 14.99 1.87
CA THR A 423 55.25 14.39 2.71
C THR A 423 53.94 14.65 2.06
N GLU A 424 52.98 13.80 2.37
CA GLU A 424 51.59 13.91 1.92
C GLU A 424 50.68 13.72 3.12
N THR A 425 49.51 14.35 3.07
CA THR A 425 48.59 14.34 4.19
C THR A 425 47.36 13.53 3.92
N PHE A 426 47.04 12.66 4.85
CA PHE A 426 45.86 11.86 4.71
C PHE A 426 44.84 12.29 5.74
N ARG A 427 43.59 12.12 5.38
CA ARG A 427 42.50 12.48 6.26
C ARG A 427 41.48 11.36 6.35
N PRO A 428 40.71 11.29 7.44
CA PRO A 428 39.53 10.46 7.55
C PRO A 428 38.57 10.85 6.47
N ALA A 429 37.88 9.86 5.93
CA ALA A 429 36.91 10.07 4.88
C ALA A 429 35.78 9.06 4.96
N GLY A 430 34.68 9.33 4.26
CA GLY A 430 33.60 8.36 4.21
C GLY A 430 32.26 9.02 3.90
N GLY A 431 31.18 8.27 4.10
CA GLY A 431 29.82 8.73 3.78
C GLY A 431 29.11 7.98 2.65
N ASP A 432 29.85 7.29 1.77
CA ASP A 432 29.17 6.52 0.75
C ASP A 432 29.13 5.03 1.11
N MET A 433 27.92 4.55 1.35
CA MET A 433 27.64 3.20 1.80
C MET A 433 28.23 2.21 0.83
N ARG A 434 28.35 2.61 -0.42
CA ARG A 434 28.85 1.74 -1.45
C ARG A 434 30.23 1.26 -1.12
N ASP A 435 31.05 2.09 -0.49
CA ASP A 435 32.40 1.68 -0.28
C ASP A 435 32.44 0.76 0.89
N ASN A 436 31.51 0.98 1.81
CA ASN A 436 31.51 0.11 2.97
C ASN A 436 31.30 -1.33 2.52
N TRP A 437 30.47 -1.56 1.49
CA TRP A 437 30.32 -2.94 1.09
C TRP A 437 31.34 -3.32 0.06
N ARG A 438 31.71 -2.37 -0.83
CA ARG A 438 32.64 -2.61 -1.93
C ARG A 438 33.86 -3.30 -1.40
N SER A 439 34.28 -2.83 -0.24
CA SER A 439 35.38 -3.34 0.53
C SER A 439 35.43 -4.85 0.55
N GLU A 440 34.29 -5.51 0.71
CA GLU A 440 34.32 -6.96 0.77
C GLU A 440 33.73 -7.62 -0.48
N LEU A 441 32.81 -6.92 -1.13
CA LEU A 441 32.11 -7.49 -2.27
C LEU A 441 33.06 -7.81 -3.42
N TYR A 442 34.13 -7.03 -3.52
CA TYR A 442 35.16 -7.13 -4.55
C TYR A 442 35.67 -8.50 -4.82
N LYS A 443 35.54 -9.40 -3.87
CA LYS A 443 36.06 -10.73 -4.07
C LYS A 443 35.35 -11.47 -5.19
N TYR A 444 34.11 -11.09 -5.46
CA TYR A 444 33.28 -11.85 -6.37
C TYR A 444 32.89 -11.16 -7.69
N LYS A 445 32.74 -11.97 -8.73
CA LYS A 445 32.28 -11.54 -10.05
C LYS A 445 31.12 -12.43 -10.48
N VAL A 446 30.11 -11.87 -11.11
CA VAL A 446 29.00 -12.70 -11.51
C VAL A 446 28.99 -12.92 -13.00
N VAL A 447 28.90 -14.20 -13.38
CA VAL A 447 28.90 -14.56 -14.78
C VAL A 447 27.74 -15.44 -15.13
N LYS A 448 27.47 -15.52 -16.42
CA LYS A 448 26.42 -16.34 -16.97
C LYS A 448 27.01 -17.52 -17.70
N ILE A 449 26.38 -18.67 -17.56
CA ILE A 449 26.87 -19.83 -18.28
C ILE A 449 26.25 -19.82 -19.64
N GLU A 450 27.07 -19.90 -20.68
CA GLU A 450 26.53 -19.96 -22.02
C GLU A 450 26.74 -21.33 -22.67
N PRO A 451 25.79 -22.25 -22.59
CA PRO A 451 25.86 -23.54 -23.19
C PRO A 451 25.64 -23.41 -24.67
N LEU A 452 26.05 -24.44 -25.38
CA LEU A 452 25.90 -24.65 -26.80
C LEU A 452 26.89 -23.92 -27.70
N GLY A 453 27.92 -24.68 -28.09
CA GLY A 453 29.01 -24.17 -28.87
C GLY A 453 29.24 -25.05 -30.09
N VAL A 454 30.30 -24.79 -30.84
CA VAL A 454 30.52 -25.49 -32.09
C VAL A 454 31.97 -25.85 -32.23
N ALA A 455 32.22 -26.98 -32.88
CA ALA A 455 33.58 -27.37 -33.21
C ALA A 455 33.54 -28.36 -34.37
N PRO A 456 34.58 -28.43 -35.20
CA PRO A 456 34.74 -29.43 -36.21
C PRO A 456 35.12 -30.75 -35.60
N THR A 457 34.73 -31.82 -36.26
CA THR A 457 35.05 -33.16 -35.80
C THR A 457 35.41 -34.08 -36.96
N ARG A 458 34.72 -33.92 -38.09
CA ARG A 458 35.05 -34.73 -39.27
C ARG A 458 34.13 -35.93 -39.39
N CYS A 459 33.48 -36.26 -38.29
CA CYS A 459 32.57 -37.39 -38.23
C CYS A 459 31.27 -36.99 -38.90
N LYS A 460 30.54 -37.92 -39.48
CA LYS A 460 29.36 -37.48 -40.22
C LYS A 460 28.15 -38.35 -39.92
N ARG A 461 26.96 -37.77 -39.98
CA ARG A 461 25.75 -38.55 -39.79
C ARG A 461 25.21 -39.19 -41.04
N ARG A 462 25.02 -40.51 -40.94
CA ARG A 462 24.40 -41.26 -42.01
C ARG A 462 22.92 -41.05 -41.94
N VAL A 463 22.33 -40.73 -43.07
CA VAL A 463 20.91 -40.51 -43.17
C VAL A 463 20.49 -40.41 -44.63
N ALA B 9 38.28 -34.09 -8.14
CA ALA B 9 38.78 -33.80 -6.80
C ALA B 9 37.75 -33.18 -5.82
N VAL B 10 36.70 -32.35 -6.18
CA VAL B 10 36.12 -31.77 -7.43
C VAL B 10 35.21 -32.78 -8.18
N GLY B 11 35.70 -33.42 -9.24
CA GLY B 11 34.93 -34.39 -10.01
C GLY B 11 33.81 -33.70 -10.76
N ILE B 12 32.92 -34.50 -11.34
CA ILE B 12 31.79 -33.96 -12.10
C ILE B 12 30.88 -33.10 -11.25
N GLY B 13 30.64 -33.52 -10.01
CA GLY B 13 29.75 -32.72 -9.21
C GLY B 13 30.26 -31.28 -9.15
N ALA B 14 31.45 -31.05 -8.62
CA ALA B 14 31.88 -29.68 -8.59
C ALA B 14 32.00 -29.02 -9.98
N VAL B 15 32.47 -29.77 -10.98
CA VAL B 15 32.73 -29.22 -12.30
C VAL B 15 31.48 -28.73 -13.02
N PHE B 16 30.43 -29.56 -13.01
CA PHE B 16 29.18 -29.29 -13.70
C PHE B 16 27.91 -29.14 -12.84
N LEU B 17 27.88 -29.65 -11.60
CA LEU B 17 26.74 -29.31 -10.71
C LEU B 17 27.02 -27.84 -10.41
N GLY B 18 28.31 -27.59 -10.16
CA GLY B 18 28.86 -26.26 -9.95
C GLY B 18 29.15 -25.86 -11.38
N PHE B 19 29.85 -24.78 -11.66
CA PHE B 19 29.96 -24.53 -13.09
C PHE B 19 31.37 -24.21 -13.55
N LEU B 20 31.48 -24.61 -14.81
CA LEU B 20 32.64 -24.24 -15.64
C LEU B 20 33.94 -24.95 -15.24
N GLY B 21 33.86 -25.98 -14.41
CA GLY B 21 35.08 -26.62 -13.91
C GLY B 21 36.03 -27.12 -14.99
N ALA B 22 35.47 -27.58 -16.10
CA ALA B 22 36.26 -28.09 -17.20
C ALA B 22 36.77 -26.98 -18.08
N ALA B 23 36.44 -25.74 -17.78
CA ALA B 23 36.81 -24.68 -18.68
C ALA B 23 38.32 -24.71 -18.93
N GLY B 24 39.12 -25.09 -17.92
CA GLY B 24 40.56 -25.10 -18.08
C GLY B 24 41.16 -26.44 -18.55
N SER B 25 40.32 -27.47 -18.76
CA SER B 25 40.76 -28.86 -19.02
C SER B 25 40.92 -29.24 -20.49
N THR B 26 40.77 -28.25 -21.36
CA THR B 26 40.80 -28.29 -22.84
C THR B 26 39.55 -29.01 -23.34
N MET B 27 39.10 -28.63 -24.52
CA MET B 27 37.82 -29.13 -25.00
C MET B 27 37.70 -30.62 -25.24
N GLY B 28 38.78 -31.33 -25.51
CA GLY B 28 38.65 -32.77 -25.64
C GLY B 28 38.10 -33.40 -24.37
N ALA B 29 38.35 -32.79 -23.21
CA ALA B 29 37.88 -33.30 -21.93
C ALA B 29 36.36 -33.36 -21.87
N ALA B 30 35.74 -32.41 -22.55
CA ALA B 30 34.32 -32.17 -22.55
C ALA B 30 33.55 -33.34 -23.12
N SER B 31 34.21 -34.11 -23.99
CA SER B 31 33.55 -35.19 -24.68
C SER B 31 33.02 -36.24 -23.73
N MET B 32 33.55 -36.30 -22.53
CA MET B 32 33.11 -37.28 -21.56
C MET B 32 32.20 -36.71 -20.51
N THR B 33 31.95 -35.40 -20.55
CA THR B 33 31.25 -34.82 -19.41
C THR B 33 30.10 -33.86 -19.63
N LEU B 34 29.90 -33.33 -20.83
CA LEU B 34 28.89 -32.27 -20.94
C LEU B 34 27.45 -32.78 -20.86
N THR B 35 27.05 -33.13 -19.67
CA THR B 35 25.74 -33.69 -19.39
C THR B 35 25.13 -32.90 -18.26
N VAL B 36 25.74 -33.08 -17.10
CA VAL B 36 25.34 -32.48 -15.85
C VAL B 36 25.23 -30.99 -15.98
N GLN B 37 26.13 -30.39 -16.75
CA GLN B 37 26.04 -28.97 -16.88
C GLN B 37 24.66 -28.55 -17.29
N ALA B 38 24.03 -29.30 -18.19
CA ALA B 38 22.75 -28.90 -18.66
C ALA B 38 21.68 -29.03 -17.60
N ARG B 39 21.73 -30.10 -16.82
CA ARG B 39 20.62 -30.27 -15.88
C ARG B 39 20.66 -29.25 -14.78
N ASN B 40 21.85 -28.79 -14.43
CA ASN B 40 21.90 -27.85 -13.33
C ASN B 40 21.68 -26.42 -13.75
N LEU B 41 21.39 -26.19 -15.02
CA LEU B 41 21.03 -24.87 -15.48
C LEU B 41 19.51 -24.71 -15.48
N LEU B 42 18.79 -25.77 -15.11
CA LEU B 42 17.33 -25.77 -15.11
C LEU B 42 16.78 -25.86 -13.71
N SER B 43 17.63 -25.63 -12.73
CA SER B 43 17.22 -25.70 -11.35
C SER B 43 16.35 -24.52 -10.98
N GLY B 44 15.65 -24.65 -9.86
CA GLY B 44 14.71 -24.21 -8.83
C GLY B 44 14.71 -25.19 -7.68
N THR B 66 7.34 -8.48 0.34
CA THR B 66 6.23 -8.95 -0.48
C THR B 66 6.59 -8.83 -1.94
N VAL B 67 7.10 -7.66 -2.30
CA VAL B 67 7.48 -7.30 -3.66
C VAL B 67 8.61 -8.19 -4.20
N TRP B 68 9.36 -8.79 -3.30
CA TRP B 68 10.43 -9.68 -3.70
C TRP B 68 9.90 -10.88 -4.44
N GLY B 69 8.59 -11.14 -4.30
CA GLY B 69 7.95 -12.22 -5.00
C GLY B 69 8.11 -12.00 -6.49
N ILE B 70 8.07 -10.74 -6.94
CA ILE B 70 8.20 -10.47 -8.34
C ILE B 70 9.62 -10.72 -8.72
N LYS B 71 10.55 -10.22 -7.92
CA LYS B 71 11.94 -10.45 -8.29
C LYS B 71 12.23 -11.94 -8.45
N GLN B 72 11.70 -12.74 -7.54
CA GLN B 72 11.95 -14.17 -7.63
C GLN B 72 11.20 -14.80 -8.77
N LEU B 73 9.97 -14.41 -9.01
CA LEU B 73 9.26 -14.99 -10.12
C LEU B 73 9.92 -14.63 -11.43
N GLN B 74 10.40 -13.40 -11.56
CA GLN B 74 11.03 -13.06 -12.80
C GLN B 74 12.26 -13.87 -13.02
N ALA B 75 13.04 -14.06 -11.97
CA ALA B 75 14.24 -14.85 -12.13
C ALA B 75 13.93 -16.26 -12.57
N ARG B 76 12.90 -16.85 -11.97
CA ARG B 76 12.54 -18.21 -12.33
C ARG B 76 12.05 -18.30 -13.75
N VAL B 77 11.21 -17.36 -14.12
CA VAL B 77 10.64 -17.39 -15.44
C VAL B 77 11.68 -17.22 -16.49
N LEU B 78 12.59 -16.29 -16.28
CA LEU B 78 13.60 -16.05 -17.28
C LEU B 78 14.49 -17.25 -17.44
N ALA B 79 14.82 -17.94 -16.35
CA ALA B 79 15.65 -19.11 -16.50
C ALA B 79 14.95 -20.14 -17.37
N VAL B 80 13.65 -20.28 -17.18
CA VAL B 80 12.90 -21.21 -17.98
C VAL B 80 12.88 -20.79 -19.42
N GLU B 81 12.63 -19.51 -19.67
CA GLU B 81 12.57 -19.09 -21.05
C GLU B 81 13.87 -19.33 -21.77
N ARG B 82 14.99 -19.05 -21.11
CA ARG B 82 16.25 -19.25 -21.79
C ARG B 82 16.43 -20.71 -22.12
N TYR B 83 16.14 -21.56 -21.16
CA TYR B 83 16.29 -22.97 -21.36
C TYR B 83 15.50 -23.45 -22.53
N LEU B 84 14.24 -23.09 -22.55
CA LEU B 84 13.41 -23.56 -23.62
C LEU B 84 13.81 -23.01 -24.96
N ARG B 85 14.25 -21.77 -25.01
CA ARG B 85 14.64 -21.23 -26.31
C ARG B 85 15.81 -22.00 -26.86
N ASP B 86 16.75 -22.38 -25.99
CA ASP B 86 17.87 -23.16 -26.49
C ASP B 86 17.40 -24.49 -27.00
N GLN B 87 16.44 -25.10 -26.31
CA GLN B 87 15.97 -26.40 -26.75
C GLN B 87 15.31 -26.29 -28.09
N GLN B 88 14.62 -25.19 -28.33
CA GLN B 88 13.97 -25.01 -29.60
C GLN B 88 14.98 -24.96 -30.71
N LEU B 89 16.11 -24.27 -30.50
CA LEU B 89 17.09 -24.23 -31.57
C LEU B 89 17.70 -25.58 -31.82
N LEU B 90 17.94 -26.32 -30.75
CA LEU B 90 18.51 -27.63 -30.94
C LEU B 90 17.56 -28.47 -31.74
N GLY B 91 16.28 -28.36 -31.45
CA GLY B 91 15.30 -29.14 -32.16
C GLY B 91 15.34 -28.83 -33.65
N ILE B 92 15.31 -27.55 -33.99
CA ILE B 92 15.26 -27.13 -35.37
C ILE B 92 16.41 -27.63 -36.18
N TRP B 93 17.59 -27.61 -35.63
CA TRP B 93 18.75 -28.04 -36.36
C TRP B 93 18.95 -29.54 -36.42
N GLY B 94 18.19 -30.29 -35.64
CA GLY B 94 18.49 -31.69 -35.44
C GLY B 94 19.62 -31.69 -34.41
N CYS B 95 20.06 -32.85 -33.90
CA CYS B 95 19.56 -34.18 -34.20
C CYS B 95 18.53 -34.75 -33.20
N SER B 96 18.30 -34.23 -31.96
CA SER B 96 18.92 -33.13 -31.23
C SER B 96 19.02 -33.58 -29.80
N GLY B 97 18.41 -34.72 -29.55
CA GLY B 97 18.31 -35.24 -28.19
C GLY B 97 19.61 -35.84 -27.67
N LYS B 98 20.63 -35.90 -28.51
CA LYS B 98 21.89 -36.50 -28.13
C LYS B 98 22.86 -35.54 -27.47
N LEU B 99 22.53 -34.26 -27.48
CA LEU B 99 23.38 -33.14 -27.02
C LEU B 99 24.64 -32.91 -27.86
N ILE B 100 25.12 -33.94 -28.55
CA ILE B 100 26.20 -33.81 -29.49
C ILE B 100 25.74 -34.36 -30.81
N CYS B 101 25.64 -33.50 -31.79
CA CYS B 101 25.09 -33.97 -33.06
C CYS B 101 25.91 -33.60 -34.25
N CYS B 102 25.91 -34.48 -35.27
CA CYS B 102 26.50 -34.11 -36.55
C CYS B 102 25.39 -33.59 -37.42
N THR B 103 25.62 -32.45 -38.03
CA THR B 103 24.59 -31.80 -38.83
C THR B 103 24.84 -31.79 -40.34
N ASN B 104 25.86 -32.49 -40.76
CA ASN B 104 26.21 -32.68 -42.16
C ASN B 104 26.34 -31.40 -42.96
N VAL B 105 27.03 -30.45 -42.36
CA VAL B 105 27.40 -29.21 -42.96
C VAL B 105 28.93 -29.18 -42.91
N PRO B 106 29.62 -28.97 -44.02
CA PRO B 106 31.07 -28.90 -44.10
C PRO B 106 31.54 -27.58 -43.55
N TRP B 107 32.78 -27.50 -43.14
CA TRP B 107 33.37 -26.22 -42.74
C TRP B 107 33.85 -25.37 -43.89
N ASN B 108 33.58 -24.07 -43.79
CA ASN B 108 34.09 -23.11 -44.75
C ASN B 108 35.57 -23.00 -44.48
N SER B 109 36.38 -22.94 -45.52
CA SER B 109 37.82 -22.85 -45.34
C SER B 109 38.28 -21.62 -44.56
N SER B 110 37.46 -20.58 -44.49
CA SER B 110 37.81 -19.36 -43.76
C SER B 110 37.83 -19.60 -42.26
N TRP B 111 37.27 -20.73 -41.85
CA TRP B 111 37.18 -21.14 -40.47
C TRP B 111 38.15 -22.29 -40.14
N SER B 112 39.00 -22.67 -41.11
CA SER B 112 39.88 -23.84 -40.96
C SER B 112 41.35 -23.49 -40.85
N ASN B 113 41.65 -22.55 -39.97
CA ASN B 113 43.00 -22.08 -39.74
C ASN B 113 43.74 -22.82 -38.65
N ARG B 114 43.15 -23.88 -38.13
CA ARG B 114 43.74 -24.70 -37.09
C ARG B 114 43.55 -26.17 -37.37
N ASN B 115 44.45 -26.99 -36.84
CA ASN B 115 44.30 -28.43 -36.95
C ASN B 115 43.30 -28.93 -35.94
N LEU B 116 42.67 -30.06 -36.22
CA LEU B 116 41.78 -30.62 -35.23
C LEU B 116 42.49 -30.95 -33.93
N SER B 117 43.74 -31.38 -33.99
CA SER B 117 44.43 -31.74 -32.77
C SER B 117 44.66 -30.52 -31.93
N GLU B 118 44.90 -29.41 -32.58
CA GLU B 118 45.13 -28.17 -31.85
C GLU B 118 43.85 -27.77 -31.16
N ILE B 119 42.74 -27.87 -31.90
CA ILE B 119 41.45 -27.49 -31.38
C ILE B 119 41.04 -28.38 -30.23
N TRP B 120 41.12 -29.68 -30.40
CA TRP B 120 40.64 -30.56 -29.37
C TRP B 120 41.56 -30.80 -28.17
N ASP B 121 42.87 -30.80 -28.38
CA ASP B 121 43.75 -31.10 -27.28
C ASP B 121 44.31 -29.90 -26.55
N ASN B 122 44.53 -28.77 -27.24
CA ASN B 122 45.14 -27.62 -26.59
C ASN B 122 44.14 -26.54 -26.23
N MET B 123 43.18 -26.30 -27.11
CA MET B 123 42.25 -25.22 -26.87
C MET B 123 41.13 -25.58 -25.93
N THR B 124 40.67 -24.56 -25.23
CA THR B 124 39.55 -24.66 -24.35
C THR B 124 38.35 -24.14 -25.07
N TRP B 125 37.17 -24.36 -24.50
CA TRP B 125 35.94 -23.87 -25.06
C TRP B 125 35.84 -22.39 -24.85
N LEU B 126 36.61 -22.01 -23.83
CA LEU B 126 36.53 -20.64 -23.46
C LEU B 126 37.29 -19.98 -24.55
N GLN B 127 38.45 -20.57 -24.86
CA GLN B 127 39.38 -19.96 -25.80
C GLN B 127 38.86 -19.99 -27.22
N TRP B 128 38.30 -21.11 -27.64
CA TRP B 128 37.82 -21.28 -28.99
C TRP B 128 36.80 -20.23 -29.28
N ASP B 129 35.88 -20.10 -28.33
CA ASP B 129 34.76 -19.19 -28.29
C ASP B 129 35.11 -17.73 -28.37
N LYS B 130 36.38 -17.39 -28.22
CA LYS B 130 36.72 -16.00 -28.35
C LYS B 130 36.89 -15.64 -29.82
N GLU B 131 37.27 -16.62 -30.64
CA GLU B 131 37.56 -16.37 -32.05
C GLU B 131 36.47 -16.89 -32.96
N ILE B 132 35.94 -18.06 -32.62
CA ILE B 132 34.94 -18.74 -33.45
C ILE B 132 33.59 -18.04 -33.30
N SER B 133 33.57 -17.04 -32.43
CA SER B 133 32.45 -16.18 -32.09
C SER B 133 31.97 -15.42 -33.31
N ASN B 134 32.83 -15.27 -34.29
CA ASN B 134 32.40 -14.64 -35.50
C ASN B 134 31.64 -15.68 -36.30
N TYR B 135 30.80 -15.20 -37.20
CA TYR B 135 30.03 -16.07 -38.10
C TYR B 135 29.09 -17.01 -37.35
N THR B 136 28.58 -16.59 -36.20
CA THR B 136 27.66 -17.43 -35.45
C THR B 136 26.38 -17.75 -36.19
N GLN B 137 25.81 -16.73 -36.81
CA GLN B 137 24.53 -16.90 -37.47
C GLN B 137 24.68 -17.58 -38.80
N ILE B 138 25.92 -17.65 -39.29
CA ILE B 138 26.17 -18.28 -40.55
C ILE B 138 25.98 -19.74 -40.30
N ILE B 139 26.56 -20.18 -39.20
CA ILE B 139 26.44 -21.55 -38.84
C ILE B 139 25.00 -21.88 -38.57
N TYR B 140 24.33 -21.06 -37.80
CA TYR B 140 22.95 -21.39 -37.50
C TYR B 140 22.10 -21.48 -38.76
N GLY B 141 22.31 -20.56 -39.70
CA GLY B 141 21.58 -20.60 -40.95
C GLY B 141 21.83 -21.92 -41.67
N LEU B 142 23.10 -22.29 -41.77
CA LEU B 142 23.47 -23.51 -42.45
C LEU B 142 22.87 -24.73 -41.78
N LEU B 143 22.85 -24.74 -40.45
CA LEU B 143 22.32 -25.90 -39.76
C LEU B 143 20.84 -26.02 -40.00
N GLU B 144 20.13 -24.90 -39.93
CA GLU B 144 18.69 -24.95 -40.14
C GLU B 144 18.38 -25.45 -41.53
N GLU B 145 19.09 -24.93 -42.51
CA GLU B 145 18.83 -25.36 -43.85
C GLU B 145 19.21 -26.81 -44.14
N SER B 146 20.30 -27.35 -43.57
CA SER B 146 20.56 -28.73 -43.95
C SER B 146 19.42 -29.61 -43.44
N GLN B 147 18.83 -29.24 -42.30
CA GLN B 147 17.77 -30.03 -41.75
C GLN B 147 16.51 -29.89 -42.60
N ASN B 148 16.25 -28.70 -43.10
CA ASN B 148 15.06 -28.51 -43.93
C ASN B 148 15.09 -29.37 -45.17
N GLN B 149 16.28 -29.48 -45.75
CA GLN B 149 16.44 -30.29 -46.94
C GLN B 149 16.28 -31.75 -46.61
N GLN B 150 16.80 -32.16 -45.45
CA GLN B 150 16.68 -33.54 -45.07
C GLN B 150 15.23 -33.91 -44.95
N GLU B 151 14.46 -33.06 -44.31
CA GLU B 151 13.06 -33.35 -44.08
C GLU B 151 12.31 -33.48 -45.37
N LYS B 152 12.58 -32.63 -46.35
CA LYS B 152 11.91 -32.83 -47.60
C LYS B 152 12.31 -34.15 -48.23
N ASN B 153 13.60 -34.46 -48.17
CA ASN B 153 14.02 -35.72 -48.76
C ASN B 153 13.35 -36.89 -48.06
N GLU B 154 13.18 -36.80 -46.74
CA GLU B 154 12.51 -37.87 -46.03
C GLU B 154 11.07 -38.00 -46.44
N GLN B 155 10.37 -36.87 -46.63
CA GLN B 155 8.97 -36.96 -46.99
C GLN B 155 8.85 -37.56 -48.38
N ASP B 156 9.78 -37.22 -49.28
CA ASP B 156 9.69 -37.78 -50.60
C ASP B 156 9.90 -39.27 -50.52
N LEU B 157 10.86 -39.72 -49.72
CA LEU B 157 11.03 -41.16 -49.57
C LEU B 157 9.83 -41.80 -48.88
N LEU B 158 9.23 -41.13 -47.90
CA LEU B 158 8.06 -41.74 -47.26
C LEU B 158 6.92 -41.89 -48.26
N ALA B 159 6.80 -40.89 -49.16
CA ALA B 159 5.80 -40.88 -50.21
C ALA B 159 6.00 -42.00 -51.25
N LEU B 160 7.25 -42.23 -51.62
CA LEU B 160 7.65 -43.33 -52.49
C LEU B 160 7.52 -44.67 -51.80
N ASP B 161 7.80 -44.69 -50.50
CA ASP B 161 7.68 -45.86 -49.66
C ASP B 161 6.38 -45.85 -48.87
N GLN C 20 47.99 15.87 56.44
CA GLN C 20 47.20 14.76 55.94
C GLN C 20 45.78 15.20 55.68
N VAL C 21 44.95 14.27 55.24
CA VAL C 21 43.57 14.59 54.93
C VAL C 21 42.78 14.94 56.17
N GLN C 22 42.11 16.10 56.11
CA GLN C 22 41.31 16.56 57.21
C GLN C 22 39.88 16.73 56.74
N LEU C 23 38.97 16.47 57.65
CA LEU C 23 37.55 16.76 57.47
C LEU C 23 37.11 17.37 58.78
N VAL C 24 36.84 18.66 58.77
CA VAL C 24 36.56 19.37 60.01
C VAL C 24 35.14 19.85 60.11
N GLN C 25 34.46 19.42 61.16
CA GLN C 25 33.05 19.73 61.32
C GLN C 25 32.80 20.80 62.36
N SER C 26 31.55 21.21 62.44
CA SER C 26 31.10 22.22 63.37
C SER C 26 30.97 21.60 64.74
N GLY C 27 30.73 22.44 65.73
CA GLY C 27 30.57 21.93 67.07
C GLY C 27 29.15 21.40 67.18
N ALA C 28 28.73 21.09 68.41
CA ALA C 28 27.41 20.52 68.69
C ALA C 28 26.33 21.58 68.58
N GLU C 29 25.12 21.13 68.29
CA GLU C 29 23.95 22.01 68.24
C GLU C 29 22.66 21.32 68.68
N VAL C 30 21.75 22.11 69.24
CA VAL C 30 20.44 21.61 69.64
C VAL C 30 19.28 22.46 69.12
N LYS C 31 18.29 21.79 68.54
CA LYS C 31 17.13 22.45 67.95
C LYS C 31 15.77 22.01 68.48
N LYS C 32 14.80 22.88 68.28
CA LYS C 32 13.44 22.59 68.68
C LYS C 32 12.78 21.77 67.58
N PRO C 33 11.79 20.94 67.86
CA PRO C 33 11.10 20.16 66.87
C PRO C 33 10.54 21.06 65.79
N GLY C 34 10.68 20.62 64.55
CA GLY C 34 10.19 21.33 63.37
C GLY C 34 11.23 22.26 62.78
N ALA C 35 12.30 22.50 63.51
CA ALA C 35 13.37 23.39 63.11
C ALA C 35 14.27 22.79 62.06
N SER C 36 15.18 23.61 61.56
CA SER C 36 16.16 23.11 60.63
C SER C 36 17.55 23.40 61.13
N VAL C 37 18.51 22.56 60.73
CA VAL C 37 19.90 22.77 61.09
C VAL C 37 20.86 22.62 59.92
N LYS C 38 21.86 23.47 59.87
CA LYS C 38 22.90 23.31 58.88
C LYS C 38 24.03 22.53 59.51
N VAL C 39 24.48 21.52 58.83
CA VAL C 39 25.60 20.70 59.23
C VAL C 39 26.67 20.83 58.16
N SER C 40 27.90 21.06 58.55
CA SER C 40 28.90 21.28 57.52
C SER C 40 30.29 20.80 57.88
N CYS C 41 31.14 20.77 56.86
CA CYS C 41 32.51 20.36 57.06
C CYS C 41 33.47 20.96 56.05
N LYS C 42 34.64 21.28 56.52
CA LYS C 42 35.70 21.79 55.69
C LYS C 42 36.73 20.74 55.33
N ALA C 43 37.06 20.67 54.06
CA ALA C 43 38.04 19.74 53.58
C ALA C 43 39.40 20.40 53.54
N SER C 44 40.42 19.69 54.00
CA SER C 44 41.77 20.22 53.93
C SER C 44 42.84 19.14 53.87
N GLY C 45 43.98 19.48 53.27
CA GLY C 45 45.11 18.55 53.19
C GLY C 45 45.16 17.76 51.88
N TYR C 46 44.13 17.92 51.08
CA TYR C 46 44.00 17.25 49.80
C TYR C 46 43.03 18.08 48.99
N THR C 47 42.86 17.77 47.72
CA THR C 47 41.89 18.53 46.98
C THR C 47 40.56 17.80 46.90
N PHE C 48 39.58 18.40 47.54
CA PHE C 48 38.22 17.93 47.66
C PHE C 48 37.48 17.82 46.35
N THR C 49 37.95 18.53 45.33
CA THR C 49 37.28 18.52 44.05
C THR C 49 37.43 17.19 43.35
N ASP C 50 38.31 16.34 43.84
CA ASP C 50 38.53 15.08 43.17
C ASP C 50 37.75 13.94 43.76
N TYR C 51 36.95 14.17 44.80
CA TYR C 51 36.28 13.07 45.46
C TYR C 51 34.81 13.32 45.74
N TYR C 52 34.04 12.26 45.89
CA TYR C 52 32.67 12.46 46.38
C TYR C 52 32.63 12.62 47.88
N ILE C 53 31.68 13.42 48.36
CA ILE C 53 31.46 13.49 49.80
C ILE C 53 30.17 12.85 50.18
N HIS C 54 30.21 11.90 51.11
CA HIS C 54 29.02 11.21 51.60
C HIS C 54 28.75 11.56 53.03
N TRP C 55 27.51 11.37 53.47
CA TRP C 55 27.19 11.69 54.85
C TRP C 55 26.51 10.56 55.57
N VAL C 56 26.82 10.40 56.85
CA VAL C 56 26.15 9.38 57.63
C VAL C 56 25.64 9.86 58.96
N ARG C 57 24.75 9.08 59.56
CA ARG C 57 24.28 9.40 60.90
C ARG C 57 24.49 8.24 61.81
N GLN C 58 24.81 8.51 63.07
CA GLN C 58 24.78 7.43 64.04
C GLN C 58 24.13 7.86 65.33
N ALA C 59 22.94 7.35 65.55
CA ALA C 59 22.20 7.64 66.77
C ALA C 59 22.97 6.95 67.89
N PRO C 60 22.94 7.44 69.11
CA PRO C 60 23.70 6.91 70.23
C PRO C 60 23.16 5.60 70.78
N GLY C 61 23.26 4.55 69.97
CA GLY C 61 22.82 3.23 70.34
C GLY C 61 22.56 2.43 69.10
N GLN C 62 22.78 3.08 67.97
CA GLN C 62 22.52 2.49 66.66
C GLN C 62 23.75 2.35 65.78
N GLY C 63 23.53 1.80 64.58
CA GLY C 63 24.56 1.68 63.55
C GLY C 63 24.48 2.94 62.71
N LEU C 64 24.95 2.92 61.48
CA LEU C 64 24.93 4.14 60.70
C LEU C 64 23.88 4.17 59.63
N GLU C 65 23.35 5.34 59.40
CA GLU C 65 22.42 5.56 58.32
C GLU C 65 23.12 6.31 57.24
N TRP C 66 22.78 6.03 56.00
CA TRP C 66 23.46 6.67 54.90
C TRP C 66 22.67 7.69 54.14
N MET C 67 23.35 8.79 53.85
CA MET C 67 22.80 9.86 53.07
C MET C 67 23.72 9.97 51.88
N GLY C 68 23.19 10.36 50.76
CA GLY C 68 24.03 10.31 49.61
C GLY C 68 25.00 11.39 49.45
N TRP C 69 25.80 11.06 48.45
CA TRP C 69 27.00 11.74 47.90
C TRP C 69 26.66 13.06 47.23
N ILE C 70 27.51 14.07 47.38
CA ILE C 70 27.40 15.37 46.65
C ILE C 70 28.65 15.42 45.80
N ASN C 71 28.55 15.57 44.48
CA ASN C 71 29.75 15.70 43.62
C ASN C 71 30.19 17.17 43.76
N PRO C 72 31.32 17.47 44.42
CA PRO C 72 31.66 18.87 44.69
C PRO C 72 31.67 19.78 43.44
N ASN C 73 32.11 19.26 42.30
CA ASN C 73 32.25 20.06 41.04
C ASN C 73 30.87 20.36 40.43
N SER C 74 30.02 19.34 40.25
CA SER C 74 28.69 19.46 39.58
C SER C 74 27.64 20.08 40.51
N GLY C 75 27.70 19.75 41.80
CA GLY C 75 26.71 20.17 42.82
C GLY C 75 25.44 19.35 42.79
N ARG C 76 25.50 18.30 41.94
CA ARG C 76 24.48 17.25 41.74
C ARG C 76 24.44 16.33 42.96
N THR C 77 23.28 15.79 43.32
CA THR C 77 23.33 14.77 44.40
C THR C 77 22.21 13.74 44.19
N ASN C 78 22.28 12.63 44.93
CA ASN C 78 21.20 11.62 45.06
C ASN C 78 20.83 11.49 46.55
N SER C 79 19.54 11.62 46.90
CA SER C 79 19.03 11.56 48.30
C SER C 79 18.68 10.10 48.62
N ALA C 80 19.05 9.67 49.82
CA ALA C 80 18.82 8.32 50.36
C ALA C 80 17.33 8.09 50.61
N GLN C 81 16.90 6.82 50.56
CA GLN C 81 15.47 6.45 50.82
C GLN C 81 15.16 6.80 52.29
N LYS C 82 13.93 7.27 52.56
CA LYS C 82 13.29 7.74 53.85
C LYS C 82 13.61 9.22 54.12
N PHE C 83 14.25 9.93 53.17
CA PHE C 83 14.54 11.38 53.28
C PHE C 83 13.67 12.12 52.26
N GLN C 84 13.81 11.80 50.97
CA GLN C 84 12.93 12.30 49.88
C GLN C 84 12.78 13.82 49.96
N ASP C 85 13.92 14.53 50.01
CA ASP C 85 14.07 16.00 50.11
C ASP C 85 13.76 16.54 51.52
N ARG C 86 13.59 15.67 52.51
CA ARG C 86 13.48 16.08 53.93
C ARG C 86 14.80 16.77 54.31
N VAL C 87 15.90 16.29 53.74
CA VAL C 87 17.28 16.86 53.83
C VAL C 87 17.73 17.23 52.41
N THR C 88 18.34 18.38 52.19
CA THR C 88 18.98 18.77 50.91
C THR C 88 20.44 19.14 51.17
N MET C 89 21.28 19.04 50.14
CA MET C 89 22.71 19.25 50.29
C MET C 89 23.24 20.25 49.29
N THR C 90 24.18 21.05 49.75
CA THR C 90 24.78 22.10 48.93
C THR C 90 26.27 22.11 49.15
N ARG C 91 26.97 22.88 48.35
CA ARG C 91 28.42 22.98 48.49
C ARG C 91 28.93 24.35 48.12
N ASP C 92 30.10 24.69 48.62
CA ASP C 92 30.79 25.90 48.21
C ASP C 92 32.25 25.61 48.00
N THR C 93 32.63 25.53 46.73
CA THR C 93 33.95 25.11 46.37
C THR C 93 35.02 26.11 46.73
N SER C 94 34.66 27.37 46.87
CA SER C 94 35.66 28.39 47.11
C SER C 94 36.24 28.32 48.52
N ILE C 95 35.56 27.61 49.39
CA ILE C 95 36.00 27.46 50.75
C ILE C 95 36.10 26.00 51.15
N THR C 96 36.17 25.11 50.16
CA THR C 96 36.24 23.67 50.41
C THR C 96 35.18 23.23 51.41
N THR C 97 33.94 23.69 51.27
CA THR C 97 32.95 23.32 52.28
C THR C 97 31.71 22.63 51.75
N ALA C 98 31.38 21.54 52.42
CA ALA C 98 30.18 20.77 52.17
C ALA C 98 29.16 21.03 53.27
N SER C 99 27.89 21.10 52.89
CA SER C 99 26.83 21.31 53.86
C SER C 99 25.58 20.49 53.63
N MET C 100 24.87 20.26 54.71
CA MET C 100 23.58 19.64 54.63
C MET C 100 22.58 20.60 55.25
N GLU C 101 21.41 20.68 54.67
CA GLU C 101 20.32 21.45 55.23
C GLU C 101 19.24 20.51 55.64
N LEU C 102 19.12 20.31 56.94
CA LEU C 102 18.20 19.32 57.48
C LEU C 102 16.94 19.95 58.01
N SER C 103 15.81 19.72 57.35
CA SER C 103 14.56 20.31 57.81
C SER C 103 13.75 19.26 58.51
N ARG C 104 12.72 19.68 59.24
CA ARG C 104 11.56 19.46 60.08
C ARG C 104 11.98 18.44 61.09
N LEU C 105 13.02 18.79 61.82
CA LEU C 105 13.65 17.89 62.77
C LEU C 105 12.72 17.28 63.79
N THR C 106 12.82 15.97 63.97
CA THR C 106 12.03 15.27 64.96
C THR C 106 12.94 14.71 66.04
N SER C 107 12.40 14.25 67.16
CA SER C 107 13.29 13.74 68.22
C SER C 107 14.10 12.54 67.72
N ASP C 108 13.54 11.87 66.72
CA ASP C 108 14.11 10.70 66.05
C ASP C 108 15.41 11.01 65.33
N ASP C 109 15.67 12.29 65.09
CA ASP C 109 16.81 12.71 64.32
C ASP C 109 18.06 12.93 65.19
N THR C 110 17.96 12.71 66.50
CA THR C 110 19.14 12.87 67.33
C THR C 110 20.18 11.83 66.93
N ALA C 111 21.39 12.30 66.60
CA ALA C 111 22.48 11.42 66.15
C ALA C 111 23.76 12.19 65.98
N VAL C 112 24.84 11.46 65.81
CA VAL C 112 26.05 12.14 65.40
C VAL C 112 26.14 12.09 63.89
N TYR C 113 26.35 13.24 63.31
CA TYR C 113 26.46 13.38 61.87
C TYR C 113 27.91 13.40 61.46
N TYR C 114 28.23 12.61 60.45
CA TYR C 114 29.60 12.64 59.95
C TYR C 114 29.75 12.90 58.49
N CYS C 115 30.79 13.65 58.23
CA CYS C 115 31.28 13.97 56.90
C CYS C 115 32.39 12.99 56.52
N ALA C 116 32.29 12.30 55.36
CA ALA C 116 33.41 11.40 54.98
C ALA C 116 33.71 11.44 53.48
N ARG C 117 34.98 11.20 53.13
CA ARG C 117 35.47 11.21 51.73
C ARG C 117 35.19 9.85 51.06
N GLY C 118 34.57 9.82 49.87
CA GLY C 118 34.28 8.61 49.09
C GLY C 118 35.36 8.35 48.06
N GLY C 119 35.03 7.62 46.99
CA GLY C 119 35.99 7.20 45.94
C GLY C 119 36.40 8.38 45.07
N TRP C 120 37.32 8.11 44.15
CA TRP C 120 37.85 9.12 43.21
C TRP C 120 36.76 9.36 42.22
N ILE C 121 36.78 10.57 41.69
CA ILE C 121 35.81 10.87 40.61
C ILE C 121 36.54 11.11 39.30
N SER C 122 35.96 10.67 38.19
CA SER C 122 36.52 10.86 36.83
C SER C 122 35.37 11.17 35.88
N LEU C 123 35.65 11.86 34.78
CA LEU C 123 34.60 12.15 33.76
C LEU C 123 34.14 10.86 33.06
N TYR C 124 34.95 9.85 32.73
CA TYR C 124 34.43 8.70 31.88
C TYR C 124 33.76 7.51 32.57
N TYR C 125 33.96 7.30 33.87
CA TYR C 125 33.14 6.20 34.43
C TYR C 125 32.48 6.62 35.75
N ASP C 126 31.26 6.15 36.01
CA ASP C 126 30.54 6.46 37.27
C ASP C 126 31.17 5.69 38.43
N SER C 127 31.48 6.39 39.52
CA SER C 127 32.03 5.77 40.77
C SER C 127 31.45 6.56 41.94
N SER C 128 30.13 6.48 42.12
CA SER C 128 29.37 7.24 43.15
C SER C 128 28.84 6.30 44.24
N GLY C 129 28.47 5.08 43.85
CA GLY C 129 28.00 4.01 44.74
C GLY C 129 29.09 3.37 45.58
N TYR C 130 30.37 3.58 45.25
CA TYR C 130 31.51 2.87 45.88
C TYR C 130 31.54 3.14 47.39
N PRO C 131 31.42 2.11 48.24
CA PRO C 131 31.45 2.29 49.69
C PRO C 131 32.90 2.30 50.19
N ASN C 132 33.66 3.33 49.80
CA ASN C 132 35.05 3.41 50.19
C ASN C 132 35.40 4.67 50.91
N PHE C 133 34.99 4.71 52.18
CA PHE C 133 35.09 5.88 53.10
C PHE C 133 36.40 5.86 53.87
N ASN C 134 37.50 6.27 53.23
CA ASN C 134 38.84 6.20 53.87
C ASN C 134 38.97 7.30 54.95
N TYR C 135 38.53 8.51 54.66
CA TYR C 135 38.71 9.65 55.60
C TYR C 135 37.37 10.16 56.15
N TRP C 136 37.34 10.34 57.47
CA TRP C 136 36.18 10.77 58.22
C TRP C 136 36.46 12.00 59.02
N GLY C 137 35.44 12.81 59.22
CA GLY C 137 35.56 13.93 60.13
C GLY C 137 35.29 13.51 61.54
N GLN C 138 35.30 14.49 62.41
CA GLN C 138 35.12 14.33 63.83
C GLN C 138 33.72 13.91 64.26
N GLY C 139 32.70 14.17 63.43
CA GLY C 139 31.34 13.90 63.79
C GLY C 139 30.72 15.10 64.47
N SER C 140 29.42 15.28 64.36
CA SER C 140 28.82 16.37 65.09
C SER C 140 27.50 15.99 65.68
N ARG C 141 27.25 16.48 66.87
CA ARG C 141 26.00 16.19 67.51
C ARG C 141 24.85 17.04 67.07
N VAL C 142 23.80 16.36 66.65
CA VAL C 142 22.57 17.03 66.37
C VAL C 142 21.54 16.44 67.31
N THR C 143 21.04 17.30 68.17
CA THR C 143 20.01 16.92 69.12
C THR C 143 18.72 17.60 68.83
N VAL C 144 17.64 16.87 68.87
CA VAL C 144 16.37 17.50 68.63
C VAL C 144 15.62 17.35 69.92
N SER C 145 15.22 18.48 70.47
CA SER C 145 14.58 18.50 71.78
C SER C 145 13.16 18.97 71.68
N GLN D 20 14.87 -3.95 51.21
CA GLN D 20 15.67 -2.73 51.21
C GLN D 20 16.26 -2.50 52.60
N SER D 21 16.23 -3.56 53.39
CA SER D 21 16.66 -3.54 54.77
C SER D 21 18.19 -3.55 54.93
N ALA D 22 18.61 -3.26 56.15
CA ALA D 22 20.02 -3.26 56.53
C ALA D 22 20.59 -4.66 56.46
N LEU D 23 21.88 -4.77 56.21
CA LEU D 23 22.48 -6.11 56.15
C LEU D 23 22.31 -6.73 57.51
N THR D 24 21.89 -7.97 57.55
CA THR D 24 21.74 -8.62 58.83
C THR D 24 23.06 -9.15 59.31
N GLN D 25 23.35 -8.86 60.57
CA GLN D 25 24.58 -9.24 61.21
C GLN D 25 24.27 -9.84 62.57
N PRO D 26 25.12 -10.72 63.13
CA PRO D 26 25.00 -11.24 64.48
C PRO D 26 25.07 -10.09 65.43
N ALA D 27 24.34 -10.12 66.54
CA ALA D 27 24.42 -8.99 67.47
C ALA D 27 25.84 -8.83 67.97
N SER D 28 26.46 -9.97 68.30
CA SER D 28 27.80 -10.04 68.81
C SER D 28 28.39 -11.42 68.62
N VAL D 29 29.71 -11.44 68.58
CA VAL D 29 30.48 -12.68 68.51
C VAL D 29 31.65 -12.58 69.48
N SER D 30 32.29 -13.71 69.81
CA SER D 30 33.43 -13.69 70.72
C SER D 30 34.35 -14.90 70.53
N GLY D 31 35.51 -14.86 71.16
CA GLY D 31 36.43 -16.00 71.15
C GLY D 31 37.69 -15.76 72.00
N SER D 32 38.50 -16.80 72.09
CA SER D 32 39.71 -16.81 72.89
C SER D 32 40.78 -15.96 72.25
N PRO D 33 41.75 -15.43 73.00
CA PRO D 33 42.91 -14.76 72.46
C PRO D 33 43.56 -15.69 71.46
N GLY D 34 43.94 -15.15 70.31
CA GLY D 34 44.55 -15.92 69.24
C GLY D 34 43.55 -16.57 68.28
N GLN D 35 42.28 -16.63 68.65
CA GLN D 35 41.21 -17.27 67.90
C GLN D 35 40.79 -16.54 66.63
N SER D 36 40.50 -17.30 65.56
CA SER D 36 39.96 -16.69 64.37
C SER D 36 38.46 -16.52 64.48
N ILE D 37 38.02 -15.29 64.27
CA ILE D 37 36.62 -14.95 64.30
C ILE D 37 36.12 -14.55 62.95
N THR D 38 35.01 -15.13 62.54
CA THR D 38 34.46 -14.72 61.28
C THR D 38 33.14 -14.03 61.55
N ILE D 39 32.93 -12.90 60.89
CA ILE D 39 31.69 -12.15 61.03
C ILE D 39 30.95 -12.15 59.74
N SER D 40 29.70 -12.58 59.76
CA SER D 40 28.93 -12.62 58.54
C SER D 40 27.90 -11.51 58.45
N CYS D 41 27.61 -11.14 57.21
CA CYS D 41 26.60 -10.18 56.85
C CYS D 41 25.67 -10.74 55.79
N THR D 42 24.36 -10.58 55.93
CA THR D 42 23.50 -11.08 54.87
C THR D 42 22.58 -10.03 54.25
N GLY D 43 22.37 -10.21 52.95
CA GLY D 43 21.48 -9.39 52.15
C GLY D 43 20.72 -10.27 51.17
N THR D 44 20.54 -9.68 49.99
CA THR D 44 19.81 -10.23 48.81
C THR D 44 20.69 -10.19 47.55
N SER D 45 20.38 -11.09 46.60
CA SER D 45 21.06 -11.25 45.29
C SER D 45 21.09 -9.92 44.51
N TYR D 46 20.04 -9.10 44.62
CA TYR D 46 20.08 -7.78 43.95
C TYR D 46 21.22 -6.96 44.55
N ASP D 47 21.37 -7.04 45.87
CA ASP D 47 22.42 -6.29 46.61
C ASP D 47 23.81 -6.88 46.33
N VAL D 48 23.98 -8.21 46.25
CA VAL D 48 25.36 -8.64 46.11
C VAL D 48 25.71 -9.32 44.80
N GLY D 49 24.81 -10.12 44.23
CA GLY D 49 25.20 -10.98 43.15
C GLY D 49 25.66 -10.05 42.07
N THR D 50 24.89 -8.98 41.93
CA THR D 50 25.22 -7.95 40.98
C THR D 50 26.49 -7.18 41.32
N TYR D 51 26.84 -7.04 42.60
CA TYR D 51 28.00 -6.23 42.85
C TYR D 51 29.12 -6.80 43.72
N ASN D 52 30.33 -6.38 43.38
CA ASN D 52 31.51 -6.64 44.20
C ASN D 52 31.81 -5.42 45.07
N LEU D 53 30.82 -4.56 45.17
CA LEU D 53 30.89 -3.29 45.86
C LEU D 53 30.63 -3.48 47.33
N VAL D 54 31.58 -4.15 47.95
CA VAL D 54 31.50 -4.54 49.35
C VAL D 54 32.67 -4.05 50.17
N SER D 55 32.36 -3.51 51.34
CA SER D 55 33.41 -3.11 52.26
C SER D 55 33.05 -3.30 53.73
N TRP D 56 34.09 -3.31 54.55
CA TRP D 56 33.97 -3.45 56.00
C TRP D 56 34.65 -2.35 56.76
N TYR D 57 34.03 -2.01 57.87
CA TYR D 57 34.51 -0.97 58.78
C TYR D 57 34.52 -1.42 60.21
N GLN D 58 35.36 -0.80 61.03
CA GLN D 58 35.24 -1.06 62.46
C GLN D 58 35.39 0.21 63.26
N GLN D 59 34.78 0.26 64.44
CA GLN D 59 34.99 1.44 65.25
C GLN D 59 35.08 1.22 66.73
N HIS D 60 36.05 1.87 67.32
CA HIS D 60 36.16 1.87 68.74
C HIS D 60 35.06 2.79 69.20
N PRO D 61 34.31 2.48 70.25
CA PRO D 61 33.27 3.34 70.73
C PRO D 61 33.85 4.73 70.97
N GLY D 62 33.11 5.74 70.53
CA GLY D 62 33.53 7.13 70.70
C GLY D 62 34.34 7.67 69.52
N LYS D 63 34.71 6.81 68.59
CA LYS D 63 35.51 7.22 67.44
C LYS D 63 34.83 6.98 66.11
N ALA D 64 35.21 7.76 65.10
CA ALA D 64 34.74 7.50 63.74
C ALA D 64 35.34 6.17 63.32
N PRO D 65 34.70 5.39 62.46
CA PRO D 65 35.18 4.12 61.96
C PRO D 65 36.35 4.14 61.01
N LYS D 66 37.12 3.06 61.07
CA LYS D 66 38.25 2.79 60.20
C LYS D 66 37.81 1.85 59.10
N LEU D 67 38.28 2.08 57.88
CA LEU D 67 37.95 1.17 56.80
C LEU D 67 38.88 -0.01 56.90
N MET D 68 38.32 -1.21 56.99
CA MET D 68 39.12 -2.40 57.14
C MET D 68 39.30 -3.20 55.86
N ILE D 69 38.26 -3.24 55.04
CA ILE D 69 38.32 -4.01 53.80
C ILE D 69 37.73 -3.31 52.60
N TYR D 70 38.42 -3.38 51.48
CA TYR D 70 37.95 -2.84 50.22
C TYR D 70 37.65 -3.99 49.28
N GLU D 71 36.72 -3.80 48.35
CA GLU D 71 36.48 -4.76 47.24
C GLU D 71 36.33 -6.21 47.73
N VAL D 72 35.52 -6.40 48.76
CA VAL D 72 35.19 -7.69 49.39
C VAL D 72 36.25 -8.21 50.35
N SER D 73 37.51 -8.29 49.92
CA SER D 73 38.56 -8.90 50.74
C SER D 73 39.93 -8.20 50.73
N LYS D 74 40.04 -7.01 50.16
CA LYS D 74 41.33 -6.34 50.05
C LYS D 74 41.69 -5.50 51.26
N ARG D 75 42.86 -5.72 51.82
CA ARG D 75 43.27 -4.91 52.96
C ARG D 75 43.70 -3.51 52.50
N PRO D 76 43.22 -2.45 53.14
CA PRO D 76 43.67 -1.09 53.02
C PRO D 76 45.05 -0.94 53.57
N SER D 77 45.78 0.04 53.11
CA SER D 77 47.03 0.31 53.74
C SER D 77 46.71 0.66 55.19
N GLY D 78 47.50 0.18 56.13
CA GLY D 78 47.25 0.44 57.54
C GLY D 78 46.49 -0.71 58.22
N VAL D 79 45.99 -1.65 57.42
CA VAL D 79 45.32 -2.83 57.93
C VAL D 79 46.24 -4.04 57.77
N SER D 80 46.51 -4.69 58.89
CA SER D 80 47.48 -5.77 58.96
C SER D 80 46.98 -7.08 58.40
N PHE D 81 47.91 -8.00 58.21
CA PHE D 81 47.65 -9.31 57.65
C PHE D 81 47.05 -10.31 58.63
N ARG D 82 45.92 -9.91 59.18
CA ARG D 82 45.17 -10.60 60.18
C ARG D 82 43.80 -10.61 59.62
N PHE D 83 43.57 -9.57 58.84
CA PHE D 83 42.27 -9.33 58.30
C PHE D 83 42.15 -9.82 56.86
N SER D 84 41.08 -10.54 56.60
CA SER D 84 40.76 -11.04 55.28
C SER D 84 39.27 -11.12 55.09
N GLY D 85 38.83 -11.82 54.06
CA GLY D 85 37.41 -11.87 53.78
C GLY D 85 37.05 -12.53 52.45
N SER D 86 35.76 -12.67 52.23
CA SER D 86 35.19 -13.25 51.02
C SER D 86 33.71 -12.95 50.89
N LYS D 87 33.17 -13.26 49.71
CA LYS D 87 31.72 -13.17 49.49
C LYS D 87 31.23 -14.46 48.89
N SER D 88 29.99 -14.80 49.16
CA SER D 88 29.37 -15.99 48.62
C SER D 88 27.86 -15.92 48.69
N GLY D 89 27.22 -16.17 47.58
CA GLY D 89 25.76 -16.18 47.58
C GLY D 89 25.27 -14.83 48.01
N ASN D 90 24.37 -14.81 49.01
CA ASN D 90 23.78 -13.58 49.53
C ASN D 90 24.48 -13.06 50.77
N THR D 91 25.64 -13.62 51.06
CA THR D 91 26.36 -13.15 52.22
C THR D 91 27.80 -12.85 51.95
N ALA D 92 28.45 -12.33 52.97
CA ALA D 92 29.86 -12.06 52.95
C ALA D 92 30.41 -12.11 54.34
N SER D 93 31.72 -12.29 54.44
CA SER D 93 32.31 -12.33 55.75
C SER D 93 33.72 -11.79 55.86
N LEU D 94 34.02 -11.38 57.09
CA LEU D 94 35.30 -10.87 57.50
C LEU D 94 35.98 -11.93 58.31
N THR D 95 37.27 -12.14 58.10
CA THR D 95 38.00 -13.06 58.96
C THR D 95 39.05 -12.32 59.73
N ILE D 96 39.04 -12.49 61.05
CA ILE D 96 40.03 -11.84 61.89
C ILE D 96 40.88 -12.88 62.59
N SER D 97 42.09 -13.11 62.12
CA SER D 97 42.94 -14.08 62.78
C SER D 97 43.61 -13.41 63.96
N GLY D 98 44.13 -14.19 64.90
CA GLY D 98 44.87 -13.57 65.98
C GLY D 98 44.07 -12.71 66.95
N LEU D 99 42.84 -13.05 67.31
CA LEU D 99 42.05 -12.20 68.21
C LEU D 99 42.84 -11.57 69.36
N GLN D 100 42.67 -10.25 69.45
CA GLN D 100 43.28 -9.39 70.45
C GLN D 100 42.22 -8.77 71.37
N ALA D 101 42.62 -8.38 72.58
CA ALA D 101 41.69 -7.65 73.46
C ALA D 101 41.27 -6.35 72.78
N GLU D 102 42.20 -5.80 72.04
CA GLU D 102 42.07 -4.57 71.28
C GLU D 102 41.03 -4.63 70.17
N ASP D 103 40.47 -5.82 69.89
CA ASP D 103 39.50 -5.94 68.83
C ASP D 103 38.11 -5.60 69.35
N ALA D 104 38.00 -5.27 70.63
CA ALA D 104 36.68 -4.94 71.15
C ALA D 104 36.25 -3.60 70.58
N ALA D 105 35.60 -3.71 69.44
CA ALA D 105 35.08 -2.64 68.62
C ALA D 105 33.89 -3.15 67.84
N ASP D 106 33.05 -2.24 67.36
CA ASP D 106 31.92 -2.69 66.58
C ASP D 106 32.42 -2.93 65.18
N TYR D 107 31.87 -3.90 64.50
CA TYR D 107 32.23 -4.14 63.12
C TYR D 107 31.00 -4.00 62.25
N TYR D 108 31.17 -3.39 61.09
CA TYR D 108 30.05 -3.22 60.19
C TYR D 108 30.33 -3.55 58.76
N CYS D 109 29.31 -4.06 58.10
CA CYS D 109 29.35 -4.20 56.67
C CYS D 109 28.63 -3.07 56.02
N CYS D 110 28.98 -2.82 54.78
CA CYS D 110 28.15 -1.99 53.93
C CYS D 110 28.41 -2.37 52.48
N SER D 111 27.47 -2.04 51.62
CA SER D 111 27.56 -2.44 50.23
C SER D 111 26.70 -1.61 49.30
N TYR D 112 26.99 -1.67 48.02
CA TYR D 112 26.20 -0.92 47.06
C TYR D 112 24.78 -1.45 46.97
N ALA D 113 23.80 -0.56 47.11
CA ALA D 113 22.38 -0.98 47.10
C ALA D 113 21.87 -1.08 45.67
N GLY D 114 22.63 -0.54 44.71
CA GLY D 114 22.12 -0.29 43.35
C GLY D 114 21.48 1.08 43.24
N SER D 115 21.27 1.57 42.01
CA SER D 115 20.64 2.90 41.80
C SER D 115 21.40 4.01 42.52
N ALA D 116 22.74 3.95 42.53
CA ALA D 116 23.60 4.99 43.11
C ALA D 116 23.24 5.29 44.58
N THR D 117 22.89 4.25 45.34
CA THR D 117 22.62 4.41 46.80
C THR D 117 23.41 3.34 47.56
N VAL D 118 23.62 3.52 48.87
CA VAL D 118 24.49 2.55 49.60
C VAL D 118 23.80 1.99 50.86
N ILE D 119 23.90 0.66 51.03
CA ILE D 119 23.35 -0.06 52.14
C ILE D 119 24.35 0.04 53.25
N PHE D 120 23.90 0.42 54.42
CA PHE D 120 24.80 0.30 55.55
C PHE D 120 24.26 -0.87 56.37
N GLY D 121 25.13 -1.73 56.89
CA GLY D 121 24.67 -2.89 57.64
C GLY D 121 24.28 -2.63 59.08
N GLY D 122 23.59 -3.59 59.67
CA GLY D 122 23.19 -3.54 61.06
C GLY D 122 24.35 -3.53 62.05
N GLY D 123 25.44 -4.19 61.70
CA GLY D 123 26.63 -4.22 62.54
C GLY D 123 26.63 -5.38 63.50
N SER D 124 27.80 -5.71 63.99
CA SER D 124 27.92 -6.73 65.03
C SER D 124 28.99 -6.31 66.02
N LYS D 125 28.80 -6.65 67.28
CA LYS D 125 29.77 -6.23 68.28
C LYS D 125 30.84 -7.25 68.54
N MET D 126 32.09 -6.85 68.56
CA MET D 126 33.09 -7.79 69.03
C MET D 126 33.13 -7.67 70.51
N THR D 127 33.17 -8.81 71.17
CA THR D 127 33.49 -8.89 72.57
C THR D 127 34.63 -9.86 72.64
N VAL D 128 35.35 -9.90 73.75
CA VAL D 128 36.48 -10.80 73.79
C VAL D 128 36.48 -11.64 75.03
N LEU D 129 37.16 -12.78 74.98
CA LEU D 129 37.28 -13.59 76.16
C LEU D 129 38.65 -13.38 76.74
N ALA E 9 10.26 -10.90 -49.70
CA ALA E 9 10.36 -9.48 -49.96
C ALA E 9 10.62 -8.59 -48.70
N VAL E 10 10.20 -8.86 -47.44
CA VAL E 10 9.44 -9.93 -46.72
C VAL E 10 10.35 -11.15 -46.37
N GLY E 11 10.26 -12.24 -47.14
CA GLY E 11 11.05 -13.43 -46.91
C GLY E 11 10.61 -14.12 -45.63
N ILE E 12 11.38 -15.13 -45.21
CA ILE E 12 11.07 -15.87 -44.00
C ILE E 12 11.05 -14.99 -42.77
N GLY E 13 11.98 -14.06 -42.68
CA GLY E 13 11.99 -13.24 -41.49
C GLY E 13 10.62 -12.59 -41.31
N ALA E 14 10.18 -11.77 -42.26
CA ALA E 14 8.88 -11.18 -42.04
C ALA E 14 7.73 -12.21 -41.93
N VAL E 15 7.78 -13.28 -42.71
CA VAL E 15 6.69 -14.24 -42.77
C VAL E 15 6.47 -15.00 -41.47
N PHE E 16 7.58 -15.50 -40.89
CA PHE E 16 7.56 -16.30 -39.68
C PHE E 16 8.27 -15.74 -38.44
N LEU E 17 9.20 -14.78 -38.58
CA LEU E 17 9.71 -14.10 -37.36
C LEU E 17 8.50 -13.26 -36.95
N GLY E 18 7.90 -12.67 -37.98
CA GLY E 18 6.67 -11.90 -37.88
C GLY E 18 5.66 -13.00 -38.04
N PHE E 19 4.37 -12.76 -38.19
CA PHE E 19 3.54 -13.95 -38.26
C PHE E 19 2.55 -13.96 -39.40
N LEU E 20 2.34 -15.23 -39.73
CA LEU E 20 1.25 -15.61 -40.64
C LEU E 20 1.50 -15.21 -42.11
N GLY E 21 2.71 -14.82 -42.45
CA GLY E 21 2.97 -14.31 -43.80
C GLY E 21 2.59 -15.28 -44.92
N ALA E 22 2.75 -16.57 -44.68
CA ALA E 22 2.41 -17.59 -45.65
C ALA E 22 0.95 -17.90 -45.67
N ALA E 23 0.17 -17.27 -44.82
CA ALA E 23 -1.21 -17.65 -44.72
C ALA E 23 -1.87 -17.56 -46.09
N GLY E 24 -1.47 -16.60 -46.93
CA GLY E 24 -2.09 -16.44 -48.25
C GLY E 24 -1.38 -17.21 -49.39
N SER E 25 -0.29 -17.93 -49.09
CA SER E 25 0.59 -18.54 -50.12
C SER E 25 0.26 -20.00 -50.49
N THR E 26 -0.85 -20.48 -49.97
CA THR E 26 -1.42 -21.83 -50.07
C THR E 26 -0.55 -22.82 -49.30
N MET E 27 -1.17 -23.86 -48.78
CA MET E 27 -0.44 -24.74 -47.87
C MET E 27 0.74 -25.49 -48.42
N GLY E 28 0.81 -25.76 -49.71
CA GLY E 28 2.00 -26.39 -50.25
C GLY E 28 3.26 -25.56 -49.97
N ALA E 29 3.12 -24.24 -49.87
CA ALA E 29 4.23 -23.34 -49.62
C ALA E 29 4.89 -23.63 -48.28
N ALA E 30 4.07 -24.06 -47.34
CA ALA E 30 4.42 -24.29 -45.95
C ALA E 30 5.45 -25.38 -45.81
N SER E 31 5.50 -26.29 -46.77
CA SER E 31 6.37 -27.43 -46.69
C SER E 31 7.83 -27.04 -46.63
N MET E 32 8.15 -25.84 -47.07
CA MET E 32 9.52 -25.38 -47.08
C MET E 32 9.82 -24.42 -45.95
N THR E 33 8.83 -24.06 -45.15
CA THR E 33 9.07 -22.97 -44.23
C THR E 33 8.62 -23.09 -42.78
N LEU E 34 7.78 -24.05 -42.43
CA LEU E 34 7.25 -24.02 -41.05
C LEU E 34 8.26 -24.42 -39.98
N THR E 35 9.19 -23.53 -39.73
CA THR E 35 10.27 -23.74 -38.78
C THR E 35 10.31 -22.57 -37.83
N VAL E 36 10.68 -21.45 -38.40
CA VAL E 36 10.84 -20.19 -37.73
C VAL E 36 9.58 -19.82 -36.99
N GLN E 37 8.43 -20.11 -37.56
CA GLN E 37 7.23 -19.77 -36.86
C GLN E 37 7.26 -20.30 -35.47
N ALA E 38 7.76 -21.52 -35.27
CA ALA E 38 7.74 -22.08 -33.95
C ALA E 38 8.68 -21.39 -33.01
N ARG E 39 9.87 -21.03 -33.49
CA ARG E 39 10.82 -20.47 -32.53
C ARG E 39 10.38 -19.09 -32.06
N ASN E 40 9.69 -18.36 -32.91
CA ASN E 40 9.32 -17.03 -32.50
C ASN E 40 8.05 -16.96 -31.69
N LEU E 41 7.47 -18.12 -31.38
CA LEU E 41 6.32 -18.16 -30.50
C LEU E 41 6.78 -18.44 -29.08
N LEU E 42 8.09 -18.61 -28.87
CA LEU E 42 8.65 -18.93 -27.56
C LEU E 42 9.50 -17.78 -27.04
N SER E 43 9.37 -16.63 -27.66
CA SER E 43 10.14 -15.48 -27.26
C SER E 43 9.65 -14.93 -25.95
N GLY E 44 10.47 -14.09 -25.32
CA GLY E 44 10.88 -13.20 -24.25
C GLY E 44 12.16 -12.47 -24.62
N THR E 66 4.34 -1.01 -10.29
CA THR E 66 4.82 -2.15 -9.55
C THR E 66 4.01 -3.38 -9.89
N VAL E 67 2.69 -3.19 -9.86
CA VAL E 67 1.71 -4.24 -10.09
C VAL E 67 1.79 -4.80 -11.51
N TRP E 68 2.36 -4.02 -12.42
CA TRP E 68 2.53 -4.45 -13.79
C TRP E 68 3.42 -5.66 -13.86
N GLY E 69 4.21 -5.91 -12.80
CA GLY E 69 5.07 -7.05 -12.74
C GLY E 69 4.23 -8.31 -12.85
N ILE E 70 3.02 -8.29 -12.29
CA ILE E 70 2.18 -9.46 -12.34
C ILE E 70 1.69 -9.58 -13.74
N LYS E 71 1.23 -8.48 -14.31
CA LYS E 71 0.74 -8.59 -15.68
C LYS E 71 1.79 -9.19 -16.60
N GLN E 72 3.03 -8.75 -16.45
CA GLN E 72 4.08 -9.26 -17.29
C GLN E 72 4.45 -10.68 -16.97
N LEU E 73 4.50 -11.03 -15.69
CA LEU E 73 4.82 -12.40 -15.36
C LEU E 73 3.75 -13.33 -15.84
N GLN E 74 2.49 -12.93 -15.75
CA GLN E 74 1.45 -13.81 -16.21
C GLN E 74 1.56 -14.03 -17.69
N ALA E 75 1.84 -12.97 -18.43
CA ALA E 75 1.97 -13.13 -19.85
C ALA E 75 3.08 -14.08 -20.22
N ARG E 76 4.22 -13.95 -19.53
CA ARG E 76 5.34 -14.81 -19.82
C ARG E 76 5.04 -16.25 -19.47
N VAL E 77 4.43 -16.45 -18.32
CA VAL E 77 4.14 -17.79 -17.89
C VAL E 77 3.18 -18.47 -18.80
N LEU E 78 2.14 -17.77 -19.19
CA LEU E 78 1.16 -18.38 -20.04
C LEU E 78 1.75 -18.75 -21.38
N ALA E 79 2.63 -17.92 -21.93
CA ALA E 79 3.21 -18.28 -23.20
C ALA E 79 3.98 -19.58 -23.06
N VAL E 80 4.69 -19.73 -21.94
CA VAL E 80 5.42 -20.93 -21.72
C VAL E 80 4.51 -22.12 -21.57
N GLU E 81 3.44 -21.97 -20.80
CA GLU E 81 2.57 -23.10 -20.62
C GLU E 81 1.98 -23.56 -21.93
N ARG E 82 1.57 -22.63 -22.78
CA ARG E 82 0.98 -23.05 -24.03
C ARG E 82 1.99 -23.80 -24.85
N TYR E 83 3.19 -23.27 -24.91
CA TYR E 83 4.22 -23.90 -25.68
C TYR E 83 4.46 -25.31 -25.23
N LEU E 84 4.64 -25.48 -23.94
CA LEU E 84 4.93 -26.80 -23.46
C LEU E 84 3.78 -27.75 -23.64
N ARG E 85 2.55 -27.28 -23.49
CA ARG E 85 1.45 -28.19 -23.66
C ARG E 85 1.40 -28.71 -25.08
N ASP E 86 1.70 -27.85 -26.05
CA ASP E 86 1.70 -28.33 -27.41
C ASP E 86 2.81 -29.35 -27.61
N GLN E 87 3.96 -29.13 -26.98
CA GLN E 87 5.04 -30.07 -27.14
C GLN E 87 4.68 -31.41 -26.57
N GLN E 88 3.93 -31.40 -25.48
CA GLN E 88 3.52 -32.64 -24.87
C GLN E 88 2.64 -33.43 -25.81
N LEU E 89 1.72 -32.76 -26.51
CA LEU E 89 0.87 -33.51 -27.42
C LEU E 89 1.65 -34.08 -28.57
N LEU E 90 2.61 -33.30 -29.06
CA LEU E 90 3.40 -33.80 -30.16
C LEU E 90 4.14 -35.02 -29.71
N GLY E 91 4.66 -34.99 -28.50
CA GLY E 91 5.41 -36.11 -27.99
C GLY E 91 4.55 -37.36 -27.96
N ILE E 92 3.36 -37.24 -27.39
CA ILE E 92 2.47 -38.37 -27.23
C ILE E 92 2.11 -39.03 -28.51
N TRP E 93 1.87 -38.27 -29.53
CA TRP E 93 1.48 -38.85 -30.80
C TRP E 93 2.62 -39.37 -31.64
N GLY E 94 3.86 -39.08 -31.25
CA GLY E 94 4.98 -39.30 -32.13
C GLY E 94 4.96 -38.12 -33.10
N CYS E 95 5.96 -37.95 -33.97
CA CYS E 95 7.13 -38.79 -34.12
C CYS E 95 8.41 -38.29 -33.41
N SER E 96 8.56 -37.03 -32.92
CA SER E 96 7.70 -35.85 -32.95
C SER E 96 8.61 -34.68 -33.18
N GLY E 97 9.89 -34.96 -33.12
CA GLY E 97 10.90 -33.93 -33.20
C GLY E 97 11.11 -33.38 -34.60
N LYS E 98 10.41 -33.94 -35.58
CA LYS E 98 10.60 -33.53 -36.96
C LYS E 98 9.68 -32.40 -37.38
N LEU E 99 8.74 -32.03 -36.53
CA LEU E 99 7.67 -31.05 -36.77
C LEU E 99 6.66 -31.47 -37.84
N ILE E 100 7.05 -32.34 -38.75
CA ILE E 100 6.14 -32.92 -39.70
C ILE E 100 6.25 -34.42 -39.61
N CYS E 101 5.18 -35.06 -39.18
CA CYS E 101 5.28 -36.50 -38.94
C CYS E 101 4.17 -37.29 -39.57
N CYS E 102 4.49 -38.51 -40.00
CA CYS E 102 3.45 -39.43 -40.43
C CYS E 102 3.11 -40.29 -39.25
N THR E 103 1.82 -40.40 -38.98
CA THR E 103 1.35 -41.15 -37.80
C THR E 103 0.65 -42.46 -38.08
N ASN E 104 0.66 -42.87 -39.34
CA ASN E 104 0.13 -44.13 -39.79
C ASN E 104 -1.31 -44.41 -39.39
N VAL E 105 -2.13 -43.39 -39.56
CA VAL E 105 -3.54 -43.44 -39.37
C VAL E 105 -4.13 -43.05 -40.73
N PRO E 106 -5.03 -43.85 -41.31
CA PRO E 106 -5.67 -43.59 -42.58
C PRO E 106 -6.74 -42.54 -42.40
N TRP E 107 -7.10 -41.86 -43.46
CA TRP E 107 -8.24 -40.94 -43.40
C TRP E 107 -9.60 -41.59 -43.51
N ASN E 108 -10.53 -41.12 -42.70
CA ASN E 108 -11.91 -41.56 -42.78
C ASN E 108 -12.45 -40.96 -44.04
N SER E 109 -13.24 -41.72 -44.78
CA SER E 109 -13.79 -41.21 -46.03
C SER E 109 -14.69 -39.98 -45.87
N SER E 110 -15.22 -39.73 -44.68
CA SER E 110 -16.06 -38.57 -44.42
C SER E 110 -15.27 -37.29 -44.48
N TRP E 111 -13.95 -37.41 -44.45
CA TRP E 111 -13.02 -36.31 -44.49
C TRP E 111 -12.32 -36.20 -45.84
N SER E 112 -12.71 -37.02 -46.82
CA SER E 112 -12.02 -37.10 -48.12
C SER E 112 -12.84 -36.56 -49.28
N ASN E 113 -13.38 -35.38 -49.09
CA ASN E 113 -14.20 -34.72 -50.08
C ASN E 113 -13.44 -33.81 -51.03
N ARG E 114 -12.12 -33.83 -50.93
CA ARG E 114 -11.26 -33.03 -51.79
C ARG E 114 -10.07 -33.83 -52.27
N ASN E 115 -9.52 -33.44 -53.41
CA ASN E 115 -8.31 -34.05 -53.92
C ASN E 115 -7.11 -33.52 -53.19
N LEU E 116 -6.04 -34.29 -53.15
CA LEU E 116 -4.83 -33.77 -52.54
C LEU E 116 -4.31 -32.54 -53.26
N SER E 117 -4.46 -32.48 -54.58
CA SER E 117 -3.94 -31.33 -55.30
C SER E 117 -4.70 -30.09 -54.94
N GLU E 118 -5.99 -30.25 -54.68
CA GLU E 118 -6.81 -29.12 -54.32
C GLU E 118 -6.37 -28.63 -52.96
N ILE E 119 -6.15 -29.57 -52.04
CA ILE E 119 -5.76 -29.25 -50.70
C ILE E 119 -4.41 -28.58 -50.66
N TRP E 120 -3.43 -29.17 -51.32
CA TRP E 120 -2.09 -28.63 -51.23
C TRP E 120 -1.77 -27.42 -52.10
N ASP E 121 -2.35 -27.33 -53.28
CA ASP E 121 -2.00 -26.24 -54.15
C ASP E 121 -2.94 -25.03 -54.10
N ASN E 122 -4.23 -25.24 -53.84
CA ASN E 122 -5.16 -24.11 -53.85
C ASN E 122 -5.52 -23.64 -52.45
N MET E 123 -5.70 -24.56 -51.53
CA MET E 123 -6.16 -24.17 -50.21
C MET E 123 -5.05 -23.67 -49.32
N THR E 124 -5.44 -22.78 -48.43
CA THR E 124 -4.56 -22.24 -47.43
C THR E 124 -4.82 -22.99 -46.15
N TRP E 125 -3.94 -22.79 -45.17
CA TRP E 125 -4.11 -23.41 -43.87
C TRP E 125 -5.22 -22.71 -43.13
N LEU E 126 -5.43 -21.50 -43.60
CA LEU E 126 -6.38 -20.71 -42.90
C LEU E 126 -7.67 -21.32 -43.36
N GLN E 127 -7.74 -21.56 -44.67
CA GLN E 127 -8.98 -22.01 -45.28
C GLN E 127 -9.33 -23.43 -44.88
N TRP E 128 -8.34 -24.31 -44.90
CA TRP E 128 -8.55 -25.71 -44.60
C TRP E 128 -9.16 -25.84 -43.23
N ASP E 129 -8.53 -25.12 -42.31
CA ASP E 129 -8.83 -25.02 -40.90
C ASP E 129 -10.21 -24.51 -40.58
N LYS E 130 -10.93 -23.98 -41.56
CA LYS E 130 -12.27 -23.55 -41.26
C LYS E 130 -13.22 -24.74 -41.32
N GLU E 131 -12.88 -25.75 -42.13
CA GLU E 131 -13.76 -26.89 -42.36
C GLU E 131 -13.27 -28.13 -41.64
N ILE E 132 -11.96 -28.34 -41.66
CA ILE E 132 -11.34 -29.54 -41.10
C ILE E 132 -11.33 -29.46 -39.58
N SER E 133 -11.81 -28.32 -39.08
CA SER E 133 -11.97 -27.95 -37.69
C SER E 133 -12.90 -28.91 -36.97
N ASN E 134 -13.75 -29.58 -37.72
CA ASN E 134 -14.59 -30.56 -37.11
C ASN E 134 -13.76 -31.81 -36.92
N TYR E 135 -14.18 -32.65 -36.00
CA TYR E 135 -13.53 -33.93 -35.75
C TYR E 135 -12.07 -33.77 -35.27
N THR E 136 -11.76 -32.68 -34.58
CA THR E 136 -10.41 -32.48 -34.09
C THR E 136 -9.95 -33.53 -33.10
N GLN E 137 -10.82 -33.88 -32.17
CA GLN E 137 -10.46 -34.82 -31.14
C GLN E 137 -10.48 -36.24 -31.64
N ILE E 138 -11.09 -36.44 -32.80
CA ILE E 138 -11.17 -37.76 -33.35
C ILE E 138 -9.79 -38.07 -33.81
N ILE E 139 -9.21 -37.09 -34.48
CA ILE E 139 -7.87 -37.26 -34.96
C ILE E 139 -6.94 -37.43 -33.80
N TYR E 140 -7.05 -36.58 -32.80
CA TYR E 140 -6.13 -36.72 -31.70
C TYR E 140 -6.23 -38.08 -31.03
N GLY E 141 -7.44 -38.58 -30.86
CA GLY E 141 -7.63 -39.90 -30.27
C GLY E 141 -6.92 -40.95 -31.12
N LEU E 142 -7.14 -40.90 -32.42
CA LEU E 142 -6.54 -41.86 -33.31
C LEU E 142 -5.03 -41.79 -33.29
N LEU E 143 -4.49 -40.58 -33.21
CA LEU E 143 -3.04 -40.46 -33.22
C LEU E 143 -2.45 -41.05 -31.95
N GLU E 144 -3.09 -40.74 -30.82
CA GLU E 144 -2.58 -41.26 -29.57
C GLU E 144 -2.60 -42.76 -29.56
N GLU E 145 -3.69 -43.34 -30.01
CA GLU E 145 -3.77 -44.77 -30.03
C GLU E 145 -2.83 -45.43 -31.03
N SER E 146 -2.59 -44.86 -32.21
CA SER E 146 -1.68 -45.64 -33.07
C SER E 146 -0.30 -45.72 -32.41
N GLN E 147 0.06 -44.67 -31.67
CA GLN E 147 1.36 -44.66 -31.03
C GLN E 147 1.39 -45.67 -29.90
N ASN E 148 0.30 -45.77 -29.14
CA ASN E 148 0.27 -46.71 -28.04
C ASN E 148 0.47 -48.14 -28.51
N GLN E 149 -0.13 -48.46 -29.64
CA GLN E 149 0.01 -49.78 -30.19
C GLN E 149 1.42 -50.02 -30.66
N GLN E 150 2.01 -48.99 -31.27
CA GLN E 150 3.37 -49.14 -31.75
C GLN E 150 4.28 -49.46 -30.61
N GLU E 151 4.13 -48.74 -29.51
CA GLU E 151 4.99 -48.94 -28.38
C GLU E 151 4.88 -50.32 -27.81
N LYS E 152 3.68 -50.87 -27.75
CA LYS E 152 3.59 -52.24 -27.28
C LYS E 152 4.29 -53.16 -28.24
N ASN E 153 4.08 -52.95 -29.54
CA ASN E 153 4.73 -53.83 -30.49
C ASN E 153 6.23 -53.72 -30.37
N GLU E 154 6.75 -52.52 -30.12
CA GLU E 154 8.19 -52.39 -29.96
C GLU E 154 8.69 -53.12 -28.74
N GLN E 155 7.94 -53.05 -27.64
CA GLN E 155 8.41 -53.72 -26.43
C GLN E 155 8.41 -55.21 -26.64
N ASP E 156 7.40 -55.72 -27.37
CA ASP E 156 7.37 -57.14 -27.60
C ASP E 156 8.57 -57.53 -28.45
N LEU E 157 8.89 -56.75 -29.47
CA LEU E 157 10.08 -57.06 -30.24
C LEU E 157 11.34 -56.92 -29.41
N LEU E 158 11.42 -55.91 -28.53
CA LEU E 158 12.64 -55.77 -27.73
C LEU E 158 12.79 -57.00 -26.81
N ALA E 159 11.65 -57.50 -26.30
CA ALA E 159 11.61 -58.68 -25.45
C ALA E 159 12.04 -59.95 -26.17
N LEU E 160 11.60 -60.11 -27.42
CA LEU E 160 12.02 -61.19 -28.29
C LEU E 160 13.46 -61.05 -28.74
N ASP E 161 13.88 -59.80 -28.93
CA ASP E 161 15.24 -59.47 -29.31
C ASP E 161 16.05 -59.02 -28.09
N GLU F 2 -3.24 -45.88 -53.13
CA GLU F 2 -3.70 -44.50 -53.27
C GLU F 2 -4.40 -44.07 -51.99
N ASN F 3 -4.24 -44.91 -50.98
CA ASN F 3 -4.80 -44.67 -49.66
C ASN F 3 -4.16 -43.45 -49.01
N LEU F 4 -4.98 -42.60 -48.41
CA LEU F 4 -4.43 -41.42 -47.77
C LEU F 4 -4.21 -41.64 -46.31
N TRP F 5 -3.05 -41.15 -45.89
CA TRP F 5 -2.49 -41.23 -44.56
C TRP F 5 -2.36 -39.81 -44.01
N VAL F 6 -2.55 -39.66 -42.68
CA VAL F 6 -2.52 -38.34 -42.04
C VAL F 6 -1.19 -37.98 -41.43
N THR F 7 -0.84 -36.72 -41.66
CA THR F 7 0.37 -36.15 -41.12
C THR F 7 -0.02 -34.93 -40.29
N VAL F 8 0.85 -34.57 -39.38
CA VAL F 8 0.64 -33.39 -38.57
C VAL F 8 1.64 -32.34 -38.94
N TYR F 9 1.17 -31.11 -39.06
CA TYR F 9 2.03 -29.96 -39.36
C TYR F 9 2.16 -28.95 -38.26
N TYR F 10 3.33 -28.92 -37.63
CA TYR F 10 3.55 -28.00 -36.55
C TYR F 10 4.01 -26.66 -37.04
N GLY F 11 3.43 -25.58 -36.53
CA GLY F 11 3.84 -24.26 -36.96
C GLY F 11 3.10 -23.70 -38.18
N VAL F 12 1.88 -24.15 -38.45
CA VAL F 12 1.13 -23.61 -39.58
C VAL F 12 0.67 -22.17 -39.30
N PRO F 13 0.66 -21.28 -40.30
CA PRO F 13 0.30 -19.87 -40.24
C PRO F 13 -1.17 -19.55 -40.19
N VAL F 14 -1.82 -19.93 -39.12
CA VAL F 14 -3.25 -19.66 -39.00
C VAL F 14 -3.56 -18.99 -37.68
N TRP F 15 -4.74 -18.40 -37.55
CA TRP F 15 -5.04 -17.72 -36.32
C TRP F 15 -6.49 -17.66 -35.96
N LYS F 16 -6.71 -17.22 -34.74
CA LYS F 16 -8.01 -17.00 -34.15
C LYS F 16 -8.02 -15.67 -33.42
N GLU F 17 -9.19 -15.09 -33.23
CA GLU F 17 -9.32 -13.85 -32.49
C GLU F 17 -8.80 -13.98 -31.08
N ALA F 18 -8.04 -12.98 -30.62
CA ALA F 18 -7.46 -13.05 -29.30
C ALA F 18 -8.22 -12.26 -28.28
N LYS F 19 -8.07 -12.66 -27.03
CA LYS F 19 -8.59 -11.86 -25.94
C LYS F 19 -7.52 -11.79 -24.87
N THR F 20 -6.53 -10.94 -25.11
CA THR F 20 -5.36 -10.79 -24.25
C THR F 20 -5.04 -9.34 -24.10
N THR F 21 -3.87 -9.02 -23.53
CA THR F 21 -3.48 -7.64 -23.32
C THR F 21 -2.19 -7.28 -24.00
N LEU F 22 -2.02 -6.00 -24.30
CA LEU F 22 -0.79 -5.48 -24.89
C LEU F 22 -0.02 -4.69 -23.86
N PHE F 23 1.21 -4.30 -24.20
CA PHE F 23 2.02 -3.53 -23.26
C PHE F 23 3.02 -2.53 -23.85
N CYS F 24 3.50 -1.60 -22.98
CA CYS F 24 4.55 -0.65 -23.30
C CYS F 24 5.85 -1.38 -23.58
N ALA F 25 6.60 -1.12 -24.65
CA ALA F 25 6.47 -0.24 -25.84
C ALA F 25 6.35 1.26 -25.67
N SER F 26 7.01 1.83 -24.70
CA SER F 26 7.01 3.28 -24.66
C SER F 26 8.02 3.71 -25.72
N ASP F 27 8.16 5.00 -26.03
CA ASP F 27 8.95 5.37 -27.20
C ASP F 27 10.47 5.37 -27.13
N ALA F 28 11.03 5.08 -25.97
CA ALA F 28 12.49 5.05 -25.79
C ALA F 28 13.19 6.37 -26.13
N ARG F 29 12.47 7.50 -26.09
CA ARG F 29 13.06 8.80 -26.34
C ARG F 29 12.70 9.73 -25.21
N ALA F 30 11.61 9.40 -24.54
CA ALA F 30 11.15 10.12 -23.35
C ALA F 30 11.96 9.70 -22.13
N TYR F 31 12.90 8.79 -22.32
CA TYR F 31 13.76 8.28 -21.29
C TYR F 31 15.06 9.04 -21.14
N GLU F 32 15.24 9.53 -19.93
CA GLU F 32 16.33 10.33 -19.44
C GLU F 32 16.28 10.19 -17.93
N LYS F 33 17.24 10.73 -17.18
CA LYS F 33 17.13 10.60 -15.71
C LYS F 33 15.79 11.06 -15.17
N GLU F 34 15.26 12.15 -15.71
CA GLU F 34 14.00 12.76 -15.28
C GLU F 34 12.78 11.96 -15.65
N VAL F 35 12.96 10.80 -16.24
CA VAL F 35 11.81 9.98 -16.63
C VAL F 35 10.97 9.63 -15.42
N HIS F 36 11.58 9.58 -14.23
CA HIS F 36 10.84 9.24 -13.01
C HIS F 36 9.83 10.31 -12.65
N ASN F 37 9.99 11.49 -13.25
CA ASN F 37 9.10 12.59 -13.08
C ASN F 37 8.18 12.73 -14.29
N VAL F 38 8.15 11.74 -15.18
CA VAL F 38 7.27 11.81 -16.33
C VAL F 38 6.16 10.79 -16.27
N TRP F 39 4.95 11.32 -16.29
CA TRP F 39 3.81 10.46 -16.16
C TRP F 39 3.69 9.52 -17.32
N ALA F 40 3.39 8.28 -16.96
CA ALA F 40 3.21 7.15 -17.86
C ALA F 40 4.45 6.83 -18.67
N THR F 41 5.61 7.27 -18.23
CA THR F 41 6.83 6.84 -18.88
C THR F 41 7.65 6.11 -17.86
N HIS F 42 7.73 6.62 -16.64
CA HIS F 42 8.52 5.96 -15.62
C HIS F 42 8.21 4.47 -15.50
N ALA F 43 6.92 4.19 -15.39
CA ALA F 43 6.37 2.85 -15.26
C ALA F 43 6.59 1.92 -16.46
N CYS F 44 6.83 2.49 -17.63
CA CYS F 44 6.94 1.73 -18.86
C CYS F 44 8.32 1.31 -19.31
N VAL F 45 8.34 0.24 -20.10
CA VAL F 45 9.52 -0.24 -20.75
C VAL F 45 9.68 0.36 -22.14
N PRO F 46 10.83 1.01 -22.45
CA PRO F 46 11.16 1.60 -23.74
C PRO F 46 11.46 0.56 -24.77
N THR F 47 10.95 0.76 -25.99
CA THR F 47 11.31 -0.10 -27.10
C THR F 47 11.51 0.71 -28.37
N ASP F 48 12.16 0.12 -29.37
CA ASP F 48 12.37 0.73 -30.67
C ASP F 48 12.15 -0.15 -31.94
N PRO F 49 11.10 -0.98 -32.04
CA PRO F 49 10.85 -1.92 -33.14
C PRO F 49 10.51 -1.24 -34.45
N SER F 50 10.88 -1.89 -35.54
CA SER F 50 10.52 -1.46 -36.88
C SER F 50 9.10 -1.95 -37.28
N PRO F 51 8.46 -1.31 -38.29
CA PRO F 51 7.26 -1.74 -39.02
C PRO F 51 7.48 -3.06 -39.74
N GLN F 52 6.39 -3.81 -39.92
CA GLN F 52 6.41 -5.08 -40.63
C GLN F 52 6.02 -4.97 -42.09
N GLU F 53 6.69 -5.80 -42.89
CA GLU F 53 6.54 -5.89 -44.33
C GLU F 53 5.23 -6.47 -44.84
N LEU F 54 4.70 -7.45 -44.12
CA LEU F 54 3.47 -8.12 -44.53
C LEU F 54 2.32 -7.16 -44.44
N VAL F 55 1.33 -7.16 -45.36
CA VAL F 55 1.15 -7.88 -46.61
C VAL F 55 1.05 -9.36 -46.40
N LEU F 56 -0.17 -9.82 -46.23
CA LEU F 56 -0.42 -11.25 -46.18
C LEU F 56 -0.92 -11.76 -47.52
N GLY F 57 -0.66 -10.98 -48.56
CA GLY F 57 -1.04 -11.32 -49.95
C GLY F 57 -2.55 -11.42 -50.14
N ASN F 58 -3.02 -12.59 -50.59
CA ASN F 58 -4.45 -12.85 -50.92
C ASN F 58 -5.35 -12.65 -49.70
N VAL F 59 -4.82 -12.89 -48.48
CA VAL F 59 -5.59 -12.85 -47.20
C VAL F 59 -6.42 -11.56 -47.05
N THR F 60 -7.69 -11.71 -46.66
CA THR F 60 -8.59 -10.63 -46.33
C THR F 60 -9.07 -10.90 -44.91
N GLU F 61 -9.59 -9.88 -44.21
CA GLU F 61 -10.06 -10.08 -42.84
C GLU F 61 -11.14 -9.09 -42.40
N ASN F 62 -12.00 -9.55 -41.49
CA ASN F 62 -13.07 -8.75 -40.91
C ASN F 62 -12.73 -8.02 -39.61
N PHE F 63 -12.86 -6.71 -39.68
CA PHE F 63 -12.55 -5.81 -38.59
C PHE F 63 -13.84 -5.18 -38.05
N ASN F 64 -13.81 -4.75 -36.79
CA ASN F 64 -14.94 -4.02 -36.19
C ASN F 64 -14.51 -3.12 -35.06
N MET F 65 -14.39 -1.85 -35.35
CA MET F 65 -13.94 -0.86 -34.41
C MET F 65 -14.70 -0.81 -33.11
N TRP F 66 -16.00 -1.02 -33.14
CA TRP F 66 -16.72 -0.84 -31.90
C TRP F 66 -16.78 -2.08 -31.05
N LYS F 67 -16.12 -3.13 -31.51
CA LYS F 67 -16.05 -4.36 -30.78
C LYS F 67 -14.62 -4.63 -30.35
N ASN F 68 -13.72 -3.68 -30.59
CA ASN F 68 -12.37 -4.02 -30.22
C ASN F 68 -12.12 -3.71 -28.76
N ASP F 69 -12.16 -4.77 -27.95
CA ASP F 69 -12.00 -4.72 -26.49
C ASP F 69 -10.73 -4.04 -26.04
N MET F 70 -9.76 -3.92 -26.93
CA MET F 70 -8.48 -3.31 -26.58
C MET F 70 -8.68 -1.91 -26.03
N VAL F 71 -9.69 -1.20 -26.51
CA VAL F 71 -9.90 0.16 -26.08
C VAL F 71 -10.18 0.21 -24.59
N ASP F 72 -10.75 -0.85 -24.03
CA ASP F 72 -11.09 -0.87 -22.63
C ASP F 72 -9.87 -1.10 -21.79
N GLN F 73 -8.89 -1.67 -22.49
CA GLN F 73 -7.76 -2.00 -21.69
C GLN F 73 -7.10 -0.67 -21.55
N MET F 74 -7.16 0.07 -22.65
CA MET F 74 -6.51 1.37 -22.68
C MET F 74 -7.11 2.28 -21.63
N HIS F 75 -8.44 2.23 -21.52
CA HIS F 75 -9.16 3.08 -20.60
C HIS F 75 -8.79 2.71 -19.20
N GLU F 76 -8.88 1.44 -18.90
CA GLU F 76 -8.68 1.00 -17.54
C GLU F 76 -7.27 1.33 -17.03
N ASP F 77 -6.26 1.12 -17.88
CA ASP F 77 -4.90 1.41 -17.46
C ASP F 77 -4.70 2.87 -17.19
N ILE F 78 -5.28 3.74 -18.02
CA ILE F 78 -5.12 5.18 -17.84
C ILE F 78 -5.71 5.63 -16.54
N ILE F 79 -6.81 4.95 -16.24
CA ILE F 79 -7.41 5.38 -15.00
C ILE F 79 -6.45 4.95 -13.90
N SER F 80 -6.00 3.69 -13.95
CA SER F 80 -5.20 3.20 -12.85
C SER F 80 -3.77 3.73 -12.81
N LEU F 81 -3.19 4.10 -13.95
CA LEU F 81 -1.83 4.60 -13.98
C LEU F 81 -1.86 5.99 -13.43
N TRP F 82 -2.86 6.73 -13.88
CA TRP F 82 -3.03 8.09 -13.47
C TRP F 82 -3.18 8.17 -11.99
N ASP F 83 -4.09 7.38 -11.48
CA ASP F 83 -4.38 7.38 -10.08
C ASP F 83 -3.15 6.98 -9.27
N GLN F 84 -2.46 5.93 -9.68
CA GLN F 84 -1.33 5.49 -8.90
C GLN F 84 -0.22 6.52 -8.83
N SER F 85 0.01 7.23 -9.92
CA SER F 85 1.10 8.19 -9.98
C SER F 85 0.94 9.36 -9.02
N LEU F 86 -0.27 9.57 -8.52
CA LEU F 86 -0.54 10.68 -7.64
C LEU F 86 -0.71 10.30 -6.20
N LYS F 87 -0.37 9.07 -5.82
CA LYS F 87 -0.63 8.74 -4.44
C LYS F 87 0.29 9.40 -3.41
N PRO F 88 1.63 9.43 -3.55
CA PRO F 88 2.54 9.84 -2.49
C PRO F 88 2.75 11.34 -2.38
N CYS F 89 1.68 12.11 -2.32
CA CYS F 89 1.84 13.56 -2.28
C CYS F 89 0.56 14.33 -1.98
N VAL F 90 0.75 15.62 -1.71
CA VAL F 90 -0.28 16.68 -1.65
C VAL F 90 -1.71 16.39 -1.25
N LYS F 91 -1.94 15.82 -0.09
CA LYS F 91 -3.33 15.70 0.32
C LYS F 91 -3.76 17.08 0.78
N LEU F 92 -4.91 17.55 0.30
CA LEU F 92 -5.34 18.92 0.61
C LEU F 92 -6.42 19.03 1.66
N THR F 93 -6.70 17.99 2.41
CA THR F 93 -7.71 18.10 3.43
C THR F 93 -7.63 19.35 4.33
N PRO F 94 -6.44 19.81 4.79
CA PRO F 94 -6.28 20.95 5.68
C PRO F 94 -6.85 22.24 5.12
N LEU F 95 -7.07 22.30 3.81
CA LEU F 95 -7.58 23.47 3.14
C LEU F 95 -9.05 23.71 3.45
N CYS F 96 -9.81 22.66 3.75
CA CYS F 96 -11.24 22.81 3.98
C CYS F 96 -11.61 23.43 5.32
N VAL F 97 -11.35 24.71 5.42
CA VAL F 97 -11.57 25.53 6.60
C VAL F 97 -12.44 26.70 6.23
N THR F 98 -12.95 27.43 7.20
CA THR F 98 -13.73 28.59 6.87
C THR F 98 -12.85 29.54 6.12
N LEU F 99 -13.29 29.95 4.96
CA LEU F 99 -12.52 30.80 4.10
C LEU F 99 -13.16 32.17 4.01
N ILE F 100 -12.33 33.20 4.04
CA ILE F 100 -12.85 34.57 3.94
C ILE F 100 -12.41 35.23 2.65
N CYS F 101 -13.34 35.82 1.90
CA CYS F 101 -12.83 36.45 0.68
C CYS F 101 -13.59 37.66 0.17
N SER F 102 -12.91 38.35 -0.75
CA SER F 102 -13.42 39.57 -1.37
C SER F 102 -13.09 39.70 -2.86
N ASP F 103 -13.87 40.57 -3.52
CA ASP F 103 -13.82 40.94 -4.95
C ASP F 103 -12.50 41.55 -5.42
N ALA F 104 -12.17 41.33 -6.70
CA ALA F 104 -10.94 41.91 -7.27
C ALA F 104 -10.82 43.44 -7.08
N THR F 105 -11.58 44.22 -7.83
CA THR F 105 -12.06 45.56 -8.22
C THR F 105 -13.53 45.58 -8.61
N VAL F 106 -13.94 44.43 -9.11
CA VAL F 106 -15.22 44.07 -9.74
C VAL F 106 -15.12 44.55 -11.21
N LYS F 107 -15.88 45.57 -11.59
CA LYS F 107 -15.85 46.13 -12.93
C LYS F 107 -15.93 45.05 -14.04
N THR F 108 -14.90 44.91 -14.87
CA THR F 108 -14.92 43.96 -15.97
C THR F 108 -15.13 42.54 -15.43
N GLY F 109 -16.08 41.78 -16.00
CA GLY F 109 -16.29 40.44 -15.46
C GLY F 109 -15.04 39.56 -15.39
N THR F 110 -14.09 39.79 -16.29
CA THR F 110 -12.88 38.99 -16.35
C THR F 110 -11.88 39.30 -15.23
N VAL F 111 -12.15 40.33 -14.41
CA VAL F 111 -11.24 40.73 -13.35
C VAL F 111 -11.91 40.37 -12.03
N GLU F 112 -13.26 40.47 -11.97
CA GLU F 112 -14.06 40.35 -10.76
C GLU F 112 -13.73 39.07 -10.04
N GLU F 113 -13.53 38.04 -10.87
CA GLU F 113 -13.37 36.60 -10.53
C GLU F 113 -12.16 36.37 -9.63
N MET F 114 -11.20 37.30 -9.61
CA MET F 114 -9.96 37.02 -8.86
C MET F 114 -10.22 37.38 -7.40
N LYS F 115 -10.81 36.42 -6.67
CA LYS F 115 -11.16 36.54 -5.24
C LYS F 115 -9.94 36.35 -4.35
N ASN F 116 -9.60 37.39 -3.59
CA ASN F 116 -8.52 37.31 -2.57
C ASN F 116 -9.09 36.47 -1.43
N CYS F 117 -8.44 35.38 -1.03
CA CYS F 117 -9.13 34.46 -0.09
C CYS F 117 -8.26 34.19 1.14
N SER F 118 -8.55 34.91 2.23
CA SER F 118 -7.77 34.77 3.44
C SER F 118 -8.24 33.64 4.33
N PHE F 119 -7.28 32.98 4.97
CA PHE F 119 -7.62 31.83 5.86
C PHE F 119 -6.52 31.58 6.89
N ASN F 120 -6.84 30.81 7.93
CA ASN F 120 -5.87 30.40 8.97
C ASN F 120 -5.35 29.00 8.67
N THR F 121 -4.03 28.82 8.58
CA THR F 121 -3.46 27.49 8.21
C THR F 121 -2.50 27.01 9.30
N THR F 122 -2.41 25.69 9.48
CA THR F 122 -1.50 25.09 10.48
C THR F 122 -0.04 25.33 10.07
N THR F 123 0.79 25.77 11.03
CA THR F 123 2.22 26.12 10.78
C THR F 123 3.07 24.87 11.03
N GLU F 124 4.40 24.99 10.84
CA GLU F 124 5.29 23.82 11.06
C GLU F 124 5.05 23.30 12.48
N ILE F 125 4.89 24.21 13.44
CA ILE F 125 4.43 23.81 14.81
C ILE F 125 2.91 23.64 14.72
N ARG F 126 2.38 22.50 15.14
CA ARG F 126 0.92 22.23 15.07
C ARG F 126 0.15 23.22 15.97
N ASP F 127 0.72 23.61 17.10
CA ASP F 127 0.07 24.58 18.02
C ASP F 127 -0.04 25.97 17.39
N LYS F 128 1.00 26.41 16.67
CA LYS F 128 0.99 27.77 16.05
C LYS F 128 0.14 27.78 14.77
N GLU F 129 -0.57 28.90 14.54
CA GLU F 129 -1.45 29.08 13.36
C GLU F 129 -1.10 30.42 12.70
N LYS F 130 -1.07 30.46 11.37
CA LYS F 130 -0.74 31.72 10.64
C LYS F 130 -1.91 32.12 9.74
N LYS F 131 -2.18 33.42 9.64
CA LYS F 131 -3.22 33.94 8.70
C LYS F 131 -2.54 34.27 7.37
N GLU F 132 -2.98 33.56 6.31
CA GLU F 132 -2.40 33.62 4.94
C GLU F 132 -3.54 33.78 3.93
N TYR F 133 -3.23 34.33 2.75
CA TYR F 133 -4.23 34.50 1.65
C TYR F 133 -3.72 33.82 0.38
N ALA F 134 -4.64 33.26 -0.42
CA ALA F 134 -4.28 32.63 -1.70
C ALA F 134 -5.18 33.18 -2.82
N LEU F 135 -4.68 33.61 -3.98
CA LEU F 135 -5.67 34.02 -5.01
C LEU F 135 -6.36 32.80 -5.64
N PHE F 136 -7.69 32.81 -5.66
CA PHE F 136 -8.53 31.71 -6.24
C PHE F 136 -9.58 32.35 -7.15
N TYR F 137 -10.11 31.62 -8.12
CA TYR F 137 -11.19 32.25 -8.94
C TYR F 137 -12.37 31.32 -9.23
N LYS F 138 -13.55 31.95 -9.32
CA LYS F 138 -14.88 31.33 -9.60
C LYS F 138 -15.17 30.03 -8.87
N PRO F 139 -15.53 28.95 -9.61
CA PRO F 139 -16.16 27.74 -9.04
C PRO F 139 -15.62 27.00 -7.81
N ASP F 140 -14.31 26.98 -7.58
CA ASP F 140 -13.76 26.21 -6.43
C ASP F 140 -14.21 26.85 -5.11
N ILE F 141 -14.46 28.16 -5.15
CA ILE F 141 -14.87 28.97 -4.02
C ILE F 141 -16.38 28.96 -4.06
N VAL F 142 -16.97 28.35 -3.07
CA VAL F 142 -18.41 28.22 -2.98
C VAL F 142 -18.97 28.97 -1.78
N PRO F 143 -20.02 29.77 -1.91
CA PRO F 143 -20.60 30.49 -0.80
C PRO F 143 -20.82 29.47 0.27
N LEU F 144 -20.50 29.84 1.49
CA LEU F 144 -20.63 28.90 2.57
C LEU F 144 -22.06 28.46 2.74
N SER F 145 -22.24 27.16 2.94
CA SER F 145 -23.58 26.68 3.15
C SER F 145 -24.14 27.34 4.38
N GLU F 146 -25.41 27.68 4.29
CA GLU F 146 -26.18 28.31 5.35
C GLU F 146 -25.69 29.71 5.75
N THR F 147 -24.93 30.40 4.91
CA THR F 147 -24.65 31.78 5.26
C THR F 147 -25.60 32.64 4.49
N ASN F 148 -25.50 33.94 4.66
CA ASN F 148 -26.41 34.85 3.96
C ASN F 148 -25.70 35.96 3.21
N ASN F 149 -25.16 35.60 2.04
CA ASN F 149 -24.44 36.55 1.20
C ASN F 149 -23.32 37.25 1.96
N THR F 150 -22.57 36.48 2.73
CA THR F 150 -21.50 37.02 3.53
C THR F 150 -20.18 36.70 2.89
N SER F 151 -19.13 37.15 3.54
CA SER F 151 -17.76 37.03 3.09
C SER F 151 -17.19 35.64 3.35
N GLU F 152 -17.97 34.79 4.02
CA GLU F 152 -17.63 33.41 4.32
C GLU F 152 -17.95 32.42 3.22
N TYR F 153 -16.93 31.66 2.84
CA TYR F 153 -16.94 30.68 1.76
C TYR F 153 -16.32 29.36 2.17
N ARG F 154 -16.54 28.35 1.35
CA ARG F 154 -15.96 27.04 1.55
C ARG F 154 -15.33 26.53 0.29
N LEU F 155 -14.49 25.54 0.44
CA LEU F 155 -13.92 24.91 -0.72
C LEU F 155 -14.95 23.91 -1.26
N ILE F 156 -15.06 23.85 -2.58
CA ILE F 156 -15.99 23.00 -3.27
C ILE F 156 -15.98 21.53 -2.89
N ASN F 157 -14.84 20.99 -2.50
CA ASN F 157 -14.76 19.56 -2.27
C ASN F 157 -15.03 19.12 -0.86
N CYS F 158 -15.22 20.08 0.04
CA CYS F 158 -15.41 19.80 1.49
C CYS F 158 -16.67 18.98 1.74
N ASN F 159 -17.70 19.13 0.89
CA ASN F 159 -18.94 18.34 1.05
C ASN F 159 -18.84 17.04 0.23
N THR F 160 -17.71 16.84 -0.45
CA THR F 160 -17.50 15.61 -1.26
C THR F 160 -16.48 14.70 -0.57
N SER F 161 -15.37 14.42 -1.26
CA SER F 161 -14.31 13.63 -0.73
C SER F 161 -13.12 14.51 -0.80
N ALA F 162 -12.09 14.19 -0.01
CA ALA F 162 -10.84 14.93 0.01
C ALA F 162 -10.11 14.83 -1.30
N CYS F 163 -9.43 15.90 -1.66
CA CYS F 163 -8.72 15.97 -2.91
C CYS F 163 -7.24 16.12 -2.70
N THR F 164 -6.51 15.93 -3.77
CA THR F 164 -5.08 16.15 -3.82
C THR F 164 -4.72 17.26 -4.79
N GLN F 165 -3.45 17.72 -4.80
CA GLN F 165 -3.09 18.70 -5.84
C GLN F 165 -2.40 17.99 -6.99
N ALA F 166 -1.08 17.98 -7.01
CA ALA F 166 -0.36 17.13 -7.93
C ALA F 166 1.03 16.98 -7.43
N CYS F 167 1.67 15.87 -7.72
CA CYS F 167 3.05 15.85 -7.33
C CYS F 167 3.63 16.93 -8.26
N PRO F 168 4.22 18.02 -7.75
CA PRO F 168 4.68 19.18 -8.49
C PRO F 168 5.79 18.91 -9.47
N LYS F 169 6.47 17.83 -9.26
CA LYS F 169 7.55 17.40 -10.11
C LYS F 169 7.11 16.67 -11.36
N VAL F 170 5.87 16.17 -11.39
CA VAL F 170 5.46 15.34 -12.50
C VAL F 170 4.90 16.08 -13.69
N THR F 171 5.43 15.71 -14.84
CA THR F 171 5.06 16.21 -16.14
C THR F 171 3.93 15.40 -16.73
N PHE F 172 2.91 16.09 -17.20
CA PHE F 172 1.82 15.41 -17.83
C PHE F 172 1.71 15.83 -19.26
N GLU F 173 2.30 15.04 -20.13
CA GLU F 173 2.34 15.34 -21.54
C GLU F 173 2.20 14.02 -22.28
N PRO F 174 1.26 13.88 -23.22
CA PRO F 174 1.07 12.69 -23.99
C PRO F 174 2.32 12.21 -24.72
N ILE F 175 2.66 10.95 -24.49
CA ILE F 175 3.79 10.25 -25.08
C ILE F 175 3.20 9.07 -25.81
N PRO F 176 3.44 8.85 -27.08
CA PRO F 176 2.85 7.75 -27.79
C PRO F 176 3.35 6.43 -27.30
N ILE F 177 2.45 5.48 -27.15
CA ILE F 177 2.86 4.14 -26.76
C ILE F 177 2.60 3.21 -27.91
N HIS F 178 3.65 2.56 -28.38
CA HIS F 178 3.62 1.73 -29.58
C HIS F 178 3.28 0.33 -29.16
N TYR F 179 2.08 0.13 -28.66
CA TYR F 179 1.75 -1.14 -28.01
C TYR F 179 2.14 -2.39 -28.75
N CYS F 180 2.85 -3.28 -28.05
CA CYS F 180 3.31 -4.53 -28.65
C CYS F 180 2.56 -5.75 -28.15
N ALA F 181 2.52 -6.75 -29.03
CA ALA F 181 1.89 -8.04 -28.73
C ALA F 181 2.80 -8.93 -27.86
N PRO F 182 2.23 -9.75 -26.95
CA PRO F 182 2.88 -10.81 -26.22
C PRO F 182 3.26 -11.94 -27.15
N ALA F 183 4.22 -12.76 -26.75
CA ALA F 183 4.54 -13.90 -27.60
C ALA F 183 3.29 -14.74 -27.76
N GLY F 184 3.10 -15.26 -28.96
CA GLY F 184 1.95 -16.09 -29.27
C GLY F 184 0.84 -15.29 -29.94
N TYR F 185 0.99 -13.98 -29.92
CA TYR F 185 0.02 -13.08 -30.52
C TYR F 185 0.63 -12.21 -31.57
N ALA F 186 -0.22 -11.67 -32.42
CA ALA F 186 0.18 -10.73 -33.45
C ALA F 186 -0.93 -9.73 -33.67
N ILE F 187 -0.57 -8.60 -34.26
CA ILE F 187 -1.54 -7.58 -34.50
C ILE F 187 -1.75 -7.38 -35.99
N LEU F 188 -2.99 -7.30 -36.42
CA LEU F 188 -3.25 -7.06 -37.83
C LEU F 188 -3.80 -5.65 -38.03
N LYS F 189 -3.49 -5.02 -39.17
CA LYS F 189 -4.10 -3.71 -39.42
C LYS F 189 -4.61 -3.53 -40.83
N CYS F 190 -5.66 -2.72 -40.92
CA CYS F 190 -6.21 -2.33 -42.22
C CYS F 190 -5.46 -1.17 -42.83
N ASN F 191 -5.06 -1.31 -44.08
CA ASN F 191 -4.44 -0.22 -44.81
C ASN F 191 -5.46 0.39 -45.74
N ASP F 192 -6.70 -0.04 -45.60
CA ASP F 192 -7.81 0.43 -46.42
C ASP F 192 -8.48 1.73 -46.02
N GLU F 193 -8.73 2.51 -47.05
CA GLU F 193 -9.53 3.72 -47.02
C GLU F 193 -10.95 3.25 -47.25
N THR F 194 -11.94 4.14 -47.24
CA THR F 194 -13.38 3.78 -47.43
C THR F 194 -14.02 3.11 -46.23
N PHE F 195 -13.23 2.21 -45.63
CA PHE F 195 -13.54 1.40 -44.42
C PHE F 195 -14.44 2.18 -43.47
N ASN F 196 -15.67 1.66 -43.30
CA ASN F 196 -16.83 2.27 -42.58
C ASN F 196 -16.69 2.13 -41.05
N GLY F 197 -15.67 1.39 -40.62
CA GLY F 197 -15.26 1.11 -39.23
C GLY F 197 -15.37 -0.38 -38.99
N THR F 198 -16.08 -1.06 -39.90
CA THR F 198 -16.30 -2.49 -39.86
C THR F 198 -16.10 -3.08 -41.24
N GLY F 199 -15.93 -4.40 -41.30
CA GLY F 199 -15.97 -5.11 -42.57
C GLY F 199 -14.65 -5.73 -43.06
N PRO F 200 -14.69 -6.33 -44.26
CA PRO F 200 -13.69 -7.15 -44.93
C PRO F 200 -12.53 -6.39 -45.55
N CYS F 201 -11.61 -5.94 -44.72
CA CYS F 201 -10.45 -5.20 -45.23
C CYS F 201 -9.71 -6.14 -46.16
N SER F 202 -9.22 -5.56 -47.27
CA SER F 202 -8.51 -6.29 -48.36
C SER F 202 -7.02 -6.45 -48.05
N ASN F 203 -6.19 -5.45 -48.36
CA ASN F 203 -4.74 -5.58 -48.08
C ASN F 203 -4.55 -5.30 -46.58
N VAL F 204 -4.23 -6.34 -45.80
CA VAL F 204 -4.22 -6.24 -44.31
C VAL F 204 -2.82 -6.58 -43.79
N SER F 205 -2.07 -5.55 -43.42
CA SER F 205 -0.71 -5.68 -42.93
C SER F 205 -0.60 -6.32 -41.57
N THR F 206 0.55 -6.93 -41.30
CA THR F 206 0.77 -7.39 -39.95
C THR F 206 1.39 -6.28 -39.20
N VAL F 207 1.27 -6.37 -37.91
CA VAL F 207 1.81 -5.44 -36.98
C VAL F 207 2.49 -6.14 -35.80
N GLN F 208 3.70 -5.72 -35.47
CA GLN F 208 4.35 -6.30 -34.30
C GLN F 208 3.93 -5.50 -33.09
N CYS F 209 3.95 -4.19 -33.30
CA CYS F 209 3.67 -3.17 -32.33
C CYS F 209 2.85 -2.11 -33.04
N THR F 210 1.86 -1.54 -32.39
CA THR F 210 1.00 -0.59 -33.07
C THR F 210 1.74 0.68 -33.22
N HIS F 211 1.25 1.53 -34.10
CA HIS F 211 1.91 2.79 -34.21
C HIS F 211 1.56 3.45 -32.92
N GLY F 212 2.48 4.15 -32.31
CA GLY F 212 2.13 4.70 -31.05
C GLY F 212 1.08 5.75 -31.09
N ILE F 213 0.26 5.72 -30.06
CA ILE F 213 -0.82 6.67 -29.89
C ILE F 213 -0.69 7.45 -28.61
N ARG F 214 -0.74 8.77 -28.74
CA ARG F 214 -0.59 9.67 -27.62
C ARG F 214 -1.94 9.77 -26.94
N PRO F 215 -2.09 9.42 -25.67
CA PRO F 215 -3.35 9.57 -24.98
C PRO F 215 -3.60 11.04 -24.81
N VAL F 216 -4.83 11.46 -24.93
CA VAL F 216 -5.18 12.85 -24.78
C VAL F 216 -6.43 12.92 -23.96
N VAL F 217 -6.53 13.88 -23.08
CA VAL F 217 -7.80 14.08 -22.44
C VAL F 217 -8.45 15.28 -23.07
N SER F 218 -9.53 15.04 -23.76
CA SER F 218 -10.23 16.09 -24.43
C SER F 218 -11.62 15.66 -24.83
N THR F 219 -12.41 16.60 -25.24
CA THR F 219 -13.74 16.32 -25.73
C THR F 219 -13.98 17.07 -27.00
N GLN F 220 -15.11 16.82 -27.61
CA GLN F 220 -15.45 17.50 -28.84
C GLN F 220 -14.29 17.42 -29.84
N LEU F 221 -13.61 18.53 -30.10
CA LEU F 221 -12.49 18.54 -31.05
C LEU F 221 -11.29 17.75 -30.48
N LEU F 222 -10.79 16.78 -31.24
CA LEU F 222 -9.63 16.01 -30.78
C LEU F 222 -8.32 16.47 -31.41
N LEU F 223 -7.40 16.98 -30.57
CA LEU F 223 -6.13 17.52 -31.12
C LEU F 223 -4.98 16.50 -31.04
N ASN F 224 -3.88 16.83 -31.70
CA ASN F 224 -2.66 16.00 -31.71
C ASN F 224 -3.01 14.57 -32.11
N GLY F 225 -3.78 14.42 -33.19
CA GLY F 225 -4.15 13.09 -33.72
C GLY F 225 -3.73 12.93 -35.18
N SER F 226 -3.96 11.74 -35.75
CA SER F 226 -3.62 11.42 -37.12
C SER F 226 -4.64 11.99 -38.09
N LEU F 227 -4.25 12.05 -39.37
CA LEU F 227 -5.14 12.51 -40.42
C LEU F 227 -5.58 11.39 -41.33
N ALA F 228 -6.71 11.57 -41.98
CA ALA F 228 -7.16 10.59 -42.95
C ALA F 228 -6.12 10.62 -44.06
N GLU F 229 -5.83 9.50 -44.70
CA GLU F 229 -4.82 9.54 -45.77
C GLU F 229 -5.29 10.18 -47.06
N LYS F 230 -6.53 9.91 -47.45
CA LYS F 230 -6.99 10.45 -48.74
C LYS F 230 -8.19 11.37 -48.68
N GLU F 231 -9.11 11.09 -47.78
CA GLU F 231 -10.33 11.85 -47.72
C GLU F 231 -10.95 11.76 -46.35
N ILE F 232 -11.83 12.69 -46.05
CA ILE F 232 -12.53 12.69 -44.80
C ILE F 232 -13.32 11.41 -44.61
N VAL F 233 -13.16 10.82 -43.44
CA VAL F 233 -13.85 9.59 -43.14
C VAL F 233 -14.88 9.80 -42.08
N ILE F 234 -16.12 9.51 -42.40
CA ILE F 234 -17.17 9.65 -41.42
C ILE F 234 -17.55 8.27 -40.96
N ARG F 235 -17.41 8.04 -39.68
CA ARG F 235 -17.60 6.71 -39.14
C ARG F 235 -18.56 6.66 -37.94
N SER F 236 -19.44 5.67 -37.94
CA SER F 236 -20.44 5.49 -36.89
C SER F 236 -20.90 4.08 -36.77
N GLU F 237 -21.17 3.67 -35.54
CA GLU F 237 -21.64 2.33 -35.26
C GLU F 237 -22.98 2.07 -35.95
N ASN F 238 -23.81 3.11 -35.99
CA ASN F 238 -25.11 3.06 -36.64
C ASN F 238 -25.58 4.47 -36.95
N LEU F 239 -25.45 4.87 -38.20
CA LEU F 239 -25.80 6.23 -38.61
C LEU F 239 -27.26 6.57 -38.46
N THR F 240 -28.11 5.54 -38.42
CA THR F 240 -29.52 5.74 -38.29
C THR F 240 -29.98 5.67 -36.84
N ASN F 241 -29.05 5.50 -35.93
CA ASN F 241 -29.39 5.46 -34.52
C ASN F 241 -29.02 6.78 -33.89
N ASN F 242 -30.01 7.54 -33.49
CA ASN F 242 -29.80 8.88 -32.95
C ASN F 242 -28.95 8.91 -31.68
N ALA F 243 -28.79 7.77 -31.02
CA ALA F 243 -28.04 7.68 -29.78
C ALA F 243 -26.53 7.53 -30.00
N LYS F 244 -26.09 7.40 -31.24
CA LYS F 244 -24.68 7.19 -31.50
C LYS F 244 -23.92 8.44 -31.84
N ILE F 245 -22.62 8.40 -31.62
CA ILE F 245 -21.73 9.52 -31.89
C ILE F 245 -20.92 9.26 -33.14
N ILE F 246 -20.91 10.25 -34.01
CA ILE F 246 -20.24 10.19 -35.27
C ILE F 246 -18.81 10.64 -35.09
N ILE F 247 -17.90 9.82 -35.56
CA ILE F 247 -16.49 10.09 -35.45
C ILE F 247 -15.98 10.55 -36.79
N VAL F 248 -15.33 11.70 -36.83
CA VAL F 248 -14.85 12.16 -38.13
C VAL F 248 -13.36 12.37 -38.20
N HIS F 249 -12.75 11.72 -39.16
CA HIS F 249 -11.32 11.88 -39.43
C HIS F 249 -11.15 12.81 -40.59
N LEU F 250 -10.53 13.94 -40.34
CA LEU F 250 -10.33 14.88 -41.42
C LEU F 250 -9.10 14.54 -42.22
N HIS F 251 -9.15 14.88 -43.51
CA HIS F 251 -8.03 14.74 -44.43
C HIS F 251 -6.91 15.75 -44.22
N THR F 252 -7.25 17.01 -44.11
CA THR F 252 -6.24 18.02 -43.93
C THR F 252 -6.34 18.58 -42.53
N PRO F 253 -5.25 19.10 -41.95
CA PRO F 253 -5.21 19.72 -40.65
C PRO F 253 -5.80 21.10 -40.66
N VAL F 254 -6.26 21.51 -39.50
CA VAL F 254 -6.70 22.85 -39.18
C VAL F 254 -5.88 23.34 -38.00
N GLU F 255 -5.53 24.62 -37.95
CA GLU F 255 -4.68 25.02 -36.84
C GLU F 255 -5.41 25.79 -35.76
N ILE F 256 -5.18 25.40 -34.52
CA ILE F 256 -5.71 26.12 -33.36
C ILE F 256 -4.60 26.67 -32.52
N VAL F 257 -4.68 27.97 -32.14
CA VAL F 257 -3.69 28.71 -31.32
C VAL F 257 -4.39 29.21 -30.04
N CYS F 258 -4.09 28.65 -28.85
CA CYS F 258 -4.71 29.08 -27.61
C CYS F 258 -3.73 29.70 -26.65
N THR F 259 -4.22 30.60 -25.81
CA THR F 259 -3.34 31.27 -24.85
C THR F 259 -4.00 31.94 -23.65
N ARG F 260 -3.18 32.14 -22.63
CA ARG F 260 -3.58 32.81 -21.42
C ARG F 260 -2.64 34.02 -21.21
N PRO F 261 -3.12 35.24 -21.47
CA PRO F 261 -2.33 36.46 -21.63
C PRO F 261 -1.68 37.08 -20.40
N ASN F 262 -2.39 36.90 -19.28
CA ASN F 262 -2.04 37.51 -17.97
C ASN F 262 -0.81 36.84 -17.34
N ASN F 263 0.20 37.65 -17.03
CA ASN F 263 1.39 37.15 -16.31
C ASN F 263 0.90 36.72 -14.93
N ASN F 264 1.17 35.48 -14.52
CA ASN F 264 0.66 35.05 -13.19
C ASN F 264 1.84 34.65 -12.30
N THR F 265 1.90 35.22 -11.09
CA THR F 265 2.99 34.89 -10.18
C THR F 265 2.57 33.68 -9.37
N ARG F 266 3.51 33.07 -8.68
CA ARG F 266 3.17 31.90 -7.87
C ARG F 266 3.79 31.97 -6.50
N LYS F 267 3.08 31.43 -5.51
CA LYS F 267 3.59 31.36 -4.16
C LYS F 267 3.33 30.00 -3.60
N SER F 268 3.96 29.68 -2.49
CA SER F 268 3.67 28.43 -1.86
C SER F 268 3.55 28.58 -0.38
N VAL F 269 2.78 27.67 0.20
CA VAL F 269 2.52 27.67 1.62
C VAL F 269 2.85 26.35 2.26
N ARG F 270 3.66 26.37 3.30
CA ARG F 270 3.96 25.12 3.97
C ARG F 270 2.81 24.80 4.89
N ILE F 271 2.27 23.59 4.80
CA ILE F 271 1.20 23.23 5.69
C ILE F 271 1.66 22.12 6.59
N GLY F 272 1.79 22.43 7.86
CA GLY F 272 2.34 21.46 8.80
C GLY F 272 3.77 21.10 8.35
N PRO F 273 4.23 19.84 8.46
CA PRO F 273 5.53 19.33 8.03
C PRO F 273 5.61 19.01 6.54
N GLY F 274 6.81 18.98 5.98
CA GLY F 274 6.95 18.47 4.64
C GLY F 274 6.25 19.26 3.54
N GLN F 275 5.05 18.86 3.28
CA GLN F 275 4.31 19.24 2.10
C GLN F 275 3.96 20.72 1.98
N THR F 276 4.25 21.28 0.81
CA THR F 276 3.87 22.64 0.53
C THR F 276 2.68 22.63 -0.40
N PHE F 277 1.94 23.71 -0.36
CA PHE F 277 0.80 23.93 -1.22
C PHE F 277 1.05 25.05 -2.17
N TYR F 278 0.66 24.89 -3.43
CA TYR F 278 0.88 26.00 -4.34
C TYR F 278 -0.40 26.70 -4.75
N ALA F 279 -0.28 28.01 -4.91
CA ALA F 279 -1.39 28.83 -5.36
C ALA F 279 -0.89 30.11 -6.01
N THR F 280 -1.77 30.74 -6.76
CA THR F 280 -1.45 32.02 -7.36
C THR F 280 -1.18 33.07 -6.30
N GLY F 281 -0.08 33.80 -6.46
CA GLY F 281 0.15 34.93 -5.54
C GLY F 281 -0.87 35.99 -5.93
N ASP F 282 -0.66 36.58 -7.11
CA ASP F 282 -1.60 37.55 -7.72
C ASP F 282 -1.34 37.55 -9.24
N ILE F 283 -2.39 37.64 -10.07
CA ILE F 283 -2.14 37.75 -11.54
C ILE F 283 -1.33 39.04 -11.66
N ILE F 284 -0.08 38.98 -12.13
CA ILE F 284 0.68 40.25 -12.01
C ILE F 284 0.48 41.25 -13.13
N GLY F 285 -0.15 40.95 -14.24
CA GLY F 285 -0.21 42.00 -15.26
C GLY F 285 -1.53 42.70 -15.22
N ASP F 286 -2.09 42.95 -16.39
CA ASP F 286 -3.47 43.40 -16.60
C ASP F 286 -4.30 42.12 -16.75
N ILE F 287 -5.62 42.15 -16.60
CA ILE F 287 -6.32 40.84 -16.77
C ILE F 287 -7.06 40.79 -18.10
N LYS F 288 -6.56 40.07 -19.09
CA LYS F 288 -7.27 39.98 -20.40
C LYS F 288 -7.87 38.59 -20.56
N GLN F 289 -8.77 38.42 -21.55
CA GLN F 289 -9.53 37.16 -21.77
C GLN F 289 -8.60 36.02 -22.18
N ALA F 290 -9.06 34.77 -22.01
CA ALA F 290 -8.32 33.59 -22.48
C ALA F 290 -9.03 33.09 -23.75
N HIS F 291 -8.28 32.84 -24.83
CA HIS F 291 -8.93 32.56 -26.14
C HIS F 291 -8.15 31.49 -26.94
N CYS F 292 -8.80 31.03 -28.02
CA CYS F 292 -8.31 30.14 -29.09
C CYS F 292 -8.57 30.75 -30.48
N ASN F 293 -7.51 31.19 -31.16
CA ASN F 293 -7.65 31.71 -32.55
C ASN F 293 -7.82 30.51 -33.48
N ILE F 294 -8.75 30.61 -34.42
CA ILE F 294 -8.95 29.61 -35.51
C ILE F 294 -9.25 30.38 -36.80
N SER F 295 -8.58 30.05 -37.91
CA SER F 295 -8.85 30.77 -39.15
C SER F 295 -10.27 30.49 -39.55
N GLU F 296 -11.02 31.50 -39.98
CA GLU F 296 -12.39 31.32 -40.48
C GLU F 296 -12.47 30.55 -41.78
N GLU F 297 -11.52 30.91 -42.61
CA GLU F 297 -11.49 30.33 -43.95
C GLU F 297 -11.52 28.81 -43.95
N LYS F 298 -10.68 28.34 -43.04
CA LYS F 298 -10.30 26.96 -43.12
C LYS F 298 -11.41 26.22 -42.47
N TRP F 299 -12.01 26.82 -41.42
CA TRP F 299 -13.14 26.24 -40.65
C TRP F 299 -14.41 26.20 -41.50
N ASN F 300 -14.66 27.23 -42.32
CA ASN F 300 -15.87 27.27 -43.18
C ASN F 300 -15.67 26.31 -44.36
N ASP F 301 -14.41 26.04 -44.74
CA ASP F 301 -14.05 25.05 -45.79
C ASP F 301 -14.33 23.65 -45.24
N THR F 302 -13.98 23.42 -43.96
CA THR F 302 -14.15 22.18 -43.26
C THR F 302 -15.60 21.87 -43.05
N LEU F 303 -16.39 22.81 -42.57
CA LEU F 303 -17.76 22.45 -42.32
C LEU F 303 -18.45 22.05 -43.60
N GLN F 304 -18.15 22.73 -44.72
CA GLN F 304 -18.81 22.28 -45.93
C GLN F 304 -18.23 20.95 -46.41
N LYS F 305 -16.91 20.75 -46.32
CA LYS F 305 -16.39 19.47 -46.78
C LYS F 305 -16.98 18.32 -46.02
N VAL F 306 -17.17 18.49 -44.72
CA VAL F 306 -17.78 17.44 -43.93
C VAL F 306 -19.20 17.27 -44.39
N GLY F 307 -19.91 18.38 -44.61
CA GLY F 307 -21.28 18.34 -45.07
C GLY F 307 -21.43 17.56 -46.37
N ILE F 308 -20.46 17.68 -47.26
CA ILE F 308 -20.50 16.97 -48.52
C ILE F 308 -20.39 15.50 -48.29
N GLU F 309 -19.45 15.09 -47.47
CA GLU F 309 -19.31 13.68 -47.23
C GLU F 309 -20.51 13.16 -46.41
N LEU F 310 -20.99 13.97 -45.48
CA LEU F 310 -22.05 13.57 -44.57
C LEU F 310 -23.35 13.34 -45.36
N GLN F 311 -23.58 14.21 -46.35
CA GLN F 311 -24.68 14.20 -47.29
C GLN F 311 -24.84 12.84 -47.97
N LYS F 312 -23.79 12.04 -48.02
CA LYS F 312 -23.89 10.75 -48.67
C LYS F 312 -24.84 9.83 -47.93
N HIS F 313 -24.92 9.99 -46.61
CA HIS F 313 -25.74 9.12 -45.79
C HIS F 313 -27.05 9.78 -45.45
N PHE F 314 -27.06 11.09 -45.63
CA PHE F 314 -28.23 11.91 -45.41
C PHE F 314 -28.48 12.76 -46.66
N PRO F 315 -28.88 12.14 -47.80
CA PRO F 315 -29.09 12.75 -49.09
C PRO F 315 -30.30 13.65 -49.15
N ASN F 316 -30.21 14.62 -50.07
CA ASN F 316 -31.22 15.62 -50.36
C ASN F 316 -31.65 16.40 -49.14
N LYS F 317 -30.69 16.72 -48.28
CA LYS F 317 -30.92 17.45 -47.06
C LYS F 317 -29.79 18.42 -46.75
N THR F 318 -30.16 19.53 -46.13
CA THR F 318 -29.25 20.57 -45.67
C THR F 318 -28.61 20.17 -44.35
N ILE F 319 -27.34 20.50 -44.18
CA ILE F 319 -26.72 20.17 -42.90
C ILE F 319 -26.49 21.36 -42.01
N LYS F 320 -27.12 21.27 -40.87
CA LYS F 320 -27.18 22.33 -39.91
C LYS F 320 -26.36 21.99 -38.71
N TYR F 321 -25.68 23.00 -38.15
CA TYR F 321 -24.86 22.81 -36.93
C TYR F 321 -25.37 23.71 -35.79
N ASN F 322 -25.93 23.08 -34.74
CA ASN F 322 -26.36 23.76 -33.50
C ASN F 322 -25.24 23.66 -32.45
N GLN F 323 -25.50 24.24 -31.27
CA GLN F 323 -24.65 24.28 -30.04
C GLN F 323 -25.00 23.08 -29.13
N SER F 324 -24.33 22.94 -27.97
CA SER F 324 -24.61 21.78 -27.16
C SER F 324 -25.96 21.95 -26.54
N ALA F 325 -26.49 20.84 -26.02
CA ALA F 325 -27.78 20.80 -25.36
C ALA F 325 -27.83 21.62 -24.06
N GLY F 326 -26.68 21.92 -23.48
CA GLY F 326 -26.62 22.63 -22.21
C GLY F 326 -26.23 21.69 -21.07
N GLY F 327 -25.67 22.28 -20.02
CA GLY F 327 -25.16 21.52 -18.88
C GLY F 327 -23.90 22.16 -18.34
N ASP F 328 -23.21 21.44 -17.47
CA ASP F 328 -21.97 21.86 -16.82
C ASP F 328 -20.91 22.08 -17.88
N MET F 329 -19.88 22.88 -17.60
CA MET F 329 -18.89 23.14 -18.65
C MET F 329 -18.23 21.85 -19.15
N GLU F 330 -18.08 20.87 -18.27
CA GLU F 330 -17.49 19.58 -18.63
C GLU F 330 -18.30 18.84 -19.71
N ILE F 331 -19.55 19.22 -19.85
CA ILE F 331 -20.50 18.65 -20.77
C ILE F 331 -20.56 19.44 -22.06
N THR F 332 -20.67 20.77 -21.94
CA THR F 332 -20.80 21.63 -23.10
C THR F 332 -19.57 22.31 -23.69
N THR F 333 -18.50 22.43 -22.94
CA THR F 333 -17.35 23.11 -23.48
C THR F 333 -16.26 22.21 -23.97
N HIS F 334 -15.39 22.77 -24.78
CA HIS F 334 -14.22 22.08 -25.24
C HIS F 334 -13.21 22.12 -24.13
N SER F 335 -12.46 21.04 -23.94
CA SER F 335 -11.45 21.03 -22.88
C SER F 335 -10.03 20.80 -23.33
N PHE F 336 -9.14 21.65 -22.84
CA PHE F 336 -7.73 21.60 -23.19
C PHE F 336 -6.91 21.53 -21.93
N ASN F 337 -5.73 20.95 -22.05
CA ASN F 337 -4.77 20.92 -20.97
C ASN F 337 -3.48 21.59 -21.42
N CYS F 338 -3.60 22.60 -22.29
CA CYS F 338 -2.43 23.29 -22.78
C CYS F 338 -1.59 23.89 -21.67
N GLY F 339 -0.33 23.50 -21.63
CA GLY F 339 0.58 24.04 -20.65
C GLY F 339 0.38 23.42 -19.29
N GLY F 340 -0.58 22.52 -19.18
CA GLY F 340 -0.88 21.89 -17.92
C GLY F 340 -2.03 22.61 -17.21
N GLU F 341 -2.51 23.73 -17.77
CA GLU F 341 -3.61 24.45 -17.17
C GLU F 341 -4.89 23.91 -17.76
N PHE F 342 -6.00 23.98 -17.05
CA PHE F 342 -7.23 23.46 -17.60
C PHE F 342 -8.21 24.49 -18.07
N PHE F 343 -8.41 24.45 -19.37
CA PHE F 343 -9.29 25.34 -20.08
C PHE F 343 -10.55 24.69 -20.51
N TYR F 344 -11.61 25.44 -20.39
CA TYR F 344 -12.92 25.08 -20.86
C TYR F 344 -13.38 26.15 -21.81
N CYS F 345 -13.52 25.83 -23.08
CA CYS F 345 -13.81 26.89 -24.05
C CYS F 345 -15.19 26.74 -24.67
N ASN F 346 -15.89 27.88 -24.74
CA ASN F 346 -17.29 27.95 -25.22
C ASN F 346 -17.25 27.90 -26.75
N THR F 347 -17.83 26.82 -27.28
CA THR F 347 -17.89 26.37 -28.70
C THR F 347 -18.58 27.37 -29.62
N SER F 348 -19.71 27.92 -29.18
CA SER F 348 -20.36 29.00 -29.99
C SER F 348 -19.40 30.19 -30.03
N ASN F 349 -19.21 30.79 -31.21
CA ASN F 349 -20.05 30.48 -32.40
C ASN F 349 -19.38 29.46 -33.33
N LEU F 350 -18.38 28.70 -32.85
CA LEU F 350 -17.74 27.81 -33.81
C LEU F 350 -18.74 27.13 -34.74
N PHE F 351 -19.61 26.28 -34.17
CA PHE F 351 -20.56 25.48 -34.98
C PHE F 351 -21.91 26.20 -35.15
N ASN F 352 -21.89 27.52 -35.24
CA ASN F 352 -23.13 28.32 -35.42
C ASN F 352 -23.78 28.10 -36.79
N GLY F 353 -22.98 27.92 -37.84
CA GLY F 353 -23.51 27.89 -39.23
C GLY F 353 -24.20 26.61 -39.69
N THR F 354 -24.78 26.65 -40.88
CA THR F 354 -25.45 25.50 -41.57
C THR F 354 -25.56 25.89 -43.05
N TYR F 355 -24.82 25.26 -43.95
CA TYR F 355 -24.82 25.64 -45.40
C TYR F 355 -25.86 24.83 -46.17
N ASN F 356 -26.47 25.42 -47.21
CA ASN F 356 -27.48 24.79 -48.09
C ASN F 356 -26.91 23.48 -48.65
N GLY F 357 -27.73 22.43 -48.69
CA GLY F 357 -27.27 21.16 -49.21
C GLY F 357 -26.90 21.12 -50.69
N THR F 358 -25.92 21.93 -51.04
CA THR F 358 -25.33 22.08 -52.34
C THR F 358 -23.86 22.00 -52.02
N TYR F 359 -23.56 22.45 -50.80
CA TYR F 359 -22.21 22.51 -50.24
C TYR F 359 -21.20 22.92 -51.27
N ILE F 360 -21.43 24.03 -51.93
CA ILE F 360 -20.51 24.40 -52.97
C ILE F 360 -19.22 24.90 -52.40
N SER F 361 -18.13 24.30 -52.85
CA SER F 361 -16.79 24.63 -52.37
C SER F 361 -16.30 25.91 -53.01
N THR F 362 -16.94 27.01 -52.67
CA THR F 362 -16.59 28.30 -53.22
C THR F 362 -15.96 29.21 -52.19
N ASN F 363 -14.81 29.72 -52.56
CA ASN F 363 -14.01 30.59 -51.73
C ASN F 363 -13.13 31.40 -52.67
N SER F 364 -12.32 32.29 -52.13
CA SER F 364 -11.45 33.08 -52.98
C SER F 364 -10.17 33.54 -52.30
N SER F 365 -9.19 33.89 -53.13
CA SER F 365 -7.92 34.45 -52.65
C SER F 365 -8.19 35.80 -52.01
N ALA F 366 -7.48 36.08 -50.93
CA ALA F 366 -7.63 37.36 -50.24
C ALA F 366 -6.43 37.62 -49.37
N ASN F 367 -6.27 38.87 -48.96
CA ASN F 367 -5.22 39.23 -48.02
C ASN F 367 -5.75 39.22 -46.58
N SER F 368 -6.96 38.73 -46.42
CA SER F 368 -7.63 38.62 -45.13
C SER F 368 -6.96 37.65 -44.19
N THR F 369 -6.89 38.05 -42.93
CA THR F 369 -6.38 37.22 -41.86
C THR F 369 -7.47 37.01 -40.84
N SER F 370 -8.72 37.21 -41.25
CA SER F 370 -9.86 37.07 -40.35
C SER F 370 -9.95 35.71 -39.68
N THR F 371 -10.26 35.73 -38.39
CA THR F 371 -10.33 34.56 -37.53
C THR F 371 -11.63 34.51 -36.76
N ILE F 372 -11.87 33.34 -36.21
CA ILE F 372 -12.97 33.08 -35.31
C ILE F 372 -12.36 32.86 -33.95
N THR F 373 -12.84 33.56 -32.94
CA THR F 373 -12.17 33.46 -31.65
C THR F 373 -13.13 32.93 -30.64
N LEU F 374 -12.71 31.91 -29.92
CA LEU F 374 -13.50 31.44 -28.81
C LEU F 374 -12.85 31.94 -27.55
N GLN F 375 -13.68 32.15 -26.52
CA GLN F 375 -13.21 32.66 -25.21
C GLN F 375 -13.27 31.51 -24.20
N CYS F 376 -12.38 31.49 -23.22
CA CYS F 376 -12.14 30.27 -22.40
C CYS F 376 -12.37 30.60 -20.91
N ARG F 377 -12.81 29.61 -20.12
CA ARG F 377 -12.87 29.74 -18.65
C ARG F 377 -12.02 28.64 -18.00
N ILE F 378 -11.01 29.03 -17.21
CA ILE F 378 -10.03 28.10 -16.58
C ILE F 378 -10.52 27.64 -15.21
N LYS F 379 -10.13 26.43 -14.78
CA LYS F 379 -10.53 25.91 -13.47
C LYS F 379 -9.35 25.51 -12.64
N GLN F 380 -9.55 25.40 -11.33
CA GLN F 380 -8.49 24.92 -10.49
C GLN F 380 -8.76 23.51 -10.06
N ILE F 381 -10.01 23.20 -9.72
CA ILE F 381 -10.29 21.85 -9.27
C ILE F 381 -11.15 21.10 -10.24
N ILE F 382 -10.68 19.95 -10.64
CA ILE F 382 -11.44 19.16 -11.59
C ILE F 382 -11.60 17.70 -11.20
N ASN F 383 -12.66 17.08 -11.72
CA ASN F 383 -12.90 15.65 -11.57
C ASN F 383 -12.34 14.99 -12.80
N MET F 384 -11.14 14.46 -12.66
CA MET F 384 -10.42 13.95 -13.79
C MET F 384 -11.09 12.71 -14.32
N TRP F 385 -11.62 12.80 -15.53
CA TRP F 385 -12.38 11.71 -16.11
C TRP F 385 -13.58 11.34 -15.26
N GLN F 386 -14.23 12.34 -14.69
CA GLN F 386 -15.42 12.20 -13.86
C GLN F 386 -15.09 11.49 -12.55
N GLY F 387 -13.80 11.38 -12.27
CA GLY F 387 -13.27 10.82 -11.05
C GLY F 387 -13.45 11.76 -9.90
N VAL F 388 -14.66 11.87 -9.42
CA VAL F 388 -14.92 12.71 -8.26
C VAL F 388 -14.08 12.18 -7.10
N GLY F 389 -13.98 10.86 -7.00
CA GLY F 389 -13.23 10.21 -5.93
C GLY F 389 -11.73 10.28 -6.17
N ARG F 390 -11.32 10.86 -7.30
CA ARG F 390 -9.95 11.06 -7.65
C ARG F 390 -9.76 12.56 -7.91
N CYS F 391 -10.62 13.39 -7.32
CA CYS F 391 -10.60 14.82 -7.57
C CYS F 391 -9.26 15.43 -7.24
N MET F 392 -8.89 16.41 -8.04
CA MET F 392 -7.63 17.08 -7.82
C MET F 392 -7.60 18.56 -8.16
N TYR F 393 -6.74 19.25 -7.43
CA TYR F 393 -6.38 20.64 -7.61
C TYR F 393 -5.17 20.80 -8.48
N ALA F 394 -5.28 21.61 -9.49
CA ALA F 394 -4.17 21.88 -10.35
C ALA F 394 -3.09 22.70 -9.66
N PRO F 395 -1.81 22.51 -9.99
CA PRO F 395 -0.77 23.39 -9.60
C PRO F 395 -0.95 24.59 -10.50
N PRO F 396 -0.69 25.80 -10.05
CA PRO F 396 -0.66 27.00 -10.86
C PRO F 396 0.61 27.04 -11.68
N ILE F 397 0.55 27.69 -12.84
CA ILE F 397 1.73 27.90 -13.66
C ILE F 397 1.91 29.37 -14.00
N ALA F 398 3.10 29.87 -13.72
CA ALA F 398 3.48 31.26 -13.92
C ALA F 398 3.77 31.68 -15.37
N GLY F 399 3.66 32.98 -15.62
CA GLY F 399 3.97 33.52 -16.97
C GLY F 399 2.77 33.36 -17.89
N ASN F 400 2.96 33.48 -19.21
CA ASN F 400 1.80 33.40 -20.14
C ASN F 400 1.92 32.10 -20.97
N ILE F 401 0.80 31.39 -21.14
CA ILE F 401 0.71 30.11 -21.91
C ILE F 401 0.37 30.39 -23.38
N THR F 402 1.12 29.76 -24.29
CA THR F 402 0.83 29.75 -25.71
C THR F 402 0.72 28.30 -26.14
N CYS F 403 -0.19 28.00 -27.07
CA CYS F 403 -0.39 26.60 -27.44
C CYS F 403 -0.97 26.35 -28.83
N ARG F 404 -0.27 25.54 -29.59
CA ARG F 404 -0.61 25.18 -30.96
C ARG F 404 -1.41 23.88 -30.76
N SER F 405 -2.07 23.29 -31.79
CA SER F 405 -1.42 22.72 -32.98
C SER F 405 -2.38 22.31 -34.09
N ASN F 406 -1.95 21.25 -34.81
CA ASN F 406 -2.64 20.65 -35.94
C ASN F 406 -3.77 19.76 -35.44
N ILE F 407 -4.98 20.09 -35.82
CA ILE F 407 -6.16 19.39 -35.41
C ILE F 407 -6.98 19.08 -36.69
N THR F 408 -8.07 18.29 -36.65
CA THR F 408 -8.74 17.75 -35.49
C THR F 408 -9.53 16.52 -35.84
N GLY F 409 -9.84 15.70 -34.85
CA GLY F 409 -10.87 14.68 -35.02
C GLY F 409 -12.18 15.29 -34.50
N LEU F 410 -13.33 14.95 -35.08
CA LEU F 410 -14.56 15.51 -34.50
C LEU F 410 -15.44 14.47 -33.85
N LEU F 411 -16.11 14.86 -32.77
CA LEU F 411 -17.13 14.07 -32.12
C LEU F 411 -18.44 14.79 -32.23
N LEU F 412 -19.34 14.23 -33.02
CA LEU F 412 -20.62 14.86 -33.27
C LEU F 412 -21.84 14.00 -33.02
N THR F 413 -22.95 14.63 -32.69
CA THR F 413 -24.21 13.91 -32.60
C THR F 413 -25.23 14.48 -33.58
N ARG F 414 -26.41 13.87 -33.63
CA ARG F 414 -27.46 14.23 -34.59
C ARG F 414 -28.80 14.47 -33.95
N ASP F 415 -29.51 15.46 -34.49
CA ASP F 415 -30.83 15.85 -34.03
C ASP F 415 -31.75 16.22 -35.21
N GLY F 416 -32.97 16.62 -34.87
CA GLY F 416 -34.00 17.01 -35.81
C GLY F 416 -35.20 16.07 -35.69
N GLY F 417 -36.39 16.65 -35.60
CA GLY F 417 -37.62 15.86 -35.43
C GLY F 417 -38.40 15.63 -36.72
N THR F 418 -39.68 15.35 -36.55
CA THR F 418 -40.58 15.04 -37.66
C THR F 418 -41.02 16.29 -38.37
N ASN F 419 -40.65 17.41 -37.79
CA ASN F 419 -40.93 18.73 -38.28
C ASN F 419 -39.84 19.29 -39.19
N SER F 420 -38.87 18.47 -39.57
CA SER F 420 -37.87 18.92 -40.51
C SER F 420 -37.75 17.94 -41.65
N ASN F 421 -36.76 17.06 -41.60
CA ASN F 421 -36.52 16.07 -42.67
C ASN F 421 -36.29 16.72 -44.03
N GLU F 422 -35.60 17.86 -44.01
CA GLU F 422 -35.23 18.62 -45.20
C GLU F 422 -33.80 19.03 -44.98
N THR F 423 -33.45 18.85 -43.75
CA THR F 423 -32.24 19.21 -43.12
C THR F 423 -32.20 18.43 -41.86
N GLU F 424 -31.00 18.21 -41.36
CA GLU F 424 -30.74 17.54 -40.09
C GLU F 424 -29.76 18.38 -39.30
N THR F 425 -29.85 18.30 -37.97
CA THR F 425 -29.03 19.13 -37.10
C THR F 425 -27.98 18.34 -36.36
N PHE F 426 -26.77 18.83 -36.42
CA PHE F 426 -25.71 18.18 -35.72
C PHE F 426 -25.26 19.04 -34.57
N ARG F 427 -24.79 18.39 -33.54
CA ARG F 427 -24.31 19.09 -32.37
C ARG F 427 -22.94 18.57 -31.93
N PRO F 428 -22.14 19.37 -31.22
CA PRO F 428 -20.96 18.94 -30.53
C PRO F 428 -21.34 17.87 -29.54
N ALA F 429 -20.47 16.90 -29.38
CA ALA F 429 -20.69 15.80 -28.47
C ALA F 429 -19.38 15.29 -27.90
N GLY F 430 -19.46 14.50 -26.82
CA GLY F 430 -18.25 13.90 -26.28
C GLY F 430 -18.41 13.56 -24.80
N GLY F 431 -17.29 13.24 -24.15
CA GLY F 431 -17.27 12.83 -22.74
C GLY F 431 -16.84 11.38 -22.49
N ASP F 432 -16.89 10.51 -23.49
CA ASP F 432 -16.40 9.15 -23.27
C ASP F 432 -15.00 8.96 -23.87
N MET F 433 -14.05 8.76 -22.99
CA MET F 433 -12.64 8.66 -23.31
C MET F 433 -12.42 7.56 -24.32
N ARG F 434 -13.30 6.56 -24.30
CA ARG F 434 -13.19 5.44 -25.18
C ARG F 434 -13.18 5.87 -26.62
N ASP F 435 -13.95 6.91 -26.96
CA ASP F 435 -14.04 7.25 -28.35
C ASP F 435 -12.83 8.02 -28.72
N ASN F 436 -12.27 8.74 -27.76
CA ASN F 436 -11.09 9.49 -28.09
C ASN F 436 -9.99 8.55 -28.56
N TRP F 437 -9.90 7.36 -27.96
CA TRP F 437 -8.85 6.48 -28.44
C TRP F 437 -9.35 5.62 -29.57
N ARG F 438 -10.63 5.22 -29.53
CA ARG F 438 -11.23 4.33 -30.51
C ARG F 438 -10.92 4.84 -31.90
N SER F 439 -11.01 6.15 -32.02
CA SER F 439 -10.71 6.91 -33.19
C SER F 439 -9.46 6.43 -33.90
N GLU F 440 -8.40 6.10 -33.15
CA GLU F 440 -7.18 5.67 -33.82
C GLU F 440 -6.91 4.18 -33.64
N LEU F 441 -7.39 3.62 -32.53
CA LEU F 441 -7.11 2.24 -32.21
C LEU F 441 -7.67 1.28 -33.25
N TYR F 442 -8.77 1.68 -33.87
CA TYR F 442 -9.51 0.92 -34.87
C TYR F 442 -8.66 0.32 -35.96
N LYS F 443 -7.49 0.85 -36.20
CA LYS F 443 -6.67 0.33 -37.25
C LYS F 443 -6.22 -1.10 -36.99
N TYR F 444 -6.17 -1.49 -35.71
CA TYR F 444 -5.59 -2.76 -35.36
C TYR F 444 -6.53 -3.81 -34.77
N LYS F 445 -6.21 -5.08 -35.04
CA LYS F 445 -6.92 -6.23 -34.49
C LYS F 445 -5.91 -7.18 -33.86
N VAL F 446 -6.24 -7.78 -32.74
CA VAL F 446 -5.27 -8.67 -32.12
C VAL F 446 -5.68 -10.11 -32.28
N VAL F 447 -4.75 -10.91 -32.76
CA VAL F 447 -5.00 -12.31 -33.01
C VAL F 447 -3.96 -13.19 -32.35
N LYS F 448 -4.31 -14.46 -32.21
CA LYS F 448 -3.44 -15.46 -31.65
C LYS F 448 -2.98 -16.40 -32.74
N ILE F 449 -1.73 -16.80 -32.68
CA ILE F 449 -1.24 -17.76 -33.65
C ILE F 449 -1.55 -19.13 -33.15
N GLU F 450 -2.22 -19.93 -33.98
CA GLU F 450 -2.50 -21.30 -33.58
C GLU F 450 -1.71 -22.31 -34.39
N PRO F 451 -0.54 -22.75 -33.94
CA PRO F 451 0.27 -23.73 -34.60
C PRO F 451 -0.34 -25.09 -34.41
N LEU F 452 0.06 -26.00 -35.27
CA LEU F 452 -0.28 -27.40 -35.29
C LEU F 452 -1.62 -27.77 -35.91
N GLY F 453 -1.55 -28.17 -37.16
CA GLY F 453 -2.71 -28.47 -37.97
C GLY F 453 -2.55 -29.84 -38.61
N VAL F 454 -3.47 -30.20 -39.48
CA VAL F 454 -3.48 -31.55 -40.05
C VAL F 454 -3.79 -31.49 -41.51
N ALA F 455 -3.21 -32.41 -42.26
CA ALA F 455 -3.55 -32.56 -43.67
C ALA F 455 -3.18 -33.96 -44.12
N PRO F 456 -3.84 -34.53 -45.12
CA PRO F 456 -3.48 -35.76 -45.74
C PRO F 456 -2.30 -35.56 -46.63
N THR F 457 -1.52 -36.62 -46.79
CA THR F 457 -0.35 -36.59 -47.65
C THR F 457 -0.18 -37.90 -48.43
N ARG F 458 -0.51 -39.02 -47.79
CA ARG F 458 -0.43 -40.31 -48.49
C ARG F 458 0.88 -41.02 -48.20
N CYS F 459 1.85 -40.28 -47.71
CA CYS F 459 3.15 -40.80 -47.40
C CYS F 459 3.06 -41.55 -46.08
N LYS F 460 3.88 -42.56 -45.86
CA LYS F 460 3.67 -43.34 -44.64
C LYS F 460 4.99 -43.61 -43.93
N ARG F 461 4.95 -43.73 -42.61
CA ARG F 461 6.13 -44.08 -41.86
C ARG F 461 6.38 -45.55 -41.71
N ARG F 462 7.57 -45.95 -42.10
CA ARG F 462 8.02 -47.32 -41.94
C ARG F 462 8.45 -47.51 -40.50
N VAL F 463 7.96 -48.56 -39.89
CA VAL F 463 8.28 -48.88 -38.52
C VAL F 463 7.78 -50.26 -38.16
N GLN G 20 -9.14 67.34 -33.52
CA GLN G 20 -8.13 66.34 -33.31
C GLN G 20 -8.05 65.95 -31.87
N VAL G 21 -7.13 65.04 -31.55
CA VAL G 21 -6.98 64.57 -30.18
C VAL G 21 -6.48 65.66 -29.26
N GLN G 22 -7.19 65.86 -28.17
CA GLN G 22 -6.82 66.85 -27.18
C GLN G 22 -6.61 66.17 -25.85
N LEU G 23 -5.67 66.73 -25.10
CA LEU G 23 -5.43 66.36 -23.72
C LEU G 23 -5.26 67.67 -23.00
N VAL G 24 -6.23 68.05 -22.18
CA VAL G 24 -6.21 69.36 -21.56
C VAL G 24 -6.00 69.31 -20.07
N GLN G 25 -4.97 69.99 -19.61
CA GLN G 25 -4.63 69.94 -18.20
C GLN G 25 -5.00 71.20 -17.45
N SER G 26 -4.82 71.14 -16.15
CA SER G 26 -5.10 72.24 -15.26
C SER G 26 -4.00 73.25 -15.35
N GLY G 27 -4.20 74.39 -14.72
CA GLY G 27 -3.19 75.42 -14.75
C GLY G 27 -2.16 75.03 -13.69
N ALA G 28 -1.24 75.96 -13.39
CA ALA G 28 -0.15 75.74 -12.45
C ALA G 28 -0.65 75.77 -11.03
N GLU G 29 0.08 75.10 -10.14
CA GLU G 29 -0.22 75.10 -8.72
C GLU G 29 1.02 74.99 -7.84
N VAL G 30 0.95 75.58 -6.64
CA VAL G 30 2.03 75.49 -5.68
C VAL G 30 1.56 75.05 -4.29
N LYS G 31 2.26 74.09 -3.73
CA LYS G 31 1.93 73.53 -2.42
C LYS G 31 3.03 73.57 -1.38
N LYS G 32 2.61 73.48 -0.13
CA LYS G 32 3.53 73.45 0.99
C LYS G 32 4.02 72.03 1.17
N PRO G 33 5.22 71.79 1.71
CA PRO G 33 5.74 70.46 1.92
C PRO G 33 4.77 69.66 2.78
N GLY G 34 4.59 68.41 2.40
CA GLY G 34 3.71 67.47 3.11
C GLY G 34 2.29 67.47 2.56
N ALA G 35 1.97 68.45 1.74
CA ALA G 35 0.66 68.62 1.15
C ALA G 35 0.40 67.65 0.04
N SER G 36 -0.84 67.66 -0.44
CA SER G 36 -1.17 66.83 -1.59
C SER G 36 -1.75 67.69 -2.69
N VAL G 37 -1.59 67.24 -3.93
CA VAL G 37 -2.16 67.95 -5.07
C VAL G 37 -2.86 67.03 -6.05
N LYS G 38 -3.98 67.49 -6.59
CA LYS G 38 -4.65 66.75 -7.63
C LYS G 38 -4.19 67.31 -8.95
N VAL G 39 -3.79 66.42 -9.83
CA VAL G 39 -3.38 66.75 -11.18
C VAL G 39 -4.32 66.05 -12.14
N SER G 40 -4.84 66.75 -13.12
CA SER G 40 -5.82 66.10 -13.97
C SER G 40 -5.83 66.56 -15.40
N CYS G 41 -6.53 65.79 -16.22
CA CYS G 41 -6.64 66.12 -17.63
C CYS G 41 -7.92 65.61 -18.27
N LYS G 42 -8.45 66.42 -19.16
CA LYS G 42 -9.62 66.04 -19.92
C LYS G 42 -9.28 65.58 -21.33
N ALA G 43 -9.86 64.46 -21.69
CA ALA G 43 -9.66 63.91 -23.01
C ALA G 43 -10.75 64.40 -23.94
N SER G 44 -10.37 64.78 -25.16
CA SER G 44 -11.36 65.20 -26.14
C SER G 44 -10.91 65.01 -27.58
N GLY G 45 -11.86 64.82 -28.48
CA GLY G 45 -11.56 64.66 -29.91
C GLY G 45 -11.44 63.21 -30.35
N TYR G 46 -11.51 62.30 -29.39
CA TYR G 46 -11.41 60.87 -29.63
C TYR G 46 -12.04 60.22 -28.44
N THR G 47 -12.23 58.91 -28.48
CA THR G 47 -12.78 58.29 -27.30
C THR G 47 -11.69 57.68 -26.44
N PHE G 48 -11.56 58.26 -25.26
CA PHE G 48 -10.59 57.92 -24.24
C PHE G 48 -10.75 56.52 -23.69
N THR G 49 -11.92 55.94 -23.84
CA THR G 49 -12.17 54.62 -23.30
C THR G 49 -11.40 53.55 -24.06
N ASP G 50 -10.83 53.90 -25.19
CA ASP G 50 -10.16 52.91 -25.98
C ASP G 50 -8.66 52.89 -25.76
N TYR G 51 -8.13 53.75 -24.89
CA TYR G 51 -6.68 53.82 -24.74
C TYR G 51 -6.22 53.85 -23.30
N TYR G 52 -4.97 53.47 -23.07
CA TYR G 52 -4.42 53.69 -21.73
C TYR G 52 -3.93 55.12 -21.55
N ILE G 53 -4.05 55.63 -20.34
CA ILE G 53 -3.44 56.91 -20.04
C ILE G 53 -2.25 56.76 -19.14
N HIS G 54 -1.10 57.30 -19.56
CA HIS G 54 0.12 57.27 -18.77
C HIS G 54 0.51 58.65 -18.30
N TRP G 55 1.33 58.70 -17.25
CA TRP G 55 1.74 60.02 -16.77
C TRP G 55 3.23 60.13 -16.62
N VAL G 56 3.74 61.32 -16.90
CA VAL G 56 5.17 61.54 -16.72
C VAL G 56 5.49 62.82 -15.99
N ARG G 57 6.73 62.91 -15.51
CA ARG G 57 7.18 64.15 -14.88
C ARG G 57 8.43 64.63 -15.54
N GLN G 58 8.59 65.94 -15.66
CA GLN G 58 9.88 66.45 -16.05
C GLN G 58 10.29 67.64 -15.22
N ALA G 59 11.26 67.42 -14.37
CA ALA G 59 11.80 68.46 -13.53
C ALA G 59 12.52 69.42 -14.47
N PRO G 60 12.62 70.71 -14.17
CA PRO G 60 13.21 71.71 -15.04
C PRO G 60 14.73 71.65 -15.11
N GLY G 61 15.24 70.57 -15.69
CA GLY G 61 16.66 70.37 -15.86
C GLY G 61 16.92 68.90 -16.03
N GLN G 62 15.84 68.14 -16.00
CA GLN G 62 15.91 66.69 -16.08
C GLN G 62 15.20 66.09 -17.28
N GLY G 63 15.27 64.76 -17.39
CA GLY G 63 14.55 64.00 -18.40
C GLY G 63 13.20 63.65 -17.82
N LEU G 64 12.54 62.60 -18.31
CA LEU G 64 11.22 62.31 -17.79
C LEU G 64 11.18 61.10 -16.89
N GLU G 65 10.31 61.18 -15.91
CA GLU G 65 10.07 60.07 -15.02
C GLU G 65 8.73 59.49 -15.37
N TRP G 66 8.60 58.19 -15.25
CA TRP G 66 7.36 57.55 -15.62
C TRP G 66 6.52 57.03 -14.50
N MET G 67 5.23 57.28 -14.64
CA MET G 67 4.23 56.82 -13.71
C MET G 67 3.32 55.96 -14.55
N GLY G 68 2.76 54.96 -13.95
CA GLY G 68 2.00 54.06 -14.78
C GLY G 68 0.66 54.50 -15.17
N TRP G 69 0.23 53.64 -16.09
CA TRP G 69 -1.01 53.63 -16.89
C TRP G 69 -2.25 53.40 -16.02
N ILE G 70 -3.36 54.05 -16.34
CA ILE G 70 -4.68 53.81 -15.71
C ILE G 70 -5.55 53.31 -16.85
N ASN G 71 -6.17 52.14 -16.76
CA ASN G 71 -7.09 51.66 -17.81
C ASN G 71 -8.41 52.37 -17.55
N PRO G 72 -8.84 53.32 -18.40
CA PRO G 72 -10.03 54.12 -18.09
C PRO G 72 -11.29 53.30 -17.76
N ASN G 73 -11.48 52.16 -18.42
CA ASN G 73 -12.69 51.31 -18.25
C ASN G 73 -12.67 50.57 -16.91
N SER G 74 -11.57 49.87 -16.61
CA SER G 74 -11.41 49.01 -15.39
C SER G 74 -11.15 49.85 -14.14
N GLY G 75 -10.39 50.94 -14.28
CA GLY G 75 -9.95 51.80 -13.16
C GLY G 75 -8.78 51.21 -12.38
N ARG G 76 -8.27 50.09 -12.93
CA ARG G 76 -7.08 49.33 -12.48
C ARG G 76 -5.82 50.12 -12.80
N THR G 77 -4.78 50.02 -11.98
CA THR G 77 -3.52 50.68 -12.42
C THR G 77 -2.31 49.89 -11.89
N ASN G 78 -1.12 50.20 -12.40
CA ASN G 78 0.20 49.75 -11.87
C ASN G 78 1.03 50.98 -11.52
N SER G 79 1.57 51.08 -10.29
CA SER G 79 2.37 52.23 -9.81
C SER G 79 3.85 51.96 -10.11
N ALA G 80 4.55 52.98 -10.58
CA ALA G 80 5.98 52.96 -10.95
C ALA G 80 6.84 52.79 -9.70
N GLN G 81 8.04 52.22 -9.86
CA GLN G 81 9.00 52.03 -8.73
C GLN G 81 9.43 53.42 -8.24
N LYS G 82 9.62 53.57 -6.90
CA LYS G 82 10.00 54.77 -6.08
C LYS G 82 8.74 55.59 -5.71
N PHE G 83 7.53 55.12 -6.01
CA PHE G 83 6.25 55.77 -5.63
C PHE G 83 5.56 54.89 -4.57
N GLN G 84 5.26 53.63 -4.89
CA GLN G 84 4.75 52.62 -3.93
C GLN G 84 3.58 53.18 -3.13
N ASP G 85 2.57 53.71 -3.84
CA ASP G 85 1.32 54.34 -3.32
C ASP G 85 1.56 55.75 -2.74
N ARG G 86 2.75 56.32 -2.93
CA ARG G 86 3.02 57.74 -2.59
C ARG G 86 2.08 58.61 -3.44
N VAL G 87 1.83 58.15 -4.68
CA VAL G 87 0.86 58.73 -5.64
C VAL G 87 -0.18 57.64 -5.96
N THR G 88 -1.47 57.98 -6.00
CA THR G 88 -2.56 57.07 -6.46
C THR G 88 -3.32 57.74 -7.61
N MET G 89 -3.98 56.94 -8.46
CA MET G 89 -4.65 57.47 -9.63
C MET G 89 -6.08 57.00 -9.71
N THR G 90 -6.93 57.89 -10.18
CA THR G 90 -8.35 57.63 -10.29
C THR G 90 -8.85 58.16 -11.63
N ARG G 91 -10.09 57.84 -11.95
CA ARG G 91 -10.67 58.31 -13.20
C ARG G 91 -12.15 58.54 -13.07
N ASP G 92 -12.69 59.37 -13.95
CA ASP G 92 -14.12 59.56 -14.04
C ASP G 92 -14.53 59.58 -15.51
N THR G 93 -15.11 58.47 -15.93
CA THR G 93 -15.43 58.27 -17.32
C THR G 93 -16.52 59.17 -17.82
N SER G 94 -17.39 59.65 -16.94
CA SER G 94 -18.52 60.45 -17.38
C SER G 94 -18.12 61.83 -17.86
N ILE G 95 -16.92 62.24 -17.53
CA ILE G 95 -16.41 63.53 -17.91
C ILE G 95 -15.09 63.42 -18.64
N THR G 96 -14.77 62.22 -19.14
CA THR G 96 -13.50 61.97 -19.82
C THR G 96 -12.32 62.51 -19.02
N THR G 97 -12.28 62.28 -17.71
CA THR G 97 -11.18 62.86 -16.94
C THR G 97 -10.35 61.87 -16.16
N ALA G 98 -9.04 62.05 -16.31
CA ALA G 98 -8.03 61.30 -15.57
C ALA G 98 -7.42 62.17 -14.50
N SER G 99 -7.14 61.58 -13.35
CA SER G 99 -6.52 62.32 -12.26
C SER G 99 -5.45 61.57 -11.51
N MET G 100 -4.54 62.32 -10.92
CA MET G 100 -3.56 61.76 -10.04
C MET G 100 -3.72 62.44 -8.70
N GLU G 101 -3.57 61.68 -7.64
CA GLU G 101 -3.57 62.22 -6.29
C GLU G 101 -2.20 62.05 -5.72
N LEU G 102 -1.47 63.14 -5.65
CA LEU G 102 -0.08 63.11 -5.23
C LEU G 102 0.11 63.53 -3.80
N SER G 103 0.46 62.61 -2.92
CA SER G 103 0.65 62.97 -1.52
C SER G 103 2.11 63.08 -1.21
N ARG G 104 2.45 63.67 -0.08
CA ARG G 104 3.42 64.11 0.90
C ARG G 104 4.50 64.78 0.13
N LEU G 105 4.11 65.79 -0.61
CA LEU G 105 4.99 66.49 -1.52
C LEU G 105 6.26 67.02 -0.92
N THR G 106 7.38 66.75 -1.58
CA THR G 106 8.67 67.25 -1.13
C THR G 106 9.21 68.24 -2.14
N SER G 107 10.26 68.99 -1.81
CA SER G 107 10.76 69.98 -2.79
C SER G 107 11.24 69.28 -4.05
N ASP G 108 11.62 68.01 -3.91
CA ASP G 108 12.10 67.12 -4.96
C ASP G 108 11.05 66.85 -6.01
N ASP G 109 9.79 67.12 -5.70
CA ASP G 109 8.69 66.82 -6.58
C ASP G 109 8.37 67.95 -7.56
N THR G 110 9.12 69.05 -7.51
CA THR G 110 8.86 70.12 -8.46
C THR G 110 9.16 69.62 -9.87
N ALA G 111 8.18 69.74 -10.76
CA ALA G 111 8.30 69.26 -12.15
C ALA G 111 7.10 69.63 -12.96
N VAL G 112 7.21 69.46 -14.26
CA VAL G 112 6.02 69.58 -15.06
C VAL G 112 5.43 68.21 -15.24
N TYR G 113 4.15 68.10 -14.95
CA TYR G 113 3.42 66.87 -15.05
C TYR G 113 2.69 66.80 -16.36
N TYR G 114 2.81 65.68 -17.05
CA TYR G 114 2.06 65.52 -18.28
C TYR G 114 1.19 64.31 -18.36
N CYS G 115 0.07 64.54 -18.99
CA CYS G 115 -0.92 63.54 -19.35
C CYS G 115 -0.69 63.10 -20.79
N ALA G 116 -0.55 61.78 -21.05
CA ALA G 116 -0.38 61.36 -22.46
C ALA G 116 -1.12 60.06 -22.79
N ARG G 117 -1.57 59.93 -24.04
CA ARG G 117 -2.32 58.75 -24.55
C ARG G 117 -1.35 57.63 -24.93
N GLY G 118 -1.56 56.40 -24.43
CA GLY G 118 -0.75 55.20 -24.75
C GLY G 118 -1.37 54.40 -25.87
N GLY G 119 -1.07 53.10 -25.95
CA GLY G 119 -1.51 52.22 -27.04
C GLY G 119 -2.99 51.90 -26.92
N TRP G 120 -3.50 51.16 -27.92
CA TRP G 120 -4.91 50.76 -27.99
C TRP G 120 -5.09 49.70 -26.95
N ILE G 121 -6.31 49.64 -26.47
CA ILE G 121 -6.62 48.54 -25.50
C ILE G 121 -7.63 47.58 -26.12
N SER G 122 -7.48 46.28 -25.84
CA SER G 122 -8.40 45.24 -26.33
C SER G 122 -8.59 44.22 -25.20
N LEU G 123 -9.72 43.51 -25.18
CA LEU G 123 -9.96 42.45 -24.18
C LEU G 123 -8.98 41.26 -24.35
N TYR G 124 -8.59 40.79 -25.54
CA TYR G 124 -7.78 39.51 -25.61
C TYR G 124 -6.26 39.60 -25.51
N TYR G 125 -5.64 40.75 -25.72
CA TYR G 125 -4.18 40.71 -25.44
C TYR G 125 -3.75 41.93 -24.61
N ASP G 126 -2.78 41.74 -23.71
CA ASP G 126 -2.26 42.85 -22.86
C ASP G 126 -1.40 43.79 -23.71
N SER G 127 -1.66 45.09 -23.65
CA SER G 127 -0.86 46.13 -24.34
C SER G 127 -0.81 47.35 -23.43
N SER G 128 -0.17 47.20 -22.27
CA SER G 128 -0.11 48.24 -21.21
C SER G 128 1.32 48.81 -21.10
N GLY G 129 2.32 47.95 -21.32
CA GLY G 129 3.76 48.31 -21.33
C GLY G 129 4.20 49.10 -22.55
N TYR G 130 3.39 49.14 -23.61
CA TYR G 130 3.80 49.71 -24.93
C TYR G 130 4.16 51.19 -24.76
N PRO G 131 5.40 51.60 -25.07
CA PRO G 131 5.82 52.99 -24.95
C PRO G 131 5.45 53.76 -26.23
N ASN G 132 4.16 53.92 -26.48
CA ASN G 132 3.71 54.61 -27.66
C ASN G 132 2.81 55.77 -27.39
N PHE G 133 3.45 56.86 -26.95
CA PHE G 133 2.81 58.11 -26.49
C PHE G 133 2.63 59.09 -27.64
N ASN G 134 1.60 58.89 -28.47
CA ASN G 134 1.39 59.74 -29.67
C ASN G 134 0.87 61.12 -29.27
N TYR G 135 -0.09 61.18 -28.34
CA TYR G 135 -0.73 62.46 -27.97
C TYR G 135 -0.43 62.86 -26.51
N TRP G 136 -0.03 64.12 -26.34
CA TRP G 136 0.37 64.69 -25.08
C TRP G 136 -0.43 65.92 -24.76
N GLY G 137 -0.65 66.15 -23.48
CA GLY G 137 -1.25 67.39 -23.05
C GLY G 137 -0.22 68.49 -22.93
N GLN G 138 -0.71 69.62 -22.47
CA GLN G 138 0.07 70.82 -22.31
C GLN G 138 1.13 70.78 -21.22
N GLY G 139 0.97 69.88 -20.24
CA GLY G 139 1.88 69.83 -19.12
C GLY G 139 1.38 70.74 -18.00
N SER G 140 1.69 70.41 -16.76
CA SER G 140 1.30 71.34 -15.71
C SER G 140 2.37 71.46 -14.67
N ARG G 141 2.54 72.66 -14.16
CA ARG G 141 3.53 72.88 -13.14
C ARG G 141 3.09 72.53 -11.76
N VAL G 142 3.88 71.69 -11.14
CA VAL G 142 3.70 71.39 -9.75
C VAL G 142 4.95 71.83 -9.04
N THR G 143 4.79 72.81 -8.17
CA THR G 143 5.88 73.32 -7.38
C THR G 143 5.69 73.02 -5.93
N VAL G 144 6.73 72.57 -5.28
CA VAL G 144 6.61 72.30 -3.88
C VAL G 144 7.54 73.26 -3.20
N SER G 145 6.98 74.06 -2.33
CA SER G 145 7.72 75.14 -1.70
C SER G 145 7.85 74.91 -0.21
N GLN H 20 18.03 48.71 -12.75
CA GLN H 20 16.71 49.30 -12.93
C GLN H 20 16.85 50.76 -13.29
N SER H 21 18.05 51.12 -13.71
CA SER H 21 18.42 52.49 -14.02
C SER H 21 17.91 52.96 -15.38
N ALA H 22 17.99 54.26 -15.59
CA ALA H 22 17.60 54.91 -16.84
C ALA H 22 18.52 54.49 -17.96
N LEU H 23 18.00 54.50 -19.17
CA LEU H 23 18.86 54.11 -20.30
C LEU H 23 19.98 55.11 -20.37
N THR H 24 21.19 54.63 -20.53
CA THR H 24 22.31 55.56 -20.62
C THR H 24 22.44 56.09 -22.01
N GLN H 25 22.57 57.41 -22.09
CA GLN H 25 22.68 58.12 -23.34
C GLN H 25 23.84 59.10 -23.25
N PRO H 26 24.47 59.49 -24.38
CA PRO H 26 25.48 60.53 -24.44
C PRO H 26 24.88 61.81 -23.95
N ALA H 27 25.63 62.65 -23.26
CA ALA H 27 25.04 63.90 -22.80
C ALA H 27 24.56 64.73 -23.98
N SER H 28 25.40 64.76 -25.02
CA SER H 28 25.14 65.50 -26.23
C SER H 28 25.98 64.97 -27.37
N VAL H 29 25.47 65.21 -28.57
CA VAL H 29 26.17 64.90 -29.81
C VAL H 29 26.03 66.06 -30.78
N SER H 30 26.84 66.11 -31.83
CA SER H 30 26.76 67.20 -32.81
C SER H 30 27.33 66.80 -34.16
N GLY H 31 27.10 67.65 -35.17
CA GLY H 31 27.68 67.45 -36.49
C GLY H 31 27.34 68.57 -37.47
N SER H 32 27.94 68.47 -38.65
CA SER H 32 27.80 69.46 -39.70
C SER H 32 26.41 69.40 -40.31
N PRO H 33 25.90 70.47 -40.93
CA PRO H 33 24.67 70.45 -41.70
C PRO H 33 24.79 69.36 -42.73
N GLY H 34 23.74 68.58 -42.88
CA GLY H 34 23.72 67.46 -43.82
C GLY H 34 24.26 66.14 -43.26
N GLN H 35 24.95 66.19 -42.12
CA GLN H 35 25.60 65.05 -41.48
C GLN H 35 24.65 64.06 -40.84
N SER H 36 24.96 62.76 -40.96
CA SER H 36 24.18 61.76 -40.26
C SER H 36 24.67 61.60 -38.83
N ILE H 37 23.72 61.72 -37.92
CA ILE H 37 23.99 61.58 -36.51
C ILE H 37 23.32 60.37 -35.94
N THR H 38 24.06 59.56 -35.23
CA THR H 38 23.43 58.43 -34.60
C THR H 38 23.48 58.63 -33.10
N ILE H 39 22.35 58.37 -32.45
CA ILE H 39 22.27 58.49 -31.01
C ILE H 39 22.04 57.15 -30.40
N SER H 40 22.89 56.75 -29.47
CA SER H 40 22.72 55.46 -28.85
C SER H 40 22.17 55.53 -27.44
N CYS H 41 21.48 54.47 -27.08
CA CYS H 41 20.93 54.24 -25.75
C CYS H 41 21.33 52.87 -25.21
N THR H 42 21.76 52.80 -23.96
CA THR H 42 22.09 51.47 -23.45
C THR H 42 21.31 51.06 -22.21
N GLY H 43 21.04 49.75 -22.15
CA GLY H 43 20.38 49.12 -21.03
C GLY H 43 21.00 47.77 -20.78
N THR H 44 20.10 46.84 -20.42
CA THR H 44 20.38 45.41 -20.06
C THR H 44 19.50 44.46 -20.88
N SER H 45 19.99 43.22 -21.05
CA SER H 45 19.33 42.12 -21.79
C SER H 45 17.91 41.86 -21.27
N TYR H 46 17.68 42.03 -19.95
CA TYR H 46 16.29 41.86 -19.44
C TYR H 46 15.40 42.94 -20.07
N ASP H 47 15.95 44.15 -20.19
CA ASP H 47 15.21 45.30 -20.77
C ASP H 47 15.05 45.14 -22.28
N VAL H 48 16.06 44.67 -23.02
CA VAL H 48 15.83 44.68 -24.46
C VAL H 48 15.73 43.32 -25.14
N GLY H 49 16.52 42.34 -24.70
CA GLY H 49 16.64 41.14 -25.48
C GLY H 49 15.26 40.56 -25.53
N THR H 50 14.62 40.63 -24.38
CA THR H 50 13.26 40.19 -24.25
C THR H 50 12.27 41.03 -25.05
N TYR H 51 12.52 42.33 -25.24
CA TYR H 51 11.50 43.09 -25.91
C TYR H 51 11.89 43.92 -27.13
N ASN H 52 10.93 44.01 -28.05
CA ASN H 52 11.03 44.92 -29.18
C ASN H 52 10.24 46.20 -28.87
N LEU H 53 9.96 46.39 -27.61
CA LEU H 53 9.14 47.45 -27.08
C LEU H 53 9.99 48.67 -26.87
N VAL H 54 10.43 49.22 -27.98
CA VAL H 54 11.35 50.35 -28.02
C VAL H 54 10.82 51.52 -28.81
N SER H 55 10.96 52.71 -28.25
CA SER H 55 10.59 53.91 -28.97
C SER H 55 11.47 55.11 -28.66
N TRP H 56 11.40 56.09 -29.57
CA TRP H 56 12.14 57.34 -29.45
C TRP H 56 11.28 58.56 -29.54
N TYR H 57 11.68 59.57 -28.79
CA TYR H 57 10.99 60.84 -28.72
C TYR H 57 11.93 62.00 -28.86
N GLN H 58 11.42 63.15 -29.30
CA GLN H 58 12.25 64.35 -29.24
C GLN H 58 11.47 65.55 -28.78
N GLN H 59 12.14 66.51 -28.18
CA GLN H 59 11.40 67.70 -27.80
C GLN H 59 12.14 68.99 -27.91
N HIS H 60 11.45 69.97 -28.46
CA HIS H 60 11.99 71.28 -28.50
C HIS H 60 11.83 71.78 -27.09
N PRO H 61 12.80 72.48 -26.51
CA PRO H 61 12.68 72.99 -25.17
C PRO H 61 11.40 73.81 -25.06
N GLY H 62 10.66 73.60 -23.98
CA GLY H 62 9.42 74.31 -23.72
C GLY H 62 8.18 73.60 -24.28
N LYS H 63 8.38 72.52 -25.04
CA LYS H 63 7.27 71.79 -25.62
C LYS H 63 7.20 70.33 -25.18
N ALA H 64 6.00 69.76 -25.22
CA ALA H 64 5.85 68.33 -24.97
C ALA H 64 6.55 67.62 -26.13
N PRO H 65 7.12 66.43 -25.92
CA PRO H 65 7.78 65.64 -26.95
C PRO H 65 6.93 65.02 -28.03
N LYS H 66 7.56 64.88 -29.19
CA LYS H 66 6.99 64.23 -30.35
C LYS H 66 7.51 62.81 -30.43
N LEU H 67 6.65 61.87 -30.80
CA LEU H 67 7.09 60.49 -30.95
C LEU H 67 7.75 60.39 -32.31
N MET H 68 9.00 59.95 -32.32
CA MET H 68 9.74 59.84 -33.56
C MET H 68 9.83 58.45 -34.13
N ILE H 69 9.94 57.46 -33.26
CA ILE H 69 10.05 56.06 -33.71
C ILE H 69 9.22 55.08 -32.91
N TYR H 70 8.56 54.17 -33.62
CA TYR H 70 7.78 53.10 -33.02
C TYR H 70 8.48 51.80 -33.30
N GLU H 71 8.30 50.80 -32.42
CA GLU H 71 8.76 49.41 -32.69
C GLU H 71 10.22 49.34 -33.17
N VAL H 72 11.10 50.04 -32.47
CA VAL H 72 12.55 50.10 -32.70
C VAL H 72 12.96 51.03 -33.85
N SER H 73 12.37 50.87 -35.04
CA SER H 73 12.79 51.65 -36.20
C SER H 73 11.68 52.17 -37.13
N LYS H 74 10.42 52.08 -36.72
CA LYS H 74 9.32 52.48 -37.59
C LYS H 74 8.97 53.95 -37.49
N ARG H 75 8.92 54.64 -38.62
CA ARG H 75 8.55 56.04 -38.58
C ARG H 75 7.04 56.21 -38.37
N PRO H 76 6.59 57.04 -37.44
CA PRO H 76 5.24 57.49 -37.25
C PRO H 76 4.81 58.34 -38.39
N SER H 77 3.51 58.40 -38.64
CA SER H 77 3.06 59.36 -39.62
C SER H 77 3.49 60.72 -39.11
N GLY H 78 3.95 61.59 -39.99
CA GLY H 78 4.40 62.92 -39.58
C GLY H 78 5.92 62.99 -39.38
N VAL H 79 6.57 61.83 -39.38
CA VAL H 79 8.03 61.74 -39.27
C VAL H 79 8.60 61.38 -40.63
N SER H 80 9.48 62.25 -41.12
CA SER H 80 10.03 62.14 -42.46
C SER H 80 11.10 61.08 -42.61
N PHE H 81 11.42 60.79 -43.85
CA PHE H 81 12.39 59.77 -44.22
C PHE H 81 13.84 60.19 -44.07
N ARG H 82 14.17 60.60 -42.87
CA ARG H 82 15.44 61.12 -42.45
C ARG H 82 15.75 60.32 -41.25
N PHE H 83 14.66 59.90 -40.63
CA PHE H 83 14.75 59.20 -39.38
C PHE H 83 14.62 57.70 -39.54
N SER H 84 15.54 56.99 -38.92
CA SER H 84 15.53 55.54 -38.91
C SER H 84 16.11 55.02 -37.62
N GLY H 85 16.44 53.75 -37.58
CA GLY H 85 16.93 53.16 -36.33
C GLY H 85 17.07 51.65 -36.37
N SER H 86 17.61 51.13 -35.28
CA SER H 86 17.83 49.70 -35.09
C SER H 86 18.10 49.36 -33.63
N LYS H 87 18.10 48.07 -33.32
CA LYS H 87 18.48 47.59 -32.00
C LYS H 87 19.51 46.49 -32.16
N SER H 88 20.38 46.36 -31.17
CA SER H 88 21.40 45.32 -31.17
C SER H 88 21.94 45.09 -29.78
N GLY H 89 21.96 43.84 -29.36
CA GLY H 89 22.53 43.53 -28.07
C GLY H 89 21.77 44.29 -27.01
N ASN H 90 22.51 45.01 -26.15
CA ASN H 90 21.92 45.78 -25.06
C ASN H 90 21.71 47.25 -25.40
N THR H 91 21.84 47.57 -26.67
CA THR H 91 21.64 48.94 -27.06
C THR H 91 20.71 49.11 -28.23
N ALA H 92 20.46 50.35 -28.54
CA ALA H 92 19.67 50.72 -29.69
C ALA H 92 20.05 52.09 -30.14
N SER H 93 19.74 52.41 -31.39
CA SER H 93 20.07 53.73 -31.88
C SER H 93 19.11 54.31 -32.88
N LEU H 94 19.15 55.63 -32.93
CA LEU H 94 18.40 56.46 -33.85
C LEU H 94 19.34 56.99 -34.88
N THR H 95 18.93 57.00 -36.13
CA THR H 95 19.76 57.62 -37.15
C THR H 95 19.04 58.81 -37.73
N ILE H 96 19.71 59.96 -37.74
CA ILE H 96 19.13 61.16 -38.30
C ILE H 96 19.95 61.63 -39.49
N SER H 97 19.48 61.38 -40.70
CA SER H 97 20.22 61.84 -41.86
C SER H 97 19.89 63.29 -42.12
N GLY H 98 20.71 63.99 -42.89
CA GLY H 98 20.33 65.35 -43.23
C GLY H 98 20.30 66.36 -42.09
N LEU H 99 21.22 66.30 -41.11
CA LEU H 99 21.18 67.26 -39.99
C LEU H 99 20.81 68.68 -40.37
N GLN H 100 19.82 69.19 -39.62
CA GLN H 100 19.26 70.53 -39.76
C GLN H 100 19.52 71.36 -38.50
N ALA H 101 19.53 72.68 -38.62
CA ALA H 101 19.64 73.54 -37.43
C ALA H 101 18.45 73.27 -36.51
N GLU H 102 17.34 72.98 -37.13
CA GLU H 102 16.07 72.68 -36.51
C GLU H 102 16.08 71.41 -35.66
N ASP H 103 17.16 70.63 -35.71
CA ASP H 103 17.22 69.42 -34.92
C ASP H 103 17.68 69.70 -33.51
N ALA H 104 17.97 70.98 -33.20
CA ALA H 104 18.40 71.28 -31.86
C ALA H 104 17.23 71.13 -30.90
N ALA H 105 17.12 69.90 -30.42
CA ALA H 105 16.10 69.39 -29.51
C ALA H 105 16.67 68.26 -28.70
N ASP H 106 16.06 67.96 -27.58
CA ASP H 106 16.55 66.84 -26.80
C ASP H 106 16.00 65.59 -27.42
N TYR H 107 16.75 64.52 -27.39
CA TYR H 107 16.25 63.24 -27.87
C TYR H 107 16.26 62.25 -26.75
N TYR H 108 15.22 61.43 -26.68
CA TYR H 108 15.15 60.42 -25.65
C TYR H 108 14.74 59.05 -26.11
N CYS H 109 15.31 58.06 -25.44
CA CYS H 109 14.82 56.71 -25.60
C CYS H 109 13.91 56.34 -24.48
N CYS H 110 13.06 55.38 -24.74
CA CYS H 110 12.36 54.70 -23.69
C CYS H 110 11.99 53.30 -24.14
N SER H 111 11.74 52.43 -23.20
CA SER H 111 11.47 51.03 -23.52
C SER H 111 10.75 50.28 -22.42
N TYR H 112 10.18 49.16 -22.77
CA TYR H 112 9.47 48.37 -21.77
C TYR H 112 10.43 47.80 -20.74
N ALA H 113 10.13 48.03 -19.45
CA ALA H 113 11.02 47.57 -18.38
C ALA H 113 10.73 46.10 -18.02
N GLY H 114 9.60 45.58 -18.51
CA GLY H 114 9.04 44.30 -18.01
C GLY H 114 8.11 44.54 -16.83
N SER H 115 7.29 43.55 -16.49
CA SER H 115 6.35 43.66 -15.35
C SER H 115 5.42 44.86 -15.51
N ALA H 116 4.96 45.14 -16.74
CA ALA H 116 3.98 46.21 -17.02
C ALA H 116 4.47 47.57 -16.50
N THR H 117 5.77 47.85 -16.61
CA THR H 117 6.32 49.18 -16.23
C THR H 117 7.22 49.68 -17.37
N VAL H 118 7.51 50.98 -17.42
CA VAL H 118 8.27 51.51 -18.59
C VAL H 118 9.51 52.32 -18.17
N ILE H 119 10.63 52.05 -18.83
CA ILE H 119 11.89 52.70 -18.60
C ILE H 119 11.87 53.97 -19.41
N PHE H 120 12.19 55.07 -18.79
CA PHE H 120 12.40 56.25 -19.60
C PHE H 120 13.91 56.49 -19.59
N GLY H 121 14.49 56.85 -20.72
CA GLY H 121 15.93 57.04 -20.79
C GLY H 121 16.44 58.38 -20.26
N GLY H 122 17.75 58.43 -20.03
CA GLY H 122 18.42 59.63 -19.58
C GLY H 122 18.35 60.80 -20.57
N GLY H 123 18.34 60.49 -21.87
CA GLY H 123 18.25 61.49 -22.91
C GLY H 123 19.60 61.98 -23.37
N SER H 124 19.61 62.57 -24.56
CA SER H 124 20.82 63.20 -25.05
C SER H 124 20.46 64.47 -25.77
N LYS H 125 21.33 65.47 -25.71
CA LYS H 125 21.00 66.74 -26.34
C LYS H 125 21.54 66.84 -27.75
N MET H 126 20.73 67.28 -28.69
CA MET H 126 21.31 67.59 -29.98
C MET H 126 21.80 68.99 -29.89
N THR H 127 22.99 69.23 -30.40
CA THR H 127 23.49 70.55 -30.65
C THR H 127 23.89 70.53 -32.10
N VAL H 128 24.08 71.68 -32.71
CA VAL H 128 24.39 71.65 -34.13
C VAL H 128 25.60 72.49 -34.44
N LEU H 129 26.27 72.21 -35.54
CA LEU H 129 27.36 73.04 -35.96
C LEU H 129 26.89 73.93 -37.07
N ALA I 9 -14.80 -47.01 -16.23
CA ALA I 9 -16.13 -46.73 -15.70
C ALA I 9 -16.47 -45.23 -15.50
N VAL I 10 -15.57 -44.25 -15.17
CA VAL I 10 -14.11 -44.12 -14.94
C VAL I 10 -13.30 -44.02 -16.27
N GLY I 11 -12.67 -45.12 -16.70
CA GLY I 11 -11.90 -45.15 -17.93
C GLY I 11 -10.64 -44.31 -17.78
N ILE I 12 -9.93 -44.10 -18.89
CA ILE I 12 -8.70 -43.32 -18.88
C ILE I 12 -8.94 -41.89 -18.42
N GLY I 13 -10.03 -41.29 -18.84
CA GLY I 13 -10.26 -39.92 -18.44
C GLY I 13 -10.19 -39.83 -16.91
N ALA I 14 -11.08 -40.51 -16.20
CA ALA I 14 -10.97 -40.39 -14.77
C ALA I 14 -9.63 -40.87 -14.19
N VAL I 15 -9.09 -41.95 -14.73
CA VAL I 15 -7.88 -42.56 -14.18
C VAL I 15 -6.64 -41.67 -14.27
N PHE I 16 -6.43 -41.08 -15.45
CA PHE I 16 -5.26 -40.25 -15.73
C PHE I 16 -5.51 -38.78 -16.06
N LEU I 17 -6.73 -38.37 -16.48
CA LEU I 17 -7.01 -36.93 -16.58
C LEU I 17 -7.07 -36.52 -15.11
N GLY I 18 -7.73 -37.40 -14.36
CA GLY I 18 -7.86 -37.31 -12.92
C GLY I 18 -6.61 -38.03 -12.51
N PHE I 19 -6.39 -38.37 -11.24
CA PHE I 19 -5.10 -39.01 -11.04
C PHE I 19 -5.15 -40.27 -10.19
N LEU I 20 -4.17 -41.05 -10.58
CA LEU I 20 -3.78 -42.26 -9.82
C LEU I 20 -4.80 -43.40 -9.92
N GLY I 21 -5.73 -43.32 -10.86
CA GLY I 21 -6.78 -44.33 -10.93
C GLY I 21 -6.29 -45.77 -11.06
N ALA I 22 -5.18 -45.95 -11.75
CA ALA I 22 -4.60 -47.26 -11.95
C ALA I 22 -3.78 -47.69 -10.78
N ALA I 23 -3.66 -46.87 -9.76
CA ALA I 23 -2.76 -47.20 -8.69
C ALA I 23 -3.13 -48.58 -8.12
N GLY I 24 -4.42 -48.93 -8.09
CA GLY I 24 -4.84 -50.21 -7.53
C GLY I 24 -4.94 -51.37 -8.55
N SER I 25 -4.65 -51.11 -9.83
CA SER I 25 -4.88 -52.06 -10.94
C SER I 25 -3.70 -52.98 -11.30
N THR I 26 -2.65 -52.89 -10.49
CA THR I 26 -1.34 -53.58 -10.58
C THR I 26 -0.57 -53.02 -11.76
N MET I 27 0.75 -53.04 -11.64
CA MET I 27 1.56 -52.35 -12.63
C MET I 27 1.50 -52.86 -14.06
N GLY I 28 1.19 -54.11 -14.29
CA GLY I 28 1.04 -54.56 -15.66
C GLY I 28 -0.03 -53.75 -16.42
N ALA I 29 -1.04 -53.25 -15.69
CA ALA I 29 -2.11 -52.47 -16.29
C ALA I 29 -1.59 -51.20 -16.95
N ALA I 30 -0.54 -50.66 -16.36
CA ALA I 30 0.07 -49.40 -16.71
C ALA I 30 0.64 -49.42 -18.12
N SER I 31 0.98 -50.60 -18.59
CA SER I 31 1.64 -50.72 -19.87
C SER I 31 0.77 -50.23 -21.01
N MET I 32 -0.53 -50.16 -20.79
CA MET I 32 -1.44 -49.71 -21.82
C MET I 32 -1.91 -48.29 -21.62
N THR I 33 -1.50 -47.65 -20.52
CA THR I 33 -2.13 -46.37 -20.22
C THR I 33 -1.28 -45.18 -19.81
N LEU I 34 -0.01 -45.37 -19.46
CA LEU I 34 0.71 -44.21 -18.91
C LEU I 34 1.09 -43.16 -19.94
N THR I 35 0.09 -42.43 -20.37
CA THR I 35 0.23 -41.39 -21.39
C THR I 35 -0.38 -40.12 -20.86
N VAL I 36 -1.69 -40.18 -20.73
CA VAL I 36 -2.52 -39.09 -20.29
C VAL I 36 -2.05 -38.56 -18.97
N GLN I 37 -1.58 -39.44 -18.09
CA GLN I 37 -1.14 -38.94 -16.83
C GLN I 37 -0.14 -37.83 -17.03
N ALA I 38 0.76 -37.96 -18.01
CA ALA I 38 1.76 -36.96 -18.18
C ALA I 38 1.20 -35.64 -18.67
N ARG I 39 0.24 -35.72 -19.60
CA ARG I 39 -0.21 -34.44 -20.16
C ARG I 39 -0.99 -33.64 -19.15
N ASN I 40 -1.67 -34.31 -18.23
CA ASN I 40 -2.47 -33.55 -17.32
C ASN I 40 -1.70 -33.06 -16.11
N LEU I 41 -0.40 -33.30 -16.07
CA LEU I 41 0.43 -32.75 -15.03
C LEU I 41 1.06 -31.45 -15.48
N LEU I 42 0.78 -31.04 -16.73
CA LEU I 42 1.35 -29.84 -17.31
C LEU I 42 0.28 -28.79 -17.55
N SER I 43 -0.88 -28.98 -16.95
CA SER I 43 -1.98 -28.06 -17.12
C SER I 43 -1.73 -26.78 -16.37
N GLY I 44 -2.48 -25.74 -16.72
CA GLY I 44 -2.95 -24.37 -16.65
C GLY I 44 -4.19 -24.18 -17.49
N THR I 66 -4.96 -8.82 -4.79
CA THR I 66 -3.90 -8.43 -5.69
C THR I 66 -2.70 -9.34 -5.51
N VAL I 67 -2.34 -9.52 -4.25
CA VAL I 67 -1.18 -10.31 -3.84
C VAL I 67 -1.31 -11.78 -4.22
N TRP I 68 -2.55 -12.22 -4.43
CA TRP I 68 -2.80 -13.59 -4.83
C TRP I 68 -2.18 -13.87 -6.17
N GLY I 69 -1.84 -12.82 -6.93
CA GLY I 69 -1.21 -12.97 -8.21
C GLY I 69 0.11 -13.68 -8.01
N ILE I 70 0.79 -13.42 -6.89
CA ILE I 70 2.07 -14.05 -6.66
C ILE I 70 1.79 -15.48 -6.33
N LYS I 71 0.83 -15.71 -5.47
CA LYS I 71 0.58 -17.11 -5.14
C LYS I 71 0.29 -17.94 -6.38
N GLN I 72 -0.49 -17.38 -7.30
CA GLN I 72 -0.81 -18.10 -8.50
C GLN I 72 0.36 -18.21 -9.44
N LEU I 73 1.14 -17.16 -9.59
CA LEU I 73 2.29 -17.25 -10.46
C LEU I 73 3.28 -18.24 -9.92
N GLN I 74 3.47 -18.29 -8.62
CA GLN I 74 4.42 -19.23 -8.09
C GLN I 74 3.97 -20.63 -8.36
N ALA I 75 2.68 -20.89 -8.18
CA ALA I 75 2.19 -22.22 -8.42
C ALA I 75 2.40 -22.64 -9.86
N ARG I 76 2.14 -21.73 -10.78
CA ARG I 76 2.30 -22.04 -12.18
C ARG I 76 3.75 -22.29 -12.52
N VAL I 77 4.61 -21.43 -12.01
CA VAL I 77 6.01 -21.54 -12.34
C VAL I 77 6.59 -22.82 -11.81
N LEU I 78 6.26 -23.17 -10.59
CA LEU I 78 6.80 -24.36 -10.02
C LEU I 78 6.35 -25.59 -10.75
N ALA I 79 5.09 -25.62 -11.21
CA ALA I 79 4.66 -26.77 -11.96
C ALA I 79 5.50 -26.93 -13.21
N VAL I 80 5.79 -25.80 -13.85
CA VAL I 80 6.60 -25.86 -15.03
C VAL I 80 8.00 -26.32 -14.73
N GLU I 81 8.59 -25.79 -13.67
CA GLU I 81 9.94 -26.19 -13.38
C GLU I 81 10.03 -27.68 -13.11
N ARG I 82 9.07 -28.23 -12.38
CA ARG I 82 9.15 -29.64 -12.09
C ARG I 82 9.06 -30.43 -13.36
N TYR I 83 8.12 -30.05 -14.21
CA TYR I 83 7.94 -30.76 -15.45
C TYR I 83 9.19 -30.77 -16.26
N LEU I 84 9.78 -29.62 -16.44
CA LEU I 84 10.96 -29.55 -17.25
C LEU I 84 12.12 -30.29 -16.65
N ARG I 85 12.27 -30.25 -15.33
CA ARG I 85 13.39 -30.96 -14.74
C ARG I 85 13.26 -32.44 -15.00
N ASP I 86 12.05 -32.98 -14.93
CA ASP I 86 11.90 -34.38 -15.21
C ASP I 86 12.24 -34.68 -16.66
N GLN I 87 11.87 -33.78 -17.57
CA GLN I 87 12.16 -34.02 -18.96
C GLN I 87 13.65 -34.04 -19.19
N GLN I 88 14.37 -33.19 -18.47
CA GLN I 88 15.80 -33.14 -18.63
C GLN I 88 16.41 -34.46 -18.22
N LEU I 89 15.95 -35.06 -17.13
CA LEU I 89 16.52 -36.34 -16.74
C LEU I 89 16.23 -37.42 -17.74
N LEU I 90 15.02 -37.40 -18.29
CA LEU I 90 14.68 -38.40 -19.26
C LEU I 90 15.59 -38.25 -20.45
N GLY I 91 15.86 -37.02 -20.84
CA GLY I 91 16.70 -36.77 -21.98
C GLY I 91 18.09 -37.36 -21.75
N ILE I 92 18.67 -37.06 -20.62
CA ILE I 92 20.02 -37.48 -20.30
C ILE I 92 20.20 -38.96 -20.33
N TRP I 93 19.25 -39.68 -19.83
CA TRP I 93 19.37 -41.12 -19.78
C TRP I 93 19.03 -41.83 -21.08
N GLY I 94 18.46 -41.11 -22.04
CA GLY I 94 17.86 -41.75 -23.18
C GLY I 94 16.51 -42.24 -22.69
N CYS I 95 15.63 -42.76 -23.55
CA CYS I 95 15.80 -42.94 -24.98
C CYS I 95 15.18 -41.85 -25.87
N SER I 96 14.27 -40.92 -25.43
CA SER I 96 13.61 -40.75 -24.14
C SER I 96 12.20 -40.36 -24.45
N GLY I 97 11.96 -40.13 -25.72
CA GLY I 97 10.67 -39.64 -26.18
C GLY I 97 9.57 -40.69 -26.19
N LYS I 98 9.92 -41.91 -25.86
CA LYS I 98 8.96 -43.01 -25.91
C LYS I 98 8.20 -43.20 -24.60
N LEU I 99 8.60 -42.49 -23.56
CA LEU I 99 8.11 -42.61 -22.18
C LEU I 99 8.42 -43.95 -21.50
N ILE I 100 8.63 -44.99 -22.28
CA ILE I 100 9.08 -46.25 -21.77
C ILE I 100 10.33 -46.66 -22.52
N CYS I 101 11.44 -46.71 -21.82
CA CYS I 101 12.68 -46.96 -22.52
C CYS I 101 13.52 -48.05 -21.91
N CYS I 102 14.24 -48.79 -22.76
CA CYS I 102 15.24 -49.72 -22.25
C CYS I 102 16.56 -49.00 -22.26
N THR I 103 17.26 -49.07 -21.14
CA THR I 103 18.52 -48.35 -21.00
C THR I 103 19.77 -49.20 -20.96
N ASN I 104 19.61 -50.49 -21.21
CA ASN I 104 20.69 -51.45 -21.31
C ASN I 104 21.63 -51.48 -20.12
N VAL I 105 21.03 -51.47 -18.95
CA VAL I 105 21.69 -51.61 -17.68
C VAL I 105 21.07 -52.85 -17.06
N PRO I 106 21.83 -53.85 -16.63
CA PRO I 106 21.36 -55.05 -15.99
C PRO I 106 20.97 -54.75 -14.56
N TRP I 107 20.13 -55.57 -13.99
CA TRP I 107 19.83 -55.45 -12.56
C TRP I 107 20.84 -56.06 -11.64
N ASN I 108 21.15 -55.36 -10.55
CA ASN I 108 22.01 -55.87 -9.52
C ASN I 108 21.22 -56.94 -8.81
N SER I 109 21.85 -58.05 -8.47
CA SER I 109 21.15 -59.14 -7.81
C SER I 109 20.54 -58.77 -6.46
N SER I 110 21.02 -57.70 -5.83
CA SER I 110 20.49 -57.24 -4.55
C SER I 110 19.08 -56.69 -4.70
N TRP I 111 18.68 -56.43 -5.93
CA TRP I 111 17.39 -55.89 -6.28
C TRP I 111 16.49 -56.94 -6.93
N SER I 112 16.94 -58.20 -6.98
CA SER I 112 16.21 -59.26 -7.70
C SER I 112 15.61 -60.32 -6.78
N ASN I 113 14.91 -59.86 -5.76
CA ASN I 113 14.29 -60.72 -4.77
C ASN I 113 12.86 -61.11 -5.11
N ARG I 114 12.41 -60.74 -6.30
CA ARG I 114 11.06 -61.07 -6.76
C ARG I 114 11.08 -61.54 -8.19
N ASN I 115 10.08 -62.33 -8.56
CA ASN I 115 9.93 -62.74 -9.94
C ASN I 115 9.31 -61.63 -10.75
N LEU I 116 9.55 -61.63 -12.06
CA LEU I 116 8.89 -60.63 -12.88
C LEU I 116 7.38 -60.77 -12.84
N SER I 117 6.86 -61.99 -12.74
CA SER I 117 5.42 -62.14 -12.74
C SER I 117 4.83 -61.55 -11.48
N GLU I 118 5.56 -61.65 -10.40
CA GLU I 118 5.09 -61.10 -9.15
C GLU I 118 5.05 -59.59 -9.25
N ILE I 119 6.12 -59.04 -9.82
CA ILE I 119 6.23 -57.61 -9.97
C ILE I 119 5.18 -57.06 -10.90
N TRP I 120 5.02 -57.65 -12.06
CA TRP I 120 4.08 -57.10 -13.01
C TRP I 120 2.61 -57.42 -12.82
N ASP I 121 2.29 -58.59 -12.31
CA ASP I 121 0.89 -58.94 -12.17
C ASP I 121 0.28 -58.68 -10.81
N ASN I 122 1.05 -58.79 -9.72
CA ASN I 122 0.48 -58.61 -8.40
C ASN I 122 0.78 -57.25 -7.79
N MET I 123 1.99 -56.76 -8.01
CA MET I 123 2.36 -55.51 -7.37
C MET I 123 1.87 -54.29 -8.10
N THR I 124 1.65 -53.26 -7.33
CA THR I 124 1.26 -51.97 -7.82
C THR I 124 2.49 -51.11 -7.86
N TRP I 125 2.38 -49.96 -8.51
CA TRP I 125 3.47 -49.01 -8.58
C TRP I 125 3.63 -48.33 -7.25
N LEU I 126 2.50 -48.39 -6.55
CA LEU I 126 2.49 -47.69 -5.32
C LEU I 126 3.33 -48.58 -4.44
N GLN I 127 3.02 -49.88 -4.54
CA GLN I 127 3.64 -50.86 -3.66
C GLN I 127 5.11 -51.07 -3.95
N TRP I 128 5.46 -51.17 -5.22
CA TRP I 128 6.82 -51.42 -5.63
C TRP I 128 7.70 -50.33 -5.10
N ASP I 129 7.23 -49.11 -5.29
CA ASP I 129 7.83 -47.85 -4.91
C ASP I 129 8.07 -47.68 -3.44
N LYS I 130 7.52 -48.55 -2.61
CA LYS I 130 7.80 -48.42 -1.20
C LYS I 130 9.13 -49.08 -0.88
N GLU I 131 9.51 -50.10 -1.66
CA GLU I 131 10.71 -50.87 -1.38
C GLU I 131 11.84 -50.54 -2.33
N ILE I 132 11.50 -50.35 -3.60
CA ILE I 132 12.47 -50.12 -4.66
C ILE I 132 13.01 -48.69 -4.56
N SER I 133 12.46 -47.95 -3.61
CA SER I 133 12.77 -46.58 -3.25
C SER I 133 14.22 -46.45 -2.81
N ASN I 134 14.79 -47.55 -2.37
CA ASN I 134 16.18 -47.51 -2.02
C ASN I 134 16.96 -47.57 -3.30
N TYR I 135 18.21 -47.12 -3.25
CA TYR I 135 19.11 -47.17 -4.40
C TYR I 135 18.61 -46.38 -5.60
N THR I 136 17.86 -45.31 -5.37
CA THR I 136 17.37 -44.50 -6.47
C THR I 136 18.46 -43.86 -7.30
N GLN I 137 19.44 -43.32 -6.63
CA GLN I 137 20.51 -42.61 -7.32
C GLN I 137 21.49 -43.55 -7.95
N ILE I 138 21.43 -44.81 -7.54
CA ILE I 138 22.34 -45.80 -8.07
C ILE I 138 21.88 -46.03 -9.47
N ILE I 139 20.57 -46.18 -9.60
CA ILE I 139 20.01 -46.39 -10.89
C ILE I 139 20.25 -45.18 -11.74
N TYR I 140 20.00 -44.01 -11.23
CA TYR I 140 20.18 -42.85 -12.07
C TYR I 140 21.62 -42.71 -12.55
N GLY I 141 22.57 -42.99 -11.67
CA GLY I 141 23.98 -42.94 -12.05
C GLY I 141 24.24 -43.92 -13.18
N LEU I 142 23.76 -45.14 -13.03
CA LEU I 142 23.97 -46.17 -14.03
C LEU I 142 23.33 -45.81 -15.35
N LEU I 143 22.15 -45.20 -15.31
CA LEU I 143 21.49 -44.86 -16.55
C LEU I 143 22.26 -43.77 -17.27
N GLU I 144 22.71 -42.77 -16.53
CA GLU I 144 23.43 -41.69 -17.15
C GLU I 144 24.70 -42.20 -17.80
N GLU I 145 25.42 -43.05 -17.08
CA GLU I 145 26.62 -43.57 -17.64
C GLU I 145 26.41 -44.50 -18.83
N SER I 146 25.37 -45.34 -18.85
CA SER I 146 25.33 -46.19 -20.04
C SER I 146 25.12 -45.33 -21.28
N GLN I 147 24.41 -44.21 -21.12
CA GLN I 147 24.15 -43.35 -22.25
C GLN I 147 25.44 -42.65 -22.66
N ASN I 148 26.24 -42.22 -21.70
CA ASN I 148 27.48 -41.54 -22.03
C ASN I 148 28.40 -42.42 -22.86
N GLN I 149 28.44 -43.69 -22.51
CA GLN I 149 29.27 -44.62 -23.25
C GLN I 149 28.72 -44.83 -24.64
N GLN I 150 27.39 -44.90 -24.74
CA GLN I 150 26.81 -45.10 -26.04
C GLN I 150 27.18 -43.98 -26.96
N GLU I 151 27.08 -42.76 -26.46
CA GLU I 151 27.36 -41.61 -27.26
C GLU I 151 28.78 -41.59 -27.75
N LYS I 152 29.73 -41.96 -26.91
CA LYS I 152 31.08 -42.02 -27.41
C LYS I 152 31.19 -43.07 -28.49
N ASN I 153 30.58 -44.23 -28.26
CA ASN I 153 30.68 -45.26 -29.27
C ASN I 153 30.06 -44.80 -30.57
N GLU I 154 28.96 -44.05 -30.50
CA GLU I 154 28.35 -43.55 -31.71
C GLU I 154 29.25 -42.57 -32.43
N GLN I 155 29.94 -41.70 -31.69
CA GLN I 155 30.78 -40.72 -32.35
C GLN I 155 31.96 -41.43 -33.00
N ASP I 156 32.47 -42.48 -32.36
CA ASP I 156 33.56 -43.19 -32.97
C ASP I 156 33.09 -43.83 -34.24
N LEU I 157 31.91 -44.43 -34.25
CA LEU I 157 31.39 -44.99 -35.48
C LEU I 157 31.12 -43.91 -36.52
N LEU I 158 30.61 -42.75 -36.10
CA LEU I 158 30.35 -41.71 -37.10
C LEU I 158 31.66 -41.26 -37.74
N ALA I 159 32.72 -41.21 -36.91
CA ALA I 159 34.07 -40.84 -37.35
C ALA I 159 34.68 -41.84 -38.33
N LEU I 160 34.47 -43.12 -38.06
CA LEU I 160 34.86 -44.21 -38.95
C LEU I 160 34.01 -44.26 -40.19
N ASP I 161 32.73 -43.93 -40.05
CA ASP I 161 31.77 -43.86 -41.12
C ASP I 161 31.58 -42.43 -41.60
N GLN J 20 -65.83 -9.63 36.31
CA GLN J 20 -65.30 -9.57 34.95
C GLN J 20 -64.42 -8.36 34.78
N VAL J 21 -63.90 -8.18 33.58
CA VAL J 21 -63.02 -7.05 33.30
C VAL J 21 -63.75 -5.74 33.37
N GLN J 22 -63.20 -4.82 34.15
CA GLN J 22 -63.77 -3.50 34.30
C GLN J 22 -62.76 -2.46 33.87
N LEU J 23 -63.29 -1.39 33.31
CA LEU J 23 -62.52 -0.20 32.99
C LEU J 23 -63.40 0.95 33.44
N VAL J 24 -63.00 1.62 34.51
CA VAL J 24 -63.85 2.64 35.10
C VAL J 24 -63.29 4.02 34.98
N GLN J 25 -64.06 4.90 34.36
CA GLN J 25 -63.59 6.25 34.09
C GLN J 25 -64.20 7.27 35.01
N SER J 26 -63.70 8.49 34.89
CA SER J 26 -64.14 9.63 35.67
C SER J 26 -65.46 10.12 35.12
N GLY J 27 -66.07 11.04 35.83
CA GLY J 27 -67.32 11.59 35.36
C GLY J 27 -66.98 12.64 34.31
N ALA J 28 -67.98 13.42 33.92
CA ALA J 28 -67.86 14.44 32.89
C ALA J 28 -67.12 15.65 33.42
N GLU J 29 -66.48 16.38 32.50
CA GLU J 29 -65.80 17.63 32.84
C GLU J 29 -65.83 18.66 31.72
N VAL J 30 -65.82 19.93 32.09
CA VAL J 30 -65.78 21.03 31.12
C VAL J 30 -64.68 22.04 31.42
N LYS J 31 -63.91 22.38 30.39
CA LYS J 31 -62.80 23.31 30.50
C LYS J 31 -62.85 24.52 29.58
N LYS J 32 -62.10 25.54 29.98
CA LYS J 32 -62.00 26.75 29.20
C LYS J 32 -60.92 26.54 28.13
N PRO J 33 -60.98 27.20 26.98
CA PRO J 33 -59.99 27.06 25.94
C PRO J 33 -58.60 27.36 26.49
N GLY J 34 -57.65 26.55 26.09
CA GLY J 34 -56.25 26.69 26.49
C GLY J 34 -55.92 25.88 27.74
N ALA J 35 -56.93 25.40 28.42
CA ALA J 35 -56.81 24.64 29.65
C ALA J 35 -56.34 23.23 29.40
N SER J 36 -56.07 22.53 30.49
CA SER J 36 -55.71 21.14 30.38
C SER J 36 -56.64 20.29 31.23
N VAL J 37 -56.83 19.04 30.82
CA VAL J 37 -57.65 18.11 31.60
C VAL J 37 -57.00 16.75 31.78
N LYS J 38 -57.17 16.18 32.97
CA LYS J 38 -56.71 14.83 33.18
C LYS J 38 -57.89 13.91 32.96
N VAL J 39 -57.65 12.88 32.17
CA VAL J 39 -58.63 11.85 31.89
C VAL J 39 -58.06 10.53 32.39
N SER J 40 -58.84 9.76 33.11
CA SER J 40 -58.24 8.55 33.67
C SER J 40 -59.21 7.40 33.80
N CYS J 41 -58.63 6.24 34.06
CA CYS J 41 -59.42 5.04 34.24
C CYS J 41 -58.77 4.01 35.14
N LYS J 42 -59.58 3.34 35.92
CA LYS J 42 -59.12 2.27 36.78
C LYS J 42 -59.43 0.90 36.21
N ALA J 43 -58.42 0.06 36.23
CA ALA J 43 -58.57 -1.30 35.74
C ALA J 43 -58.93 -2.21 36.89
N SER J 44 -59.87 -3.11 36.66
CA SER J 44 -60.24 -4.08 37.69
C SER J 44 -60.82 -5.36 37.14
N GLY J 45 -60.66 -6.46 37.86
CA GLY J 45 -61.21 -7.75 37.46
C GLY J 45 -60.23 -8.63 36.69
N TYR J 46 -59.07 -8.08 36.40
CA TYR J 46 -58.02 -8.76 35.68
C TYR J 46 -56.75 -8.03 36.01
N THR J 47 -55.60 -8.55 35.60
CA THR J 47 -54.40 -7.81 35.87
C THR J 47 -53.98 -6.99 34.67
N PHE J 48 -54.04 -5.69 34.86
CA PHE J 48 -53.72 -4.66 33.89
C PHE J 48 -52.28 -4.67 33.43
N THR J 49 -51.39 -5.26 34.22
CA THR J 49 -50.00 -5.27 33.89
C THR J 49 -49.70 -6.16 32.70
N ASP J 50 -50.67 -6.96 32.29
CA ASP J 50 -50.43 -7.87 31.21
C ASP J 50 -50.90 -7.35 29.86
N TYR J 51 -51.47 -6.15 29.81
CA TYR J 51 -52.03 -5.68 28.56
C TYR J 51 -51.66 -4.26 28.21
N TYR J 52 -51.73 -3.90 26.95
CA TYR J 52 -51.60 -2.49 26.60
C TYR J 52 -52.90 -1.73 26.80
N ILE J 53 -52.78 -0.47 27.18
CA ILE J 53 -53.98 0.37 27.22
C ILE J 53 -53.94 1.40 26.12
N HIS J 54 -55.00 1.44 25.32
CA HIS J 54 -55.14 2.41 24.24
C HIS J 54 -56.25 3.39 24.52
N TRP J 55 -56.20 4.55 23.85
CA TRP J 55 -57.24 5.52 24.09
C TRP J 55 -57.86 6.02 22.81
N VAL J 56 -59.16 6.28 22.86
CA VAL J 56 -59.82 6.83 21.67
C VAL J 56 -60.72 8.00 21.99
N ARG J 57 -61.08 8.74 20.94
CA ARG J 57 -62.02 9.83 21.09
C ARG J 57 -63.18 9.65 20.17
N GLN J 58 -64.36 10.04 20.60
CA GLN J 58 -65.45 10.11 19.64
C GLN J 58 -66.27 11.37 19.83
N ALA J 59 -66.12 12.28 18.90
CA ALA J 59 -66.86 13.53 18.92
C ALA J 59 -68.31 13.15 18.65
N PRO J 60 -69.30 13.88 19.14
CA PRO J 60 -70.70 13.55 19.01
C PRO J 60 -71.27 13.80 17.62
N GLY J 61 -70.81 13.00 16.66
CA GLY J 61 -71.26 13.08 15.29
C GLY J 61 -70.21 12.48 14.40
N GLN J 62 -69.13 12.02 15.03
CA GLN J 62 -67.99 11.47 14.33
C GLN J 62 -67.71 10.01 14.66
N GLY J 63 -66.67 9.47 14.00
CA GLY J 63 -66.16 8.12 14.26
C GLY J 63 -65.11 8.26 15.35
N LEU J 64 -64.19 7.31 15.46
CA LEU J 64 -63.23 7.40 16.55
C LEU J 64 -61.85 7.81 16.08
N GLU J 65 -61.19 8.55 16.94
CA GLU J 65 -59.81 8.92 16.72
C GLU J 65 -58.96 8.12 17.64
N TRP J 66 -57.77 7.76 17.20
CA TRP J 66 -56.92 6.93 18.00
C TRP J 66 -55.71 7.60 18.59
N MET J 67 -55.46 7.29 19.85
CA MET J 67 -54.33 7.77 20.58
C MET J 67 -53.60 6.51 20.98
N GLY J 68 -52.30 6.59 21.08
CA GLY J 68 -51.60 5.37 21.32
C GLY J 68 -51.61 4.88 22.70
N TRP J 69 -51.10 3.65 22.66
CA TRP J 69 -50.93 2.65 23.74
C TRP J 69 -49.90 3.10 24.79
N ILE J 70 -50.15 2.80 26.06
CA ILE J 70 -49.18 3.01 27.16
C ILE J 70 -48.89 1.60 27.67
N ASN J 71 -47.63 1.16 27.71
CA ASN J 71 -47.30 -0.17 28.29
C ASN J 71 -47.28 0.03 29.79
N PRO J 72 -48.24 -0.50 30.56
CA PRO J 72 -48.32 -0.21 31.99
C PRO J 72 -47.02 -0.45 32.76
N ASN J 73 -46.26 -1.50 32.42
CA ASN J 73 -45.02 -1.89 33.14
C ASN J 73 -43.88 -0.90 32.84
N SER J 74 -43.59 -0.64 31.57
CA SER J 74 -42.46 0.22 31.11
C SER J 74 -42.76 1.71 31.30
N GLY J 75 -44.01 2.12 31.08
CA GLY J 75 -44.45 3.53 31.12
C GLY J 75 -44.10 4.29 29.85
N ARG J 76 -43.58 3.51 28.87
CA ARG J 76 -43.24 3.92 27.49
C ARG J 76 -44.52 4.17 26.70
N THR J 77 -44.50 5.10 25.75
CA THR J 77 -45.71 5.20 24.88
C THR J 77 -45.31 5.68 23.49
N ASN J 78 -46.25 5.57 22.53
CA ASN J 78 -46.15 6.18 21.18
C ASN J 78 -47.37 7.10 20.99
N SER J 79 -47.17 8.36 20.60
CA SER J 79 -48.23 9.37 20.40
C SER J 79 -48.69 9.32 18.95
N ALA J 80 -50.02 9.39 18.76
CA ALA J 80 -50.69 9.35 17.44
C ALA J 80 -50.39 10.62 16.65
N GLN J 81 -50.45 10.54 15.31
CA GLN J 81 -50.20 11.70 14.43
C GLN J 81 -51.33 12.72 14.67
N LYS J 82 -50.99 14.04 14.63
CA LYS J 82 -51.81 15.28 14.85
C LYS J 82 -51.85 15.64 16.36
N PHE J 83 -51.10 14.94 17.22
CA PHE J 83 -51.00 15.24 18.68
C PHE J 83 -49.59 15.77 18.95
N GLN J 84 -48.55 14.98 18.65
CA GLN J 84 -47.13 15.40 18.71
C GLN J 84 -46.82 16.08 20.05
N ASP J 85 -47.16 15.39 21.15
CA ASP J 85 -46.99 15.81 22.57
C ASP J 85 -48.01 16.87 23.00
N ARG J 86 -49.03 17.15 22.18
CA ARG J 86 -50.17 18.01 22.58
C ARG J 86 -50.87 17.32 23.75
N VAL J 87 -50.90 15.97 23.73
CA VAL J 87 -51.38 15.08 24.81
C VAL J 87 -50.21 14.20 25.25
N THR J 88 -50.00 14.00 26.56
CA THR J 88 -49.01 13.04 27.11
C THR J 88 -49.73 12.05 28.04
N MET J 89 -49.15 10.87 28.23
CA MET J 89 -49.80 9.83 29.01
C MET J 89 -48.90 9.29 30.09
N THR J 90 -49.49 8.99 31.22
CA THR J 90 -48.77 8.48 32.38
C THR J 90 -49.55 7.34 32.99
N ARG J 91 -48.93 6.67 33.95
CA ARG J 91 -49.60 5.56 34.62
C ARG J 91 -49.17 5.45 36.06
N ASP J 92 -50.00 4.81 36.86
CA ASP J 92 -49.64 4.48 38.23
C ASP J 92 -50.08 3.06 38.54
N THR J 93 -49.10 2.17 38.56
CA THR J 93 -49.37 0.77 38.69
C THR J 93 -49.91 0.37 40.04
N SER J 94 -49.62 1.16 41.07
CA SER J 94 -50.01 0.79 42.42
C SER J 94 -51.51 0.90 42.64
N ILE J 95 -52.18 1.60 41.76
CA ILE J 95 -53.61 1.80 41.86
C ILE J 95 -54.31 1.38 40.59
N THR J 96 -53.63 0.59 39.76
CA THR J 96 -54.18 0.16 38.48
C THR J 96 -54.78 1.31 37.69
N THR J 97 -54.08 2.45 37.61
CA THR J 97 -54.68 3.58 36.92
C THR J 97 -53.87 4.14 35.77
N ALA J 98 -54.58 4.33 34.67
CA ALA J 98 -54.06 4.97 33.47
C ALA J 98 -54.58 6.38 33.35
N SER J 99 -53.73 7.29 32.89
CA SER J 99 -54.15 8.67 32.71
C SER J 99 -53.65 9.33 31.45
N MET J 100 -54.40 10.32 31.00
CA MET J 100 -53.95 11.15 29.91
C MET J 100 -53.92 12.57 30.41
N GLU J 101 -52.92 13.31 29.99
CA GLU J 101 -52.83 14.73 30.30
C GLU J 101 -52.99 15.49 29.01
N LEU J 102 -54.15 16.10 28.84
CA LEU J 102 -54.49 16.76 27.60
C LEU J 102 -54.35 18.24 27.68
N SER J 103 -53.36 18.82 27.00
CA SER J 103 -53.18 20.26 27.06
C SER J 103 -53.71 20.89 25.80
N ARG J 104 -53.87 22.21 25.81
CA ARG J 104 -54.22 23.47 25.18
C ARG J 104 -55.51 23.21 24.46
N LEU J 105 -56.49 22.80 25.23
CA LEU J 105 -57.78 22.38 24.71
C LEU J 105 -58.47 23.39 23.82
N THR J 106 -58.95 22.93 22.67
CA THR J 106 -59.68 23.79 21.76
C THR J 106 -61.11 23.32 21.66
N SER J 107 -62.01 24.10 21.06
CA SER J 107 -63.41 23.66 21.00
C SER J 107 -63.53 22.35 20.21
N ASP J 108 -62.56 22.14 19.32
CA ASP J 108 -62.43 20.98 18.45
C ASP J 108 -62.22 19.69 19.23
N ASP J 109 -61.83 19.81 20.48
CA ASP J 109 -61.51 18.66 21.29
C ASP J 109 -62.71 18.08 22.03
N THR J 110 -63.90 18.67 21.86
CA THR J 110 -65.07 18.10 22.51
C THR J 110 -65.34 16.71 21.96
N ALA J 111 -65.40 15.72 22.85
CA ALA J 111 -65.61 14.32 22.47
C ALA J 111 -65.79 13.45 23.67
N VAL J 112 -66.21 12.22 23.45
CA VAL J 112 -66.16 11.27 24.52
C VAL J 112 -64.86 10.51 24.44
N TYR J 113 -64.17 10.47 25.55
CA TYR J 113 -62.90 9.80 25.67
C TYR J 113 -63.09 8.42 26.23
N TYR J 114 -62.47 7.43 25.60
CA TYR J 114 -62.54 6.09 26.14
C TYR J 114 -61.24 5.41 26.38
N CYS J 115 -61.24 4.68 27.48
CA CYS J 115 -60.18 3.80 27.91
C CYS J 115 -60.47 2.38 27.43
N ALA J 116 -59.54 1.72 26.72
CA ALA J 116 -59.82 0.33 26.32
C ALA J 116 -58.58 -0.58 26.40
N ARG J 117 -58.81 -1.86 26.68
CA ARG J 117 -57.74 -2.89 26.82
C ARG J 117 -57.32 -3.41 25.43
N GLY J 118 -56.03 -3.43 25.11
CA GLY J 118 -55.47 -3.95 23.84
C GLY J 118 -55.02 -5.39 23.99
N GLY J 119 -54.09 -5.83 23.14
CA GLY J 119 -53.62 -7.23 23.10
C GLY J 119 -52.74 -7.55 24.30
N TRP J 120 -52.33 -8.82 24.38
CA TRP J 120 -51.46 -9.32 25.48
C TRP J 120 -50.10 -8.77 25.21
N ILE J 121 -49.39 -8.60 26.30
CA ILE J 121 -47.97 -8.17 26.13
C ILE J 121 -47.03 -9.28 26.59
N SER J 122 -45.91 -9.43 25.90
CA SER J 122 -44.87 -10.44 26.25
C SER J 122 -43.49 -9.79 26.02
N LEU J 123 -42.47 -10.26 26.72
CA LEU J 123 -41.09 -9.75 26.52
C LEU J 123 -40.56 -10.10 25.12
N TYR J 124 -40.78 -11.27 24.50
CA TYR J 124 -40.07 -11.61 23.20
C TYR J 124 -40.69 -11.15 21.89
N TYR J 125 -41.98 -10.83 21.83
CA TYR J 125 -42.39 -10.26 20.51
C TYR J 125 -43.24 -9.00 20.70
N ASP J 126 -43.10 -8.03 19.79
CA ASP J 126 -43.87 -6.77 19.85
C ASP J 126 -45.33 -7.04 19.45
N SER J 127 -46.28 -6.59 20.26
CA SER J 127 -47.74 -6.70 19.97
C SER J 127 -48.40 -5.44 20.50
N SER J 128 -48.06 -4.29 19.91
CA SER J 128 -48.52 -2.95 20.36
C SER J 128 -49.51 -2.35 19.33
N GLY J 129 -49.27 -2.63 18.06
CA GLY J 129 -50.12 -2.22 16.92
C GLY J 129 -51.44 -2.97 16.81
N TYR J 130 -51.59 -4.10 17.50
CA TYR J 130 -52.75 -5.02 17.34
C TYR J 130 -54.05 -4.29 17.67
N PRO J 131 -54.99 -4.15 16.72
CA PRO J 131 -56.26 -3.48 16.97
C PRO J 131 -57.27 -4.47 17.57
N ASN J 132 -57.01 -4.92 18.80
CA ASN J 132 -57.87 -5.88 19.44
C ASN J 132 -58.38 -5.43 20.77
N PHE J 133 -59.35 -4.51 20.70
CA PHE J 133 -59.96 -3.79 21.85
C PHE J 133 -61.17 -4.55 22.39
N ASN J 134 -60.93 -5.61 23.18
CA ASN J 134 -62.04 -6.45 23.68
C ASN J 134 -62.83 -5.72 24.79
N TYR J 135 -62.13 -5.06 25.71
CA TYR J 135 -62.81 -4.41 26.87
C TYR J 135 -62.67 -2.89 26.82
N TRP J 136 -63.80 -2.21 27.04
CA TRP J 136 -63.93 -0.78 27.00
C TRP J 136 -64.50 -0.23 28.26
N GLY J 137 -64.11 0.98 28.61
CA GLY J 137 -64.74 1.66 29.72
C GLY J 137 -65.98 2.36 29.29
N GLN J 138 -66.55 3.07 30.24
CA GLN J 138 -67.79 3.79 30.08
C GLN J 138 -67.73 5.01 29.16
N GLY J 139 -66.53 5.56 28.95
CA GLY J 139 -66.39 6.76 28.17
C GLY J 139 -66.51 7.98 29.06
N SER J 140 -65.86 9.07 28.69
CA SER J 140 -66.06 10.27 29.50
C SER J 140 -66.16 11.50 28.64
N ARG J 141 -67.02 12.40 29.04
CA ARG J 141 -67.17 13.62 28.30
C ARG J 141 -66.15 14.67 28.60
N VAL J 142 -65.52 15.13 27.54
CA VAL J 142 -64.65 16.25 27.64
C VAL J 142 -65.21 17.33 26.74
N THR J 143 -65.62 18.42 27.36
CA THR J 143 -66.14 19.55 26.64
C THR J 143 -65.23 20.73 26.75
N VAL J 144 -65.01 21.39 25.64
CA VAL J 144 -64.18 22.56 25.70
C VAL J 144 -65.07 23.70 25.32
N SER J 145 -65.17 24.65 26.21
CA SER J 145 -66.09 25.76 26.04
C SER J 145 -65.35 27.07 25.89
N GLN K 20 -52.55 8.83 4.67
CA GLN K 20 -52.60 8.57 6.11
C GLN K 20 -54.02 8.78 6.62
N SER K 21 -54.94 8.78 5.68
CA SER K 21 -56.35 9.03 5.93
C SER K 21 -57.08 7.85 6.53
N ALA K 22 -58.28 8.12 7.03
CA ALA K 22 -59.18 7.11 7.61
C ALA K 22 -59.62 6.14 6.55
N LEU K 23 -59.92 4.92 6.96
CA LEU K 23 -60.38 3.94 5.97
C LEU K 23 -61.67 4.46 5.39
N THR K 24 -61.80 4.41 4.09
CA THR K 24 -63.04 4.87 3.50
C THR K 24 -64.10 3.81 3.56
N GLN K 25 -65.27 4.22 4.01
CA GLN K 25 -66.40 3.34 4.17
C GLN K 25 -67.63 4.00 3.55
N PRO K 26 -68.64 3.23 3.11
CA PRO K 26 -69.92 3.76 2.66
C PRO K 26 -70.56 4.51 3.79
N ALA K 27 -71.28 5.59 3.51
CA ALA K 27 -71.89 6.32 4.62
C ALA K 27 -72.88 5.41 5.35
N SER K 28 -73.64 4.66 4.58
CA SER K 28 -74.64 3.74 5.08
C SER K 28 -74.98 2.70 4.05
N VAL K 29 -75.47 1.57 4.55
CA VAL K 29 -75.97 0.48 3.71
C VAL K 29 -77.27 -0.03 4.32
N SER K 30 -78.05 -0.81 3.55
CA SER K 30 -79.30 -1.35 4.07
C SER K 30 -79.74 -2.61 3.33
N GLY K 31 -80.76 -3.29 3.86
CA GLY K 31 -81.35 -4.44 3.18
C GLY K 31 -82.54 -5.03 3.94
N SER K 32 -83.16 -6.01 3.32
CA SER K 32 -84.35 -6.67 3.82
C SER K 32 -84.00 -7.56 5.01
N PRO K 33 -84.94 -7.85 5.91
CA PRO K 33 -84.76 -8.82 6.97
C PRO K 33 -84.32 -10.12 6.33
N GLY K 34 -83.32 -10.75 6.92
CA GLY K 34 -82.76 -11.99 6.42
C GLY K 34 -81.64 -11.81 5.37
N GLN K 35 -81.51 -10.61 4.82
CA GLN K 35 -80.55 -10.27 3.78
C GLN K 35 -79.10 -10.23 4.22
N SER K 36 -78.19 -10.72 3.37
CA SER K 36 -76.78 -10.60 3.66
C SER K 36 -76.27 -9.24 3.21
N ILE K 37 -75.63 -8.55 4.15
CA ILE K 37 -75.06 -7.25 3.91
C ILE K 37 -73.56 -7.29 4.00
N THR K 38 -72.89 -6.75 3.02
CA THR K 38 -71.45 -6.69 3.12
C THR K 38 -71.04 -5.25 3.23
N ILE K 39 -70.13 -4.99 4.16
CA ILE K 39 -69.63 -3.63 4.35
C ILE K 39 -68.18 -3.59 3.99
N SER K 40 -67.80 -2.69 3.10
CA SER K 40 -66.41 -2.59 2.71
C SER K 40 -65.69 -1.40 3.30
N CYS K 41 -64.39 -1.59 3.46
CA CYS K 41 -63.47 -0.56 3.92
C CYS K 41 -62.27 -0.45 2.98
N THR K 42 -61.87 0.76 2.63
CA THR K 42 -60.69 0.84 1.77
C THR K 42 -59.55 1.67 2.34
N GLY K 43 -58.34 1.22 2.02
CA GLY K 43 -57.10 1.89 2.38
C GLY K 43 -56.12 1.79 1.24
N THR K 44 -54.86 1.62 1.64
CA THR K 44 -53.64 1.51 0.80
C THR K 44 -52.84 0.24 1.12
N SER K 45 -52.07 -0.22 0.13
CA SER K 45 -51.19 -1.42 0.21
C SER K 45 -50.21 -1.33 1.39
N TYR K 46 -49.74 -0.13 1.73
CA TYR K 46 -48.86 -0.01 2.93
C TYR K 46 -49.66 -0.40 4.17
N ASP K 47 -50.93 0.02 4.21
CA ASP K 47 -51.84 -0.28 5.34
C ASP K 47 -52.25 -1.76 5.35
N VAL K 48 -52.53 -2.38 4.20
CA VAL K 48 -53.03 -3.73 4.35
C VAL K 48 -52.15 -4.84 3.81
N GLY K 49 -51.45 -4.61 2.69
CA GLY K 49 -50.81 -5.70 2.02
C GLY K 49 -49.82 -6.24 2.99
N THR K 50 -49.17 -5.31 3.67
CA THR K 50 -48.24 -5.63 4.69
C THR K 50 -48.86 -6.28 5.92
N TYR K 51 -50.12 -5.95 6.24
CA TYR K 51 -50.61 -6.54 7.47
C TYR K 51 -51.95 -7.29 7.43
N ASN K 52 -52.02 -8.29 8.28
CA ASN K 52 -53.27 -9.00 8.55
C ASN K 52 -53.90 -8.45 9.83
N LEU K 53 -53.44 -7.29 10.23
CA LEU K 53 -53.79 -6.62 11.46
C LEU K 53 -55.06 -5.83 11.23
N VAL K 54 -56.13 -6.56 11.03
CA VAL K 54 -57.44 -6.02 10.71
C VAL K 54 -58.52 -6.45 11.66
N SER K 55 -59.33 -5.49 12.08
CA SER K 55 -60.48 -5.84 12.91
C SER K 55 -61.70 -4.94 12.66
N TRP K 56 -62.84 -5.46 13.11
CA TRP K 56 -64.12 -4.78 13.00
C TRP K 56 -64.83 -4.63 14.30
N TYR K 57 -65.53 -3.51 14.42
CA TYR K 57 -66.29 -3.16 15.61
C TYR K 57 -67.68 -2.68 15.26
N GLN K 58 -68.61 -2.79 16.21
CA GLN K 58 -69.90 -2.17 15.98
C GLN K 58 -70.41 -1.51 17.24
N GLN K 59 -71.22 -0.47 17.10
CA GLN K 59 -71.78 0.12 18.30
C GLN K 59 -73.19 0.62 18.20
N HIS K 60 -73.94 0.30 19.21
CA HIS K 60 -75.26 0.82 19.32
C HIS K 60 -75.05 2.26 19.73
N PRO K 61 -75.77 3.24 19.21
CA PRO K 61 -75.62 4.60 19.60
C PRO K 61 -75.76 4.71 21.11
N GLY K 62 -74.86 5.47 21.72
CA GLY K 62 -74.88 5.68 23.16
C GLY K 62 -74.03 4.67 23.93
N LYS K 63 -73.52 3.65 23.25
CA LYS K 63 -72.71 2.64 23.90
C LYS K 63 -71.30 2.52 23.34
N ALA K 64 -70.37 2.03 24.16
CA ALA K 64 -69.03 1.74 23.68
C ALA K 64 -69.17 0.59 22.68
N PRO K 65 -68.32 0.48 21.67
CA PRO K 65 -68.33 -0.58 20.68
C PRO K 65 -67.92 -1.96 21.12
N LYS K 66 -68.50 -2.94 20.44
CA LYS K 66 -68.21 -4.34 20.60
C LYS K 66 -67.27 -4.79 19.52
N LEU K 67 -66.30 -5.63 19.86
CA LEU K 67 -65.39 -6.14 18.84
C LEU K 67 -66.10 -7.28 18.15
N MET K 68 -66.21 -7.18 16.83
CA MET K 68 -66.92 -8.19 16.07
C MET K 68 -66.01 -9.17 15.35
N ILE K 69 -64.89 -8.69 14.86
CA ILE K 69 -63.95 -9.55 14.13
C ILE K 69 -62.50 -9.34 14.47
N TYR K 70 -61.78 -10.44 14.63
CA TYR K 70 -60.34 -10.41 14.89
C TYR K 70 -59.65 -10.96 13.67
N GLU K 71 -58.40 -10.53 13.43
CA GLU K 71 -57.51 -11.13 12.40
C GLU K 71 -58.20 -11.30 11.04
N VAL K 72 -58.86 -10.25 10.58
CA VAL K 72 -59.57 -10.13 9.31
C VAL K 72 -60.96 -10.78 9.30
N SER K 73 -61.07 -12.04 9.70
CA SER K 73 -62.35 -12.75 9.61
C SER K 73 -62.72 -13.66 10.80
N LYS K 74 -62.00 -13.59 11.90
CA LYS K 74 -62.25 -14.48 13.03
C LYS K 74 -63.29 -13.96 13.99
N ARG K 75 -64.31 -14.77 14.29
CA ARG K 75 -65.31 -14.33 15.25
C ARG K 75 -64.76 -14.42 16.68
N PRO K 76 -64.93 -13.38 17.48
CA PRO K 76 -64.70 -13.33 18.90
C PRO K 76 -65.70 -14.18 19.61
N SER K 77 -65.35 -14.66 20.79
CA SER K 77 -66.35 -15.33 21.57
C SER K 77 -67.45 -14.30 21.81
N GLY K 78 -68.70 -14.71 21.74
CA GLY K 78 -69.81 -13.79 21.94
C GLY K 78 -70.38 -13.26 20.61
N VAL K 79 -69.67 -13.52 19.51
CA VAL K 79 -70.12 -13.13 18.18
C VAL K 79 -70.59 -14.38 17.45
N SER K 80 -71.84 -14.34 17.01
CA SER K 80 -72.49 -15.48 16.41
C SER K 80 -72.09 -15.76 14.98
N PHE K 81 -72.47 -16.93 14.51
CA PHE K 81 -72.15 -17.40 13.18
C PHE K 81 -73.00 -16.82 12.06
N ARG K 82 -72.99 -15.51 12.02
CA ARG K 82 -73.74 -14.68 11.12
C ARG K 82 -72.71 -13.79 10.53
N PHE K 83 -71.70 -13.59 11.36
CA PHE K 83 -70.65 -12.66 11.03
C PHE K 83 -69.42 -13.35 10.48
N SER K 84 -68.94 -12.83 9.37
CA SER K 84 -67.73 -13.32 8.73
C SER K 84 -67.00 -12.20 8.06
N GLY K 85 -66.05 -12.53 7.19
CA GLY K 85 -65.26 -11.48 6.56
C GLY K 85 -64.07 -12.00 5.76
N SER K 86 -63.41 -11.06 5.11
CA SER K 86 -62.23 -11.32 4.28
C SER K 86 -61.47 -10.05 3.96
N LYS K 87 -60.27 -10.22 3.40
CA LYS K 87 -59.49 -9.09 2.91
C LYS K 87 -59.04 -9.38 1.50
N SER K 88 -58.88 -8.35 0.70
CA SER K 88 -58.41 -8.47 -0.67
C SER K 88 -57.87 -7.17 -1.19
N GLY K 89 -56.67 -7.20 -1.74
CA GLY K 89 -56.11 -6.00 -2.33
C GLY K 89 -56.03 -4.93 -1.26
N ASN K 90 -56.57 -3.75 -1.57
CA ASN K 90 -56.55 -2.61 -0.65
C ASN K 90 -57.81 -2.46 0.16
N THR K 91 -58.65 -3.49 0.13
CA THR K 91 -59.86 -3.42 0.90
C THR K 91 -60.11 -4.64 1.74
N ALA K 92 -61.17 -4.55 2.51
CA ALA K 92 -61.64 -5.64 3.33
C ALA K 92 -63.10 -5.50 3.57
N SER K 93 -63.74 -6.60 3.93
CA SER K 93 -65.15 -6.53 4.19
C SER K 93 -65.68 -7.46 5.26
N LEU K 94 -66.81 -7.04 5.80
CA LEU K 94 -67.57 -7.76 6.81
C LEU K 94 -68.79 -8.32 6.14
N THR K 95 -69.14 -9.55 6.45
CA THR K 95 -70.39 -10.09 5.94
C THR K 95 -71.33 -10.38 7.08
N ILE K 96 -72.54 -9.85 6.98
CA ILE K 96 -73.54 -10.08 8.01
C ILE K 96 -74.72 -10.83 7.42
N SER K 97 -74.82 -12.12 7.67
CA SER K 97 -75.95 -12.87 7.16
C SER K 97 -77.13 -12.68 8.09
N GLY K 98 -78.34 -12.97 7.64
CA GLY K 98 -79.46 -12.90 8.55
C GLY K 98 -79.83 -11.52 9.07
N LEU K 99 -79.75 -10.45 8.27
CA LEU K 99 -80.07 -9.10 8.78
C LEU K 99 -81.26 -9.03 9.72
N GLN K 100 -81.00 -8.40 10.87
CA GLN K 100 -81.96 -8.18 11.94
C GLN K 100 -82.24 -6.69 12.12
N ALA K 101 -83.39 -6.35 12.70
CA ALA K 101 -83.67 -4.94 13.03
C ALA K 101 -82.63 -4.45 14.02
N GLU K 102 -82.20 -5.35 14.86
CA GLU K 102 -81.21 -5.16 15.89
C GLU K 102 -79.82 -4.81 15.38
N ASP K 103 -79.60 -4.88 14.06
CA ASP K 103 -78.31 -4.57 13.50
C ASP K 103 -78.17 -3.08 13.28
N ALA K 104 -79.20 -2.31 13.60
CA ALA K 104 -79.09 -0.88 13.40
C ALA K 104 -78.12 -0.31 14.43
N ALA K 105 -76.87 -0.30 14.01
CA ALA K 105 -75.69 0.13 14.75
C ALA K 105 -74.65 0.61 13.78
N ASP K 106 -73.70 1.40 14.24
CA ASP K 106 -72.66 1.85 13.34
C ASP K 106 -71.65 0.73 13.26
N TYR K 107 -71.04 0.55 12.12
CA TYR K 107 -69.98 -0.43 11.98
C TYR K 107 -68.71 0.26 11.59
N TYR K 108 -67.59 -0.18 12.15
CA TYR K 108 -66.32 0.40 11.82
C TYR K 108 -65.21 -0.57 11.57
N CYS K 109 -64.34 -0.17 10.66
CA CYS K 109 -63.10 -0.89 10.49
C CYS K 109 -62.00 -0.19 11.20
N CYS K 110 -60.96 -0.94 11.51
CA CYS K 110 -59.70 -0.35 11.91
C CYS K 110 -58.58 -1.33 11.60
N SER K 111 -57.39 -0.81 11.49
CA SER K 111 -56.25 -1.64 11.10
C SER K 111 -54.91 -1.04 11.46
N TYR K 112 -53.89 -1.87 11.47
CA TYR K 112 -52.56 -1.37 11.80
C TYR K 112 -52.04 -0.42 10.74
N ALA K 113 -51.61 0.77 11.17
CA ALA K 113 -51.14 1.79 10.21
C ALA K 113 -49.66 1.55 9.85
N GLY K 114 -48.99 0.68 10.61
CA GLY K 114 -47.52 0.59 10.57
C GLY K 114 -46.89 1.55 11.56
N SER K 115 -45.60 1.34 11.88
CA SER K 115 -44.87 2.23 12.82
C SER K 115 -45.58 2.30 14.18
N ALA K 116 -46.11 1.16 14.66
CA ALA K 116 -46.75 1.06 15.99
C ALA K 116 -47.86 2.10 16.18
N THR K 117 -48.63 2.39 15.12
CA THR K 117 -49.81 3.30 15.23
C THR K 117 -51.02 2.61 14.60
N VAL K 118 -52.24 3.08 14.91
CA VAL K 118 -53.44 2.34 14.41
C VAL K 118 -54.41 3.28 13.67
N ILE K 119 -54.89 2.82 12.51
CA ILE K 119 -55.83 3.52 11.68
C ILE K 119 -57.19 3.21 12.22
N PHE K 120 -57.99 4.22 12.44
CA PHE K 120 -59.37 3.94 12.73
C PHE K 120 -60.16 4.35 11.48
N GLY K 121 -61.14 3.56 11.08
CA GLY K 121 -61.87 3.86 9.86
C GLY K 121 -62.96 4.92 10.01
N GLY K 122 -63.44 5.42 8.87
CA GLY K 122 -64.51 6.38 8.83
C GLY K 122 -65.84 5.85 9.35
N GLY K 123 -66.09 4.56 9.16
CA GLY K 123 -67.31 3.94 9.64
C GLY K 123 -68.42 3.98 8.63
N SER K 124 -69.39 3.09 8.82
CA SER K 124 -70.59 3.10 7.98
C SER K 124 -71.80 2.81 8.84
N LYS K 125 -72.93 3.39 8.50
CA LYS K 125 -74.11 3.18 9.33
C LYS K 125 -74.96 2.05 8.83
N MET K 126 -75.39 1.15 9.70
CA MET K 126 -76.40 0.21 9.26
C MET K 126 -77.72 0.87 9.44
N THR K 127 -78.57 0.73 8.45
CA THR K 127 -79.97 1.07 8.58
C THR K 127 -80.69 -0.19 8.15
N VAL K 128 -81.96 -0.32 8.44
CA VAL K 128 -82.63 -1.55 8.08
C VAL K 128 -83.91 -1.29 7.37
N LEU K 129 -84.37 -2.26 6.59
CA LEU K 129 -85.65 -2.12 5.95
C LEU K 129 -86.66 -2.93 6.72
N GLU L 2 18.09 -64.97 -19.66
CA GLU L 2 17.09 -64.73 -18.64
C GLU L 2 17.50 -63.57 -17.77
N ASN L 3 18.54 -62.89 -18.24
CA ASN L 3 19.09 -61.72 -17.57
C ASN L 3 18.09 -60.57 -17.58
N LEU L 4 17.93 -59.90 -16.44
CA LEU L 4 17.00 -58.81 -16.38
C LEU L 4 17.68 -57.49 -16.62
N TRP L 5 16.99 -56.69 -17.42
CA TRP L 5 17.39 -55.38 -17.89
C TRP L 5 16.37 -54.36 -17.36
N VAL L 6 16.85 -53.14 -17.07
CA VAL L 6 16.00 -52.09 -16.49
C VAL L 6 15.43 -51.13 -17.49
N THR L 7 14.16 -50.83 -17.27
CA THR L 7 13.43 -49.89 -18.07
C THR L 7 12.90 -48.80 -17.15
N VAL L 8 12.64 -47.65 -17.74
CA VAL L 8 12.05 -46.56 -16.99
C VAL L 8 10.64 -46.31 -17.43
N TYR L 9 9.75 -46.11 -16.48
CA TYR L 9 8.36 -45.81 -16.77
C TYR L 9 7.90 -44.42 -16.39
N TYR L 10 7.68 -43.59 -17.39
CA TYR L 10 7.26 -42.24 -17.13
C TYR L 10 5.76 -42.13 -16.98
N GLY L 11 5.30 -41.42 -15.95
CA GLY L 11 3.87 -41.29 -15.77
C GLY L 11 3.22 -42.37 -14.92
N VAL L 12 3.95 -43.02 -14.04
CA VAL L 12 3.33 -44.04 -13.17
C VAL L 12 2.42 -43.38 -12.11
N PRO L 13 1.29 -44.00 -11.76
CA PRO L 13 0.28 -43.53 -10.82
C PRO L 13 0.60 -43.69 -9.36
N VAL L 14 1.60 -42.99 -8.88
CA VAL L 14 1.97 -43.09 -7.47
C VAL L 14 2.07 -41.72 -6.85
N TRP L 15 2.09 -41.65 -5.53
CA TRP L 15 2.13 -40.35 -4.90
C TRP L 15 2.79 -40.31 -3.55
N LYS L 16 3.00 -39.09 -3.11
CA LYS L 16 3.55 -38.76 -1.82
C LYS L 16 2.74 -37.64 -1.19
N GLU L 17 2.79 -37.51 0.12
CA GLU L 17 2.10 -36.45 0.81
C GLU L 17 2.57 -35.09 0.35
N ALA L 18 1.63 -34.16 0.13
CA ALA L 18 2.00 -32.85 -0.37
C ALA L 18 2.04 -31.81 0.72
N LYS L 19 2.83 -30.77 0.46
CA LYS L 19 2.79 -29.61 1.33
C LYS L 19 2.75 -28.37 0.45
N THR L 20 1.57 -28.11 -0.08
CA THR L 20 1.34 -27.01 -1.02
C THR L 20 0.05 -26.31 -0.66
N THR L 21 -0.43 -25.44 -1.54
CA THR L 21 -1.64 -24.68 -1.27
C THR L 21 -2.72 -24.90 -2.32
N LEU L 22 -3.97 -24.71 -1.91
CA LEU L 22 -5.10 -24.81 -2.82
C LEU L 22 -5.66 -23.43 -3.11
N PHE L 23 -6.57 -23.35 -4.06
CA PHE L 23 -7.16 -22.05 -4.40
C PHE L 23 -8.61 -22.03 -4.89
N CYS L 24 -9.22 -20.82 -4.86
CA CYS L 24 -10.55 -20.56 -5.41
C CYS L 24 -10.55 -20.79 -6.91
N ALA L 25 -11.50 -21.53 -7.52
CA ALA L 25 -12.64 -22.34 -7.07
C ALA L 25 -13.79 -21.69 -6.28
N SER L 26 -14.13 -20.48 -6.59
CA SER L 26 -15.31 -19.95 -5.95
C SER L 26 -16.48 -20.55 -6.72
N ASP L 27 -17.74 -20.36 -6.28
CA ASP L 27 -18.82 -21.15 -6.88
C ASP L 27 -19.38 -20.74 -8.25
N ALA L 28 -18.89 -19.67 -8.83
CA ALA L 28 -19.35 -19.20 -10.13
C ALA L 28 -20.86 -18.91 -10.19
N ARG L 29 -21.49 -18.64 -9.05
CA ARG L 29 -22.91 -18.30 -9.02
C ARG L 29 -23.09 -17.03 -8.24
N ALA L 30 -22.12 -16.76 -7.38
CA ALA L 30 -22.07 -15.53 -6.60
C ALA L 30 -21.55 -14.37 -7.45
N TYR L 31 -21.23 -14.66 -8.70
CA TYR L 31 -20.72 -13.71 -9.66
C TYR L 31 -21.80 -13.03 -10.48
N GLU L 32 -21.78 -11.72 -10.36
CA GLU L 32 -22.68 -10.76 -10.97
C GLU L 32 -21.95 -9.43 -10.92
N LYS L 33 -22.46 -8.36 -11.51
CA LYS L 33 -21.73 -7.09 -11.41
C LYS L 33 -21.37 -6.71 -9.97
N GLU L 34 -22.29 -6.95 -9.05
CA GLU L 34 -22.14 -6.62 -7.63
C GLU L 34 -21.14 -7.49 -6.90
N VAL L 35 -20.48 -8.41 -7.59
CA VAL L 35 -19.53 -9.28 -6.94
C VAL L 35 -18.42 -8.47 -6.29
N HIS L 36 -18.14 -7.27 -6.80
CA HIS L 36 -17.08 -6.44 -6.24
C HIS L 36 -17.43 -5.94 -4.84
N ASN L 37 -18.71 -6.06 -4.49
CA ASN L 37 -19.22 -5.71 -3.20
C ASN L 37 -19.46 -6.97 -2.37
N VAL L 38 -18.98 -8.12 -2.82
CA VAL L 38 -19.16 -9.35 -2.06
C VAL L 38 -17.86 -9.87 -1.50
N TRP L 39 -17.84 -9.97 -0.19
CA TRP L 39 -16.65 -10.39 0.46
C TRP L 39 -16.27 -11.81 0.10
N ALA L 40 -14.98 -11.96 -0.16
CA ALA L 40 -14.34 -13.20 -0.53
C ALA L 40 -14.87 -13.79 -1.82
N THR L 41 -15.51 -12.99 -2.64
CA THR L 41 -15.88 -13.47 -3.96
C THR L 41 -15.18 -12.62 -4.97
N HIS L 42 -15.16 -11.31 -4.75
CA HIS L 42 -14.50 -10.43 -5.72
C HIS L 42 -13.10 -10.90 -6.08
N ALA L 43 -12.32 -11.16 -5.05
CA ALA L 43 -10.94 -11.62 -5.13
C ALA L 43 -10.74 -12.99 -5.79
N CYS L 44 -11.77 -13.82 -5.81
CA CYS L 44 -11.67 -15.18 -6.30
C CYS L 44 -12.04 -15.43 -7.74
N VAL L 45 -11.47 -16.52 -8.26
CA VAL L 45 -11.80 -17.02 -9.58
C VAL L 45 -12.92 -18.05 -9.52
N PRO L 46 -14.01 -17.87 -10.27
CA PRO L 46 -15.15 -18.78 -10.36
C PRO L 46 -14.81 -20.03 -11.14
N THR L 47 -15.28 -21.18 -10.65
CA THR L 47 -15.14 -22.42 -11.41
C THR L 47 -16.41 -23.25 -11.28
N ASP L 48 -16.56 -24.24 -12.17
CA ASP L 48 -17.67 -25.17 -12.14
C ASP L 48 -17.37 -26.68 -12.40
N PRO L 49 -16.30 -27.28 -11.82
CA PRO L 49 -15.87 -28.66 -12.06
C PRO L 49 -16.82 -29.70 -11.52
N SER L 50 -16.86 -30.84 -12.19
CA SER L 50 -17.62 -31.99 -11.74
C SER L 50 -16.83 -32.83 -10.70
N PRO L 51 -17.51 -33.68 -9.89
CA PRO L 51 -16.98 -34.74 -9.03
C PRO L 51 -16.26 -35.81 -9.84
N GLN L 52 -15.30 -36.47 -9.20
CA GLN L 52 -14.52 -37.54 -9.80
C GLN L 52 -15.06 -38.93 -9.49
N GLU L 53 -14.94 -39.79 -10.48
CA GLU L 53 -15.39 -41.18 -10.46
C GLU L 53 -14.59 -42.11 -9.54
N LEU L 54 -13.29 -41.91 -9.47
CA LEU L 54 -12.42 -42.77 -8.69
C LEU L 54 -12.73 -42.61 -7.22
N VAL L 55 -12.73 -43.66 -6.38
CA VAL L 55 -12.56 -45.09 -6.60
C VAL L 55 -11.20 -45.43 -7.15
N LEU L 56 -10.28 -45.70 -6.25
CA LEU L 56 -8.98 -46.18 -6.65
C LEU L 56 -8.89 -47.70 -6.48
N GLY L 57 -10.06 -48.33 -6.42
CA GLY L 57 -10.19 -49.80 -6.29
C GLY L 57 -9.60 -50.32 -4.99
N ASN L 58 -8.62 -51.23 -5.10
CA ASN L 58 -7.99 -51.92 -3.95
C ASN L 58 -7.31 -50.94 -3.00
N VAL L 59 -6.83 -49.80 -3.53
CA VAL L 59 -6.04 -48.78 -2.76
C VAL L 59 -6.74 -48.37 -1.45
N THR L 60 -5.97 -48.34 -0.35
CA THR L 60 -6.39 -47.85 0.95
C THR L 60 -5.41 -46.75 1.33
N GLU L 61 -5.78 -45.87 2.27
CA GLU L 61 -4.87 -44.79 2.67
C GLU L 61 -5.12 -44.28 4.09
N ASN L 62 -4.04 -43.80 4.70
CA ASN L 62 -4.05 -43.22 6.04
C ASN L 62 -4.27 -41.71 6.11
N PHE L 63 -5.33 -41.35 6.79
CA PHE L 63 -5.77 -39.97 6.97
C PHE L 63 -5.58 -39.54 8.43
N ASN L 64 -5.44 -38.23 8.65
CA ASN L 64 -5.37 -37.69 10.01
C ASN L 64 -5.81 -36.24 10.07
N MET L 65 -7.05 -36.05 10.51
CA MET L 65 -7.67 -34.76 10.59
C MET L 65 -6.89 -33.70 11.35
N TRP L 66 -6.23 -34.08 12.42
CA TRP L 66 -5.60 -33.04 13.20
C TRP L 66 -4.20 -32.71 12.75
N LYS L 67 -3.78 -33.35 11.67
CA LYS L 67 -2.49 -33.08 11.10
C LYS L 67 -2.65 -32.47 9.72
N ASN L 68 -3.88 -32.17 9.32
CA ASN L 68 -3.97 -31.65 7.97
C ASN L 68 -3.73 -30.16 7.95
N ASP L 69 -2.52 -29.79 7.56
CA ASP L 69 -2.04 -28.42 7.51
C ASP L 69 -2.92 -27.50 6.69
N MET L 70 -3.75 -28.06 5.82
CA MET L 70 -4.61 -27.26 4.96
C MET L 70 -5.48 -26.31 5.77
N VAL L 71 -5.86 -26.73 6.98
CA VAL L 71 -6.73 -25.93 7.79
C VAL L 71 -6.08 -24.59 8.12
N ASP L 72 -4.75 -24.57 8.20
CA ASP L 72 -4.05 -23.36 8.56
C ASP L 72 -4.00 -22.42 7.40
N GLN L 73 -4.18 -23.04 6.23
CA GLN L 73 -4.02 -22.18 5.12
C GLN L 73 -5.32 -21.45 5.11
N MET L 74 -6.36 -22.22 5.44
CA MET L 74 -7.69 -21.67 5.42
C MET L 74 -7.80 -20.53 6.42
N HIS L 75 -7.20 -20.72 7.60
CA HIS L 75 -7.26 -19.74 8.65
C HIS L 75 -6.54 -18.51 8.22
N GLU L 76 -5.33 -18.70 7.76
CA GLU L 76 -4.50 -17.55 7.45
C GLU L 76 -5.11 -16.68 6.35
N ASP L 77 -5.67 -17.31 5.31
CA ASP L 77 -6.26 -16.53 4.24
C ASP L 77 -7.45 -15.75 4.72
N ILE L 78 -8.28 -16.33 5.58
CA ILE L 78 -9.47 -15.64 6.08
C ILE L 78 -9.09 -14.42 6.87
N ILE L 79 -7.98 -14.62 7.57
CA ILE L 79 -7.61 -13.46 8.34
C ILE L 79 -7.19 -12.40 7.35
N SER L 80 -6.33 -12.78 6.38
CA SER L 80 -5.79 -11.76 5.50
C SER L 80 -6.77 -11.24 4.46
N LEU L 81 -7.76 -12.04 4.05
CA LEU L 81 -8.70 -11.61 3.05
C LEU L 81 -9.63 -10.63 3.71
N TRP L 82 -10.04 -11.00 4.90
CA TRP L 82 -10.94 -10.20 5.69
C TRP L 82 -10.36 -8.86 5.93
N ASP L 83 -9.14 -8.86 6.42
CA ASP L 83 -8.47 -7.63 6.74
C ASP L 83 -8.29 -6.77 5.49
N GLN L 84 -7.85 -7.36 4.40
CA GLN L 84 -7.61 -6.55 3.22
C GLN L 84 -8.86 -5.89 2.68
N SER L 85 -9.99 -6.60 2.73
CA SER L 85 -11.22 -6.09 2.18
C SER L 85 -11.75 -4.86 2.88
N LEU L 86 -11.26 -4.57 4.08
CA LEU L 86 -11.73 -3.45 4.85
C LEU L 86 -10.76 -2.30 4.90
N LYS L 87 -9.73 -2.30 4.08
CA LYS L 87 -8.80 -1.20 4.22
C LYS L 87 -9.28 0.17 3.73
N PRO L 88 -9.89 0.33 2.54
CA PRO L 88 -10.16 1.63 1.95
C PRO L 88 -11.43 2.29 2.44
N CYS L 89 -11.64 2.37 3.74
CA CYS L 89 -12.89 2.94 4.22
C CYS L 89 -12.91 3.22 5.73
N VAL L 90 -13.95 3.95 6.14
CA VAL L 90 -14.41 4.14 7.53
C VAL L 90 -13.46 4.10 8.70
N LYS L 91 -12.43 4.92 8.71
CA LYS L 91 -11.63 4.95 9.93
C LYS L 91 -12.42 5.75 10.93
N LEU L 92 -12.58 5.24 12.16
CA LEU L 92 -13.41 5.89 13.16
C LEU L 92 -12.66 6.65 14.22
N THR L 93 -11.39 6.93 14.04
CA THR L 93 -10.68 7.68 15.06
C THR L 93 -11.40 8.95 15.56
N PRO L 94 -12.05 9.79 14.72
CA PRO L 94 -12.70 11.02 15.12
C PRO L 94 -13.78 10.83 16.17
N LEU L 95 -14.26 9.61 16.34
CA LEU L 95 -15.31 9.28 17.28
C LEU L 95 -14.82 9.34 18.73
N CYS L 96 -13.54 9.09 18.94
CA CYS L 96 -13.01 9.05 20.31
C CYS L 96 -12.84 10.40 20.98
N VAL L 97 -13.97 10.98 21.32
CA VAL L 97 -14.09 12.30 21.91
C VAL L 97 -14.88 12.17 23.19
N THR L 98 -14.90 13.20 24.01
CA THR L 98 -15.69 13.13 25.22
C THR L 98 -17.12 12.96 24.81
N LEU L 99 -17.75 11.94 25.34
CA LEU L 99 -19.11 11.61 24.97
C LEU L 99 -20.04 11.86 26.15
N ILE L 100 -21.20 12.42 25.86
CA ILE L 100 -22.17 12.68 26.91
C ILE L 100 -23.40 11.82 26.76
N CYS L 101 -23.83 11.13 27.81
CA CYS L 101 -25.04 10.35 27.59
C CYS L 101 -25.97 10.13 28.76
N SER L 102 -27.16 9.66 28.43
CA SER L 102 -28.22 9.40 29.40
C SER L 102 -29.07 8.16 29.08
N ASP L 103 -29.74 7.67 30.14
CA ASP L 103 -30.64 6.51 30.19
C ASP L 103 -31.85 6.57 29.26
N ALA L 104 -32.31 5.39 28.79
CA ALA L 104 -33.49 5.33 27.94
C ALA L 104 -34.73 6.05 28.49
N THR L 105 -35.40 5.47 29.50
CA THR L 105 -36.48 5.47 30.49
C THR L 105 -36.08 4.80 31.80
N VAL L 106 -35.16 3.87 31.65
CA VAL L 106 -34.63 2.89 32.60
C VAL L 106 -35.65 1.73 32.66
N LYS L 107 -36.35 1.57 33.77
CA LYS L 107 -37.37 0.53 33.93
C LYS L 107 -36.87 -0.86 33.48
N THR L 108 -37.50 -1.45 32.45
CA THR L 108 -37.14 -2.79 32.00
C THR L 108 -35.66 -2.81 31.60
N GLY L 109 -34.90 -3.80 32.07
CA GLY L 109 -33.48 -3.82 31.72
C GLY L 109 -33.20 -3.78 30.20
N THR L 110 -34.13 -4.32 29.41
CA THR L 110 -33.96 -4.39 27.97
C THR L 110 -34.14 -3.04 27.26
N VAL L 111 -34.57 -2.01 28.00
CA VAL L 111 -34.83 -0.70 27.40
C VAL L 111 -33.75 0.25 27.90
N GLU L 112 -33.28 0.03 29.16
CA GLU L 112 -32.39 0.93 29.88
C GLU L 112 -31.17 1.23 29.05
N GLU L 113 -30.72 0.16 28.38
CA GLU L 113 -29.45 0.02 27.63
C GLU L 113 -29.36 1.02 26.48
N MET L 114 -30.50 1.55 26.03
CA MET L 114 -30.45 2.42 24.82
C MET L 114 -30.06 3.82 25.28
N LYS L 115 -28.74 4.03 25.42
CA LYS L 115 -28.14 5.31 25.86
C LYS L 115 -28.09 6.32 24.72
N ASN L 116 -28.78 7.44 24.90
CA ASN L 116 -28.72 8.57 23.94
C ASN L 116 -27.36 9.22 24.15
N CYS L 117 -26.55 9.35 23.09
CA CYS L 117 -25.13 9.74 23.35
C CYS L 117 -24.75 10.97 22.51
N SER L 118 -24.81 12.14 23.13
CA SER L 118 -24.51 13.38 22.43
C SER L 118 -23.03 13.70 22.40
N PHE L 119 -22.59 14.26 21.27
CA PHE L 119 -21.15 14.62 21.11
C PHE L 119 -20.97 15.71 20.06
N ASN L 120 -19.78 16.33 20.06
CA ASN L 120 -19.40 17.35 19.06
C ASN L 120 -18.55 16.71 17.96
N THR L 121 -18.95 16.85 16.69
CA THR L 121 -18.22 16.18 15.58
C THR L 121 -17.75 17.21 14.56
N THR L 122 -16.62 16.95 13.90
CA THR L 122 -16.07 17.86 12.86
C THR L 122 -17.00 17.87 11.64
N THR L 123 -17.30 19.07 11.14
CA THR L 123 -18.24 19.27 10.00
C THR L 123 -17.44 19.26 8.70
N GLU L 124 -18.12 19.39 7.55
CA GLU L 124 -17.41 19.40 6.25
C GLU L 124 -16.32 20.47 6.29
N ILE L 125 -16.62 21.63 6.89
CA ILE L 125 -15.57 22.64 7.19
C ILE L 125 -14.87 22.18 8.47
N ARG L 126 -13.54 22.06 8.45
CA ARG L 126 -12.80 21.59 9.65
C ARG L 126 -12.95 22.59 10.81
N ASP L 127 -13.05 23.89 10.52
CA ASP L 127 -13.23 24.92 11.57
C ASP L 127 -14.60 24.78 12.26
N LYS L 128 -15.65 24.51 11.49
CA LYS L 128 -17.02 24.39 12.07
C LYS L 128 -17.23 23.06 12.78
N GLU L 129 -17.97 23.06 13.89
CA GLU L 129 -18.25 21.86 14.71
C GLU L 129 -19.76 21.79 14.96
N LYS L 130 -20.34 20.59 14.89
CA LYS L 130 -21.81 20.42 15.11
C LYS L 130 -22.05 19.48 16.29
N LYS L 131 -23.06 19.78 17.10
CA LYS L 131 -23.46 18.88 18.22
C LYS L 131 -24.54 17.92 17.70
N GLU L 132 -24.21 16.62 17.73
CA GLU L 132 -25.02 15.51 17.18
C GLU L 132 -25.13 14.39 18.23
N TYR L 133 -26.17 13.56 18.13
CA TYR L 133 -26.36 12.40 19.06
C TYR L 133 -26.50 11.11 18.25
N ALA L 134 -26.01 9.99 18.79
CA ALA L 134 -26.14 8.67 18.12
C ALA L 134 -26.69 7.65 19.12
N LEU L 135 -27.71 6.86 18.81
CA LEU L 135 -28.08 5.83 19.83
C LEU L 135 -27.05 4.69 19.88
N PHE L 136 -26.54 4.39 21.08
CA PHE L 136 -25.55 3.31 21.33
C PHE L 136 -26.04 2.48 22.51
N TYR L 137 -25.61 1.21 22.63
CA TYR L 137 -26.05 0.45 23.82
C TYR L 137 -24.93 -0.38 24.47
N LYS L 138 -25.03 -0.51 25.79
CA LYS L 138 -24.13 -1.25 26.70
C LYS L 138 -22.62 -1.09 26.43
N PRO L 139 -21.89 -2.21 26.25
CA PRO L 139 -20.41 -2.24 26.30
C PRO L 139 -19.51 -1.26 25.54
N ASP L 140 -19.91 -0.78 24.36
CA ASP L 140 -19.02 0.13 23.59
C ASP L 140 -18.86 1.47 24.34
N ILE L 141 -19.86 1.82 25.14
CA ILE L 141 -19.93 3.05 25.91
C ILE L 141 -19.34 2.68 27.26
N VAL L 142 -18.21 3.25 27.56
CA VAL L 142 -17.52 2.99 28.80
C VAL L 142 -17.45 4.23 29.69
N PRO L 143 -17.75 4.15 30.99
CA PRO L 143 -17.68 5.30 31.86
C PRO L 143 -16.32 5.88 31.66
N LEU L 144 -16.26 7.18 31.60
CA LEU L 144 -15.00 7.82 31.34
C LEU L 144 -14.01 7.53 32.44
N SER L 145 -12.78 7.23 32.05
CA SER L 145 -11.78 6.97 33.05
C SER L 145 -11.62 8.20 33.90
N GLU L 146 -11.45 7.96 35.17
CA GLU L 146 -11.25 8.98 36.18
C GLU L 146 -12.44 9.93 36.39
N THR L 147 -13.65 9.55 35.96
CA THR L 147 -14.76 10.42 36.33
C THR L 147 -15.42 9.80 37.54
N ASN L 148 -16.47 10.42 38.03
CA ASN L 148 -17.15 9.90 39.21
C ASN L 148 -18.64 9.74 39.03
N ASN L 149 -19.02 8.66 38.34
CA ASN L 149 -20.43 8.36 38.05
C ASN L 149 -21.14 9.54 37.40
N THR L 150 -20.49 10.14 36.42
CA THR L 150 -21.03 11.29 35.74
C THR L 150 -21.53 10.88 34.38
N SER L 151 -22.05 11.85 33.68
CA SER L 151 -22.66 11.69 32.37
C SER L 151 -21.63 11.58 31.26
N GLU L 152 -20.34 11.73 31.62
CA GLU L 152 -19.21 11.62 30.72
C GLU L 152 -18.71 10.19 30.53
N TYR L 153 -18.61 9.80 29.26
CA TYR L 153 -18.24 8.48 28.77
C TYR L 153 -17.21 8.53 27.66
N ARG L 154 -16.62 7.39 27.38
CA ARG L 154 -15.68 7.26 26.30
C ARG L 154 -15.99 6.06 25.45
N LEU L 155 -15.44 6.04 24.26
CA LEU L 155 -15.61 4.89 23.44
C LEU L 155 -14.59 3.83 23.88
N ILE L 156 -15.02 2.58 23.89
CA ILE L 156 -14.22 1.46 24.32
C ILE L 156 -12.86 1.31 23.68
N ASN L 157 -12.70 1.72 22.45
CA ASN L 157 -11.46 1.45 21.76
C ASN L 157 -10.42 2.55 21.86
N CYS L 158 -10.78 3.65 22.51
CA CYS L 158 -9.89 4.84 22.61
C CYS L 158 -8.62 4.53 23.40
N ASN L 159 -8.69 3.58 24.35
CA ASN L 159 -7.49 3.18 25.12
C ASN L 159 -6.79 2.01 24.42
N THR L 160 -7.32 1.58 23.28
CA THR L 160 -6.70 0.45 22.52
C THR L 160 -6.07 0.98 21.24
N SER L 161 -6.54 0.49 20.08
CA SER L 161 -6.07 0.94 18.81
C SER L 161 -7.30 1.43 18.13
N ALA L 162 -7.12 2.27 17.11
CA ALA L 162 -8.20 2.81 16.31
C ALA L 162 -8.93 1.73 15.54
N CYS L 163 -10.22 1.92 15.40
CA CYS L 163 -11.06 0.94 14.73
C CYS L 163 -11.67 1.50 13.48
N THR L 164 -12.23 0.60 12.69
CA THR L 164 -12.99 0.94 11.50
C THR L 164 -14.43 0.51 11.62
N GLN L 165 -15.30 0.92 10.68
CA GLN L 165 -16.68 0.40 10.74
C GLN L 165 -16.81 -0.76 9.76
N ALA L 166 -17.32 -0.50 8.57
CA ALA L 166 -17.27 -1.48 7.51
C ALA L 166 -17.48 -0.77 6.22
N CYS L 167 -16.93 -1.27 5.14
CA CYS L 167 -17.28 -0.63 3.91
C CYS L 167 -18.77 -0.99 3.82
N PRO L 168 -19.70 -0.02 3.80
CA PRO L 168 -21.15 -0.20 3.87
C PRO L 168 -21.75 -0.97 2.72
N LYS L 169 -21.02 -0.99 1.63
CA LYS L 169 -21.42 -1.68 0.44
C LYS L 169 -21.14 -3.17 0.46
N VAL L 170 -20.26 -3.63 1.35
CA VAL L 170 -19.87 -5.03 1.29
C VAL L 170 -20.74 -5.99 2.07
N THR L 171 -21.09 -7.05 1.39
CA THR L 171 -21.89 -8.15 1.87
C THR L 171 -21.01 -9.20 2.50
N PHE L 172 -21.38 -9.61 3.70
CA PHE L 172 -20.64 -10.66 4.35
C PHE L 172 -21.53 -11.86 4.57
N GLU L 173 -21.44 -12.78 3.66
CA GLU L 173 -22.27 -13.97 3.68
C GLU L 173 -21.41 -15.12 3.20
N PRO L 174 -21.33 -16.22 3.94
CA PRO L 174 -20.56 -17.39 3.54
C PRO L 174 -20.94 -17.94 2.19
N ILE L 175 -19.93 -18.09 1.32
CA ILE L 175 -20.03 -18.63 -0.02
C ILE L 175 -19.10 -19.83 -0.03
N PRO L 176 -19.52 -21.02 -0.41
CA PRO L 176 -18.67 -22.17 -0.40
C PRO L 176 -17.57 -22.07 -1.41
N ILE L 177 -16.37 -22.43 -1.00
CA ILE L 177 -15.26 -22.46 -1.94
C ILE L 177 -14.84 -23.88 -2.17
N HIS L 178 -14.90 -24.30 -3.42
CA HIS L 178 -14.68 -25.70 -3.81
C HIS L 178 -13.22 -25.85 -4.11
N TYR L 179 -12.39 -25.72 -3.09
CA TYR L 179 -10.94 -25.63 -3.33
C TYR L 179 -10.35 -26.66 -4.26
N CYS L 180 -9.60 -26.17 -5.26
CA CYS L 180 -8.99 -27.04 -6.25
C CYS L 180 -7.48 -27.17 -6.08
N ALA L 181 -6.98 -28.33 -6.52
CA ALA L 181 -5.55 -28.63 -6.53
C ALA L 181 -4.82 -27.94 -7.68
N PRO L 182 -3.55 -27.51 -7.49
CA PRO L 182 -2.64 -27.06 -8.51
C PRO L 182 -2.21 -28.22 -9.39
N ALA L 183 -1.75 -27.93 -10.59
CA ALA L 183 -1.25 -29.01 -11.42
C ALA L 183 -0.13 -29.72 -10.68
N GLY L 184 -0.12 -31.05 -10.78
CA GLY L 184 0.89 -31.85 -10.13
C GLY L 184 0.40 -32.43 -8.82
N TYR L 185 -0.75 -31.94 -8.37
CA TYR L 185 -1.35 -32.39 -7.13
C TYR L 185 -2.75 -32.92 -7.35
N ALA L 186 -3.19 -33.69 -6.38
CA ALA L 186 -4.54 -34.22 -6.38
C ALA L 186 -5.04 -34.33 -4.96
N ILE L 187 -6.34 -34.40 -4.81
CA ILE L 187 -6.91 -34.48 -3.49
C ILE L 187 -7.60 -35.82 -3.29
N LEU L 188 -7.37 -36.45 -2.16
CA LEU L 188 -8.03 -37.72 -1.88
C LEU L 188 -9.05 -37.55 -0.79
N LYS L 189 -10.15 -38.30 -0.84
CA LYS L 189 -11.12 -38.22 0.27
C LYS L 189 -11.64 -39.55 0.76
N CYS L 190 -11.94 -39.57 2.04
CA CYS L 190 -12.56 -40.75 2.64
C CYS L 190 -14.06 -40.75 2.45
N ASN L 191 -14.59 -41.86 1.99
CA ASN L 191 -16.04 -42.02 1.87
C ASN L 191 -16.53 -42.89 3.01
N ASP L 192 -15.63 -43.18 3.94
CA ASP L 192 -15.92 -43.99 5.11
C ASP L 192 -16.58 -43.34 6.29
N GLU L 193 -17.55 -44.06 6.82
CA GLU L 193 -18.22 -43.78 8.07
C GLU L 193 -17.39 -44.46 9.12
N THR L 194 -17.74 -44.36 10.41
CA THR L 194 -16.96 -44.96 11.53
C THR L 194 -15.66 -44.23 11.87
N PHE L 195 -14.98 -43.83 10.79
CA PHE L 195 -13.70 -43.07 10.76
C PHE L 195 -13.62 -42.12 11.96
N ASN L 196 -12.65 -42.40 12.84
CA ASN L 196 -12.41 -41.78 14.18
C ASN L 196 -11.73 -40.40 14.06
N GLY L 197 -11.34 -40.04 12.84
CA GLY L 197 -10.72 -38.77 12.41
C GLY L 197 -9.34 -39.09 11.87
N THR L 198 -8.87 -40.30 12.17
CA THR L 198 -7.59 -40.81 11.74
C THR L 198 -7.72 -42.23 11.23
N GLY L 199 -6.71 -42.69 10.50
CA GLY L 199 -6.62 -44.11 10.16
C GLY L 199 -6.80 -44.49 8.68
N PRO L 200 -6.78 -45.80 8.40
CA PRO L 200 -6.75 -46.47 7.11
C PRO L 200 -8.08 -46.53 6.39
N CYS L 201 -8.48 -45.43 5.80
CA CYS L 201 -9.73 -45.39 5.05
C CYS L 201 -9.62 -46.40 3.93
N SER L 202 -10.74 -47.12 3.70
CA SER L 202 -10.84 -48.22 2.70
C SER L 202 -11.16 -47.67 1.31
N ASN L 203 -12.44 -47.43 0.98
CA ASN L 203 -12.78 -46.91 -0.37
C ASN L 203 -12.49 -45.41 -0.35
N VAL L 204 -11.43 -44.98 -1.05
CA VAL L 204 -10.93 -43.58 -0.95
C VAL L 204 -10.97 -42.92 -2.33
N SER L 205 -11.97 -42.06 -2.53
CA SER L 205 -12.19 -41.37 -3.79
C SER L 205 -11.16 -40.32 -4.11
N THR L 206 -10.99 -40.04 -5.40
CA THR L 206 -10.15 -38.91 -5.74
C THR L 206 -11.01 -37.71 -5.77
N VAL L 207 -10.37 -36.59 -5.63
CA VAL L 207 -10.99 -35.31 -5.68
C VAL L 207 -10.20 -34.31 -6.54
N GLN L 208 -10.88 -33.61 -7.42
CA GLN L 208 -10.18 -32.61 -8.21
C GLN L 208 -10.20 -31.31 -7.43
N CYS L 209 -11.37 -31.05 -6.88
CA CYS L 209 -11.73 -29.88 -6.13
C CYS L 209 -12.59 -30.34 -4.97
N THR L 210 -12.40 -29.76 -3.80
CA THR L 210 -13.14 -30.24 -2.64
C THR L 210 -14.53 -29.78 -2.74
N HIS L 211 -15.40 -30.40 -1.97
CA HIS L 211 -16.75 -29.93 -2.02
C HIS L 211 -16.65 -28.60 -1.36
N GLY L 212 -17.34 -27.62 -1.85
CA GLY L 212 -17.15 -26.33 -1.24
C GLY L 212 -17.64 -26.26 0.17
N ILE L 213 -16.89 -25.50 0.93
CA ILE L 213 -17.18 -25.24 2.33
C ILE L 213 -17.38 -23.78 2.60
N ARG L 214 -18.50 -23.45 3.23
CA ARG L 214 -18.86 -22.08 3.55
C ARG L 214 -18.14 -21.73 4.83
N PRO L 215 -17.29 -20.71 4.88
CA PRO L 215 -16.66 -20.29 6.09
C PRO L 215 -17.71 -19.69 6.98
N VAL L 216 -17.63 -19.93 8.27
CA VAL L 216 -18.59 -19.38 9.19
C VAL L 216 -17.83 -18.88 10.39
N VAL L 217 -18.24 -17.76 10.94
CA VAL L 217 -17.66 -17.39 12.19
C VAL L 217 -18.65 -17.69 13.27
N SER L 218 -18.32 -18.63 14.10
CA SER L 218 -19.19 -19.04 15.17
C SER L 218 -18.45 -19.85 16.20
N THR L 219 -19.09 -20.08 17.32
CA THR L 219 -18.55 -20.91 18.35
C THR L 219 -19.58 -21.85 18.84
N GLN L 220 -19.18 -22.74 19.71
CA GLN L 220 -20.11 -23.71 20.26
C GLN L 220 -20.88 -24.40 19.14
N LEU L 221 -22.18 -24.12 19.00
CA LEU L 221 -22.99 -24.74 17.97
C LEU L 221 -22.58 -24.24 16.57
N LEU L 222 -22.28 -25.16 15.66
CA LEU L 222 -21.89 -24.76 14.30
C LEU L 222 -23.03 -24.89 13.29
N LEU L 223 -23.47 -23.76 12.73
CA LEU L 223 -24.64 -23.79 11.80
C LEU L 223 -24.20 -23.82 10.34
N ASN L 224 -25.18 -24.08 9.46
CA ASN L 224 -24.95 -24.12 8.00
C ASN L 224 -23.79 -25.05 7.66
N GLY L 225 -23.80 -26.25 8.24
CA GLY L 225 -22.77 -27.27 7.96
C GLY L 225 -23.38 -28.57 7.46
N SER L 226 -22.52 -29.55 7.11
CA SER L 226 -22.95 -30.84 6.59
C SER L 226 -23.42 -31.75 7.71
N LEU L 227 -24.12 -32.81 7.35
CA LEU L 227 -24.58 -33.82 8.29
C LEU L 227 -23.85 -35.12 8.15
N ALA L 228 -23.82 -35.89 9.22
CA ALA L 228 -23.23 -37.22 9.15
C ALA L 228 -24.09 -37.99 8.18
N GLU L 229 -23.53 -38.90 7.40
CA GLU L 229 -24.38 -39.64 6.46
C GLU L 229 -25.24 -40.72 7.11
N LYS L 230 -24.70 -41.44 8.08
CA LYS L 230 -25.48 -42.52 8.67
C LYS L 230 -25.76 -42.41 10.15
N GLU L 231 -24.81 -41.87 10.90
CA GLU L 231 -24.95 -41.83 12.33
C GLU L 231 -24.08 -40.74 12.91
N ILE L 232 -24.40 -40.33 14.12
CA ILE L 232 -23.62 -39.33 14.80
C ILE L 232 -22.19 -39.76 14.95
N VAL L 233 -21.29 -38.87 14.61
CA VAL L 233 -19.88 -39.16 14.71
C VAL L 233 -19.23 -38.33 15.77
N ILE L 234 -18.64 -38.99 16.73
CA ILE L 234 -17.96 -38.27 17.78
C ILE L 234 -16.48 -38.40 17.55
N ARG L 235 -15.81 -37.28 17.36
CA ARG L 235 -14.43 -37.29 16.97
C ARG L 235 -13.53 -36.41 17.87
N SER L 236 -12.36 -36.94 18.23
CA SER L 236 -11.42 -36.24 19.10
C SER L 236 -10.02 -36.72 18.88
N GLU L 237 -9.09 -35.79 19.01
CA GLU L 237 -7.67 -36.09 18.86
C GLU L 237 -7.22 -37.09 19.91
N ASN L 238 -7.78 -36.95 21.11
CA ASN L 238 -7.49 -37.83 22.22
C ASN L 238 -8.60 -37.74 23.24
N LEU L 239 -9.49 -38.72 23.26
CA LEU L 239 -10.65 -38.71 24.14
C LEU L 239 -10.30 -38.77 25.62
N THR L 240 -9.11 -39.26 25.93
CA THR L 240 -8.66 -39.38 27.29
C THR L 240 -7.86 -38.17 27.73
N ASN L 241 -7.71 -37.19 26.87
CA ASN L 241 -6.98 -36.00 27.21
C ASN L 241 -7.97 -34.88 27.49
N ASN L 242 -8.06 -34.48 28.74
CA ASN L 242 -9.04 -33.48 29.16
C ASN L 242 -8.89 -32.13 28.46
N ALA L 243 -7.73 -31.88 27.85
CA ALA L 243 -7.45 -30.61 27.20
C ALA L 243 -7.99 -30.53 25.76
N LYS L 244 -8.56 -31.63 25.26
CA LYS L 244 -9.02 -31.64 23.88
C LYS L 244 -10.51 -31.35 23.74
N ILE L 245 -10.88 -30.89 22.57
CA ILE L 245 -12.27 -30.57 22.26
C ILE L 245 -12.86 -31.63 21.36
N ILE L 246 -14.04 -32.08 21.74
CA ILE L 246 -14.76 -33.11 21.05
C ILE L 246 -15.61 -32.49 19.98
N ILE L 247 -15.46 -33.00 18.78
CA ILE L 247 -16.19 -32.52 17.64
C ILE L 247 -17.31 -33.48 17.32
N VAL L 248 -18.53 -32.98 17.24
CA VAL L 248 -19.62 -33.90 16.96
C VAL L 248 -20.40 -33.57 15.71
N HIS L 249 -20.48 -34.56 14.83
CA HIS L 249 -21.27 -34.43 13.62
C HIS L 249 -22.58 -35.14 13.81
N LEU L 250 -23.66 -34.41 13.76
CA LEU L 250 -24.94 -35.03 13.95
C LEU L 250 -25.46 -35.62 12.66
N HIS L 251 -26.23 -36.69 12.80
CA HIS L 251 -26.92 -37.34 11.69
C HIS L 251 -28.10 -36.57 11.13
N THR L 252 -28.98 -36.10 12.00
CA THR L 252 -30.14 -35.38 11.54
C THR L 252 -30.00 -33.92 11.94
N PRO L 253 -30.62 -32.98 11.22
CA PRO L 253 -30.64 -31.57 11.51
C PRO L 253 -31.57 -31.24 12.65
N VAL L 254 -31.27 -30.12 13.30
CA VAL L 254 -32.08 -29.47 14.30
C VAL L 254 -32.33 -28.06 13.83
N GLU L 255 -33.50 -27.49 14.09
CA GLU L 255 -33.72 -26.16 13.54
C GLU L 255 -33.64 -25.07 14.59
N ILE L 256 -32.91 -24.01 14.26
CA ILE L 256 -32.84 -22.83 15.11
C ILE L 256 -33.39 -21.62 14.39
N VAL L 257 -34.29 -20.86 15.06
CA VAL L 257 -34.96 -19.64 14.52
C VAL L 257 -34.59 -18.44 15.43
N CYS L 258 -33.76 -17.49 14.97
CA CYS L 258 -33.39 -16.34 15.78
C CYS L 258 -33.89 -15.03 15.21
N THR L 259 -34.12 -14.06 16.08
CA THR L 259 -34.63 -12.77 15.63
C THR L 259 -34.45 -11.58 16.57
N ARG L 260 -34.53 -10.41 15.98
CA ARG L 260 -34.45 -9.14 16.68
C ARG L 260 -35.73 -8.35 16.39
N PRO L 261 -36.66 -8.27 17.35
CA PRO L 261 -38.03 -7.84 17.16
C PRO L 261 -38.31 -6.36 16.90
N ASN L 262 -37.45 -5.53 17.50
CA ASN L 262 -37.57 -4.05 17.52
C ASN L 262 -37.23 -3.45 16.17
N ASN L 263 -38.17 -2.68 15.62
CA ASN L 263 -37.94 -1.93 14.37
C ASN L 263 -36.82 -0.92 14.67
N ASN L 264 -35.74 -0.91 13.91
CA ASN L 264 -34.65 0.05 14.24
C ASN L 264 -34.42 0.98 13.05
N THR L 265 -34.44 2.29 13.29
CA THR L 265 -34.22 3.24 12.22
C THR L 265 -32.72 3.49 12.10
N ARG L 266 -32.30 4.11 11.01
CA ARG L 266 -30.88 4.38 10.84
C ARG L 266 -30.62 5.79 10.37
N LYS L 267 -29.51 6.36 10.83
CA LYS L 267 -29.11 7.69 10.39
C LYS L 267 -27.65 7.67 10.06
N SER L 268 -27.19 8.72 9.40
CA SER L 268 -25.78 8.80 9.15
C SER L 268 -25.26 10.19 9.39
N VAL L 269 -23.99 10.24 9.70
CA VAL L 269 -23.31 11.47 9.99
C VAL L 269 -22.09 11.68 9.14
N ARG L 270 -22.00 12.81 8.47
CA ARG L 270 -20.81 13.07 7.70
C ARG L 270 -19.74 13.56 8.62
N ILE L 271 -18.56 12.95 8.56
CA ILE L 271 -17.48 13.41 9.42
C ILE L 271 -16.37 13.95 8.56
N GLY L 272 -16.17 15.25 8.63
CA GLY L 272 -15.22 15.89 7.75
C GLY L 272 -15.65 15.67 6.29
N PRO L 273 -14.74 15.43 5.33
CA PRO L 273 -14.98 15.15 3.92
C PRO L 273 -15.35 13.69 3.65
N GLY L 274 -16.01 13.43 2.52
CA GLY L 274 -16.19 12.05 2.12
C GLY L 274 -17.01 11.17 3.03
N GLN L 275 -16.30 10.53 3.92
CA GLN L 275 -16.82 9.43 4.71
C GLN L 275 -17.95 9.75 5.66
N THR L 276 -19.00 8.93 5.59
CA THR L 276 -20.09 9.05 6.53
C THR L 276 -20.00 7.95 7.55
N PHE L 277 -20.59 8.19 8.69
CA PHE L 277 -20.68 7.25 9.77
C PHE L 277 -22.09 6.81 9.99
N TYR L 278 -22.31 5.52 10.22
CA TYR L 278 -23.68 5.10 10.47
C TYR L 278 -23.93 4.71 11.89
N ALA L 279 -25.13 5.03 12.36
CA ALA L 279 -25.56 4.65 13.70
C ALA L 279 -27.07 4.61 13.78
N THR L 280 -27.57 3.95 14.81
CA THR L 280 -28.99 3.89 15.07
C THR L 280 -29.54 5.29 15.33
N GLY L 281 -30.64 5.63 14.66
CA GLY L 281 -31.30 6.90 14.98
C GLY L 281 -31.94 6.69 16.35
N ASP L 282 -32.98 5.86 16.38
CA ASP L 282 -33.66 5.42 17.62
C ASP L 282 -34.37 4.10 17.31
N ILE L 283 -34.37 3.14 18.25
CA ILE L 283 -35.15 1.88 18.01
C ILE L 283 -36.58 2.38 17.84
N ILE L 284 -37.21 2.20 16.67
CA ILE L 284 -38.51 2.90 16.56
C ILE L 284 -39.71 2.18 17.13
N GLY L 285 -39.66 0.92 17.51
CA GLY L 285 -40.92 0.33 17.98
C GLY L 285 -40.98 0.33 19.47
N ASP L 286 -41.44 -0.77 20.03
CA ASP L 286 -41.35 -1.11 21.47
C ASP L 286 -40.03 -1.86 21.64
N ILE L 287 -39.48 -1.99 22.84
CA ILE L 287 -38.20 -2.74 22.89
C ILE L 287 -38.39 -4.14 23.46
N LYS L 288 -38.40 -5.19 22.66
CA LYS L 288 -38.57 -6.56 23.20
C LYS L 288 -37.24 -7.32 23.11
N GLN L 289 -37.15 -8.47 23.80
CA GLN L 289 -35.90 -9.25 23.92
C GLN L 289 -35.47 -9.82 22.56
N ALA L 290 -34.19 -10.19 22.44
CA ALA L 290 -33.68 -10.88 21.23
C ALA L 290 -33.51 -12.36 21.59
N HIS L 291 -34.02 -13.27 20.76
CA HIS L 291 -34.06 -14.71 21.15
C HIS L 291 -33.79 -15.63 19.96
N CYS L 292 -33.59 -16.92 20.27
CA CYS L 292 -33.47 -18.10 19.40
C CYS L 292 -34.42 -19.22 19.83
N ASN L 293 -35.48 -19.46 19.06
CA ASN L 293 -36.41 -20.58 19.34
C ASN L 293 -35.72 -21.88 18.92
N ILE L 294 -35.82 -22.91 19.77
CA ILE L 294 -35.35 -24.29 19.45
C ILE L 294 -36.39 -25.26 20.00
N SER L 295 -36.82 -26.26 19.20
CA SER L 295 -37.81 -27.20 19.71
C SER L 295 -37.18 -27.98 20.84
N GLU L 296 -37.91 -28.18 21.94
CA GLU L 296 -37.43 -28.99 23.07
C GLU L 296 -37.28 -30.46 22.74
N GLU L 297 -38.28 -30.90 22.01
CA GLU L 297 -38.35 -32.32 21.67
C GLU L 297 -37.08 -32.83 21.03
N LYS L 298 -36.64 -31.98 20.11
CA LYS L 298 -35.67 -32.45 19.16
C LYS L 298 -34.36 -32.33 19.85
N TRP L 299 -34.21 -31.30 20.70
CA TRP L 299 -32.99 -31.04 21.49
C TRP L 299 -32.81 -32.10 22.59
N ASN L 300 -33.89 -32.56 23.22
CA ASN L 300 -33.80 -33.59 24.28
C ASN L 300 -33.54 -34.95 23.62
N ASP L 301 -33.97 -35.13 22.36
CA ASP L 301 -33.70 -36.35 21.56
C ASP L 301 -32.21 -36.38 21.22
N THR L 302 -31.64 -35.22 20.87
CA THR L 302 -30.27 -35.04 20.50
C THR L 302 -29.36 -35.26 21.67
N LEU L 303 -29.65 -34.67 22.81
CA LEU L 303 -28.72 -34.86 23.90
C LEU L 303 -28.64 -36.31 24.28
N GLN L 304 -29.75 -37.04 24.26
CA GLN L 304 -29.61 -38.44 24.60
C GLN L 304 -28.93 -39.20 23.48
N LYS L 305 -29.23 -38.91 22.20
CA LYS L 305 -28.57 -39.66 21.15
C LYS L 305 -27.06 -39.48 21.21
N VAL L 306 -26.62 -38.27 21.52
CA VAL L 306 -25.20 -38.05 21.64
C VAL L 306 -24.69 -38.83 22.82
N GLY L 307 -25.42 -38.79 23.94
CA GLY L 307 -25.03 -39.53 25.13
C GLY L 307 -24.86 -41.01 24.86
N ILE L 308 -25.69 -41.57 24.00
CA ILE L 308 -25.59 -42.99 23.67
C ILE L 308 -24.32 -43.25 22.93
N GLU L 309 -24.02 -42.44 21.95
CA GLU L 309 -22.80 -42.67 21.21
C GLU L 309 -21.58 -42.36 22.09
N LEU L 310 -21.69 -41.32 22.93
CA LEU L 310 -20.58 -40.86 23.74
C LEU L 310 -20.20 -41.94 24.77
N GLN L 311 -21.23 -42.59 25.31
CA GLN L 311 -21.18 -43.70 26.25
C GLN L 311 -20.25 -44.82 25.77
N LYS L 312 -20.02 -44.92 24.47
CA LYS L 312 -19.17 -45.97 23.96
C LYS L 312 -17.74 -45.80 24.46
N HIS L 313 -17.31 -44.56 24.66
CA HIS L 313 -15.94 -44.28 25.04
C HIS L 313 -15.86 -44.03 26.52
N PHE L 314 -17.01 -43.74 27.10
CA PHE L 314 -17.15 -43.51 28.51
C PHE L 314 -18.25 -44.42 29.07
N PRO L 315 -18.04 -45.76 29.09
CA PRO L 315 -18.99 -46.79 29.49
C PRO L 315 -19.28 -46.79 30.96
N ASN L 316 -20.49 -47.27 31.27
CA ASN L 316 -21.06 -47.42 32.60
C ASN L 316 -21.05 -46.12 33.39
N LYS L 317 -21.33 -45.03 32.71
CA LYS L 317 -21.36 -43.71 33.29
C LYS L 317 -22.49 -42.85 32.72
N THR L 318 -23.03 -41.99 33.57
CA THR L 318 -24.05 -41.02 33.23
C THR L 318 -23.44 -39.80 32.53
N ILE L 319 -24.13 -39.26 31.55
CA ILE L 319 -23.59 -38.08 30.90
C ILE L 319 -24.31 -36.81 31.26
N LYS L 320 -23.53 -35.93 31.84
CA LYS L 320 -24.01 -34.70 32.40
C LYS L 320 -23.56 -33.54 31.58
N TYR L 321 -24.44 -32.53 31.44
CA TYR L 321 -24.10 -31.31 30.66
C TYR L 321 -24.20 -30.07 31.58
N ASN L 322 -23.05 -29.45 31.84
CA ASN L 322 -22.95 -28.17 32.60
C ASN L 322 -22.89 -27.00 31.59
N GLN L 323 -22.79 -25.77 32.14
CA GLN L 323 -22.65 -24.46 31.44
C GLN L 323 -21.17 -24.10 31.26
N SER L 324 -20.85 -22.96 30.65
CA SER L 324 -19.44 -22.67 30.43
C SER L 324 -18.80 -22.33 31.76
N ALA L 325 -17.48 -22.36 31.76
CA ALA L 325 -16.68 -22.03 32.94
C ALA L 325 -16.82 -20.58 33.40
N GLY L 326 -17.29 -19.70 32.53
CA GLY L 326 -17.38 -18.29 32.84
C GLY L 326 -16.30 -17.47 32.13
N GLY L 327 -16.59 -16.19 31.92
CA GLY L 327 -15.69 -15.30 31.19
C GLY L 327 -16.51 -14.30 30.37
N ASP L 328 -15.83 -13.61 29.47
CA ASP L 328 -16.39 -12.62 28.57
C ASP L 328 -17.40 -13.29 27.66
N MET L 329 -18.37 -12.53 27.12
CA MET L 329 -19.37 -13.19 26.29
C MET L 329 -18.77 -13.95 25.12
N GLU L 330 -17.66 -13.45 24.58
CA GLU L 330 -16.96 -14.09 23.47
C GLU L 330 -16.46 -15.50 23.82
N ILE L 331 -16.35 -15.77 25.11
CA ILE L 331 -15.87 -17.01 25.66
C ILE L 331 -17.03 -17.93 26.01
N THR L 332 -18.04 -17.40 26.70
CA THR L 332 -19.17 -18.19 27.14
C THR L 332 -20.44 -18.23 26.31
N THR L 333 -20.65 -17.28 25.43
CA THR L 333 -21.89 -17.30 24.66
C THR L 333 -21.75 -17.82 23.27
N HIS L 334 -22.88 -18.17 22.71
CA HIS L 334 -22.95 -18.58 21.34
C HIS L 334 -22.91 -17.34 20.49
N SER L 335 -22.24 -17.37 19.36
CA SER L 335 -22.19 -16.19 18.50
C SER L 335 -22.74 -16.39 17.10
N PHE L 336 -23.59 -15.46 16.71
CA PHE L 336 -24.23 -15.50 15.39
C PHE L 336 -23.99 -14.19 14.69
N ASN L 337 -24.02 -14.23 13.37
CA ASN L 337 -23.93 -13.06 12.54
C ASN L 337 -25.18 -12.96 11.67
N CYS L 338 -26.30 -13.44 12.18
CA CYS L 338 -27.53 -13.40 11.40
C CYS L 338 -27.91 -12.01 10.96
N GLY L 339 -28.06 -11.83 9.66
CA GLY L 339 -28.47 -10.55 9.13
C GLY L 339 -27.31 -9.57 9.09
N GLY L 340 -26.16 -9.97 9.57
CA GLY L 340 -25.02 -9.09 9.62
C GLY L 340 -24.89 -8.46 11.01
N GLU L 341 -25.85 -8.69 11.89
CA GLU L 341 -25.78 -8.12 13.23
C GLU L 341 -25.08 -9.13 14.11
N PHE L 342 -24.43 -8.69 15.17
CA PHE L 342 -23.73 -9.64 16.02
C PHE L 342 -24.40 -9.92 17.33
N PHE L 343 -24.81 -11.17 17.43
CA PHE L 343 -25.50 -11.69 18.58
C PHE L 343 -24.63 -12.57 19.41
N TYR L 344 -24.81 -12.44 20.70
CA TYR L 344 -24.18 -13.28 21.68
C TYR L 344 -25.28 -13.87 22.53
N CYS L 345 -25.47 -15.18 22.46
CA CYS L 345 -26.62 -15.76 23.14
C CYS L 345 -26.22 -16.68 24.28
N ASN L 346 -26.92 -16.51 25.40
CA ASN L 346 -26.63 -17.23 26.67
C ASN L 346 -27.21 -18.64 26.55
N THR L 347 -26.30 -19.62 26.57
CA THR L 347 -26.47 -21.08 26.35
C THR L 347 -27.40 -21.72 27.38
N SER L 348 -27.25 -21.37 28.66
CA SER L 348 -28.22 -21.88 29.66
C SER L 348 -29.60 -21.31 29.34
N ASN L 349 -30.64 -22.15 29.38
CA ASN L 349 -30.54 -23.52 29.94
C ASN L 349 -30.31 -24.57 28.84
N LEU L 350 -29.88 -24.19 27.63
CA LEU L 350 -29.78 -25.24 26.63
C LEU L 350 -29.19 -26.53 27.19
N PHE L 351 -27.93 -26.48 27.60
CA PHE L 351 -27.21 -27.70 28.07
C PHE L 351 -27.35 -27.89 29.59
N ASN L 352 -28.50 -27.53 30.15
CA ASN L 352 -28.75 -27.67 31.61
C ASN L 352 -28.87 -29.14 32.04
N GLY L 353 -29.45 -30.00 31.19
CA GLY L 353 -29.77 -31.39 31.59
C GLY L 353 -28.62 -32.40 31.62
N THR L 354 -28.91 -33.60 32.11
CA THR L 354 -27.98 -34.77 32.17
C THR L 354 -28.86 -36.01 32.38
N TYR L 355 -28.98 -36.89 31.39
CA TYR L 355 -29.87 -38.08 31.49
C TYR L 355 -29.10 -39.29 32.04
N ASN L 356 -29.77 -40.17 32.80
CA ASN L 356 -29.21 -41.40 33.39
C ASN L 356 -28.56 -42.25 32.28
N GLY L 357 -27.39 -42.82 32.54
CA GLY L 357 -26.72 -43.63 31.55
C GLY L 357 -27.42 -44.92 31.14
N THR L 358 -28.62 -44.76 30.59
CA THR L 358 -29.49 -45.77 30.07
C THR L 358 -29.86 -45.19 28.73
N TYR L 359 -29.86 -43.85 28.72
CA TYR L 359 -30.20 -43.03 27.55
C TYR L 359 -31.37 -43.62 26.79
N ILE L 360 -32.45 -43.89 27.45
CA ILE L 360 -33.54 -44.53 26.74
C ILE L 360 -34.22 -43.55 25.83
N SER L 361 -34.32 -43.93 24.57
CA SER L 361 -34.92 -43.10 23.54
C SER L 361 -36.43 -43.15 23.62
N THR L 362 -36.96 -42.59 24.70
CA THR L 362 -38.39 -42.58 24.93
C THR L 362 -38.97 -41.19 24.80
N ASN L 363 -40.00 -41.11 23.98
CA ASN L 363 -40.70 -39.89 23.70
C ASN L 363 -42.08 -40.28 23.22
N SER L 364 -42.92 -39.31 22.90
CA SER L 364 -44.26 -39.63 22.43
C SER L 364 -44.86 -38.58 21.51
N SER L 365 -45.87 -39.00 20.74
CA SER L 365 -46.63 -38.10 19.88
C SER L 365 -47.39 -37.12 20.73
N ALA L 366 -47.46 -35.88 20.28
CA ALA L 366 -48.20 -34.84 21.00
C ALA L 366 -48.53 -33.71 20.08
N ASN L 367 -49.46 -32.87 20.51
CA ASN L 367 -49.80 -31.66 19.77
C ASN L 367 -49.01 -30.46 20.31
N SER L 368 -48.06 -30.74 21.19
CA SER L 368 -47.19 -29.74 21.79
C SER L 368 -46.26 -29.07 20.81
N THR L 369 -46.13 -27.77 20.98
CA THR L 369 -45.21 -26.95 20.21
C THR L 369 -44.20 -26.32 21.14
N SER L 370 -44.05 -26.89 22.32
CA SER L 370 -43.13 -26.37 23.33
C SER L 370 -41.70 -26.24 22.84
N THR L 371 -41.08 -25.11 23.18
CA THR L 371 -39.73 -24.75 22.78
C THR L 371 -38.88 -24.33 23.95
N ILE L 372 -37.59 -24.28 23.69
CA ILE L 372 -36.60 -23.77 24.60
C ILE L 372 -36.10 -22.48 24.01
N THR L 373 -36.09 -21.42 24.79
CA THR L 373 -35.76 -20.14 24.21
C THR L 373 -34.54 -19.60 24.89
N LEU L 374 -33.57 -19.19 24.09
CA LEU L 374 -32.42 -18.51 24.64
C LEU L 374 -32.59 -17.05 24.33
N GLN L 375 -32.04 -16.21 25.21
CA GLN L 375 -32.11 -14.74 25.08
C GLN L 375 -30.73 -14.22 24.68
N CYS L 376 -30.67 -13.12 23.91
CA CYS L 376 -29.41 -12.75 23.20
C CYS L 376 -29.01 -11.32 23.61
N ARG L 377 -27.70 -11.03 23.61
CA ARG L 377 -27.19 -9.65 23.79
C ARG L 377 -26.35 -9.26 22.57
N ILE L 378 -26.75 -8.18 21.88
CA ILE L 378 -26.10 -7.72 20.62
C ILE L 378 -24.98 -6.72 20.92
N LYS L 379 -23.96 -6.66 20.04
CA LYS L 379 -22.84 -5.72 20.24
C LYS L 379 -22.64 -4.84 19.05
N GLN L 380 -21.95 -3.73 19.24
CA GLN L 380 -21.62 -2.90 18.11
C GLN L 380 -20.17 -3.03 17.75
N ILE L 381 -19.30 -3.11 18.75
CA ILE L 381 -17.88 -3.21 18.43
C ILE L 381 -17.32 -4.54 18.84
N ILE L 382 -16.70 -5.21 17.88
CA ILE L 382 -16.13 -6.50 18.17
C ILE L 382 -14.70 -6.67 17.70
N ASN L 383 -13.99 -7.59 18.36
CA ASN L 383 -12.65 -8.00 17.95
C ASN L 383 -12.81 -9.22 17.09
N MET L 384 -12.78 -9.02 15.80
CA MET L 384 -13.08 -10.07 14.87
C MET L 384 -12.00 -11.11 14.90
N TRP L 385 -12.35 -12.31 15.37
CA TRP L 385 -11.38 -13.38 15.55
C TRP L 385 -10.28 -12.99 16.49
N GLN L 386 -10.62 -12.25 17.54
CA GLN L 386 -9.71 -11.80 18.59
C GLN L 386 -8.74 -10.77 18.03
N GLY L 387 -9.03 -10.28 16.84
CA GLY L 387 -8.28 -9.24 16.18
C GLY L 387 -8.53 -7.91 16.80
N VAL L 388 -7.97 -7.68 17.97
CA VAL L 388 -8.09 -6.39 18.61
C VAL L 388 -7.51 -5.34 17.68
N GLY L 389 -6.42 -5.67 17.02
CA GLY L 389 -5.74 -4.76 16.11
C GLY L 389 -6.47 -4.62 14.78
N ARG L 390 -7.57 -5.38 14.62
CA ARG L 390 -8.41 -5.34 13.47
C ARG L 390 -9.82 -5.02 13.94
N CYS L 391 -9.94 -4.39 15.10
CA CYS L 391 -11.25 -4.12 15.70
C CYS L 391 -12.13 -3.33 14.78
N MET L 392 -13.42 -3.64 14.84
CA MET L 392 -14.38 -2.94 14.02
C MET L 392 -15.75 -2.74 14.62
N TYR L 393 -16.36 -1.66 14.19
CA TYR L 393 -17.72 -1.27 14.48
C TYR L 393 -18.67 -1.76 13.41
N ALA L 394 -19.71 -2.42 13.82
CA ALA L 394 -20.71 -2.88 12.90
C ALA L 394 -21.53 -1.74 12.32
N PRO L 395 -22.00 -1.84 11.09
CA PRO L 395 -22.98 -0.94 10.55
C PRO L 395 -24.26 -1.40 11.20
N PRO L 396 -25.19 -0.52 11.52
CA PRO L 396 -26.53 -0.85 11.99
C PRO L 396 -27.38 -1.30 10.82
N ILE L 397 -28.35 -2.16 11.10
CA ILE L 397 -29.32 -2.59 10.11
C ILE L 397 -30.74 -2.35 10.58
N ALA L 398 -31.50 -1.68 9.75
CA ALA L 398 -32.88 -1.31 10.00
C ALA L 398 -33.93 -2.44 9.87
N GLY L 399 -35.07 -2.25 10.53
CA GLY L 399 -36.17 -3.22 10.43
C GLY L 399 -35.95 -4.38 11.38
N ASN L 400 -36.65 -5.51 11.22
CA ASN L 400 -36.50 -6.64 12.17
C ASN L 400 -35.81 -7.82 11.47
N ILE L 401 -34.85 -8.45 12.14
CA ILE L 401 -34.06 -9.60 11.62
C ILE L 401 -34.75 -10.93 11.98
N THR L 402 -34.87 -11.82 11.00
CA THR L 402 -35.32 -13.18 11.19
C THR L 402 -34.25 -14.09 10.63
N CYS L 403 -34.02 -15.24 11.27
CA CYS L 403 -32.93 -16.10 10.82
C CYS L 403 -33.06 -17.58 11.17
N ARG L 404 -32.95 -18.41 10.15
CA ARG L 404 -33.07 -19.86 10.22
C ARG L 404 -31.61 -20.30 10.40
N SER L 405 -31.27 -21.57 10.67
CA SER L 405 -31.52 -22.72 9.79
C SER L 405 -31.27 -24.09 10.41
N ASN L 406 -30.84 -25.01 9.53
CA ASN L 406 -30.52 -26.40 9.85
C ASN L 406 -29.14 -26.48 10.47
N ILE L 407 -29.10 -26.98 11.69
CA ILE L 407 -27.89 -27.10 12.47
C ILE L 407 -27.83 -28.54 13.01
N THR L 408 -26.74 -29.02 13.63
CA THR L 408 -25.57 -28.28 14.05
C THR L 408 -24.38 -29.19 14.20
N GLY L 409 -23.19 -28.63 14.15
CA GLY L 409 -22.01 -29.35 14.63
C GLY L 409 -21.79 -28.95 16.10
N LEU L 410 -21.30 -29.84 16.95
CA LEU L 410 -21.05 -29.38 18.33
C LEU L 410 -19.59 -29.33 18.69
N LEU L 411 -19.25 -28.35 19.52
CA LEU L 411 -17.91 -28.24 20.11
C LEU L 411 -18.06 -28.38 21.60
N LEU L 412 -17.55 -29.49 22.12
CA LEU L 412 -17.68 -29.77 23.54
C LEU L 412 -16.39 -30.09 24.26
N THR L 413 -16.36 -29.81 25.55
CA THR L 413 -15.23 -30.25 26.36
C THR L 413 -15.71 -31.16 27.49
N ARG L 414 -14.77 -31.67 28.27
CA ARG L 414 -15.05 -32.65 29.34
C ARG L 414 -14.46 -32.27 30.68
N ASP L 415 -15.22 -32.59 31.72
CA ASP L 415 -14.86 -32.32 33.09
C ASP L 415 -15.28 -33.46 34.04
N GLY L 416 -15.01 -33.28 35.32
CA GLY L 416 -15.32 -34.22 36.38
C GLY L 416 -14.02 -34.69 37.04
N GLY L 417 -13.99 -34.67 38.36
CA GLY L 417 -12.81 -35.05 39.13
C GLY L 417 -12.83 -36.46 39.67
N THR L 418 -12.03 -36.68 40.70
CA THR L 418 -11.86 -37.99 41.31
C THR L 418 -13.02 -38.32 42.23
N ASN L 419 -13.87 -37.32 42.41
CA ASN L 419 -15.05 -37.38 43.23
C ASN L 419 -16.29 -37.79 42.46
N SER L 420 -16.14 -38.21 41.21
CA SER L 420 -17.28 -38.70 40.47
C SER L 420 -16.97 -40.05 39.88
N ASN L 421 -16.61 -40.10 38.60
CA ASN L 421 -16.30 -41.35 37.90
C ASN L 421 -17.48 -42.32 37.93
N GLU L 422 -18.68 -41.78 37.81
CA GLU L 422 -19.93 -42.53 37.75
C GLU L 422 -20.74 -41.88 36.65
N THR L 423 -20.23 -40.73 36.32
CA THR L 423 -20.75 -39.78 35.42
C THR L 423 -19.60 -38.88 35.11
N GLU L 424 -19.68 -38.25 33.96
CA GLU L 424 -18.73 -37.26 33.49
C GLU L 424 -19.49 -36.03 33.01
N THR L 425 -18.85 -34.87 33.12
CA THR L 425 -19.51 -33.61 32.79
C THR L 425 -18.96 -32.98 31.54
N PHE L 426 -19.86 -32.61 30.65
CA PHE L 426 -19.45 -31.97 29.44
C PHE L 426 -19.88 -30.52 29.48
N ARG L 427 -19.11 -29.70 28.81
CA ARG L 427 -19.41 -28.28 28.75
C ARG L 427 -19.34 -27.77 27.31
N PRO L 428 -20.02 -26.68 26.98
CA PRO L 428 -19.84 -25.94 25.76
C PRO L 428 -18.41 -25.48 25.69
N ALA L 429 -17.88 -25.48 24.48
CA ALA L 429 -16.52 -25.06 24.24
C ALA L 429 -16.37 -24.44 22.86
N GLY L 430 -15.26 -23.74 22.64
CA GLY L 430 -15.00 -23.19 21.31
C GLY L 430 -14.07 -22.00 21.36
N GLY L 431 -13.98 -21.26 20.26
CA GLY L 431 -13.07 -20.12 20.12
C GLY L 431 -11.94 -20.28 19.11
N ASP L 432 -11.60 -21.51 18.73
CA ASP L 432 -10.57 -21.67 17.69
C ASP L 432 -11.20 -21.98 16.33
N MET L 433 -11.04 -21.04 15.43
CA MET L 433 -11.63 -21.07 14.10
C MET L 433 -11.21 -22.32 13.37
N ARG L 434 -10.03 -22.83 13.74
CA ARG L 434 -9.50 -24.00 13.10
C ARG L 434 -10.43 -25.16 13.22
N ASP L 435 -11.13 -25.28 14.34
CA ASP L 435 -11.94 -26.46 14.52
C ASP L 435 -13.20 -26.28 13.74
N ASN L 436 -13.62 -25.03 13.61
CA ASN L 436 -14.84 -24.82 12.86
C ASN L 436 -14.66 -25.34 11.45
N TRP L 437 -13.47 -25.18 10.86
CA TRP L 437 -13.35 -25.69 9.52
C TRP L 437 -12.89 -27.14 9.53
N ARG L 438 -12.04 -27.50 10.51
CA ARG L 438 -11.47 -28.84 10.61
C ARG L 438 -12.56 -29.86 10.49
N SER L 439 -13.67 -29.54 11.14
CA SER L 439 -14.88 -30.29 11.15
C SER L 439 -15.25 -30.83 9.79
N GLU L 440 -15.09 -30.05 8.72
CA GLU L 440 -15.46 -30.54 7.41
C GLU L 440 -14.26 -30.82 6.52
N LEU L 441 -13.17 -30.10 6.77
CA LEU L 441 -12.00 -30.23 5.91
C LEU L 441 -11.41 -31.62 5.95
N TYR L 442 -11.56 -32.28 7.09
CA TYR L 442 -11.05 -33.63 7.37
C TYR L 442 -11.30 -34.64 6.29
N LYS L 443 -12.30 -34.43 5.47
CA LYS L 443 -12.60 -35.40 4.45
C LYS L 443 -11.48 -35.55 3.44
N TYR L 444 -10.67 -34.51 3.28
CA TYR L 444 -9.70 -34.48 2.21
C TYR L 444 -8.23 -34.51 2.63
N LYS L 445 -7.41 -35.12 1.77
CA LYS L 445 -5.95 -35.16 1.92
C LYS L 445 -5.30 -34.69 0.62
N VAL L 446 -4.22 -33.94 0.71
CA VAL L 446 -3.62 -33.47 -0.52
C VAL L 446 -2.33 -34.20 -0.79
N VAL L 447 -2.22 -34.71 -2.01
CA VAL L 447 -1.04 -35.47 -2.41
C VAL L 447 -0.46 -34.95 -3.70
N LYS L 448 0.79 -35.32 -3.93
CA LYS L 448 1.50 -34.97 -5.14
C LYS L 448 1.67 -36.19 -6.00
N ILE L 449 1.55 -36.00 -7.30
CA ILE L 449 1.76 -37.12 -8.20
C ILE L 449 3.22 -37.19 -8.51
N GLU L 450 3.81 -38.36 -8.30
CA GLU L 450 5.22 -38.52 -8.62
C GLU L 450 5.43 -39.45 -9.81
N PRO L 451 5.53 -38.94 -11.05
CA PRO L 451 5.76 -39.71 -12.23
C PRO L 451 7.21 -40.13 -12.27
N LEU L 452 7.46 -41.13 -13.07
CA LEU L 452 8.75 -41.71 -13.38
C LEU L 452 9.33 -42.68 -12.36
N GLY L 453 9.12 -43.95 -12.67
CA GLY L 453 9.50 -45.04 -11.79
C GLY L 453 10.32 -46.06 -12.57
N VAL L 454 10.63 -47.18 -11.93
CA VAL L 454 11.52 -48.16 -12.55
C VAL L 454 11.02 -49.54 -12.31
N ALA L 455 11.25 -50.42 -13.27
CA ALA L 455 10.94 -51.84 -13.09
C ALA L 455 11.78 -52.63 -14.07
N PRO L 456 12.12 -53.90 -13.76
CA PRO L 456 12.74 -54.81 -14.66
C PRO L 456 11.78 -55.31 -15.68
N THR L 457 12.29 -55.65 -16.84
CA THR L 457 11.46 -56.17 -17.92
C THR L 457 12.17 -57.29 -18.68
N ARG L 458 13.49 -57.16 -18.85
CA ARG L 458 14.24 -58.23 -19.52
C ARG L 458 14.45 -57.92 -21.00
N CYS L 459 13.64 -57.02 -21.51
CA CYS L 459 13.70 -56.63 -22.90
C CYS L 459 14.89 -55.70 -23.08
N LYS L 460 15.50 -55.66 -24.25
CA LYS L 460 16.71 -54.85 -24.36
C LYS L 460 16.72 -54.02 -25.63
N ARG L 461 17.36 -52.86 -25.58
CA ARG L 461 17.49 -52.03 -26.75
C ARG L 461 18.68 -52.36 -27.62
N ARG L 462 18.39 -52.60 -28.89
CA ARG L 462 19.43 -52.82 -29.88
C ARG L 462 19.99 -51.48 -30.28
N VAL L 463 21.30 -51.37 -30.28
CA VAL L 463 21.98 -50.17 -30.65
C VAL L 463 23.47 -50.42 -30.79
C1 NAG M . 30.20 -6.04 16.18
C2 NAG M . 28.77 -5.73 16.62
C3 NAG M . 28.67 -5.77 18.12
C4 NAG M . 29.12 -7.14 18.59
C5 NAG M . 30.53 -7.40 18.11
C6 NAG M . 30.97 -8.81 18.51
C7 NAG M . 29.05 -3.36 16.58
C8 NAG M . 28.41 -2.03 16.32
N2 NAG M . 28.40 -4.42 16.14
O3 NAG M . 27.31 -5.53 18.48
O4 NAG M . 29.06 -7.28 20.02
O5 NAG M . 30.57 -7.31 16.70
O6 NAG M . 30.00 -9.73 18.01
O7 NAG M . 30.10 -3.49 17.18
C1 NAG M . 27.76 -7.77 20.31
C2 NAG M . 27.74 -8.64 21.56
C3 NAG M . 26.34 -9.18 21.75
C4 NAG M . 25.37 -8.02 21.84
C5 NAG M . 25.48 -7.17 20.57
C6 NAG M . 24.55 -5.96 20.60
C7 NAG M . 29.77 -9.80 22.14
C8 NAG M . 30.44 -11.14 22.20
N2 NAG M . 28.67 -9.74 21.41
O3 NAG M . 26.28 -9.94 22.95
O4 NAG M . 24.04 -8.53 21.99
O5 NAG M . 26.81 -6.72 20.43
O6 NAG M . 23.32 -6.31 19.96
O7 NAG M . 30.22 -8.82 22.72
C1 BMA M . 23.47 -7.98 23.18
C2 BMA M . 21.99 -7.73 22.92
C3 BMA M . 21.38 -7.08 24.17
C4 BMA M . 21.54 -8.04 25.34
C5 BMA M . 23.04 -8.29 25.49
C6 BMA M . 23.33 -9.19 26.68
O2 BMA M . 21.42 -9.01 22.63
O3 BMA M . 20.04 -6.59 23.94
O4 BMA M . 21.08 -7.44 26.55
O5 BMA M . 23.56 -8.86 24.30
O6 BMA M . 24.73 -9.15 26.98
C1 NAG N . 19.70 1.28 36.80
C2 NAG N . 20.06 0.33 37.92
C3 NAG N . 19.13 -0.86 37.81
C4 NAG N . 17.68 -0.39 37.84
C5 NAG N . 17.43 0.61 36.71
C6 NAG N . 16.04 1.22 36.78
C7 NAG N . 22.46 0.44 38.43
C8 NAG N . 23.81 -0.13 38.13
N2 NAG N . 21.43 -0.12 37.78
O3 NAG N . 19.35 -1.75 38.90
O4 NAG N . 16.82 -1.53 37.71
O5 NAG N . 18.34 1.69 36.84
O6 NAG N . 15.20 0.65 35.78
O7 NAG N . 22.31 1.36 39.21
C1 NAG N . 15.92 -1.57 38.83
C2 NAG N . 15.38 -2.97 39.04
C3 NAG N . 14.36 -2.95 40.17
C4 NAG N . 15.00 -2.39 41.41
C5 NAG N . 15.55 -1.00 41.11
C6 NAG N . 16.27 -0.44 42.31
C7 NAG N . 14.36 -2.61 36.88
C8 NAG N . 13.10 -1.83 37.17
N2 NAG N . 14.75 -3.45 37.83
O3 NAG N . 13.91 -4.29 40.43
O4 NAG N . 13.95 -2.25 42.37
O5 NAG N . 16.49 -1.07 40.03
O6 NAG N . 17.53 -1.11 42.46
O7 NAG N . 14.99 -2.47 35.85
C1 BMA N . 14.24 -2.90 43.63
C2 BMA N . 13.30 -4.07 43.86
C3 BMA N . 13.50 -4.55 45.30
C4 BMA N . 14.94 -4.97 45.46
C5 BMA N . 15.81 -3.76 45.15
C6 BMA N . 17.30 -4.08 45.35
O2 BMA N . 13.60 -5.13 42.95
O3 BMA N . 12.64 -5.68 45.56
O4 BMA N . 15.18 -5.39 46.80
O5 BMA N . 15.58 -3.33 43.81
O6 BMA N . 17.42 -4.98 46.45
C1 NAG O . 38.88 4.43 28.49
C2 NAG O . 38.45 3.66 29.72
C3 NAG O . 38.54 4.56 30.94
C4 NAG O . 39.94 5.12 31.05
C5 NAG O . 40.32 5.82 29.76
C6 NAG O . 41.74 6.33 29.81
C7 NAG O . 36.78 1.98 29.31
C8 NAG O . 37.40 0.95 30.19
N2 NAG O . 37.08 3.23 29.58
O3 NAG O . 38.27 3.74 32.08
O4 NAG O . 39.92 6.09 32.07
O5 NAG O . 40.20 4.95 28.65
O6 NAG O . 41.97 7.16 28.67
O7 NAG O . 36.04 1.69 28.38
C1 NAG O . 40.53 5.52 33.23
C2 NAG O . 40.90 6.61 34.23
C3 NAG O . 41.60 5.96 35.41
C4 NAG O . 40.65 4.95 36.04
C5 NAG O . 40.28 3.94 34.97
C6 NAG O . 39.37 2.86 35.51
C7 NAG O . 41.28 8.78 33.26
C8 NAG O . 42.20 9.93 33.47
N2 NAG O . 41.75 7.59 33.61
O3 NAG O . 41.97 7.02 36.29
O4 NAG O . 41.31 4.21 37.07
O5 NAG O . 39.66 4.58 33.87
O6 NAG O . 40.06 2.16 36.55
O7 NAG O . 40.16 8.91 32.80
C1 BMA O . 41.10 4.78 38.38
C2 BMA O . 41.55 3.69 39.34
C3 BMA O . 41.53 4.18 40.76
C4 BMA O . 42.50 5.36 40.81
C5 BMA O . 42.03 6.41 39.82
C6 BMA O . 42.92 7.65 39.82
O2 BMA O . 42.88 3.33 39.00
O3 BMA O . 42.01 3.07 41.53
O4 BMA O . 42.59 5.99 42.09
O5 BMA O . 42.02 5.84 38.52
O6 BMA O . 44.14 7.40 40.55
C1 MAN O . 41.56 3.16 42.88
C2 MAN O . 42.08 2.07 43.81
C3 MAN O . 41.23 0.83 43.61
C4 MAN O . 39.77 1.19 43.86
C5 MAN O . 39.36 2.31 42.93
C6 MAN O . 37.91 2.70 43.19
O2 MAN O . 42.01 2.51 45.16
O3 MAN O . 41.62 -0.14 44.59
O4 MAN O . 38.94 0.06 43.65
O5 MAN O . 40.19 3.45 43.14
O6 MAN O . 37.65 3.99 42.64
C1 MAN O . 43.11 3.43 45.36
C2 MAN O . 43.91 2.92 46.54
C3 MAN O . 42.97 2.77 47.72
C4 MAN O . 42.38 4.13 47.99
C5 MAN O . 41.64 4.59 46.75
C6 MAN O . 40.95 5.93 46.95
O2 MAN O . 44.94 3.86 46.87
O3 MAN O . 43.68 2.32 48.88
O4 MAN O . 41.42 3.91 49.01
O5 MAN O . 42.55 4.69 45.68
O6 MAN O . 39.71 5.66 47.62
C1 MAN O . 45.26 7.91 39.82
C2 MAN O . 46.39 6.89 39.94
C3 MAN O . 46.74 6.68 41.40
C4 MAN O . 47.17 8.03 41.95
C5 MAN O . 46.03 9.01 41.77
C6 MAN O . 46.46 10.37 42.29
O2 MAN O . 47.53 7.37 39.23
O3 MAN O . 47.82 5.76 41.50
O4 MAN O . 47.44 7.88 43.34
O5 MAN O . 45.73 9.13 40.39
O6 MAN O . 45.60 11.39 41.75
C1 NAG P . 10.68 18.20 34.52
C2 NAG P . 11.23 17.50 35.75
C3 NAG P . 10.10 16.80 36.45
C4 NAG P . 9.00 17.79 36.76
C5 NAG P . 8.53 18.47 35.48
C6 NAG P . 7.44 19.51 35.74
C7 NAG P . 13.50 16.68 35.40
C8 NAG P . 14.33 15.44 35.29
N2 NAG P . 12.19 16.49 35.37
O3 NAG P . 10.58 16.24 37.67
O4 NAG P . 7.91 17.07 37.32
O5 NAG P . 9.63 19.11 34.86
O6 NAG P . 6.87 19.92 34.49
O7 NAG P . 14.00 17.78 35.51
C1 NAG P . 7.57 17.68 38.57
C2 NAG P . 6.19 17.24 39.01
C3 NAG P . 5.82 17.95 40.30
C4 NAG P . 6.91 17.67 41.33
C5 NAG P . 8.26 18.10 40.80
C6 NAG P . 9.37 17.75 41.78
C7 NAG P . 4.73 16.60 37.18
C8 NAG P . 4.11 15.42 37.86
N2 NAG P . 5.21 17.54 37.99
O3 NAG P . 4.55 17.48 40.76
O4 NAG P . 6.61 18.39 42.53
O5 NAG P . 8.53 17.42 39.58
O6 NAG P . 9.57 16.34 41.75
O7 NAG P . 4.79 16.71 35.96
C1 BMA P . 6.17 17.45 43.53
C2 BMA P . 6.26 18.08 44.92
C3 BMA P . 5.88 17.03 45.95
C4 BMA P . 4.46 16.57 45.63
C5 BMA P . 4.44 16.01 44.22
C6 BMA P . 3.05 15.53 43.83
O2 BMA P . 5.37 19.19 45.00
O3 BMA P . 5.92 17.60 47.26
O4 BMA P . 4.06 15.57 46.57
O5 BMA P . 4.84 17.03 43.30
O6 BMA P . 3.04 15.16 42.46
C1 NAG Q . 48.82 16.04 18.60
C2 NAG Q . 48.08 17.08 19.42
C3 NAG Q . 49.06 18.14 19.86
C4 NAG Q . 50.19 17.50 20.65
C5 NAG Q . 50.85 16.44 19.77
C6 NAG Q . 51.96 15.68 20.50
C7 NAG Q . 45.78 17.29 18.68
C8 NAG Q . 45.02 17.39 17.38
N2 NAG Q . 47.04 17.69 18.62
O3 NAG Q . 48.39 19.09 20.70
O4 NAG Q . 51.12 18.53 21.00
O5 NAG Q . 49.88 15.48 19.37
O6 NAG Q . 51.43 15.03 21.65
O7 NAG Q . 45.26 16.87 19.69
C1 NAG Q . 51.39 18.46 22.42
C2 NAG Q . 52.29 19.61 22.84
C3 NAG Q . 52.66 19.44 24.31
C4 NAG Q . 51.37 19.37 25.12
C5 NAG Q . 50.50 18.23 24.61
C6 NAG Q . 49.19 18.17 25.38
C7 NAG Q . 54.25 18.54 21.90
C8 NAG Q . 55.20 18.56 20.73
N2 NAG Q . 53.50 19.63 22.04
O3 NAG Q . 53.44 20.55 24.74
O4 NAG Q . 51.69 19.14 26.50
O5 NAG Q . 50.22 18.42 23.22
O6 NAG Q . 48.56 19.45 25.34
O7 NAG Q . 54.18 17.59 22.66
C1 BMA Q . 51.15 20.21 27.30
C2 BMA Q . 51.30 19.87 28.77
C3 BMA Q . 50.66 20.97 29.60
C4 BMA Q . 51.37 22.27 29.27
C5 BMA Q . 51.23 22.53 27.77
C6 BMA Q . 51.89 23.83 27.36
O2 BMA Q . 52.69 19.77 29.11
O3 BMA Q . 50.80 20.68 30.99
O4 BMA Q . 50.78 23.35 30.00
O5 BMA Q . 51.81 21.45 27.06
O6 BMA Q . 53.29 23.77 27.65
C1 NAG R . -0.19 19.21 -29.01
C2 NAG R . 0.28 19.40 -27.58
C3 NAG R . 0.96 20.74 -27.43
C4 NAG R . 2.12 20.80 -28.42
C5 NAG R . 1.59 20.58 -29.83
C6 NAG R . 2.75 20.56 -30.82
C7 NAG R . -1.81 20.25 -26.78
C8 NAG R . -2.77 20.31 -25.64
N2 NAG R . -0.84 19.34 -26.68
O3 NAG R . 1.43 20.86 -26.09
O4 NAG R . 2.82 22.05 -28.37
O5 NAG R . 0.94 19.33 -29.88
O6 NAG R . 3.68 19.58 -30.38
O7 NAG R . -1.87 20.98 -27.76
C1 NAG R . 3.86 21.87 -27.40
C2 NAG R . 5.08 22.72 -27.71
C3 NAG R . 6.15 22.40 -26.68
C4 NAG R . 5.60 22.67 -25.29
C5 NAG R . 4.35 21.83 -25.07
C6 NAG R . 3.71 22.07 -23.71
C7 NAG R . 5.49 23.29 -30.02
C8 NAG R . 6.37 23.02 -31.20
N2 NAG R . 5.58 22.40 -29.03
O3 NAG R . 7.30 23.23 -26.91
O4 NAG R . 6.60 22.35 -24.32
O5 NAG R . 3.39 22.14 -26.08
O6 NAG R . 4.21 21.10 -22.78
O7 NAG R . 4.74 24.25 -29.96
C1 BMA R . 6.84 23.51 -23.51
C2 BMA R . 7.09 23.05 -22.10
C3 BMA R . 7.29 24.27 -21.20
C4 BMA R . 8.50 25.06 -21.71
C5 BMA R . 8.18 25.43 -23.15
C6 BMA R . 9.29 26.28 -23.76
O2 BMA R . 8.27 22.23 -22.15
O3 BMA R . 7.31 23.95 -19.79
O4 BMA R . 8.66 26.28 -20.98
O5 BMA R . 7.98 24.26 -23.94
O6 BMA R . 8.83 26.85 -24.98
C1 NAG S . 6.05 38.34 -15.44
C2 NAG S . 7.15 39.11 -16.13
C3 NAG S . 8.46 38.40 -15.82
C4 NAG S . 8.64 38.28 -14.31
C5 NAG S . 7.45 37.53 -13.71
C6 NAG S . 7.51 37.52 -12.19
C7 NAG S . 6.34 40.13 -18.21
C8 NAG S . 6.17 39.94 -19.69
N2 NAG S . 6.93 39.13 -17.56
O3 NAG S . 9.55 39.15 -16.37
O4 NAG S . 9.86 37.59 -14.05
O5 NAG S . 6.26 38.22 -14.04
O6 NAG S . 7.90 36.22 -11.73
O7 NAG S . 5.96 41.13 -17.64
C1 NAG S . 10.69 38.41 -13.20
C2 NAG S . 12.15 38.01 -13.32
C3 NAG S . 12.97 38.83 -12.35
C4 NAG S . 12.76 40.30 -12.62
C5 NAG S . 11.27 40.61 -12.53
C6 NAG S . 11.01 42.06 -12.87
C7 NAG S . 11.38 35.95 -12.35
C8 NAG S . 11.34 36.20 -10.87
N2 NAG S . 12.31 36.61 -13.03
O3 NAG S . 14.37 38.52 -12.53
O4 NAG S . 13.44 41.01 -11.58
O5 NAG S . 10.53 39.81 -13.45
O6 NAG S . 11.14 42.23 -14.29
O7 NAG S . 10.61 35.18 -12.90
C1 BMA S . 14.37 41.99 -12.07
C2 BMA S . 15.80 41.60 -11.73
C3 BMA S . 16.70 42.80 -12.05
C4 BMA S . 16.55 43.10 -13.53
C5 BMA S . 15.08 43.42 -13.80
C6 BMA S . 14.86 43.81 -15.25
O2 BMA S . 16.20 40.46 -12.50
O3 BMA S . 18.06 42.46 -11.76
O4 BMA S . 17.35 44.25 -13.87
O5 BMA S . 14.29 42.30 -13.46
O6 BMA S . 15.99 44.55 -15.71
C1 NAG T . -7.31 35.90 -31.65
C2 NAG T . -6.01 36.68 -31.55
C3 NAG T . -6.30 38.11 -31.16
C4 NAG T . -7.26 38.70 -32.17
C5 NAG T . -8.52 37.85 -32.25
C6 NAG T . -9.47 38.38 -33.31
C7 NAG T . -4.14 35.36 -30.79
C8 NAG T . -3.16 35.95 -31.77
N2 NAG T . -5.19 36.11 -30.51
O3 NAG T . -5.07 38.82 -31.23
O4 NAG T . -7.66 39.97 -31.68
O5 NAG T . -8.18 36.51 -32.58
O6 NAG T . -10.70 37.66 -33.21
O7 NAG T . -3.98 34.26 -30.30
C1 NAG T . -6.95 40.97 -32.42
C2 NAG T . -7.60 42.32 -32.23
C3 NAG T . -6.87 43.34 -33.09
C4 NAG T . -5.41 43.37 -32.66
C5 NAG T . -4.86 41.96 -32.82
C6 NAG T . -3.38 41.90 -32.45
C7 NAG T . -9.93 42.27 -31.66
C8 NAG T . -11.18 43.05 -31.97
N2 NAG T . -9.00 42.29 -32.60
O3 NAG T . -7.53 44.59 -32.92
O4 NAG T . -4.63 44.20 -33.52
O5 NAG T . -5.59 41.04 -32.03
O6 NAG T . -2.66 42.75 -33.33
O7 NAG T . -9.80 41.65 -30.62
C1 BMA T . -4.50 45.54 -33.03
C2 BMA T . -3.39 46.14 -33.86
C3 BMA T . -3.22 47.62 -33.57
C4 BMA T . -4.56 48.27 -33.92
C5 BMA T . -5.65 47.62 -33.08
C6 BMA T . -7.02 48.24 -33.34
O2 BMA T . -3.73 46.00 -35.24
O3 BMA T . -2.17 48.04 -34.46
O4 BMA T . -4.60 49.68 -33.66
O5 BMA T . -5.68 46.24 -33.38
O6 BMA T . -6.99 49.08 -34.51
C1 MAN T . -1.53 49.22 -33.95
C2 MAN T . -0.46 49.80 -34.85
C3 MAN T . 0.83 49.01 -34.65
C4 MAN T . 1.18 49.06 -33.16
C5 MAN T . 0.03 48.50 -32.34
C6 MAN T . 0.39 48.56 -30.87
O2 MAN T . -0.26 51.18 -34.55
O3 MAN T . 1.86 49.66 -35.38
O4 MAN T . 2.37 48.30 -32.92
O5 MAN T . -1.14 49.25 -32.59
O6 MAN T . -0.81 48.44 -30.09
C1 MAN T . -1.36 51.90 -35.11
C2 MAN T . -0.77 52.99 -36.00
C3 MAN T . 0.19 53.81 -35.17
C4 MAN T . -0.61 54.39 -34.03
C5 MAN T . -1.20 53.26 -33.22
C6 MAN T . -1.96 53.76 -32.00
O2 MAN T . -1.82 53.83 -36.50
O3 MAN T . 0.75 54.87 -35.95
O4 MAN T . 0.35 55.05 -33.23
O5 MAN T . -2.07 52.52 -34.04
O6 MAN T . -1.00 54.00 -30.98
C1 MAN T . -8.14 48.83 -35.32
C2 MAN T . -7.68 48.82 -36.77
C3 MAN T . -7.06 50.16 -37.11
C4 MAN T . -8.11 51.22 -36.89
C5 MAN T . -8.57 51.15 -35.43
C6 MAN T . -9.65 52.19 -35.19
O2 MAN T . -8.79 48.59 -37.62
O3 MAN T . -6.66 50.17 -38.49
O4 MAN T . -7.54 52.50 -37.12
O5 MAN T . -9.11 49.86 -35.18
O6 MAN T . -10.38 51.86 -34.00
C1 NAG U . -5.43 40.10 -0.02
C2 NAG U . -4.58 41.12 -0.76
C3 NAG U . -3.27 41.26 -0.02
C4 NAG U . -3.55 41.65 1.41
C5 NAG U . -4.45 40.62 2.07
C6 NAG U . -4.77 40.97 3.52
C7 NAG U . -4.90 40.99 -3.18
C8 NAG U . -4.24 40.64 -4.48
N2 NAG U . -4.25 40.61 -2.08
O3 NAG U . -2.50 42.29 -0.65
O4 NAG U . -2.29 41.68 2.09
O5 NAG U . -5.65 40.50 1.33
O6 NAG U . -5.40 39.85 4.15
O7 NAG U . -5.97 41.57 -3.13
C1 NAG U . -2.17 42.96 2.73
C2 NAG U . -1.09 42.92 3.79
C3 NAG U . -1.03 44.26 4.49
C4 NAG U . -0.80 45.35 3.45
C5 NAG U . -1.90 45.30 2.40
C6 NAG U . -1.64 46.32 1.30
C7 NAG U . -0.73 40.72 4.75
C8 NAG U . 0.76 40.81 4.81
N2 NAG U . -1.38 41.88 4.76
O3 NAG U . 0.03 44.25 5.44
O4 NAG U . -0.81 46.63 4.08
O5 NAG U . -1.93 44.01 1.79
O6 NAG U . -0.55 45.85 0.49
O7 NAG U . -1.33 39.65 4.69
C1 BMA U . 0.54 47.13 4.10
C2 BMA U . 0.54 48.63 4.36
C3 BMA U . 1.97 49.13 4.30
C4 BMA U . 2.78 48.39 5.36
C5 BMA U . 2.69 46.90 5.06
C6 BMA U . 3.47 46.08 6.08
O2 BMA U . 0.00 48.89 5.66
O3 BMA U . 2.00 50.54 4.56
O4 BMA U . 4.14 48.82 5.32
O5 BMA U . 1.33 46.50 5.11
O6 BMA U . 3.23 44.69 5.85
C1 NAG V . -24.75 32.95 -35.91
C2 NAG V . -25.00 33.89 -34.74
C3 NAG V . -26.09 34.87 -35.14
C4 NAG V . -25.68 35.61 -36.40
C5 NAG V . -25.41 34.59 -37.51
C6 NAG V . -24.92 35.23 -38.80
C7 NAG V . -24.59 32.78 -32.61
C8 NAG V . -24.89 31.48 -31.95
N2 NAG V . -25.43 33.15 -33.58
O3 NAG V . -26.28 35.82 -34.08
O4 NAG V . -26.76 36.48 -36.77
O5 NAG V . -24.40 33.68 -37.07
O6 NAG V . -23.71 35.95 -38.55
O7 NAG V . -23.64 33.47 -32.29
C1 NAG V . -26.23 37.81 -36.97
C2 NAG V . -27.37 38.79 -37.25
C3 NAG V . -26.78 40.15 -37.59
C4 NAG V . -25.90 40.60 -36.43
C5 NAG V . -24.82 39.55 -36.18
C6 NAG V . -23.95 39.96 -35.00
C7 NAG V . -27.62 37.97 -39.53
C8 NAG V . -28.47 37.12 -40.42
N2 NAG V . -28.18 38.32 -38.37
O3 NAG V . -27.84 41.09 -37.79
O4 NAG V . -25.28 41.85 -36.76
O5 NAG V . -25.43 38.29 -35.90
O6 NAG V . -24.80 40.22 -33.87
O7 NAG V . -26.50 38.33 -39.84
C1 BMA V . -25.65 42.83 -35.77
C2 BMA V . -24.83 44.09 -35.98
C3 BMA V . -25.16 45.09 -34.88
C4 BMA V . -26.65 45.38 -34.97
C5 BMA V . -27.41 44.07 -34.79
C6 BMA V . -28.92 44.29 -34.84
O2 BMA V . -25.14 44.66 -37.26
O3 BMA V . -24.41 46.29 -35.08
O4 BMA V . -27.02 46.30 -33.94
O5 BMA V . -27.03 43.17 -35.83
O6 BMA V . -29.28 44.83 -36.11
C1 NAG W . -27.50 -20.02 7.32
C2 NAG W . -27.27 -18.55 7.04
C3 NAG W . -28.59 -17.81 7.03
C4 NAG W . -29.48 -18.44 5.98
C5 NAG W . -29.65 -19.93 6.29
C6 NAG W . -30.48 -20.58 5.20
C7 NAG W . -26.84 -17.97 9.32
C8 NAG W . -26.07 -17.11 10.27
N2 NAG W . -26.42 -17.99 8.07
O3 NAG W . -28.33 -16.43 6.72
O4 NAG W . -30.76 -17.83 5.89
O5 NAG W . -28.38 -20.54 6.32
O6 NAG W . -29.85 -20.32 3.95
O7 NAG W . -27.81 -18.62 9.65
C1 NAG W . -30.64 -16.77 4.93
C2 NAG W . -31.93 -16.51 4.19
C3 NAG W . -31.67 -15.44 3.15
C4 NAG W . -31.13 -14.20 3.82
C5 NAG W . -29.85 -14.56 4.59
C6 NAG W . -29.26 -13.37 5.31
C7 NAG W . -33.49 -18.34 3.96
C8 NAG W . -34.08 -19.33 3.01
N2 NAG W . -32.39 -17.72 3.55
O3 NAG W . -32.89 -15.13 2.47
O4 NAG W . -30.86 -13.21 2.82
O5 NAG W . -30.14 -15.57 5.53
O6 NAG W . -28.28 -12.74 4.48
O7 NAG W . -33.97 -18.12 5.06
C1 BMA W . -31.59 -12.01 3.15
C2 BMA W . -30.73 -10.82 2.78
C3 BMA W . -31.48 -9.55 3.19
C4 BMA W . -32.79 -9.49 2.43
C5 BMA W . -33.56 -10.75 2.82
C6 BMA W . -34.93 -10.78 2.16
O2 BMA W . -30.53 -10.90 1.36
O3 BMA W . -30.65 -8.37 3.10
O4 BMA W . -33.58 -8.37 2.85
O5 BMA W . -32.81 -11.91 2.43
O6 BMA W . -35.73 -11.80 2.78
C1 NAG X . -40.36 0.26 10.74
C2 NAG X . -41.72 0.14 10.07
C3 NAG X . -41.51 0.45 8.60
C4 NAG X . -40.87 1.83 8.45
C5 NAG X . -39.55 1.87 9.22
C6 NAG X . -38.96 3.27 9.22
C7 NAG X . -43.08 -1.61 11.15
C8 NAG X . -43.46 -3.05 11.15
N2 NAG X . -42.22 -1.23 10.21
O3 NAG X . -42.78 0.44 7.93
O4 NAG X . -40.67 2.09 7.07
O5 NAG X . -39.80 1.54 10.57
O6 NAG X . -37.85 3.32 8.32
O7 NAG X . -43.53 -0.82 11.96
C1 NAG X . -41.33 3.32 6.72
C2 NAG X . -41.62 3.38 5.23
C3 NAG X . -42.22 4.73 4.89
C4 NAG X . -43.47 4.95 5.71
C5 NAG X . -43.11 4.81 7.19
C6 NAG X . -44.36 4.94 8.05
C7 NAG X . -39.21 3.41 5.05
C8 NAG X . -38.82 4.85 5.27
N2 NAG X . -40.39 3.21 4.48
O3 NAG X . -42.57 4.77 3.49
O4 NAG X . -43.90 6.29 5.47
O5 NAG X . -42.52 3.54 7.46
O6 NAG X . -45.12 3.74 7.94
O7 NAG X . -38.49 2.49 5.38
C1 BMA X . -45.27 6.36 5.04
C2 BMA X . -45.37 6.86 3.60
C3 BMA X . -46.84 7.16 3.30
C4 BMA X . -47.63 5.89 3.51
C5 BMA X . -47.44 5.43 4.95
C6 BMA X . -48.25 4.18 5.25
O2 BMA X . -44.89 5.84 2.71
O3 BMA X . -46.97 7.61 1.94
O4 BMA X . -49.02 6.13 3.27
O5 BMA X . -46.05 5.19 5.19
O6 BMA X . -49.49 4.26 4.54
C1 NAG Y . -39.66 -18.26 20.92
C2 NAG Y . -40.78 -17.62 20.11
C3 NAG Y . -41.70 -16.85 21.01
C4 NAG Y . -42.22 -17.77 22.09
C5 NAG Y . -41.06 -18.40 22.83
C6 NAG Y . -41.55 -19.39 23.88
C7 NAG Y . -40.10 -16.98 17.88
C8 NAG Y . -41.36 -17.47 17.23
N2 NAG Y . -40.20 -16.69 19.16
O3 NAG Y . -42.78 -16.40 20.21
O4 NAG Y . -42.93 -16.97 23.02
O5 NAG Y . -40.21 -19.10 21.93
O6 NAG Y . -40.44 -19.81 24.67
O7 NAG Y . -39.05 -16.87 17.28
C1 NAG Y . -44.33 -17.15 22.79
C2 NAG Y . -45.13 -16.67 23.98
C3 NAG Y . -46.59 -16.94 23.73
C4 NAG Y . -47.01 -16.23 22.45
C5 NAG Y . -46.12 -16.74 21.33
C6 NAG Y . -46.49 -16.10 20.00
C7 NAG Y . -43.94 -16.67 26.08
C8 NAG Y . -44.24 -16.94 27.53
N2 NAG Y . -44.70 -17.30 25.20
O3 NAG Y . -47.31 -16.51 24.89
O4 NAG Y . -48.34 -16.57 22.08
O5 NAG Y . -44.75 -16.48 21.62
O6 NAG Y . -47.83 -16.47 19.69
O7 NAG Y . -43.07 -15.89 25.73
C1 BMA Y . -49.31 -15.63 22.58
C2 BMA Y . -50.58 -15.95 21.81
C3 BMA Y . -51.76 -15.14 22.32
C4 BMA Y . -51.92 -15.53 23.79
C5 BMA Y . -50.63 -15.22 24.52
C6 BMA Y . -50.71 -15.53 26.01
O2 BMA Y . -50.87 -17.34 21.99
O3 BMA Y . -52.86 -15.58 21.52
O4 BMA Y . -52.97 -14.82 24.45
O5 BMA Y . -49.58 -15.96 23.94
O6 BMA Y . -51.88 -16.30 26.29
C1 MAN Y . -53.88 -14.59 21.49
C2 MAN Y . -55.14 -14.97 20.74
C3 MAN Y . -54.91 -14.79 19.26
C4 MAN Y . -54.49 -13.34 19.03
C5 MAN Y . -53.25 -13.02 19.84
C6 MAN Y . -52.84 -11.58 19.62
O2 MAN Y . -56.24 -14.18 21.18
O3 MAN Y . -56.14 -15.01 18.57
O4 MAN Y . -54.22 -13.13 17.63
O5 MAN Y . -53.52 -13.24 21.21
O6 MAN Y . -51.98 -11.15 20.68
C1 MAN Y . -56.64 -14.69 22.47
C2 MAN Y . -58.13 -15.01 22.37
C3 MAN Y . -58.85 -13.77 21.91
C4 MAN Y . -58.57 -12.69 22.94
C5 MAN Y . -57.07 -12.46 23.00
C6 MAN Y . -56.71 -11.35 23.96
O2 MAN Y . -58.61 -15.40 23.67
O3 MAN Y . -60.26 -14.00 21.84
O4 MAN Y . -59.17 -11.52 22.40
O5 MAN Y . -56.44 -13.66 23.42
O6 MAN Y . -56.88 -10.12 23.26
C1 MAN Y . -51.56 -17.39 27.18
C2 MAN Y . -52.31 -18.61 26.70
C3 MAN Y . -53.80 -18.34 26.72
C4 MAN Y . -54.18 -17.99 28.15
C5 MAN Y . -53.36 -16.78 28.59
C6 MAN Y . -53.71 -16.44 30.03
O2 MAN Y . -52.02 -19.71 27.56
O3 MAN Y . -54.52 -19.51 26.31
O4 MAN Y . -55.56 -17.65 28.18
O5 MAN Y . -51.97 -17.10 28.51
O6 MAN Y . -52.68 -15.62 30.58
C1 NAG Z . -31.22 12.53 22.52
C2 NAG Z . -32.69 12.37 22.16
C3 NAG Z . -33.03 13.38 21.09
C4 NAG Z . -32.67 14.78 21.58
C5 NAG Z . -31.20 14.82 21.96
C6 NAG Z . -30.79 16.20 22.47
C7 NAG Z . -33.43 10.05 22.29
C8 NAG Z . -33.91 8.89 21.49
N2 NAG Z . -32.93 11.07 21.60
O3 NAG Z . -34.43 13.33 20.83
O4 NAG Z . -32.91 15.68 20.50
O5 NAG Z . -30.92 13.86 22.95
O6 NAG Z . -29.36 16.27 22.58
O7 NAG Z . -33.48 10.07 23.50
C1 NAG Z . -33.76 16.71 20.98
C2 NAG Z . -33.72 17.90 20.03
C3 NAG Z . -34.58 19.02 20.61
C4 NAG Z . -35.98 18.48 20.82
C5 NAG Z . -35.94 17.26 21.74
C6 NAG Z . -37.32 16.66 21.91
C7 NAG Z . -31.64 18.10 18.79
C8 NAG Z . -32.27 18.51 17.49
N2 NAG Z . -32.36 18.37 19.88
O3 NAG Z . -34.60 20.11 19.68
O4 NAG Z . -36.80 19.50 21.43
O5 NAG Z . -35.09 16.27 21.17
O6 NAG Z . -37.68 15.99 20.69
O7 NAG Z . -30.55 17.55 18.86
C1 BMA Z . -37.72 19.98 20.45
C2 BMA Z . -38.87 20.73 21.11
C3 BMA Z . -39.86 21.15 20.04
C4 BMA Z . -39.13 22.03 19.04
C5 BMA Z . -37.98 21.23 18.45
C6 BMA Z . -37.19 22.06 17.44
O2 BMA Z . -38.36 21.88 21.77
O3 BMA Z . -40.94 21.88 20.65
O4 BMA Z . -40.03 22.43 18.01
O5 BMA Z . -37.10 20.84 19.50
O6 BMA Z . -36.04 21.32 17.03
C1 NAG AA . -32.16 -26.89 35.07
C2 NAG AA . -32.39 -25.56 35.77
C3 NAG AA . -32.93 -25.81 37.16
C4 NAG AA . -34.22 -26.63 37.06
C5 NAG AA . -33.91 -27.93 36.32
C6 NAG AA . -35.16 -28.79 36.10
C7 NAG AA . -30.78 -23.90 35.01
C8 NAG AA . -29.30 -23.81 34.74
N2 NAG AA . -31.13 -24.84 35.88
O3 NAG AA . -33.23 -24.57 37.80
O4 NAG AA . -34.67 -26.90 38.39
O5 NAG AA . -33.38 -27.63 35.03
O6 NAG AA . -36.11 -28.06 35.34
O7 NAG AA . -31.59 -23.17 34.48
C1 NAG AA . -36.06 -26.52 38.50
C2 NAG AA . -36.55 -26.69 39.93
C3 NAG AA . -38.03 -26.40 39.99
C4 NAG AA . -38.28 -25.01 39.45
C5 NAG AA . -37.74 -24.90 38.03
C6 NAG AA . -37.94 -23.49 37.49
C7 NAG AA . -36.69 -29.11 39.70
C8 NAG AA . -36.00 -30.40 40.04
N2 NAG AA . -36.29 -28.04 40.39
O3 NAG AA . -38.49 -26.49 41.34
O4 NAG AA . -39.69 -24.75 39.43
O5 NAG AA . -36.33 -25.21 38.03
O6 NAG AA . -37.37 -22.55 38.41
O7 NAG AA . -37.54 -29.02 38.84
C1 BMA AA . -39.97 -23.58 40.23
C2 BMA AA . -41.42 -23.17 40.04
C3 BMA AA . -41.69 -21.90 40.83
C4 BMA AA . -41.38 -22.20 42.29
C5 BMA AA . -39.94 -22.64 42.40
C6 BMA AA . -39.55 -22.92 43.85
O2 BMA AA . -42.29 -24.21 40.51
O3 BMA AA . -43.06 -21.51 40.68
O4 BMA AA . -41.59 -21.02 43.07
O5 BMA AA . -39.75 -23.81 41.61
O6 BMA AA . -40.36 -23.98 44.36
C1 NAG BA . 36.94 17.44 17.93
C2 NAG BA . 36.14 18.74 17.93
C3 NAG BA . 37.08 19.92 17.69
C4 NAG BA . 38.15 19.91 18.77
C5 NAG BA . 38.88 18.57 18.75
C6 NAG BA . 39.95 18.52 19.82
C7 NAG BA . 33.88 18.48 17.12
C8 NAG BA . 33.21 17.52 16.18
N2 NAG BA . 35.16 18.73 16.87
O3 NAG BA . 36.34 21.13 17.77
O4 NAG BA . 39.08 20.96 18.54
O5 NAG BA . 37.95 17.50 18.94
O6 NAG BA . 39.32 18.62 21.11
O7 NAG BA . 33.29 19.01 18.05
C1 NAG CA . 45.83 20.09 9.32
C2 NAG CA . 46.86 20.40 10.40
C3 NAG CA . 46.65 21.82 10.91
C4 NAG CA . 46.71 22.79 9.75
C5 NAG CA . 45.68 22.40 8.69
C6 NAG CA . 45.73 23.34 7.50
C7 NAG CA . 47.66 18.57 11.79
C8 NAG CA . 49.03 19.11 12.06
N2 NAG CA . 46.73 19.49 11.50
O3 NAG CA . 47.66 22.14 11.86
O4 NAG CA . 46.44 24.11 10.21
O5 NAG CA . 45.92 21.06 8.27
O6 NAG CA . 44.61 23.08 6.65
O7 NAG CA . 47.41 17.38 11.83
C1 NAG DA . 14.94 24.27 9.35
C2 NAG DA . 15.47 24.48 7.94
C3 NAG DA . 16.99 24.32 7.93
C4 NAG DA . 17.58 25.32 8.91
C5 NAG DA . 16.98 25.08 10.28
C6 NAG DA . 17.54 26.12 11.25
C7 NAG DA . 13.95 23.93 6.17
C8 NAG DA . 13.74 23.06 4.97
N2 NAG DA . 14.88 23.53 7.02
O3 NAG DA . 17.47 24.58 6.62
O4 NAG DA . 19.00 25.14 8.97
O5 NAG DA . 15.56 25.21 10.22
O6 NAG DA . 17.47 27.41 10.62
O7 NAG DA . 13.30 24.95 6.36
C1 NAG EA . -1.16 23.24 27.96
C2 NAG EA . -0.62 24.60 27.55
C3 NAG EA . -0.62 25.53 28.74
C4 NAG EA . -2.02 25.61 29.32
C5 NAG EA . -2.51 24.21 29.68
C6 NAG EA . -3.92 24.22 30.24
C7 NAG EA . 1.03 24.40 25.79
C8 NAG EA . 2.48 24.65 25.45
N2 NAG EA . 0.74 24.47 27.08
O3 NAG EA . -0.19 26.83 28.34
O4 NAG EA . -2.00 26.43 30.50
O5 NAG EA . -2.46 23.38 28.52
O6 NAG EA . -4.87 24.24 29.18
O7 NAG EA . 0.19 24.17 24.94
C1 NAG FA . 46.53 -0.89 -10.39
C2 NAG FA . 46.06 -1.55 -11.69
C3 NAG FA . 46.12 -0.52 -12.80
C4 NAG FA . 45.26 0.66 -12.41
C5 NAG FA . 45.75 1.23 -11.09
C6 NAG FA . 44.89 2.41 -10.64
C7 NAG FA . 48.19 -2.69 -12.06
C8 NAG FA . 48.82 -3.20 -13.32
N2 NAG FA . 46.86 -2.72 -12.02
O3 NAG FA . 45.63 -1.11 -14.01
O4 NAG FA . 45.34 1.67 -13.43
O5 NAG FA . 45.70 0.22 -10.07
O6 NAG FA . 45.22 2.72 -9.28
O7 NAG FA . 48.85 -2.24 -11.14
C1 NAG GA . 46.61 -27.07 -17.65
C2 NAG GA . 45.95 -28.30 -17.04
C3 NAG GA . 47.00 -29.39 -16.86
C4 NAG GA . 47.64 -29.68 -18.22
C5 NAG GA . 48.22 -28.40 -18.79
C6 NAG GA . 48.86 -28.65 -20.15
C7 NAG GA . 44.05 -27.90 -15.58
C8 NAG GA . 43.53 -28.40 -14.27
N2 NAG GA . 45.37 -27.97 -15.75
O3 NAG GA . 46.38 -30.57 -16.36
O4 NAG GA . 48.66 -30.67 -18.07
O5 NAG GA . 47.21 -27.40 -18.90
O6 NAG GA . 47.83 -29.01 -21.09
O7 NAG GA . 43.31 -27.43 -16.44
C1 NAG HA . 44.57 -20.44 -4.34
C2 NAG HA . 44.10 -21.86 -4.07
C3 NAG HA . 44.22 -22.17 -2.58
C4 NAG HA . 45.66 -22.01 -2.15
C5 NAG HA . 46.08 -20.59 -2.47
C6 NAG HA . 47.54 -20.35 -2.09
C7 NAG HA . 41.75 -22.14 -3.53
C8 NAG HA . 40.79 -23.27 -3.79
N2 NAG HA . 42.70 -21.95 -4.43
O3 NAG HA . 43.80 -23.51 -2.32
O4 NAG HA . 45.74 -22.25 -0.74
O5 NAG HA . 45.91 -20.36 -3.86
O6 NAG HA . 47.67 -20.37 -0.66
O7 NAG HA . 41.66 -21.45 -2.52
C1 NAG IA . 53.91 6.60 16.39
C2 NAG IA . 55.03 7.29 17.15
C3 NAG IA . 54.67 8.75 17.36
C4 NAG IA . 54.38 9.39 16.01
C5 NAG IA . 53.28 8.62 15.29
C6 NAG IA . 53.04 9.21 13.91
C7 NAG IA . 55.88 5.50 18.54
C8 NAG IA . 55.18 4.43 19.33
N2 NAG IA . 55.23 6.66 18.43
O3 NAG IA . 55.77 9.43 17.97
O4 NAG IA . 53.97 10.74 16.20
O5 NAG IA . 53.67 7.25 15.14
O6 NAG IA . 51.83 8.70 13.37
O7 NAG IA . 56.98 5.33 18.04
C1 NAG JA . -21.59 30.27 -24.66
C2 NAG JA . -22.37 30.54 -23.37
C3 NAG JA . -23.80 30.93 -23.72
C4 NAG JA . -23.78 32.14 -24.63
C5 NAG JA . -22.96 31.82 -25.87
C6 NAG JA . -22.89 33.02 -26.80
C7 NAG JA . -21.61 29.24 -21.49
C8 NAG JA . -20.93 27.91 -21.35
N2 NAG JA . -22.40 29.36 -22.55
O3 NAG JA . -24.50 31.26 -22.51
O4 NAG JA . -25.11 32.48 -25.01
O5 NAG JA . -21.64 31.43 -25.49
O6 NAG JA . -22.23 34.09 -26.14
O7 NAG JA . -21.45 30.14 -20.69
C1 NAG KA . -30.69 25.19 -31.86
C2 NAG KA . -30.91 26.51 -32.60
C3 NAG KA . -31.80 27.41 -31.77
C4 NAG KA . -33.10 26.69 -31.45
C5 NAG KA . -32.79 25.38 -30.74
C6 NAG KA . -34.07 24.61 -30.44
C7 NAG KA . -29.14 27.33 -34.06
C8 NAG KA . -30.02 28.05 -35.05
N2 NAG KA . -29.65 27.18 -32.83
O3 NAG KA . -32.08 28.61 -32.49
O4 NAG KA . -33.91 27.51 -30.60
O5 NAG KA . -31.94 24.58 -31.56
O6 NAG KA . -33.77 23.52 -29.57
O7 NAG KA . -28.03 26.90 -34.35
C1 NAG LA . -22.20 20.04 -2.31
C2 NAG LA . -23.14 18.95 -2.77
C3 NAG LA . -23.60 19.21 -4.19
C4 NAG LA . -24.26 20.57 -4.25
C5 NAG LA . -23.29 21.62 -3.75
C6 NAG LA . -23.98 22.97 -3.74
C7 NAG LA . -22.80 16.81 -1.71
C8 NAG LA . -22.48 15.37 -1.97
N2 NAG LA . -22.49 17.65 -2.69
O3 NAG LA . -24.53 18.19 -4.57
O4 NAG LA . -24.64 20.86 -5.58
O5 NAG LA . -22.87 21.30 -2.42
O6 NAG LA . -25.27 22.82 -3.14
O7 NAG LA . -23.32 17.19 -0.67
C1 NAG MA . -7.67 33.29 12.53
C2 NAG MA . -9.17 33.49 12.62
C3 NAG MA . -9.47 34.91 13.08
C4 NAG MA . -8.76 35.16 14.40
C5 NAG MA . -7.26 34.90 14.23
C6 NAG MA . -6.49 35.12 15.53
C7 NAG MA . -10.35 32.16 10.97
C8 NAG MA . -11.24 32.24 9.76
N2 NAG MA . -9.78 33.31 11.32
O3 NAG MA . -10.88 35.07 13.26
O4 NAG MA . -8.97 36.52 14.79
O5 NAG MA . -7.05 33.57 13.77
O6 NAG MA . -6.58 33.95 16.35
O7 NAG MA . -10.16 31.13 11.58
C1 NAG NA . -21.42 0.14 -42.61
C2 NAG NA . -21.21 -1.37 -42.54
C3 NAG NA . -22.54 -2.04 -42.19
C4 NAG NA . -23.03 -1.45 -40.88
C5 NAG NA . -23.16 0.05 -41.00
C6 NAG NA . -23.62 0.69 -39.70
C7 NAG NA . -21.25 -1.65 -44.96
C8 NAG NA . -21.55 -2.85 -45.81
N2 NAG NA . -20.69 -1.90 -43.79
O3 NAG NA . -22.34 -3.45 -42.06
O4 NAG NA . -24.30 -2.02 -40.55
O5 NAG NA . -21.90 0.63 -41.36
O6 NAG NA . -23.47 2.11 -39.80
O7 NAG NA . -21.49 -0.51 -45.32
C1 NAG OA . -2.60 -15.43 -54.52
C2 NAG OA . -1.08 -15.43 -54.44
C3 NAG OA . -0.51 -15.42 -55.85
C4 NAG OA . -1.06 -16.63 -56.61
C5 NAG OA . -2.59 -16.59 -56.60
C6 NAG OA . -3.17 -17.79 -57.34
C7 NAG OA . -0.11 -14.36 -52.49
C8 NAG OA . 1.03 -13.45 -52.18
N2 NAG OA . -0.62 -14.27 -53.71
O3 NAG OA . 0.91 -15.49 -55.79
O4 NAG OA . -0.58 -16.61 -57.96
O5 NAG OA . -3.07 -16.56 -55.26
O6 NAG OA . -2.85 -18.99 -56.62
O7 NAG OA . -0.54 -15.16 -51.66
C1 NAG PA . -1.99 -1.43 -49.16
C2 NAG PA . -0.52 -1.76 -49.36
C3 NAG PA . 0.28 -0.49 -49.53
C4 NAG PA . -0.24 0.27 -50.73
C5 NAG PA . -1.71 0.56 -50.50
C6 NAG PA . -2.32 1.30 -51.69
C7 NAG PA . 0.83 -1.86 -47.34
C8 NAG PA . 2.04 -2.70 -47.00
N2 NAG PA . -0.06 -2.42 -48.16
O3 NAG PA . 1.67 -0.78 -49.74
O4 NAG PA . 0.49 1.51 -50.85
O5 NAG PA . -2.40 -0.68 -50.31
O6 NAG PA . -1.79 2.63 -51.75
O7 NAG PA . 0.69 -0.72 -46.91
C1 NAG QA . -19.77 28.79 -44.72
C2 NAG QA . -20.48 29.95 -45.38
C3 NAG QA . -21.46 30.56 -44.40
C4 NAG QA . -22.42 29.49 -43.93
C5 NAG QA . -21.65 28.33 -43.32
C6 NAG QA . -22.60 27.22 -42.91
C7 NAG QA . -18.76 30.80 -46.88
C8 NAG QA . -17.28 31.00 -46.68
N2 NAG QA . -19.51 30.96 -45.79
O3 NAG QA . -22.22 31.59 -45.07
O4 NAG QA . -23.31 30.03 -42.96
O5 NAG QA . -20.71 27.81 -44.27
O6 NAG QA . -21.92 26.29 -42.07
O7 NAG QA . -19.24 30.51 -47.95
C1 NAG RA . -26.66 -16.83 31.58
C2 NAG RA . -26.07 -15.74 32.46
C3 NAG RA . -25.98 -16.22 33.89
C4 NAG RA . -27.36 -16.64 34.36
C5 NAG RA . -27.91 -17.70 33.43
C6 NAG RA . -29.30 -18.14 33.85
C7 NAG RA . -24.52 -14.29 31.28
C8 NAG RA . -23.62 -14.47 30.09
N2 NAG RA . -24.75 -15.39 31.99
O3 NAG RA . -25.49 -15.15 34.71
O4 NAG RA . -27.28 -17.15 35.69
O5 NAG RA . -27.95 -17.20 32.09
O6 NAG RA . -30.18 -17.02 33.75
O7 NAG RA . -25.02 -13.21 31.57
C1 NAG SA . -21.81 -27.10 37.18
C2 NAG SA . -23.11 -27.38 37.92
C3 NAG SA . -23.19 -26.49 39.15
C4 NAG SA . -21.96 -26.73 40.02
C5 NAG SA . -20.70 -26.46 39.20
C6 NAG SA . -19.45 -26.72 40.02
C7 NAG SA . -25.06 -28.05 36.63
C8 NAG SA . -25.71 -28.89 37.68
N2 NAG SA . -24.25 -27.09 37.08
O3 NAG SA . -24.37 -26.81 39.90
O4 NAG SA . -21.99 -25.84 41.14
O5 NAG SA . -20.70 -27.31 38.04
O6 NAG SA . -18.31 -26.24 39.30
O7 NAG SA . -25.25 -28.24 35.44
C1 NAG TA . -8.99 0.00 28.64
C2 NAG TA . -7.89 -1.00 28.99
C3 NAG TA . -8.51 -2.31 29.44
C4 NAG TA . -9.40 -2.03 30.63
C5 NAG TA . -10.45 -1.01 30.24
C6 NAG TA . -11.31 -0.69 31.46
C7 NAG TA . -5.84 -0.69 27.78
C8 NAG TA . -4.87 -1.35 26.86
N2 NAG TA . -7.04 -1.22 27.83
O3 NAG TA . -7.45 -3.20 29.82
O4 NAG TA . -10.04 -3.24 31.04
O5 NAG TA . -9.82 0.18 29.79
O6 NAG TA . -10.44 -0.47 32.57
O7 NAG TA . -5.54 0.28 28.47
C1 NAG UA . -19.68 21.21 22.11
C2 NAG UA . -19.22 21.04 23.54
C3 NAG UA . -20.10 21.88 24.44
C4 NAG UA . -20.07 23.33 23.98
C5 NAG UA . -20.49 23.40 22.52
C6 NAG UA . -20.46 24.83 21.99
C7 NAG UA . -18.34 18.82 23.94
C8 NAG UA . -18.53 17.56 24.72
N2 NAG UA . -19.36 19.66 23.94
O3 NAG UA . -19.63 21.79 25.79
O4 NAG UA . -20.95 24.10 24.79
O5 NAG UA . -19.65 22.57 21.73
O6 NAG UA . -19.12 25.16 21.59
O7 NAG UA . -17.30 19.07 23.34
C1 NAG VA . -8.88 -43.52 17.35
C2 NAG VA . -7.68 -43.93 16.51
C3 NAG VA . -6.47 -44.12 17.42
C4 NAG VA . -6.25 -42.82 18.18
C5 NAG VA . -7.50 -42.44 18.95
C6 NAG VA . -7.32 -41.13 19.71
C7 NAG VA . -8.41 -46.24 16.31
C8 NAG VA . -7.63 -47.49 16.02
N2 NAG VA . -7.94 -45.13 15.74
O3 NAG VA . -5.33 -44.43 16.63
O4 NAG VA . -5.15 -42.99 19.09
O5 NAG VA . -8.60 -42.31 18.07
O6 NAG VA . -8.60 -40.70 20.19
O7 NAG VA . -9.40 -46.23 17.01
C1 NAG WA . -7.99 -55.72 -6.90
C2 NAG WA . -8.54 -55.32 -8.27
C3 NAG WA . -9.34 -56.49 -8.83
C4 NAG WA . -8.44 -57.70 -8.91
C5 NAG WA . -7.88 -58.01 -7.52
C6 NAG WA . -6.95 -59.22 -7.56
C7 NAG WA . -9.03 -52.96 -8.58
C8 NAG WA . -10.12 -52.12 -9.20
N2 NAG WA . -9.41 -54.16 -8.14
O3 NAG WA . -9.81 -56.15 -10.15
O4 NAG WA . -9.17 -58.82 -9.39
O5 NAG WA . -7.17 -56.87 -7.02
O6 NAG WA . -5.79 -58.90 -8.34
O7 NAG WA . -7.88 -52.57 -8.50
C1 NAG XA . -17.72 -45.90 -1.05
C2 NAG XA . -18.08 -45.87 -2.53
C3 NAG XA . -19.53 -45.42 -2.69
C4 NAG XA . -20.44 -46.38 -1.96
C5 NAG XA . -20.01 -46.39 -0.50
C6 NAG XA . -20.87 -47.35 0.32
C7 NAG XA . -17.73 -43.78 -3.70
C8 NAG XA . -17.36 -43.49 -5.13
N2 NAG XA . -17.23 -44.90 -3.18
O3 NAG XA . -19.90 -45.42 -4.08
O4 NAG XA . -21.79 -45.91 -2.07
O5 NAG XA . -18.65 -46.77 -0.41
O6 NAG XA . -22.20 -46.83 0.43
O7 NAG XA . -18.45 -43.03 -3.05
C1 NAG YA . -34.16 -35.32 28.38
C2 NAG YA . -35.12 -35.68 29.50
C3 NAG YA . -34.86 -34.78 30.70
C4 NAG YA . -33.40 -34.92 31.10
C5 NAG YA . -32.49 -34.59 29.93
C6 NAG YA . -31.04 -34.80 30.32
C7 NAG YA . -37.09 -36.38 28.26
C8 NAG YA . -37.75 -35.82 27.03
N2 NAG YA . -36.49 -35.50 29.05
O3 NAG YA . -35.68 -35.20 31.79
O4 NAG YA . -33.13 -34.03 32.18
O5 NAG YA . -32.81 -35.43 28.83
O6 NAG YA . -30.19 -34.20 29.33
O7 NAG YA . -37.11 -37.57 28.51
#